data_6PVP
#
_entry.id   6PVP
#
_cell.length_a   1.00
_cell.length_b   1.00
_cell.length_c   1.00
_cell.angle_alpha   90.00
_cell.angle_beta   90.00
_cell.angle_gamma   90.00
#
_symmetry.space_group_name_H-M   'P 1'
#
loop_
_entity.id
_entity.type
_entity.pdbx_description
1 polymer 'Transient receptor potential cation channel subfamily V member 3'
2 non-polymer 'SODIUM ION'
#
_entity_poly.entity_id   1
_entity_poly.type   'polypeptide(L)'
_entity_poly.pdbx_seq_one_letter_code
;MNAHSKEMAPLMGKRTTAPGGNPVVLTEKRPADLTPTKKSAHFFLEIEGFEPNPTVTKTSPPIFSKPMDSNIRQCLSGNC
DDMDSPQSPQDDVTETPSNPNSPSANLAKEEQRQKKKRLKKRIFAAVSEGCVEELRELLQDLQDLCRRRRGLDVPDFLMH
KLTASDTGKTCLMKALLNINPNTKEIVRILLAFAEENDILDRFINAEYTEEAYEGQTALNIAIERRQGDITAVLIAAGAD
VNAHAKGVFFNPKYQHEGFYFGETPLALAACTNQPEIVQLLMENEQTDITSQDSRGNNILHALVTVAEDFKTQNDFVKRM
YDMILLRSGNWELETMRNNDGLTPLQLAAKMGKAEILKYILSREIKEKPLRSLSRKFTDWAYGPVSSSLYDLTNVDTTTD
NSVLEIIVYNTNIDNRHEMLTLEPLHTLLHTKWKKFAKYMFFLSFCFYFFYNITLTLVSYYRPREDEDLPHPLALTHKMS
WLQLLGRMFVLIWATCISVKEGIAIFLLRPSDLQSILSDAWFHFVFFVQAVLVILSVFLYLFAYKEYLACLVLAMALGWA
NMLAYTRGFQSMGMYSVMIQKVILHDVLKFLFVYILFLLGFGVALASLIEKCSKDKKDCSSYGSFSDAVLELFKLTIGLG
DLNIQQNSTYPILFLFLLITYVILTFVLLLNMLIALMGETVENVSKESERIWRLQRARTILEFEKMLPEWLRSRFRMGEL
CKVADEDFRLCLRINEVKWTEWKTHVSFLNEDPGPIRRTADLNKIQDSSRSNSKTTLYAFDELDEFPETSVLVPRGSAAA
WSHPQFEK
;
_entity_poly.pdbx_strand_id   A,B,C,D
#
loop_
_chem_comp.id
_chem_comp.type
_chem_comp.name
_chem_comp.formula
NA non-polymer 'SODIUM ION' 'Na 1'
#
# COMPACT_ATOMS: atom_id res chain seq x y z
N SER A 85 -26.87 -19.31 4.05
CA SER A 85 -26.71 -18.96 2.63
C SER A 85 -27.91 -19.32 1.71
N PRO A 86 -28.62 -20.45 1.91
CA PRO A 86 -29.94 -20.57 1.27
C PRO A 86 -30.96 -19.67 1.95
N GLN A 87 -32.09 -19.49 1.28
CA GLN A 87 -33.18 -18.68 1.85
C GLN A 87 -34.29 -19.57 2.37
N SER A 88 -34.88 -20.39 1.50
CA SER A 88 -35.88 -21.42 1.79
C SER A 88 -37.12 -20.86 2.47
N PRO A 89 -38.02 -20.20 1.73
CA PRO A 89 -39.26 -19.70 2.33
C PRO A 89 -40.26 -20.81 2.64
N GLN A 90 -40.04 -22.00 2.10
CA GLN A 90 -40.61 -23.30 2.52
C GLN A 90 -42.07 -23.52 2.17
N ASP A 91 -42.78 -22.48 1.73
CA ASP A 91 -44.20 -22.60 1.33
C ASP A 91 -44.62 -21.24 0.79
N ASP A 92 -45.60 -21.27 -0.13
CA ASP A 92 -46.71 -20.32 -0.29
C ASP A 92 -46.32 -18.87 0.01
N VAL A 93 -45.41 -18.37 -0.82
CA VAL A 93 -44.46 -17.32 -0.45
C VAL A 93 -45.15 -16.05 0.08
N THR A 94 -45.99 -15.40 -0.73
CA THR A 94 -47.37 -14.92 -0.51
C THR A 94 -47.59 -14.06 -1.74
N GLU A 95 -48.85 -13.81 -2.16
CA GLU A 95 -49.20 -12.86 -3.23
C GLU A 95 -48.56 -13.27 -4.55
N THR A 96 -49.06 -14.32 -5.07
CA THR A 96 -48.58 -14.69 -6.39
C THR A 96 -49.58 -14.29 -7.47
N PRO A 97 -49.11 -13.91 -8.66
CA PRO A 97 -50.04 -13.76 -9.78
C PRO A 97 -50.54 -15.09 -10.31
N SER A 98 -49.73 -16.15 -10.21
CA SER A 98 -50.12 -17.47 -10.70
C SER A 98 -51.11 -18.11 -9.71
N ASN A 99 -52.36 -18.21 -10.11
CA ASN A 99 -53.41 -18.55 -9.15
C ASN A 99 -54.13 -19.82 -9.60
N PRO A 100 -54.07 -20.90 -8.81
CA PRO A 100 -54.85 -22.11 -9.13
C PRO A 100 -56.33 -21.99 -8.77
N ASN A 101 -57.04 -23.11 -8.84
CA ASN A 101 -58.47 -23.18 -8.54
C ASN A 101 -58.71 -24.14 -7.38
N SER A 102 -57.86 -24.06 -6.35
CA SER A 102 -57.99 -24.98 -5.21
C SER A 102 -59.04 -24.59 -4.16
N PRO A 103 -59.13 -23.31 -3.63
CA PRO A 103 -60.11 -23.07 -2.56
C PRO A 103 -61.54 -22.91 -3.06
N SER A 104 -61.71 -22.34 -4.25
CA SER A 104 -63.05 -22.12 -4.80
C SER A 104 -63.70 -23.40 -5.30
N ALA A 105 -62.95 -24.49 -5.41
CA ALA A 105 -63.56 -25.76 -5.83
C ALA A 105 -64.39 -26.38 -4.71
N ASN A 106 -64.11 -26.03 -3.46
CA ASN A 106 -64.89 -26.57 -2.36
C ASN A 106 -66.23 -25.86 -2.22
N LEU A 107 -66.25 -24.55 -2.41
CA LEU A 107 -67.48 -23.75 -2.36
C LEU A 107 -67.99 -23.60 -3.77
N ALA A 108 -68.82 -24.54 -4.21
CA ALA A 108 -69.40 -24.41 -5.55
C ALA A 108 -70.37 -23.24 -5.63
N LYS A 109 -71.56 -23.40 -5.02
CA LYS A 109 -72.66 -22.43 -4.91
C LYS A 109 -72.86 -21.57 -6.16
N GLU A 110 -73.06 -22.25 -7.30
CA GLU A 110 -73.00 -21.64 -8.62
C GLU A 110 -74.41 -21.34 -9.13
N GLU A 111 -74.61 -20.14 -9.69
CA GLU A 111 -75.88 -19.80 -10.29
C GLU A 111 -75.75 -19.28 -11.72
N GLN A 112 -74.63 -18.64 -12.05
CA GLN A 112 -74.43 -18.10 -13.40
C GLN A 112 -72.95 -18.19 -13.76
N ARG A 113 -72.57 -19.34 -14.34
CA ARG A 113 -71.36 -19.78 -15.04
C ARG A 113 -70.12 -19.85 -14.14
N GLN A 114 -70.16 -19.11 -13.03
CA GLN A 114 -69.60 -19.38 -11.71
C GLN A 114 -70.13 -18.20 -10.90
N LYS A 115 -70.78 -18.45 -9.77
CA LYS A 115 -71.43 -17.34 -9.08
C LYS A 115 -70.43 -16.53 -8.28
N LYS A 116 -69.48 -17.20 -7.65
CA LYS A 116 -68.68 -16.60 -6.60
C LYS A 116 -67.22 -16.44 -6.94
N LYS A 117 -66.63 -17.34 -7.71
CA LYS A 117 -65.23 -17.15 -8.10
C LYS A 117 -65.14 -16.08 -9.18
N ARG A 118 -66.19 -15.93 -9.99
CA ARG A 118 -66.33 -14.73 -10.80
C ARG A 118 -66.68 -13.51 -9.97
N LEU A 119 -67.07 -13.71 -8.72
CA LEU A 119 -67.20 -12.55 -7.83
C LEU A 119 -65.93 -12.35 -7.02
N LYS A 120 -65.32 -13.42 -6.54
CA LYS A 120 -64.21 -13.29 -5.60
C LYS A 120 -62.95 -12.81 -6.30
N LYS A 121 -62.61 -13.41 -7.43
CA LYS A 121 -61.39 -13.04 -8.11
C LYS A 121 -61.48 -11.64 -8.71
N ARG A 122 -62.68 -11.22 -9.12
CA ARG A 122 -62.82 -9.88 -9.67
C ARG A 122 -62.68 -8.81 -8.61
N ILE A 123 -62.95 -9.14 -7.35
CA ILE A 123 -62.63 -8.22 -6.26
C ILE A 123 -61.13 -8.00 -6.20
N PHE A 124 -60.37 -9.09 -6.34
CA PHE A 124 -58.92 -9.07 -6.15
C PHE A 124 -58.24 -8.19 -7.18
N ALA A 125 -58.54 -8.42 -8.45
CA ALA A 125 -57.86 -7.68 -9.52
C ALA A 125 -58.26 -6.22 -9.52
N ALA A 126 -59.53 -5.94 -9.23
CA ALA A 126 -59.98 -4.56 -9.11
C ALA A 126 -59.29 -3.87 -7.94
N VAL A 127 -59.04 -4.61 -6.86
CA VAL A 127 -58.13 -4.14 -5.84
C VAL A 127 -56.71 -4.10 -6.38
N SER A 128 -56.30 -5.13 -7.13
CA SER A 128 -54.92 -5.22 -7.58
C SER A 128 -54.60 -4.17 -8.62
N GLU A 129 -55.60 -3.69 -9.36
CA GLU A 129 -55.39 -2.58 -10.28
C GLU A 129 -55.71 -1.25 -9.61
N GLY A 130 -56.93 -1.10 -9.10
CA GLY A 130 -57.34 0.14 -8.48
C GLY A 130 -58.48 0.80 -9.21
N CYS A 131 -59.14 0.05 -10.08
CA CYS A 131 -60.29 0.58 -10.79
C CYS A 131 -61.47 0.72 -9.84
N VAL A 132 -61.99 1.94 -9.74
CA VAL A 132 -62.92 2.26 -8.65
C VAL A 132 -64.34 1.86 -9.01
N GLU A 133 -64.85 2.34 -10.13
CA GLU A 133 -66.27 2.16 -10.45
C GLU A 133 -66.58 0.70 -10.79
N GLU A 134 -65.61 -0.01 -11.34
CA GLU A 134 -65.73 -1.45 -11.46
C GLU A 134 -65.84 -2.11 -10.09
N LEU A 135 -65.07 -1.61 -9.14
CA LEU A 135 -65.13 -2.16 -7.80
C LEU A 135 -66.42 -1.75 -7.08
N ARG A 136 -66.98 -0.59 -7.42
CA ARG A 136 -68.22 -0.14 -6.81
C ARG A 136 -69.37 -1.06 -7.13
N GLU A 137 -69.42 -1.58 -8.35
CA GLU A 137 -70.48 -2.49 -8.73
C GLU A 137 -70.22 -3.88 -8.20
N LEU A 138 -68.95 -4.28 -8.08
CA LEU A 138 -68.62 -5.59 -7.52
C LEU A 138 -68.95 -5.66 -6.04
N LEU A 139 -68.83 -4.55 -5.33
CA LEU A 139 -69.28 -4.53 -3.94
C LEU A 139 -70.79 -4.52 -3.85
N GLN A 140 -71.47 -4.01 -4.89
CA GLN A 140 -72.93 -3.97 -4.88
C GLN A 140 -73.51 -5.37 -4.97
N ASP A 141 -72.98 -6.21 -5.87
CA ASP A 141 -73.43 -7.59 -5.93
C ASP A 141 -72.95 -8.41 -4.74
N LEU A 142 -71.90 -7.97 -4.06
CA LEU A 142 -71.52 -8.62 -2.82
C LEU A 142 -72.59 -8.43 -1.75
N GLN A 143 -73.18 -7.23 -1.71
CA GLN A 143 -74.36 -7.02 -0.88
C GLN A 143 -75.53 -7.82 -1.39
N ASP A 144 -75.68 -7.93 -2.71
CA ASP A 144 -76.81 -8.62 -3.31
C ASP A 144 -76.74 -10.12 -3.07
N LEU A 145 -75.55 -10.70 -3.12
CA LEU A 145 -75.44 -12.13 -2.82
C LEU A 145 -75.61 -12.39 -1.34
N CYS A 146 -75.11 -11.48 -0.50
CA CYS A 146 -75.32 -11.59 0.94
C CYS A 146 -76.67 -11.04 1.38
N ARG A 147 -77.46 -10.51 0.45
CA ARG A 147 -78.84 -10.16 0.75
C ARG A 147 -79.64 -11.41 1.04
N ARG A 148 -79.59 -12.40 0.15
CA ARG A 148 -80.24 -13.68 0.38
C ARG A 148 -79.36 -14.48 1.34
N ARG A 149 -79.75 -14.51 2.60
CA ARG A 149 -78.98 -15.21 3.62
C ARG A 149 -79.94 -15.61 4.74
N ARG A 150 -79.61 -16.72 5.40
CA ARG A 150 -80.40 -17.27 6.49
C ARG A 150 -80.19 -16.49 7.78
N GLY A 151 -80.49 -17.13 8.92
CA GLY A 151 -80.50 -16.43 10.19
C GLY A 151 -79.15 -16.00 10.74
N LEU A 152 -78.86 -14.71 10.58
CA LEU A 152 -77.70 -14.01 11.16
C LEU A 152 -76.36 -14.60 10.72
N ASP A 153 -76.33 -15.25 9.56
CA ASP A 153 -75.10 -15.83 9.04
C ASP A 153 -74.42 -14.91 8.05
N VAL A 154 -75.01 -13.75 7.78
CA VAL A 154 -74.43 -12.83 6.79
C VAL A 154 -73.06 -12.25 7.17
N PRO A 155 -72.70 -11.96 8.44
CA PRO A 155 -71.33 -11.46 8.62
C PRO A 155 -70.29 -12.53 8.51
N ASP A 156 -70.58 -13.73 9.03
CA ASP A 156 -69.59 -14.79 9.04
C ASP A 156 -69.38 -15.36 7.66
N PHE A 157 -70.41 -15.30 6.82
CA PHE A 157 -70.31 -15.84 5.47
C PHE A 157 -69.38 -15.02 4.61
N LEU A 158 -69.44 -13.69 4.75
CA LEU A 158 -68.61 -12.84 3.93
C LEU A 158 -67.14 -12.97 4.30
N MET A 159 -66.85 -13.29 5.55
CA MET A 159 -65.48 -13.63 5.94
C MET A 159 -65.03 -14.89 5.22
N HIS A 160 -65.89 -15.90 5.19
CA HIS A 160 -65.56 -17.10 4.44
C HIS A 160 -65.65 -16.86 2.94
N LYS A 161 -66.37 -15.82 2.52
CA LYS A 161 -66.38 -15.42 1.13
C LYS A 161 -65.10 -14.71 0.75
N LEU A 162 -64.68 -13.73 1.54
CA LEU A 162 -63.60 -12.83 1.17
C LEU A 162 -62.26 -13.26 1.70
N THR A 163 -62.23 -13.94 2.84
CA THR A 163 -60.99 -14.36 3.46
C THR A 163 -60.97 -15.88 3.55
N ALA A 164 -59.97 -16.38 4.29
CA ALA A 164 -59.84 -17.79 4.67
C ALA A 164 -59.77 -18.70 3.45
N SER A 165 -59.16 -18.20 2.38
CA SER A 165 -59.14 -18.90 1.12
C SER A 165 -58.19 -20.09 1.23
N ASP A 166 -56.91 -19.81 1.46
CA ASP A 166 -55.94 -20.87 1.68
C ASP A 166 -55.11 -20.48 2.90
N THR A 167 -55.02 -19.18 3.15
CA THR A 167 -54.15 -18.63 4.17
C THR A 167 -54.90 -17.85 5.24
N GLY A 168 -55.98 -17.19 4.89
CA GLY A 168 -56.63 -16.24 5.75
C GLY A 168 -56.46 -14.80 5.35
N LYS A 169 -55.87 -14.53 4.19
CA LYS A 169 -55.64 -13.17 3.76
C LYS A 169 -56.95 -12.50 3.36
N THR A 170 -56.93 -11.17 3.39
CA THR A 170 -58.10 -10.35 3.13
C THR A 170 -57.91 -9.57 1.86
N CYS A 171 -58.92 -8.78 1.54
CA CYS A 171 -58.78 -7.78 0.48
C CYS A 171 -57.96 -6.61 0.96
N LEU A 172 -58.04 -6.28 2.26
CA LEU A 172 -57.21 -5.21 2.81
C LEU A 172 -55.74 -5.55 2.74
N MET A 173 -55.41 -6.84 2.86
CA MET A 173 -54.05 -7.28 2.61
C MET A 173 -53.67 -6.96 1.16
N LYS A 174 -54.47 -7.45 0.22
CA LYS A 174 -54.27 -7.16 -1.19
C LYS A 174 -54.43 -5.67 -1.48
N ALA A 175 -55.19 -4.96 -0.66
CA ALA A 175 -55.20 -3.50 -0.77
C ALA A 175 -53.89 -2.90 -0.34
N LEU A 176 -53.12 -3.60 0.47
CA LEU A 176 -51.93 -3.00 1.03
C LEU A 176 -50.65 -3.70 0.63
N LEU A 177 -50.71 -4.84 -0.04
CA LEU A 177 -49.49 -5.44 -0.53
C LEU A 177 -48.91 -4.63 -1.67
N ASN A 178 -49.74 -4.27 -2.63
CA ASN A 178 -49.28 -3.40 -3.70
C ASN A 178 -49.53 -1.95 -3.30
N ILE A 179 -49.31 -1.04 -4.23
CA ILE A 179 -49.70 0.35 -4.03
C ILE A 179 -50.00 0.95 -5.40
N ASN A 180 -50.94 1.89 -5.41
CA ASN A 180 -51.42 2.55 -6.61
C ASN A 180 -52.05 3.88 -6.19
N PRO A 181 -52.18 4.85 -7.09
CA PRO A 181 -52.71 6.15 -6.67
C PRO A 181 -54.18 6.14 -6.28
N ASN A 182 -54.90 5.03 -6.50
CA ASN A 182 -56.28 4.92 -6.08
C ASN A 182 -56.42 4.37 -4.66
N THR A 183 -55.31 4.12 -3.98
CA THR A 183 -55.32 3.25 -2.80
C THR A 183 -56.09 3.86 -1.63
N LYS A 184 -55.79 5.11 -1.30
CA LYS A 184 -56.47 5.76 -0.19
C LYS A 184 -57.94 5.95 -0.48
N GLU A 185 -58.28 6.17 -1.75
CA GLU A 185 -59.67 6.35 -2.12
C GLU A 185 -60.43 5.03 -2.08
N ILE A 186 -59.81 3.92 -2.47
CA ILE A 186 -60.56 2.68 -2.50
C ILE A 186 -60.71 2.11 -1.11
N VAL A 187 -59.75 2.39 -0.23
CA VAL A 187 -59.80 1.83 1.11
C VAL A 187 -60.94 2.46 1.91
N ARG A 188 -61.08 3.78 1.83
CA ARG A 188 -62.15 4.45 2.57
C ARG A 188 -63.52 4.09 2.04
N ILE A 189 -63.62 3.74 0.76
CA ILE A 189 -64.82 3.12 0.25
C ILE A 189 -64.97 1.72 0.85
N LEU A 190 -63.88 0.96 0.83
CA LEU A 190 -63.88 -0.40 1.37
C LEU A 190 -64.04 -0.40 2.88
N LEU A 191 -63.58 0.68 3.54
CA LEU A 191 -63.84 0.82 4.96
C LEU A 191 -65.31 1.06 5.22
N ALA A 192 -65.96 1.84 4.36
CA ALA A 192 -67.36 2.16 4.56
C ALA A 192 -68.28 0.98 4.28
N PHE A 193 -67.77 -0.06 3.60
CA PHE A 193 -68.62 -1.18 3.22
C PHE A 193 -69.01 -2.02 4.41
N ALA A 194 -68.03 -2.63 5.08
CA ALA A 194 -68.30 -3.48 6.23
C ALA A 194 -68.66 -2.68 7.47
N GLU A 195 -68.59 -1.35 7.41
CA GLU A 195 -69.19 -0.52 8.44
C GLU A 195 -70.70 -0.68 8.48
N GLU A 196 -71.31 -1.02 7.32
CA GLU A 196 -72.74 -1.30 7.29
C GLU A 196 -73.07 -2.55 8.11
N ASN A 197 -72.14 -3.48 8.17
CA ASN A 197 -72.28 -4.62 9.06
C ASN A 197 -71.55 -4.34 10.38
N ASP A 198 -71.43 -5.38 11.20
CA ASP A 198 -70.99 -5.26 12.58
C ASP A 198 -69.74 -6.09 12.88
N ILE A 199 -68.89 -6.28 11.88
CA ILE A 199 -67.80 -7.24 12.03
C ILE A 199 -66.51 -6.58 11.58
N LEU A 200 -66.58 -5.27 11.28
CA LEU A 200 -65.47 -4.57 10.66
C LEU A 200 -64.27 -4.44 11.60
N ASP A 201 -64.51 -4.35 12.90
CA ASP A 201 -63.42 -4.41 13.87
C ASP A 201 -62.77 -5.79 13.87
N ARG A 202 -63.58 -6.84 13.78
CA ARG A 202 -63.02 -8.17 13.58
C ARG A 202 -62.39 -8.27 12.21
N PHE A 203 -63.01 -7.64 11.21
CA PHE A 203 -62.51 -7.70 9.85
C PHE A 203 -61.21 -6.94 9.68
N ILE A 204 -61.00 -5.87 10.44
CA ILE A 204 -59.74 -5.15 10.31
C ILE A 204 -58.63 -5.88 11.05
N ASN A 205 -58.97 -6.70 12.02
CA ASN A 205 -57.99 -7.41 12.84
C ASN A 205 -57.91 -8.87 12.47
N ALA A 206 -58.01 -9.16 11.18
CA ALA A 206 -57.77 -10.51 10.73
C ALA A 206 -56.29 -10.81 10.76
N GLU A 207 -55.98 -12.09 10.91
CA GLU A 207 -54.59 -12.55 10.91
C GLU A 207 -54.53 -13.91 10.22
N TYR A 208 -53.31 -14.28 9.84
CA TYR A 208 -53.14 -15.48 9.05
C TYR A 208 -53.31 -16.75 9.87
N THR A 209 -54.25 -17.59 9.44
CA THR A 209 -54.24 -18.98 9.82
C THR A 209 -53.13 -19.74 9.15
N GLU A 210 -52.56 -19.17 8.08
CA GLU A 210 -51.35 -19.68 7.46
C GLU A 210 -50.24 -19.79 8.50
N GLU A 211 -49.57 -20.94 8.49
CA GLU A 211 -48.60 -21.24 9.52
C GLU A 211 -47.35 -20.39 9.38
N ALA A 212 -47.03 -19.95 8.16
CA ALA A 212 -45.78 -19.25 7.91
C ALA A 212 -45.79 -17.84 8.47
N TYR A 213 -46.86 -17.11 8.24
CA TYR A 213 -46.97 -15.74 8.66
C TYR A 213 -48.09 -15.60 9.68
N GLU A 214 -48.12 -16.55 10.60
CA GLU A 214 -49.22 -16.68 11.55
C GLU A 214 -49.27 -15.47 12.46
N GLY A 215 -50.37 -14.73 12.36
CA GLY A 215 -50.57 -13.53 13.14
C GLY A 215 -50.33 -12.25 12.39
N GLN A 216 -49.99 -12.31 11.10
CA GLN A 216 -49.77 -11.09 10.34
C GLN A 216 -51.09 -10.43 10.01
N THR A 217 -51.23 -9.17 10.37
CA THR A 217 -52.46 -8.43 10.22
C THR A 217 -52.29 -7.33 9.18
N ALA A 218 -53.34 -6.54 8.99
CA ALA A 218 -53.33 -5.53 7.94
C ALA A 218 -52.67 -4.24 8.38
N LEU A 219 -52.36 -4.10 9.67
CA LEU A 219 -51.76 -2.86 10.14
C LEU A 219 -50.32 -2.74 9.69
N ASN A 220 -49.55 -3.82 9.88
CA ASN A 220 -48.11 -3.80 9.63
C ASN A 220 -47.81 -3.57 8.17
N ILE A 221 -48.74 -4.00 7.32
CA ILE A 221 -48.55 -3.90 5.89
C ILE A 221 -48.64 -2.45 5.46
N ALA A 222 -49.52 -1.69 6.10
CA ALA A 222 -49.52 -0.25 5.90
C ALA A 222 -48.28 0.38 6.47
N ILE A 223 -47.81 -0.14 7.60
CA ILE A 223 -46.57 0.35 8.20
C ILE A 223 -45.40 -0.02 7.33
N GLU A 224 -45.47 -1.20 6.69
CA GLU A 224 -44.46 -1.61 5.73
C GLU A 224 -44.41 -0.68 4.55
N ARG A 225 -45.55 -0.42 3.93
CA ARG A 225 -45.60 0.38 2.72
C ARG A 225 -45.62 1.87 2.99
N ARG A 226 -45.40 2.28 4.24
CA ARG A 226 -45.17 3.66 4.64
C ARG A 226 -46.34 4.56 4.28
N GLN A 227 -47.50 4.23 4.82
CA GLN A 227 -48.71 5.01 4.62
C GLN A 227 -49.28 5.33 5.98
N GLY A 228 -48.74 6.38 6.61
CA GLY A 228 -49.26 6.82 7.88
C GLY A 228 -50.64 7.41 7.75
N ASP A 229 -50.95 8.00 6.59
CA ASP A 229 -52.26 8.57 6.34
C ASP A 229 -53.32 7.48 6.33
N ILE A 230 -53.01 6.36 5.70
CA ILE A 230 -53.85 5.17 5.80
C ILE A 230 -53.86 4.68 7.24
N THR A 231 -52.69 4.69 7.87
CA THR A 231 -52.58 4.22 9.24
C THR A 231 -53.33 5.13 10.19
N ALA A 232 -53.36 6.43 9.89
CA ALA A 232 -54.19 7.35 10.65
C ALA A 232 -55.66 6.97 10.57
N VAL A 233 -56.10 6.51 9.40
CA VAL A 233 -57.44 5.95 9.30
C VAL A 233 -57.50 4.62 10.03
N LEU A 234 -56.41 3.85 9.97
CA LEU A 234 -56.39 2.56 10.65
C LEU A 234 -56.32 2.72 12.15
N ILE A 235 -55.64 3.76 12.63
CA ILE A 235 -55.75 4.10 14.04
C ILE A 235 -57.15 4.58 14.36
N ALA A 236 -57.75 5.35 13.43
CA ALA A 236 -59.14 5.74 13.61
C ALA A 236 -60.10 4.56 13.41
N ALA A 237 -59.65 3.48 12.80
CA ALA A 237 -60.51 2.32 12.63
C ALA A 237 -60.72 1.59 13.95
N GLY A 238 -59.67 1.49 14.77
CA GLY A 238 -59.80 0.82 16.04
C GLY A 238 -59.23 -0.58 16.04
N ALA A 239 -58.06 -0.76 15.45
CA ALA A 239 -57.42 -2.06 15.39
C ALA A 239 -56.33 -2.18 16.46
N ASP A 240 -56.07 -3.41 16.88
CA ASP A 240 -55.08 -3.67 17.93
C ASP A 240 -53.68 -3.36 17.43
N VAL A 241 -53.05 -2.38 18.06
CA VAL A 241 -51.71 -1.95 17.70
C VAL A 241 -50.68 -2.78 18.46
N ASN A 242 -51.13 -3.81 19.14
CA ASN A 242 -50.26 -4.61 19.98
C ASN A 242 -50.39 -6.07 19.61
N ALA A 243 -50.38 -6.33 18.32
CA ALA A 243 -50.52 -7.70 17.82
C ALA A 243 -49.19 -8.43 17.93
N HIS A 244 -49.23 -9.72 17.60
CA HIS A 244 -48.06 -10.59 17.71
C HIS A 244 -48.06 -11.51 16.50
N ALA A 245 -47.25 -11.18 15.50
CA ALA A 245 -47.15 -11.98 14.29
C ALA A 245 -46.01 -12.97 14.44
N LYS A 246 -46.27 -14.02 15.21
CA LYS A 246 -45.24 -14.96 15.63
C LYS A 246 -45.07 -16.13 14.67
N GLY A 247 -45.31 -15.92 13.38
CA GLY A 247 -45.15 -16.99 12.41
C GLY A 247 -43.72 -17.42 12.14
N VAL A 248 -43.52 -18.15 11.05
CA VAL A 248 -42.21 -18.72 10.73
C VAL A 248 -41.21 -17.65 10.29
N PHE A 249 -41.71 -16.48 9.91
CA PHE A 249 -40.93 -15.52 9.14
C PHE A 249 -39.72 -14.97 9.89
N PHE A 250 -39.77 -14.90 11.21
CA PHE A 250 -38.55 -14.59 11.94
C PHE A 250 -37.81 -15.90 12.23
N ASN A 251 -36.52 -15.86 12.12
CA ASN A 251 -35.76 -17.07 11.84
C ASN A 251 -35.28 -17.79 13.09
N PRO A 252 -35.02 -19.09 12.97
CA PRO A 252 -34.19 -19.78 13.97
C PRO A 252 -32.71 -19.56 13.76
N LYS A 253 -32.29 -19.17 12.56
CA LYS A 253 -30.93 -18.73 12.33
C LYS A 253 -30.80 -17.25 12.68
N TYR A 254 -29.73 -16.60 12.23
CA TYR A 254 -29.42 -15.27 12.72
C TYR A 254 -29.87 -14.17 11.76
N GLN A 255 -29.37 -14.16 10.53
CA GLN A 255 -29.60 -13.02 9.66
C GLN A 255 -30.17 -13.44 8.32
N HIS A 256 -30.96 -14.50 8.30
CA HIS A 256 -31.40 -15.07 7.05
C HIS A 256 -32.84 -15.48 7.16
N GLU A 257 -33.39 -15.96 6.04
CA GLU A 257 -34.76 -16.43 5.82
C GLU A 257 -35.85 -15.55 6.45
N GLY A 258 -35.64 -14.26 6.48
CA GLY A 258 -36.64 -13.41 7.06
C GLY A 258 -36.18 -12.84 8.38
N PHE A 259 -36.49 -11.56 8.58
CA PHE A 259 -35.87 -10.79 9.65
C PHE A 259 -36.65 -10.90 10.95
N TYR A 260 -36.08 -10.29 11.98
CA TYR A 260 -36.60 -10.32 13.33
C TYR A 260 -36.78 -8.87 13.77
N PHE A 261 -37.91 -8.30 13.43
CA PHE A 261 -38.26 -7.02 14.02
C PHE A 261 -38.90 -7.20 15.38
N GLY A 262 -39.30 -8.42 15.72
CA GLY A 262 -39.80 -8.70 17.05
C GLY A 262 -41.30 -8.65 17.19
N GLU A 263 -42.03 -9.08 16.17
CA GLU A 263 -43.47 -9.43 16.18
C GLU A 263 -44.42 -8.33 16.65
N THR A 264 -43.94 -7.11 16.82
CA THR A 264 -44.79 -6.08 17.37
C THR A 264 -44.97 -4.95 16.38
N PRO A 265 -46.18 -4.39 16.30
CA PRO A 265 -46.42 -3.30 15.35
C PRO A 265 -45.67 -2.04 15.69
N LEU A 266 -45.29 -1.86 16.94
CA LEU A 266 -44.61 -0.63 17.34
C LEU A 266 -43.17 -0.62 16.86
N ALA A 267 -42.47 -1.74 17.03
CA ALA A 267 -41.04 -1.76 16.72
C ALA A 267 -40.80 -1.73 15.23
N LEU A 268 -41.82 -2.07 14.45
CA LEU A 268 -41.68 -2.10 13.00
C LEU A 268 -41.41 -0.71 12.45
N ALA A 269 -42.09 0.30 12.99
CA ALA A 269 -41.88 1.66 12.51
C ALA A 269 -40.50 2.15 12.91
N ALA A 270 -40.10 1.83 14.14
CA ALA A 270 -38.83 2.31 14.65
C ALA A 270 -37.68 1.64 13.94
N CYS A 271 -37.84 0.37 13.60
CA CYS A 271 -36.80 -0.32 12.87
C CYS A 271 -36.70 0.15 11.44
N THR A 272 -37.75 0.75 10.88
CA THR A 272 -37.79 1.04 9.46
C THR A 272 -37.84 2.55 9.20
N ASN A 273 -37.47 3.36 10.22
CA ASN A 273 -37.21 4.80 10.08
C ASN A 273 -38.46 5.58 9.69
N GLN A 274 -39.50 5.48 10.49
CA GLN A 274 -40.68 6.33 10.34
C GLN A 274 -40.98 6.93 11.70
N PRO A 275 -40.26 7.97 12.09
CA PRO A 275 -40.38 8.49 13.46
C PRO A 275 -41.72 9.15 13.74
N GLU A 276 -42.39 9.65 12.70
CA GLU A 276 -43.71 10.21 12.87
C GLU A 276 -44.70 9.14 13.27
N ILE A 277 -44.59 7.97 12.65
CA ILE A 277 -45.41 6.84 13.04
C ILE A 277 -45.04 6.36 14.43
N VAL A 278 -43.77 6.48 14.80
CA VAL A 278 -43.32 6.12 16.14
C VAL A 278 -43.97 7.02 17.18
N GLN A 279 -44.02 8.32 16.90
CA GLN A 279 -44.64 9.27 17.81
C GLN A 279 -46.15 9.02 17.90
N LEU A 280 -46.79 8.90 16.75
CA LEU A 280 -48.24 8.79 16.70
C LEU A 280 -48.72 7.49 17.32
N LEU A 281 -47.98 6.41 17.12
CA LEU A 281 -48.34 5.17 17.76
C LEU A 281 -48.14 5.25 19.26
N MET A 282 -47.03 5.84 19.69
CA MET A 282 -46.79 5.95 21.12
C MET A 282 -47.69 7.00 21.75
N GLU A 283 -48.23 7.92 20.96
CA GLU A 283 -49.20 8.86 21.49
C GLU A 283 -50.52 8.17 21.83
N ASN A 284 -50.83 7.08 21.13
CA ASN A 284 -52.08 6.38 21.37
C ASN A 284 -52.05 5.69 22.72
N GLU A 285 -53.23 5.63 23.34
CA GLU A 285 -53.34 5.10 24.70
C GLU A 285 -53.47 3.58 24.72
N GLN A 286 -53.79 2.97 23.59
CA GLN A 286 -53.74 1.52 23.49
C GLN A 286 -52.32 1.00 23.54
N THR A 287 -51.34 1.85 23.24
CA THR A 287 -49.96 1.45 22.99
C THR A 287 -49.30 1.00 24.28
N ASP A 288 -49.17 -0.31 24.44
CA ASP A 288 -48.17 -0.81 25.35
C ASP A 288 -46.80 -0.61 24.71
N ILE A 289 -45.79 -0.43 25.56
CA ILE A 289 -44.41 -0.50 25.14
C ILE A 289 -43.71 -1.69 25.77
N THR A 290 -44.00 -1.95 27.04
CA THR A 290 -43.28 -2.92 27.82
C THR A 290 -43.71 -4.34 27.56
N SER A 291 -44.51 -4.61 26.54
CA SER A 291 -44.80 -6.01 26.24
C SER A 291 -43.58 -6.67 25.63
N GLN A 292 -43.58 -7.99 25.65
CA GLN A 292 -42.39 -8.73 25.30
C GLN A 292 -42.66 -9.64 24.11
N ASP A 293 -41.56 -10.07 23.48
CA ASP A 293 -41.58 -11.03 22.39
C ASP A 293 -41.92 -12.42 22.92
N SER A 294 -42.16 -13.35 21.99
CA SER A 294 -41.96 -14.76 22.26
C SER A 294 -40.59 -15.03 22.87
N ARG A 295 -39.55 -14.34 22.40
CA ARG A 295 -38.26 -14.36 23.06
C ARG A 295 -38.22 -13.52 24.33
N GLY A 296 -39.32 -12.93 24.75
CA GLY A 296 -39.28 -12.06 25.91
C GLY A 296 -38.65 -10.72 25.68
N ASN A 297 -38.62 -10.25 24.43
CA ASN A 297 -37.89 -9.05 24.06
C ASN A 297 -38.79 -7.83 24.02
N ASN A 298 -38.29 -6.72 24.54
CA ASN A 298 -39.01 -5.46 24.43
C ASN A 298 -38.75 -4.84 23.07
N ILE A 299 -39.07 -3.55 22.98
CA ILE A 299 -38.79 -2.81 21.77
C ILE A 299 -37.29 -2.57 21.60
N LEU A 300 -36.54 -2.46 22.69
CA LEU A 300 -35.15 -2.08 22.55
C LEU A 300 -34.29 -3.24 22.07
N HIS A 301 -34.70 -4.45 22.40
CA HIS A 301 -33.97 -5.61 21.95
C HIS A 301 -34.05 -5.77 20.45
N ALA A 302 -35.15 -5.30 19.86
CA ALA A 302 -35.23 -5.22 18.42
C ALA A 302 -34.18 -4.29 17.88
N LEU A 303 -34.01 -3.14 18.52
CA LEU A 303 -33.02 -2.17 18.09
C LEU A 303 -31.60 -2.68 18.25
N VAL A 304 -31.38 -3.66 19.12
CA VAL A 304 -30.08 -4.29 19.22
C VAL A 304 -29.74 -5.02 17.94
N THR A 305 -30.72 -5.66 17.35
CA THR A 305 -30.47 -6.53 16.20
C THR A 305 -30.59 -5.79 14.89
N VAL A 306 -30.13 -4.54 14.85
CA VAL A 306 -30.33 -3.72 13.67
C VAL A 306 -29.01 -3.20 13.11
N ALA A 307 -28.26 -2.50 13.95
CA ALA A 307 -27.25 -1.56 13.48
C ALA A 307 -25.99 -2.28 13.02
N GLU A 308 -24.94 -1.50 12.78
CA GLU A 308 -23.73 -2.00 12.19
C GLU A 308 -22.59 -2.01 13.20
N ASP A 309 -21.40 -2.34 12.70
CA ASP A 309 -20.15 -2.33 13.45
C ASP A 309 -19.43 -0.99 13.29
N PHE A 310 -20.04 -0.03 12.61
CA PHE A 310 -19.33 1.16 12.16
C PHE A 310 -20.34 2.30 12.04
N LYS A 311 -19.81 3.50 11.90
CA LYS A 311 -20.66 4.65 11.62
C LYS A 311 -21.11 4.57 10.18
N THR A 312 -22.41 4.44 9.96
CA THR A 312 -22.90 4.61 8.60
C THR A 312 -23.14 6.09 8.36
N GLN A 313 -23.63 6.41 7.16
CA GLN A 313 -23.88 7.79 6.81
C GLN A 313 -25.23 8.19 7.41
N ASN A 314 -25.17 8.62 8.68
CA ASN A 314 -26.29 9.14 9.46
C ASN A 314 -27.41 8.11 9.59
N ASP A 315 -27.11 7.03 10.32
CA ASP A 315 -28.14 6.03 10.60
C ASP A 315 -29.22 6.61 11.50
N PHE A 316 -30.39 6.03 11.41
CA PHE A 316 -31.50 6.43 12.26
C PHE A 316 -31.57 5.60 13.52
N VAL A 317 -30.74 4.56 13.61
CA VAL A 317 -30.93 3.54 14.63
C VAL A 317 -30.60 4.10 16.00
N LYS A 318 -29.62 4.98 16.08
CA LYS A 318 -29.28 5.56 17.36
C LYS A 318 -30.26 6.66 17.74
N ARG A 319 -30.70 7.45 16.77
CA ARG A 319 -31.60 8.55 17.09
C ARG A 319 -33.04 8.09 17.27
N MET A 320 -33.40 6.90 16.80
CA MET A 320 -34.66 6.32 17.25
C MET A 320 -34.57 5.91 18.71
N TYR A 321 -33.40 5.48 19.13
CA TYR A 321 -33.23 4.71 20.36
C TYR A 321 -33.54 5.56 21.57
N ASP A 322 -32.86 6.69 21.68
CA ASP A 322 -33.16 7.64 22.73
C ASP A 322 -34.54 8.26 22.59
N MET A 323 -35.04 8.34 21.35
CA MET A 323 -36.34 8.98 21.13
C MET A 323 -37.45 8.19 21.80
N ILE A 324 -37.31 6.87 21.84
CA ILE A 324 -38.18 6.08 22.70
C ILE A 324 -37.88 6.40 24.16
N LEU A 325 -36.59 6.46 24.50
CA LEU A 325 -36.18 6.61 25.89
C LEU A 325 -36.53 7.97 26.43
N LEU A 326 -36.52 8.99 25.57
CA LEU A 326 -37.04 10.29 25.96
C LEU A 326 -38.52 10.21 26.29
N ARG A 327 -39.26 9.41 25.56
CA ARG A 327 -40.67 9.24 25.90
C ARG A 327 -40.86 8.23 27.00
N SER A 328 -39.84 7.45 27.32
CA SER A 328 -40.01 6.38 28.29
C SER A 328 -40.12 6.94 29.70
N GLY A 329 -39.08 7.63 30.15
CA GLY A 329 -39.13 8.32 31.41
C GLY A 329 -39.00 7.45 32.64
N ASN A 330 -38.82 6.15 32.48
CA ASN A 330 -38.69 5.25 33.62
C ASN A 330 -37.49 4.35 33.46
N TRP A 331 -36.80 4.14 34.58
CA TRP A 331 -35.55 3.40 34.57
C TRP A 331 -35.78 1.91 34.40
N GLU A 332 -36.99 1.44 34.67
CA GLU A 332 -37.31 0.02 34.64
C GLU A 332 -37.23 -0.58 33.23
N LEU A 333 -37.37 0.25 32.21
CA LEU A 333 -37.59 -0.26 30.87
C LEU A 333 -36.36 -0.94 30.31
N GLU A 334 -35.18 -0.60 30.80
CA GLU A 334 -33.99 -1.36 30.48
C GLU A 334 -33.66 -2.40 31.52
N THR A 335 -34.41 -2.47 32.62
CA THR A 335 -34.18 -3.54 33.58
C THR A 335 -34.82 -4.84 33.15
N MET A 336 -35.60 -4.80 32.08
CA MET A 336 -36.27 -5.99 31.59
C MET A 336 -35.27 -6.97 31.01
N ARG A 337 -35.36 -8.22 31.41
CA ARG A 337 -34.58 -9.27 30.79
C ARG A 337 -35.37 -9.86 29.64
N ASN A 338 -34.93 -11.00 29.12
CA ASN A 338 -35.68 -11.68 28.06
C ASN A 338 -35.91 -13.12 28.52
N ASN A 339 -36.27 -13.98 27.56
CA ASN A 339 -36.31 -15.41 27.83
C ASN A 339 -34.92 -15.93 28.21
N ASP A 340 -33.86 -15.39 27.63
CA ASP A 340 -32.50 -15.76 27.99
C ASP A 340 -31.99 -15.03 29.20
N GLY A 341 -32.77 -14.10 29.75
CA GLY A 341 -32.34 -13.31 30.88
C GLY A 341 -31.32 -12.28 30.48
N LEU A 342 -31.63 -11.48 29.46
CA LEU A 342 -30.68 -10.52 28.93
C LEU A 342 -31.22 -9.12 29.09
N THR A 343 -30.51 -8.31 29.85
CA THR A 343 -30.67 -6.87 29.82
C THR A 343 -30.41 -6.39 28.38
N PRO A 344 -31.10 -5.33 27.93
CA PRO A 344 -30.76 -4.76 26.63
C PRO A 344 -29.32 -4.28 26.50
N LEU A 345 -28.71 -3.85 27.60
CA LEU A 345 -27.25 -3.68 27.60
C LEU A 345 -26.55 -5.01 27.40
N GLN A 346 -26.98 -6.02 28.13
CA GLN A 346 -26.36 -7.34 28.12
C GLN A 346 -26.45 -7.99 26.75
N LEU A 347 -27.58 -7.82 26.07
CA LEU A 347 -27.69 -8.35 24.72
C LEU A 347 -26.82 -7.58 23.74
N ALA A 348 -26.72 -6.26 23.94
CA ALA A 348 -25.95 -5.43 23.02
C ALA A 348 -24.47 -5.77 23.06
N ALA A 349 -23.99 -6.25 24.20
CA ALA A 349 -22.64 -6.79 24.22
C ALA A 349 -22.60 -8.16 23.54
N LYS A 350 -23.63 -8.97 23.75
CA LYS A 350 -23.65 -10.32 23.20
C LYS A 350 -23.68 -10.32 21.68
N MET A 351 -24.50 -9.44 21.10
CA MET A 351 -24.56 -9.36 19.65
C MET A 351 -23.32 -8.70 19.09
N GLY A 352 -22.72 -7.80 19.86
CA GLY A 352 -21.48 -7.17 19.44
C GLY A 352 -21.66 -5.87 18.71
N LYS A 353 -22.86 -5.29 18.73
CA LYS A 353 -23.07 -4.00 18.10
C LYS A 353 -22.37 -2.95 18.94
N ALA A 354 -21.08 -2.74 18.67
CA ALA A 354 -20.19 -2.13 19.63
C ALA A 354 -20.45 -0.64 19.80
N GLU A 355 -20.68 0.05 18.68
CA GLU A 355 -20.86 1.50 18.69
C GLU A 355 -22.12 1.89 19.45
N ILE A 356 -23.15 1.06 19.37
CA ILE A 356 -24.39 1.30 20.09
C ILE A 356 -24.13 1.30 21.59
N LEU A 357 -23.31 0.37 22.04
CA LEU A 357 -23.02 0.24 23.46
C LEU A 357 -22.28 1.45 24.00
N LYS A 358 -21.48 2.09 23.15
CA LYS A 358 -20.89 3.36 23.53
C LYS A 358 -21.96 4.42 23.75
N TYR A 359 -22.95 4.47 22.86
CA TYR A 359 -24.05 5.38 23.08
C TYR A 359 -24.91 4.95 24.25
N ILE A 360 -25.04 3.64 24.45
CA ILE A 360 -25.80 3.11 25.56
C ILE A 360 -25.20 3.55 26.88
N LEU A 361 -23.89 3.37 27.01
CA LEU A 361 -23.23 3.60 28.26
C LEU A 361 -23.09 5.08 28.61
N SER A 362 -23.12 5.98 27.63
CA SER A 362 -22.79 7.38 27.93
C SER A 362 -23.97 8.10 28.57
N ARG A 363 -25.02 8.35 27.80
CA ARG A 363 -26.30 8.96 28.21
C ARG A 363 -26.12 10.22 29.04
N GLU A 364 -25.61 11.28 28.39
CA GLU A 364 -25.35 12.54 29.08
C GLU A 364 -26.43 13.59 28.83
N ILE A 365 -27.67 13.16 28.59
CA ILE A 365 -28.75 14.11 28.34
C ILE A 365 -29.11 14.82 29.63
N LYS A 366 -28.92 16.13 29.64
CA LYS A 366 -29.22 16.91 30.83
C LYS A 366 -30.62 17.49 30.68
N GLU A 367 -31.46 17.18 31.65
CA GLU A 367 -32.79 17.73 31.85
C GLU A 367 -33.22 17.33 33.24
N LYS A 368 -33.68 18.29 34.03
CA LYS A 368 -33.85 18.09 35.46
C LYS A 368 -34.90 17.05 35.83
N PRO A 369 -36.06 16.91 35.13
CA PRO A 369 -36.81 15.67 35.36
C PRO A 369 -36.45 14.56 34.40
N LEU A 370 -35.19 14.41 34.01
CA LEU A 370 -34.81 13.34 33.10
C LEU A 370 -33.44 12.75 33.37
N ARG A 371 -32.74 13.17 34.42
CA ARG A 371 -31.42 12.64 34.67
C ARG A 371 -31.45 11.22 35.21
N SER A 372 -32.62 10.70 35.55
CA SER A 372 -32.75 9.35 36.08
C SER A 372 -32.32 8.30 35.07
N LEU A 373 -32.49 8.58 33.79
CA LEU A 373 -31.96 7.73 32.74
C LEU A 373 -30.52 8.05 32.41
N SER A 374 -29.99 9.17 32.88
CA SER A 374 -28.67 9.59 32.48
C SER A 374 -27.61 8.74 33.16
N ARG A 375 -26.47 8.61 32.51
CA ARG A 375 -25.39 7.75 32.99
C ARG A 375 -24.04 8.46 33.07
N LYS A 376 -23.93 9.69 32.59
CA LYS A 376 -22.68 10.43 32.59
C LYS A 376 -22.84 11.64 33.49
N PHE A 377 -22.37 11.51 34.72
CA PHE A 377 -22.45 12.62 35.67
C PHE A 377 -21.17 13.43 35.57
N THR A 378 -21.15 14.39 34.68
CA THR A 378 -20.05 15.35 34.63
C THR A 378 -20.38 16.51 35.55
N ASP A 379 -19.52 16.73 36.52
CA ASP A 379 -19.61 17.94 37.34
C ASP A 379 -18.36 18.79 37.25
N TRP A 380 -17.17 18.21 37.40
CA TRP A 380 -15.93 18.99 37.44
C TRP A 380 -15.19 18.84 36.12
N ALA A 381 -15.60 19.61 35.13
CA ALA A 381 -14.97 19.65 33.83
C ALA A 381 -14.39 21.02 33.62
N TYR A 382 -13.06 21.10 33.52
CA TYR A 382 -12.35 22.37 33.48
C TYR A 382 -11.39 22.30 32.30
N GLY A 383 -11.88 22.62 31.11
CA GLY A 383 -11.08 22.52 29.92
C GLY A 383 -10.81 21.08 29.55
N PRO A 384 -9.54 20.73 29.35
CA PRO A 384 -9.20 19.35 28.97
C PRO A 384 -9.27 18.33 30.08
N VAL A 385 -9.69 18.69 31.27
CA VAL A 385 -9.96 17.71 32.31
C VAL A 385 -11.47 17.51 32.33
N SER A 386 -11.92 16.38 32.89
CA SER A 386 -13.33 16.04 32.85
C SER A 386 -13.64 15.08 33.98
N SER A 387 -14.51 15.48 34.90
CA SER A 387 -14.92 14.56 35.94
C SER A 387 -16.00 13.62 35.44
N SER A 388 -15.96 12.38 35.94
CA SER A 388 -16.82 11.36 35.41
C SER A 388 -17.35 10.49 36.54
N LEU A 389 -18.64 10.16 36.43
CA LEU A 389 -19.26 9.16 37.28
C LEU A 389 -20.03 8.27 36.30
N TYR A 390 -19.86 6.96 36.41
CA TYR A 390 -20.55 6.11 35.47
C TYR A 390 -21.59 5.26 36.18
N ASP A 391 -22.44 4.61 35.39
CA ASP A 391 -23.61 3.95 35.95
C ASP A 391 -23.23 2.68 36.70
N LEU A 392 -22.53 1.77 36.01
CA LEU A 392 -21.93 0.57 36.59
C LEU A 392 -23.00 -0.33 37.23
N THR A 393 -23.87 -0.86 36.38
CA THR A 393 -24.94 -1.68 36.88
C THR A 393 -24.64 -3.16 36.73
N ASN A 394 -24.43 -3.61 35.51
CA ASN A 394 -24.18 -5.02 35.25
C ASN A 394 -22.81 -5.19 34.63
N VAL A 395 -21.85 -4.44 35.15
CA VAL A 395 -20.59 -4.25 34.48
C VAL A 395 -19.47 -5.01 35.17
N ASP A 396 -19.31 -4.83 36.48
CA ASP A 396 -18.31 -5.61 37.19
C ASP A 396 -18.77 -7.04 37.35
N THR A 397 -17.83 -7.90 37.69
CA THR A 397 -18.16 -9.27 38.06
C THR A 397 -18.54 -9.27 39.53
N THR A 398 -19.77 -8.83 39.79
CA THR A 398 -20.40 -9.07 41.08
C THR A 398 -21.70 -9.84 40.95
N THR A 399 -22.23 -9.97 39.74
CA THR A 399 -23.36 -10.84 39.47
C THR A 399 -22.93 -11.85 38.43
N ASP A 400 -23.88 -12.63 37.96
CA ASP A 400 -23.66 -13.42 36.78
C ASP A 400 -23.76 -12.52 35.55
N ASN A 401 -23.05 -12.94 34.50
CA ASN A 401 -23.23 -12.44 33.14
C ASN A 401 -22.96 -10.94 33.04
N SER A 402 -21.79 -10.54 33.51
CA SER A 402 -21.40 -9.14 33.45
C SER A 402 -21.06 -8.76 32.03
N VAL A 403 -21.07 -7.45 31.76
CA VAL A 403 -20.75 -7.01 30.42
C VAL A 403 -19.25 -7.12 30.16
N LEU A 404 -18.44 -7.09 31.21
CA LEU A 404 -17.03 -7.40 31.05
C LEU A 404 -16.84 -8.90 30.99
N GLU A 405 -17.74 -9.65 31.62
CA GLU A 405 -17.68 -11.10 31.54
C GLU A 405 -17.97 -11.58 30.14
N ILE A 406 -18.97 -11.00 29.49
CA ILE A 406 -19.42 -11.52 28.23
C ILE A 406 -18.54 -11.08 27.07
N ILE A 407 -17.88 -9.93 27.18
CA ILE A 407 -17.08 -9.47 26.06
C ILE A 407 -15.80 -10.28 25.93
N VAL A 408 -15.29 -10.82 27.03
CA VAL A 408 -14.06 -11.56 26.97
C VAL A 408 -14.31 -12.99 26.55
N TYR A 409 -15.22 -13.69 27.22
CA TYR A 409 -15.43 -15.10 26.99
C TYR A 409 -16.29 -15.41 25.79
N ASN A 410 -16.49 -14.46 24.88
CA ASN A 410 -17.30 -14.72 23.71
C ASN A 410 -16.41 -15.14 22.56
N THR A 411 -16.98 -15.94 21.68
CA THR A 411 -16.41 -16.22 20.37
C THR A 411 -16.98 -15.19 19.39
N ASN A 412 -16.77 -15.45 18.09
CA ASN A 412 -17.45 -14.87 16.92
C ASN A 412 -17.73 -13.36 17.02
N ILE A 413 -16.73 -12.63 17.49
CA ILE A 413 -16.74 -11.17 17.45
C ILE A 413 -15.53 -10.72 16.64
N ASP A 414 -15.76 -9.83 15.70
CA ASP A 414 -14.66 -9.35 14.89
C ASP A 414 -13.87 -8.28 15.65
N ASN A 415 -14.53 -7.18 15.99
CA ASN A 415 -13.88 -6.02 16.60
C ASN A 415 -14.03 -6.08 18.12
N ARG A 416 -13.45 -7.14 18.68
CA ARG A 416 -13.53 -7.34 20.11
C ARG A 416 -12.67 -6.34 20.86
N HIS A 417 -11.63 -5.80 20.22
CA HIS A 417 -10.86 -4.73 20.82
C HIS A 417 -11.69 -3.48 20.97
N GLU A 418 -12.57 -3.23 20.03
CA GLU A 418 -13.56 -2.21 20.29
C GLU A 418 -14.55 -2.77 21.29
N MET A 419 -15.09 -1.86 22.11
CA MET A 419 -15.72 -1.94 23.43
C MET A 419 -14.68 -2.04 24.54
N LEU A 420 -13.43 -2.38 24.25
CA LEU A 420 -12.50 -2.54 25.36
C LEU A 420 -11.82 -1.24 25.70
N THR A 421 -11.50 -0.44 24.70
CA THR A 421 -10.93 0.87 24.97
C THR A 421 -11.98 1.90 25.32
N LEU A 422 -13.24 1.49 25.47
CA LEU A 422 -14.26 2.40 25.98
C LEU A 422 -14.00 2.67 27.45
N GLU A 423 -14.18 3.93 27.84
CA GLU A 423 -13.52 4.48 29.03
C GLU A 423 -13.87 3.81 30.35
N PRO A 424 -15.15 3.57 30.71
CA PRO A 424 -15.38 2.92 32.00
C PRO A 424 -15.09 1.42 31.92
N LEU A 425 -15.18 0.89 30.71
CA LEU A 425 -14.80 -0.51 30.54
C LEU A 425 -13.29 -0.66 30.56
N HIS A 426 -12.57 0.32 29.99
CA HIS A 426 -11.11 0.26 30.00
C HIS A 426 -10.55 0.48 31.38
N THR A 427 -11.04 1.51 32.07
CA THR A 427 -10.45 1.93 33.33
C THR A 427 -10.67 0.90 34.44
N LEU A 428 -11.89 0.35 34.50
CA LEU A 428 -12.17 -0.68 35.49
C LEU A 428 -11.34 -1.92 35.25
N LEU A 429 -11.01 -2.19 34.00
CA LEU A 429 -10.07 -3.24 33.70
C LEU A 429 -8.68 -2.87 34.20
N HIS A 430 -8.19 -1.69 33.81
CA HIS A 430 -6.80 -1.32 34.04
C HIS A 430 -6.49 -1.15 35.51
N THR A 431 -7.45 -0.65 36.28
CA THR A 431 -7.28 -0.55 37.72
C THR A 431 -7.19 -1.93 38.35
N LYS A 432 -7.96 -2.87 37.83
CA LYS A 432 -8.08 -4.17 38.46
C LYS A 432 -6.79 -4.98 38.34
N TRP A 433 -6.12 -4.87 37.20
CA TRP A 433 -4.79 -5.48 37.07
C TRP A 433 -3.79 -4.81 37.98
N LYS A 434 -3.91 -3.48 38.12
CA LYS A 434 -3.04 -2.74 39.02
C LYS A 434 -3.34 -3.08 40.47
N LYS A 435 -4.57 -3.43 40.77
CA LYS A 435 -4.94 -3.70 42.14
C LYS A 435 -4.92 -5.17 42.47
N PHE A 436 -5.15 -6.04 41.49
CA PHE A 436 -5.35 -7.44 41.86
C PHE A 436 -4.50 -8.41 41.07
N ALA A 437 -4.25 -8.15 39.80
CA ALA A 437 -3.73 -9.20 38.94
C ALA A 437 -2.23 -9.17 38.72
N LYS A 438 -1.60 -8.03 38.94
CA LYS A 438 -0.14 -7.97 38.86
C LYS A 438 0.50 -8.85 39.91
N TYR A 439 -0.12 -8.94 41.08
CA TYR A 439 0.41 -9.77 42.15
C TYR A 439 0.14 -11.24 41.88
N MET A 440 -1.01 -11.55 41.29
CA MET A 440 -1.35 -12.95 41.11
C MET A 440 -0.65 -13.56 39.91
N PHE A 441 -0.37 -12.77 38.88
CA PHE A 441 0.32 -13.32 37.72
C PHE A 441 1.77 -13.62 38.05
N PHE A 442 2.41 -12.71 38.78
CA PHE A 442 3.78 -12.91 39.21
C PHE A 442 3.92 -14.09 40.16
N LEU A 443 2.90 -14.33 40.98
CA LEU A 443 2.96 -15.47 41.89
C LEU A 443 2.75 -16.78 41.14
N SER A 444 1.77 -16.82 40.24
CA SER A 444 1.50 -18.05 39.50
C SER A 444 2.61 -18.34 38.49
N PHE A 445 3.35 -17.31 38.10
CA PHE A 445 4.53 -17.52 37.29
C PHE A 445 5.63 -18.21 38.09
N CYS A 446 5.86 -17.74 39.31
CA CYS A 446 7.07 -18.13 40.04
C CYS A 446 6.98 -19.56 40.55
N PHE A 447 5.79 -20.03 40.89
CA PHE A 447 5.64 -21.40 41.32
C PHE A 447 5.86 -22.37 40.17
N TYR A 448 5.33 -22.02 39.00
CA TYR A 448 5.53 -22.88 37.85
C TYR A 448 6.97 -22.84 37.37
N PHE A 449 7.69 -21.77 37.68
CA PHE A 449 9.08 -21.69 37.27
C PHE A 449 9.95 -22.63 38.10
N PHE A 450 9.70 -22.70 39.40
CA PHE A 450 10.40 -23.67 40.25
C PHE A 450 10.01 -25.09 39.89
N TYR A 451 8.80 -25.27 39.36
CA TYR A 451 8.25 -26.60 39.17
C TYR A 451 8.99 -27.37 38.09
N ASN A 452 9.41 -26.69 37.03
CA ASN A 452 10.23 -27.35 36.03
C ASN A 452 11.64 -27.58 36.53
N ILE A 453 12.15 -26.64 37.32
CA ILE A 453 13.50 -26.77 37.87
C ILE A 453 13.55 -27.91 38.86
N THR A 454 12.51 -28.05 39.67
CA THR A 454 12.42 -29.20 40.57
C THR A 454 12.25 -30.47 39.77
N LEU A 455 11.52 -30.41 38.66
CA LEU A 455 11.46 -31.52 37.74
C LEU A 455 12.80 -31.76 37.08
N THR A 456 13.61 -30.71 36.93
CA THR A 456 14.86 -30.86 36.20
C THR A 456 15.89 -31.67 37.00
N LEU A 457 16.11 -31.29 38.26
CA LEU A 457 17.17 -31.91 39.03
C LEU A 457 16.83 -33.34 39.43
N VAL A 458 15.53 -33.66 39.50
CA VAL A 458 15.13 -35.04 39.71
C VAL A 458 15.16 -35.82 38.40
N SER A 459 15.50 -35.17 37.30
CA SER A 459 15.61 -35.84 36.02
C SER A 459 17.02 -35.91 35.47
N TYR A 460 17.91 -35.01 35.85
CA TYR A 460 19.24 -35.03 35.27
C TYR A 460 20.29 -35.65 36.18
N TYR A 461 20.33 -35.23 37.45
CA TYR A 461 21.27 -35.85 38.38
C TYR A 461 20.74 -37.14 38.98
N ARG A 462 19.60 -37.64 38.53
CA ARG A 462 18.97 -38.79 39.16
C ARG A 462 19.78 -40.05 38.91
N PRO A 463 20.08 -40.83 39.95
CA PRO A 463 20.69 -42.13 39.78
C PRO A 463 19.68 -43.26 39.64
N ARG A 464 18.67 -43.07 38.78
CA ARG A 464 17.83 -44.17 38.37
C ARG A 464 18.47 -45.01 37.28
N GLU A 465 19.59 -44.54 36.72
CA GLU A 465 20.47 -45.33 35.90
C GLU A 465 21.56 -46.00 36.72
N ASP A 466 21.46 -45.96 38.04
CA ASP A 466 22.43 -46.56 38.96
C ASP A 466 21.86 -47.84 39.56
N GLU A 467 21.08 -48.57 38.77
CA GLU A 467 20.61 -49.94 39.06
C GLU A 467 19.77 -49.99 40.34
N ASP A 468 18.64 -49.32 40.30
CA ASP A 468 17.74 -49.31 41.46
C ASP A 468 16.31 -49.68 41.05
N LEU A 469 16.17 -50.82 40.37
CA LEU A 469 14.91 -51.23 39.76
C LEU A 469 13.80 -51.51 40.78
N PRO A 470 14.05 -52.22 41.94
CA PRO A 470 13.00 -52.22 42.98
C PRO A 470 13.27 -51.22 44.09
N HIS A 471 12.17 -50.72 44.72
CA HIS A 471 12.11 -49.98 45.98
C HIS A 471 13.11 -48.84 46.11
N PRO A 472 12.94 -47.75 45.35
CA PRO A 472 13.97 -46.71 45.33
C PRO A 472 14.01 -45.83 46.56
N LEU A 473 13.06 -45.97 47.48
CA LEU A 473 13.07 -45.23 48.74
C LEU A 473 13.62 -46.14 49.82
N ALA A 474 14.93 -46.12 49.99
CA ALA A 474 15.60 -46.93 50.99
C ALA A 474 15.73 -46.11 52.29
N LEU A 475 16.55 -46.58 53.21
CA LEU A 475 16.74 -45.93 54.50
C LEU A 475 17.74 -44.77 54.37
N THR A 476 18.26 -44.31 55.52
CA THR A 476 19.21 -43.19 55.65
C THR A 476 18.58 -41.92 55.06
N HIS A 477 17.30 -41.73 55.37
CA HIS A 477 16.43 -40.67 54.82
C HIS A 477 16.45 -40.65 53.29
N LYS A 478 16.48 -41.86 52.69
CA LYS A 478 16.38 -42.08 51.25
C LYS A 478 17.54 -41.45 50.48
N MET A 479 18.75 -41.81 50.92
CA MET A 479 20.05 -41.56 50.29
C MET A 479 20.51 -40.11 50.32
N SER A 480 19.61 -39.19 50.65
CA SER A 480 19.83 -37.75 50.77
C SER A 480 18.54 -37.06 51.19
N TRP A 481 18.67 -35.88 51.77
CA TRP A 481 17.52 -35.06 52.10
C TRP A 481 16.96 -34.33 50.89
N LEU A 482 17.82 -33.83 50.01
CA LEU A 482 17.38 -33.04 48.87
C LEU A 482 16.64 -33.85 47.81
N GLN A 483 16.71 -35.18 47.86
CA GLN A 483 15.81 -35.99 47.05
C GLN A 483 14.38 -35.86 47.55
N LEU A 484 14.20 -35.71 48.87
CA LEU A 484 12.86 -35.54 49.42
C LEU A 484 12.34 -34.14 49.19
N LEU A 485 13.25 -33.16 49.18
CA LEU A 485 12.85 -31.80 48.85
C LEU A 485 12.42 -31.69 47.40
N GLY A 486 12.93 -32.55 46.54
CA GLY A 486 12.46 -32.57 45.16
C GLY A 486 11.20 -33.38 44.98
N ARG A 487 11.15 -34.57 45.58
CA ARG A 487 10.09 -35.52 45.25
C ARG A 487 8.75 -35.09 45.86
N MET A 488 8.79 -34.41 47.01
CA MET A 488 7.55 -33.98 47.65
C MET A 488 6.91 -32.81 46.91
N PHE A 489 7.71 -31.87 46.42
CA PHE A 489 7.20 -30.66 45.78
C PHE A 489 6.48 -30.97 44.49
N VAL A 490 6.97 -31.95 43.74
CA VAL A 490 6.39 -32.27 42.44
C VAL A 490 5.03 -32.92 42.62
N LEU A 491 4.91 -33.80 43.62
CA LEU A 491 3.68 -34.55 43.82
C LEU A 491 2.54 -33.64 44.26
N ILE A 492 2.85 -32.59 44.99
CA ILE A 492 1.82 -31.64 45.40
C ILE A 492 1.38 -30.81 44.22
N TRP A 493 2.32 -30.19 43.53
CA TRP A 493 1.97 -29.26 42.47
C TRP A 493 1.59 -29.95 41.18
N ALA A 494 1.74 -31.27 41.09
CA ALA A 494 1.10 -31.98 39.98
C ALA A 494 -0.40 -32.00 40.18
N THR A 495 -0.86 -32.50 41.32
CA THR A 495 -2.28 -32.56 41.58
C THR A 495 -2.88 -31.20 41.93
N CYS A 496 -2.05 -30.21 42.27
CA CYS A 496 -2.56 -28.85 42.45
C CYS A 496 -3.04 -28.28 41.13
N ILE A 497 -2.20 -28.36 40.09
CA ILE A 497 -2.57 -27.89 38.77
C ILE A 497 -3.64 -28.78 38.16
N SER A 498 -3.61 -30.08 38.51
CA SER A 498 -4.54 -31.03 37.92
C SER A 498 -5.97 -30.74 38.31
N VAL A 499 -6.22 -30.48 39.59
CA VAL A 499 -7.56 -30.08 40.01
C VAL A 499 -7.84 -28.67 39.53
N LYS A 500 -6.81 -27.83 39.43
CA LYS A 500 -6.98 -26.49 38.87
C LYS A 500 -7.37 -26.56 37.40
N GLU A 501 -6.71 -27.42 36.62
CA GLU A 501 -7.06 -27.54 35.23
C GLU A 501 -8.19 -28.52 34.99
N GLY A 502 -8.66 -29.22 36.02
CA GLY A 502 -9.92 -29.93 35.90
C GLY A 502 -11.10 -28.99 35.79
N ILE A 503 -10.94 -27.75 36.27
CA ILE A 503 -11.98 -26.75 36.13
C ILE A 503 -12.05 -26.23 34.70
N ALA A 504 -11.04 -26.48 33.89
CA ALA A 504 -11.11 -26.11 32.49
C ALA A 504 -12.04 -27.04 31.70
N ILE A 505 -12.38 -28.20 32.26
CA ILE A 505 -13.27 -29.15 31.62
C ILE A 505 -14.73 -28.82 31.89
N PHE A 506 -15.00 -27.63 32.42
CA PHE A 506 -16.33 -27.22 32.82
C PHE A 506 -17.09 -26.78 31.55
N LEU A 507 -18.22 -26.09 31.75
CA LEU A 507 -19.28 -25.80 30.78
C LEU A 507 -18.85 -25.12 29.47
N LEU A 508 -17.59 -24.68 29.39
CA LEU A 508 -17.06 -23.97 28.23
C LEU A 508 -16.85 -24.94 27.05
N ARG A 509 -16.14 -24.45 26.04
CA ARG A 509 -15.80 -25.12 24.79
C ARG A 509 -17.01 -25.52 23.97
N PRO A 510 -17.69 -24.58 23.30
CA PRO A 510 -18.79 -24.95 22.39
C PRO A 510 -18.31 -25.72 21.17
N SER A 511 -17.35 -25.17 20.46
CA SER A 511 -16.87 -25.73 19.20
C SER A 511 -15.64 -26.60 19.43
N ASP A 512 -15.08 -27.09 18.33
CA ASP A 512 -13.91 -27.96 18.38
C ASP A 512 -12.68 -27.33 17.75
N LEU A 513 -12.77 -26.94 16.47
CA LEU A 513 -11.62 -26.47 15.70
C LEU A 513 -11.75 -24.99 15.35
N GLN A 514 -12.07 -24.18 16.35
CA GLN A 514 -12.32 -22.76 16.19
C GLN A 514 -11.53 -22.05 17.28
N SER A 515 -11.91 -20.81 17.55
CA SER A 515 -11.25 -19.93 18.53
C SER A 515 -11.06 -20.54 19.91
N ILE A 516 -11.92 -21.48 20.30
CA ILE A 516 -11.72 -22.14 21.59
C ILE A 516 -10.47 -23.01 21.56
N LEU A 517 -10.10 -23.53 20.39
CA LEU A 517 -8.82 -24.18 20.25
C LEU A 517 -7.71 -23.15 20.01
N SER A 518 -8.06 -21.90 19.71
CA SER A 518 -7.06 -20.84 19.71
C SER A 518 -6.99 -20.10 21.04
N ASP A 519 -7.86 -20.43 21.99
CA ASP A 519 -7.86 -19.81 23.31
C ASP A 519 -7.57 -20.78 24.44
N ALA A 520 -8.32 -21.88 24.51
CA ALA A 520 -8.19 -22.83 25.60
C ALA A 520 -7.23 -23.96 25.28
N TRP A 521 -6.35 -23.77 24.29
CA TRP A 521 -5.40 -24.81 23.93
C TRP A 521 -4.38 -25.03 25.03
N PHE A 522 -4.09 -24.01 25.82
CA PHE A 522 -3.17 -24.16 26.94
C PHE A 522 -3.74 -25.09 27.98
N HIS A 523 -5.05 -25.02 28.19
CA HIS A 523 -5.70 -25.84 29.21
C HIS A 523 -5.66 -27.32 28.89
N PHE A 524 -5.65 -27.67 27.61
CA PHE A 524 -5.36 -29.06 27.25
C PHE A 524 -3.95 -29.41 27.66
N VAL A 525 -2.99 -28.57 27.28
CA VAL A 525 -1.61 -28.96 27.41
C VAL A 525 -1.13 -28.76 28.84
N PHE A 526 -1.75 -27.84 29.58
CA PHE A 526 -1.55 -27.79 31.03
C PHE A 526 -1.98 -29.09 31.67
N PHE A 527 -3.16 -29.57 31.31
CA PHE A 527 -3.78 -30.66 32.04
C PHE A 527 -3.07 -31.98 31.78
N VAL A 528 -2.73 -32.25 30.53
CA VAL A 528 -2.06 -33.51 30.19
C VAL A 528 -0.64 -33.56 30.71
N GLN A 529 -0.08 -32.42 31.12
CA GLN A 529 1.26 -32.39 31.67
C GLN A 529 1.30 -33.14 32.99
N ALA A 530 0.47 -32.74 33.95
CA ALA A 530 0.55 -33.30 35.28
C ALA A 530 0.04 -34.73 35.34
N VAL A 531 -0.82 -35.11 34.39
CA VAL A 531 -1.30 -36.49 34.35
C VAL A 531 -0.17 -37.42 33.99
N LEU A 532 0.75 -36.96 33.15
CA LEU A 532 1.96 -37.72 32.85
C LEU A 532 2.84 -37.88 34.07
N VAL A 533 2.79 -36.93 34.99
CA VAL A 533 3.66 -36.99 36.15
C VAL A 533 3.22 -38.07 37.10
N ILE A 534 1.93 -38.07 37.45
CA ILE A 534 1.37 -39.01 38.40
C ILE A 534 1.45 -40.42 37.86
N LEU A 535 1.23 -40.57 36.56
CA LEU A 535 1.42 -41.85 35.90
C LEU A 535 2.86 -42.30 35.98
N SER A 536 3.79 -41.36 35.89
CA SER A 536 5.21 -41.71 36.03
C SER A 536 5.53 -42.09 37.47
N VAL A 537 4.89 -41.44 38.44
CA VAL A 537 5.07 -41.84 39.83
C VAL A 537 4.36 -43.16 40.07
N PHE A 538 3.22 -43.37 39.42
CA PHE A 538 2.56 -44.66 39.44
C PHE A 538 3.43 -45.73 38.77
N LEU A 539 4.24 -45.34 37.79
CA LEU A 539 5.24 -46.23 37.23
C LEU A 539 6.50 -46.32 38.08
N TYR A 540 6.68 -45.41 39.03
CA TYR A 540 7.83 -45.57 39.93
C TYR A 540 7.56 -46.58 41.01
N LEU A 541 6.31 -46.70 41.45
CA LEU A 541 5.97 -47.76 42.38
C LEU A 541 5.93 -49.11 41.69
N PHE A 542 5.50 -49.11 40.43
CA PHE A 542 5.34 -50.31 39.63
C PHE A 542 6.32 -50.17 38.48
N ALA A 543 7.58 -50.57 38.72
CA ALA A 543 8.64 -50.40 37.74
C ALA A 543 8.38 -51.28 36.53
N TYR A 544 7.86 -50.68 35.46
CA TYR A 544 7.43 -51.43 34.28
C TYR A 544 8.25 -51.08 33.06
N LYS A 545 9.50 -50.65 33.26
CA LYS A 545 10.52 -50.39 32.24
C LYS A 545 10.15 -49.25 31.28
N GLU A 546 9.09 -48.50 31.56
CA GLU A 546 8.73 -47.31 30.80
C GLU A 546 8.52 -46.13 31.72
N TYR A 547 8.93 -46.27 32.97
CA TYR A 547 8.81 -45.21 33.96
C TYR A 547 9.63 -43.99 33.56
N LEU A 548 10.79 -44.21 32.97
CA LEU A 548 11.68 -43.09 32.71
C LEU A 548 11.26 -42.38 31.44
N ALA A 549 10.75 -43.13 30.46
CA ALA A 549 10.33 -42.54 29.21
C ALA A 549 9.11 -41.65 29.39
N CYS A 550 8.25 -42.00 30.34
CA CYS A 550 7.10 -41.14 30.61
C CYS A 550 7.53 -39.84 31.26
N LEU A 551 8.56 -39.90 32.10
CA LEU A 551 9.08 -38.70 32.76
C LEU A 551 9.64 -37.70 31.76
N VAL A 552 10.35 -38.22 30.76
CA VAL A 552 11.04 -37.37 29.79
C VAL A 552 10.05 -36.58 28.97
N LEU A 553 9.03 -37.27 28.45
CA LEU A 553 8.00 -36.58 27.71
C LEU A 553 7.13 -35.73 28.63
N ALA A 554 7.08 -36.07 29.91
CA ALA A 554 6.43 -35.18 30.86
C ALA A 554 7.25 -33.92 31.05
N MET A 555 8.56 -33.99 30.90
CA MET A 555 9.38 -32.84 31.24
C MET A 555 9.45 -31.82 30.12
N ALA A 556 9.73 -32.28 28.89
CA ALA A 556 9.82 -31.35 27.77
C ALA A 556 8.49 -30.70 27.47
N LEU A 557 7.40 -31.41 27.73
CA LEU A 557 6.08 -30.80 27.62
C LEU A 557 5.87 -29.77 28.71
N GLY A 558 6.54 -29.92 29.84
CA GLY A 558 6.44 -28.92 30.90
C GLY A 558 7.06 -27.59 30.52
N TRP A 559 8.21 -27.61 29.86
CA TRP A 559 8.77 -26.37 29.37
C TRP A 559 7.98 -25.80 28.20
N ALA A 560 7.23 -26.63 27.49
CA ALA A 560 6.35 -26.08 26.46
C ALA A 560 5.21 -25.29 27.08
N ASN A 561 4.68 -25.76 28.21
CA ASN A 561 3.66 -24.97 28.90
C ASN A 561 4.27 -23.79 29.61
N MET A 562 5.59 -23.81 29.84
CA MET A 562 6.26 -22.66 30.41
C MET A 562 6.19 -21.46 29.47
N LEU A 563 6.09 -21.73 28.17
CA LEU A 563 5.90 -20.68 27.19
C LEU A 563 4.55 -20.00 27.31
N ALA A 564 3.58 -20.64 27.95
CA ALA A 564 2.24 -20.05 28.04
C ALA A 564 2.18 -18.84 28.94
N TYR A 565 3.18 -18.60 29.77
CA TYR A 565 3.22 -17.35 30.53
C TYR A 565 4.02 -16.28 29.79
N THR A 566 3.71 -16.12 28.51
CA THR A 566 4.28 -15.09 27.67
C THR A 566 3.18 -14.34 26.98
N ARG A 567 2.19 -13.94 27.77
CA ARG A 567 1.06 -13.18 27.26
C ARG A 567 0.86 -11.88 28.01
N GLY A 568 1.76 -11.54 28.92
CA GLY A 568 1.67 -10.32 29.69
C GLY A 568 2.46 -9.18 29.10
N PHE A 569 3.73 -9.41 28.83
CA PHE A 569 4.58 -8.42 28.16
C PHE A 569 4.06 -8.14 26.75
N GLN A 570 4.24 -6.89 26.31
CA GLN A 570 3.93 -6.58 24.92
C GLN A 570 4.88 -7.30 23.98
N SER A 571 6.16 -7.36 24.35
CA SER A 571 7.17 -7.92 23.46
C SER A 571 7.10 -9.44 23.39
N MET A 572 6.36 -10.07 24.30
CA MET A 572 6.21 -11.52 24.23
C MET A 572 4.77 -11.92 23.99
N GLY A 573 3.83 -11.08 24.42
CA GLY A 573 2.42 -11.42 24.28
C GLY A 573 1.99 -11.50 22.84
N MET A 574 2.60 -10.69 21.98
CA MET A 574 2.37 -10.86 20.57
C MET A 574 3.00 -12.13 20.05
N TYR A 575 3.96 -12.69 20.75
CA TYR A 575 4.82 -13.65 20.10
C TYR A 575 4.21 -15.05 20.12
N SER A 576 3.66 -15.48 21.25
CA SER A 576 3.12 -16.82 21.35
C SER A 576 1.83 -17.05 20.59
N VAL A 577 1.17 -15.98 20.16
CA VAL A 577 0.01 -16.16 19.30
C VAL A 577 0.43 -16.67 17.94
N MET A 578 1.59 -16.20 17.48
CA MET A 578 2.00 -16.45 16.11
C MET A 578 2.37 -17.90 15.89
N ILE A 579 2.98 -18.54 16.88
CA ILE A 579 3.16 -19.98 16.79
C ILE A 579 1.87 -20.71 17.09
N GLN A 580 0.92 -20.07 17.78
CA GLN A 580 -0.32 -20.77 17.99
C GLN A 580 -1.19 -20.67 16.75
N LYS A 581 -1.18 -19.52 16.10
CA LYS A 581 -2.12 -19.26 15.03
C LYS A 581 -1.63 -19.85 13.72
N VAL A 582 -0.46 -19.41 13.28
CA VAL A 582 -0.05 -19.63 11.90
C VAL A 582 0.35 -21.08 11.69
N ILE A 583 0.83 -21.74 12.74
CA ILE A 583 1.30 -23.10 12.60
C ILE A 583 0.13 -24.04 12.47
N LEU A 584 -0.90 -23.80 13.27
CA LEU A 584 -2.18 -24.43 13.02
C LEU A 584 -2.79 -23.96 11.72
N HIS A 585 -2.49 -22.75 11.28
CA HIS A 585 -3.04 -22.28 10.01
C HIS A 585 -2.35 -22.96 8.84
N ASP A 586 -1.05 -22.73 8.66
CA ASP A 586 -0.40 -23.15 7.42
C ASP A 586 0.13 -24.58 7.48
N VAL A 587 0.76 -24.95 8.58
CA VAL A 587 1.53 -26.20 8.59
C VAL A 587 0.59 -27.40 8.62
N LEU A 588 -0.60 -27.22 9.17
CA LEU A 588 -1.60 -28.26 9.03
C LEU A 588 -2.04 -28.38 7.58
N LYS A 589 -2.08 -27.27 6.84
CA LYS A 589 -2.43 -27.35 5.43
C LYS A 589 -1.32 -28.02 4.64
N PHE A 590 -0.08 -27.72 4.98
CA PHE A 590 1.02 -28.19 4.15
C PHE A 590 1.24 -29.67 4.30
N LEU A 591 1.09 -30.20 5.51
CA LEU A 591 1.24 -31.63 5.73
C LEU A 591 -0.05 -32.41 5.50
N PHE A 592 -1.04 -31.82 4.84
CA PHE A 592 -2.00 -32.63 4.08
C PHE A 592 -1.63 -32.72 2.63
N VAL A 593 -0.48 -32.18 2.24
CA VAL A 593 0.00 -32.24 0.88
C VAL A 593 1.37 -32.89 0.81
N TYR A 594 2.27 -32.52 1.72
CA TYR A 594 3.64 -32.94 1.60
C TYR A 594 3.82 -34.42 1.90
N ILE A 595 2.97 -34.97 2.76
CA ILE A 595 2.99 -36.40 2.99
C ILE A 595 2.58 -37.15 1.73
N LEU A 596 1.65 -36.57 0.97
CA LEU A 596 1.16 -37.21 -0.25
C LEU A 596 2.25 -37.32 -1.30
N PHE A 597 3.17 -36.37 -1.33
CA PHE A 597 4.38 -36.59 -2.12
C PHE A 597 5.27 -37.63 -1.45
N LEU A 598 5.47 -37.48 -0.15
CA LEU A 598 6.39 -38.34 0.56
C LEU A 598 5.88 -39.76 0.66
N LEU A 599 4.56 -39.96 0.63
CA LEU A 599 4.06 -41.33 0.54
C LEU A 599 4.24 -41.85 -0.88
N GLY A 600 4.31 -40.96 -1.85
CA GLY A 600 4.42 -41.38 -3.23
C GLY A 600 5.83 -41.68 -3.65
N PHE A 601 6.73 -40.71 -3.43
CA PHE A 601 8.10 -40.86 -3.87
C PHE A 601 8.85 -41.93 -3.09
N GLY A 602 8.40 -42.24 -1.87
CA GLY A 602 9.15 -43.15 -1.04
C GLY A 602 9.06 -44.60 -1.50
N VAL A 603 7.85 -45.04 -1.86
CA VAL A 603 7.70 -46.39 -2.38
C VAL A 603 8.37 -46.49 -3.73
N ALA A 604 8.31 -45.41 -4.50
CA ALA A 604 9.09 -45.28 -5.71
C ALA A 604 10.57 -45.40 -5.44
N LEU A 605 11.03 -44.83 -4.34
CA LEU A 605 12.44 -44.95 -4.02
C LEU A 605 12.72 -46.36 -3.50
N ALA A 606 11.85 -46.89 -2.66
CA ALA A 606 12.17 -48.13 -1.96
C ALA A 606 12.01 -49.37 -2.82
N SER A 607 11.33 -49.27 -3.96
CA SER A 607 11.14 -50.46 -4.76
C SER A 607 12.36 -50.81 -5.57
N LEU A 608 13.23 -49.85 -5.83
CA LEU A 608 14.35 -50.04 -6.75
C LEU A 608 15.64 -50.33 -6.01
N ILE A 609 15.64 -51.45 -5.27
CA ILE A 609 16.86 -51.93 -4.63
C ILE A 609 17.13 -53.41 -4.84
N GLU A 610 16.12 -54.20 -5.23
CA GLU A 610 16.12 -55.67 -5.49
C GLU A 610 16.75 -56.51 -4.38
N LYS A 611 16.84 -55.95 -3.17
CA LYS A 611 17.22 -56.53 -1.87
C LYS A 611 18.69 -56.93 -1.78
N CYS A 612 19.30 -57.29 -2.90
CA CYS A 612 20.68 -57.09 -3.35
C CYS A 612 21.82 -57.51 -2.42
N SER A 613 21.60 -57.50 -1.10
CA SER A 613 22.66 -57.89 -0.21
C SER A 613 22.13 -58.52 1.07
N LYS A 614 20.91 -58.12 1.44
CA LYS A 614 20.35 -58.24 2.79
C LYS A 614 21.36 -57.77 3.85
N ASP A 615 21.61 -56.46 3.78
CA ASP A 615 22.31 -55.67 4.80
C ASP A 615 23.74 -56.17 5.02
N LYS A 616 24.45 -56.37 3.92
CA LYS A 616 25.87 -56.65 3.97
C LYS A 616 26.60 -55.70 3.03
N LYS A 617 25.88 -55.19 2.02
CA LYS A 617 26.45 -54.21 1.11
C LYS A 617 25.57 -52.96 1.00
N ASP A 618 24.24 -53.10 1.07
CA ASP A 618 23.37 -51.93 1.06
C ASP A 618 23.18 -51.33 2.46
N CYS A 619 24.08 -51.64 3.39
CA CYS A 619 24.13 -50.92 4.65
C CYS A 619 24.42 -49.44 4.44
N SER A 620 25.20 -49.12 3.42
CA SER A 620 25.40 -47.73 3.00
C SER A 620 24.41 -47.34 1.91
N SER A 621 23.13 -47.63 2.14
CA SER A 621 22.11 -47.40 1.13
C SER A 621 20.74 -47.36 1.81
N TYR A 622 19.71 -47.55 1.02
CA TYR A 622 18.34 -47.58 1.47
C TYR A 622 17.97 -49.01 1.85
N GLY A 623 16.69 -49.31 1.95
CA GLY A 623 16.23 -50.57 2.51
C GLY A 623 14.72 -50.64 2.51
N SER A 624 14.13 -50.98 3.65
CA SER A 624 12.68 -50.95 3.78
C SER A 624 12.15 -49.53 3.65
N PHE A 625 10.81 -49.44 3.54
CA PHE A 625 10.14 -48.19 3.23
C PHE A 625 10.38 -47.12 4.26
N SER A 626 10.50 -47.50 5.53
CA SER A 626 10.77 -46.51 6.56
C SER A 626 12.17 -45.94 6.44
N ASP A 627 13.09 -46.69 5.86
CA ASP A 627 14.48 -46.28 5.83
C ASP A 627 14.76 -45.19 4.79
N ALA A 628 13.87 -45.03 3.82
CA ALA A 628 14.06 -43.98 2.83
C ALA A 628 13.31 -42.71 3.22
N VAL A 629 12.30 -42.84 4.07
CA VAL A 629 11.53 -41.69 4.53
C VAL A 629 12.40 -40.72 5.29
N LEU A 630 13.21 -41.26 6.21
CA LEU A 630 14.03 -40.41 7.05
C LEU A 630 15.26 -39.91 6.31
N GLU A 631 15.43 -40.32 5.05
CA GLU A 631 16.44 -39.72 4.21
C GLU A 631 15.85 -38.67 3.28
N LEU A 632 14.65 -38.92 2.76
CA LEU A 632 14.01 -37.91 1.94
C LEU A 632 13.59 -36.72 2.78
N PHE A 633 13.12 -36.97 3.99
CA PHE A 633 12.84 -35.88 4.90
C PHE A 633 14.12 -35.19 5.33
N LYS A 634 15.21 -35.96 5.39
CA LYS A 634 16.52 -35.35 5.60
C LYS A 634 16.91 -34.49 4.42
N LEU A 635 16.58 -34.93 3.21
CA LEU A 635 16.82 -34.12 2.02
C LEU A 635 15.89 -32.93 1.97
N THR A 636 14.72 -33.05 2.58
CA THR A 636 13.78 -31.94 2.62
C THR A 636 14.34 -30.79 3.44
N ILE A 637 15.04 -31.10 4.52
CA ILE A 637 15.51 -30.05 5.38
C ILE A 637 16.81 -29.44 4.89
N GLY A 638 17.44 -30.07 3.91
CA GLY A 638 18.74 -29.66 3.47
C GLY A 638 19.87 -30.45 4.06
N LEU A 639 19.70 -31.75 4.28
CA LEU A 639 20.75 -32.58 4.84
C LEU A 639 20.78 -33.91 4.08
N GLY A 640 21.82 -34.68 4.32
CA GLY A 640 21.98 -35.93 3.60
C GLY A 640 22.92 -35.81 2.42
N ASP A 641 23.13 -36.96 1.76
CA ASP A 641 24.02 -37.05 0.62
C ASP A 641 23.30 -37.76 -0.53
N LEU A 642 23.96 -37.79 -1.69
CA LEU A 642 23.27 -38.14 -2.92
C LEU A 642 23.94 -39.24 -3.75
N ASN A 643 25.24 -39.47 -3.62
CA ASN A 643 25.92 -40.41 -4.52
C ASN A 643 25.78 -41.84 -4.03
N ILE A 644 24.54 -42.27 -3.90
CA ILE A 644 24.20 -43.57 -3.35
C ILE A 644 23.30 -44.20 -4.41
N GLN A 645 23.92 -44.90 -5.36
CA GLN A 645 23.22 -45.46 -6.49
C GLN A 645 23.63 -46.91 -6.68
N GLN A 646 24.25 -47.48 -5.66
CA GLN A 646 25.02 -48.69 -5.83
C GLN A 646 24.13 -49.91 -6.01
N ASN A 647 22.90 -49.84 -5.52
CA ASN A 647 21.94 -50.92 -5.72
C ASN A 647 20.61 -50.28 -6.14
N SER A 648 20.47 -50.06 -7.43
CA SER A 648 19.29 -49.42 -7.98
C SER A 648 18.71 -50.12 -9.19
N THR A 649 19.50 -50.97 -9.87
CA THR A 649 19.16 -51.86 -10.98
C THR A 649 18.92 -51.08 -12.27
N TYR A 650 18.76 -49.76 -12.18
CA TYR A 650 18.69 -48.89 -13.33
C TYR A 650 19.02 -47.47 -12.85
N PRO A 651 20.29 -47.13 -12.78
CA PRO A 651 20.71 -45.97 -11.98
C PRO A 651 20.61 -44.64 -12.68
N ILE A 652 19.56 -44.40 -13.47
CA ILE A 652 19.21 -43.06 -13.89
C ILE A 652 17.78 -42.71 -13.49
N LEU A 653 16.86 -43.67 -13.62
CA LEU A 653 15.50 -43.45 -13.19
C LEU A 653 15.42 -43.35 -11.68
N PHE A 654 16.32 -44.03 -10.98
CA PHE A 654 16.54 -43.74 -9.58
C PHE A 654 16.99 -42.30 -9.38
N LEU A 655 17.90 -41.84 -10.22
CA LEU A 655 18.40 -40.49 -10.06
C LEU A 655 17.39 -39.47 -10.54
N PHE A 656 16.75 -39.75 -11.66
CA PHE A 656 15.77 -38.81 -12.21
C PHE A 656 14.59 -38.64 -11.28
N LEU A 657 14.20 -39.70 -10.58
CA LEU A 657 13.16 -39.54 -9.58
C LEU A 657 13.67 -38.74 -8.40
N LEU A 658 14.94 -38.91 -8.06
CA LEU A 658 15.47 -38.24 -6.89
C LEU A 658 15.65 -36.75 -7.14
N ILE A 659 16.24 -36.39 -8.27
CA ILE A 659 16.46 -34.99 -8.60
C ILE A 659 15.12 -34.28 -8.77
N THR A 660 14.13 -34.98 -9.33
CA THR A 660 12.80 -34.40 -9.45
C THR A 660 12.19 -34.19 -8.08
N TYR A 661 12.49 -35.08 -7.14
CA TYR A 661 11.98 -34.90 -5.80
C TYR A 661 12.61 -33.70 -5.12
N VAL A 662 13.93 -33.60 -5.19
CA VAL A 662 14.64 -32.53 -4.50
C VAL A 662 14.30 -31.18 -5.10
N ILE A 663 14.16 -31.13 -6.42
CA ILE A 663 13.78 -29.88 -7.05
C ILE A 663 12.31 -29.59 -6.80
N LEU A 664 11.55 -30.58 -6.35
CA LEU A 664 10.17 -30.31 -5.98
C LEU A 664 10.08 -29.78 -4.57
N THR A 665 10.63 -30.49 -3.60
CA THR A 665 10.33 -30.10 -2.24
C THR A 665 11.20 -28.96 -1.71
N PHE A 666 12.52 -29.00 -1.89
CA PHE A 666 13.33 -27.98 -1.25
C PHE A 666 13.42 -26.72 -2.06
N VAL A 667 13.43 -26.83 -3.38
CA VAL A 667 13.47 -25.63 -4.18
C VAL A 667 12.14 -24.90 -4.05
N LEU A 668 11.04 -25.64 -4.01
CA LEU A 668 9.75 -25.01 -4.15
C LEU A 668 8.92 -25.07 -2.88
N LEU A 669 8.62 -26.27 -2.41
CA LEU A 669 7.54 -26.44 -1.44
C LEU A 669 7.94 -25.94 -0.07
N LEU A 670 9.17 -26.22 0.33
CA LEU A 670 9.66 -25.64 1.57
C LEU A 670 9.74 -24.13 1.45
N ASN A 671 10.15 -23.64 0.30
CA ASN A 671 10.10 -22.20 0.09
C ASN A 671 8.70 -21.70 -0.14
N MET A 672 7.79 -22.56 -0.60
CA MET A 672 6.39 -22.18 -0.73
C MET A 672 5.78 -21.89 0.63
N LEU A 673 6.11 -22.71 1.61
CA LEU A 673 5.48 -22.55 2.91
C LEU A 673 6.01 -21.32 3.64
N ILE A 674 7.23 -20.90 3.32
CA ILE A 674 7.75 -19.74 4.03
C ILE A 674 7.16 -18.48 3.46
N ALA A 675 6.84 -18.48 2.17
CA ALA A 675 6.15 -17.34 1.59
C ALA A 675 4.76 -17.19 2.16
N LEU A 676 4.06 -18.30 2.41
CA LEU A 676 2.79 -18.22 3.09
C LEU A 676 2.97 -17.89 4.56
N MET A 677 4.13 -18.24 5.13
CA MET A 677 4.40 -17.94 6.52
C MET A 677 4.53 -16.45 6.74
N GLY A 678 5.45 -15.82 6.00
CA GLY A 678 5.79 -14.43 6.24
C GLY A 678 4.68 -13.45 5.92
N GLU A 679 3.75 -13.83 5.04
CA GLU A 679 2.63 -12.95 4.78
C GLU A 679 1.66 -12.98 5.96
N THR A 680 1.44 -14.15 6.53
CA THR A 680 0.52 -14.27 7.64
C THR A 680 1.10 -13.62 8.88
N VAL A 681 2.41 -13.76 9.06
CA VAL A 681 3.14 -13.09 10.13
C VAL A 681 2.99 -11.58 10.02
N GLU A 682 3.12 -11.05 8.80
CA GLU A 682 3.01 -9.62 8.60
C GLU A 682 1.60 -9.12 8.87
N ASN A 683 0.60 -9.97 8.70
CA ASN A 683 -0.74 -9.61 9.14
C ASN A 683 -0.79 -9.51 10.64
N VAL A 684 -0.19 -10.46 11.33
CA VAL A 684 -0.26 -10.49 12.78
C VAL A 684 0.61 -9.41 13.40
N SER A 685 1.76 -9.10 12.79
CA SER A 685 2.64 -8.07 13.32
C SER A 685 1.98 -6.69 13.30
N LYS A 686 1.05 -6.50 12.37
CA LYS A 686 0.21 -5.31 12.42
C LYS A 686 -0.74 -5.35 13.60
N GLU A 687 -1.38 -6.48 13.84
CA GLU A 687 -2.39 -6.61 14.88
C GLU A 687 -1.66 -7.06 16.14
N SER A 688 -1.01 -6.13 16.81
CA SER A 688 -0.25 -6.46 18.00
C SER A 688 -1.01 -6.14 19.28
N GLU A 689 -1.45 -4.90 19.43
CA GLU A 689 -2.08 -4.46 20.66
C GLU A 689 -3.44 -5.11 20.87
N ARG A 690 -4.12 -5.50 19.79
CA ARG A 690 -5.45 -6.08 19.92
C ARG A 690 -5.39 -7.43 20.62
N ILE A 691 -4.36 -8.21 20.35
CA ILE A 691 -4.25 -9.46 21.07
C ILE A 691 -3.53 -9.27 22.39
N TRP A 692 -2.83 -8.16 22.59
CA TRP A 692 -2.06 -8.03 23.80
C TRP A 692 -2.92 -7.65 24.98
N ARG A 693 -3.84 -6.70 24.78
CA ARG A 693 -4.77 -6.35 25.85
C ARG A 693 -5.66 -7.53 26.21
N LEU A 694 -6.08 -8.31 25.21
CA LEU A 694 -7.15 -9.27 25.39
C LEU A 694 -6.71 -10.44 26.25
N GLN A 695 -5.47 -10.89 26.08
CA GLN A 695 -4.98 -11.99 26.89
C GLN A 695 -4.83 -11.57 28.34
N ARG A 696 -4.45 -10.31 28.57
CA ARG A 696 -4.47 -9.76 29.91
C ARG A 696 -5.88 -9.73 30.45
N ALA A 697 -6.83 -9.31 29.63
CA ALA A 697 -8.22 -9.32 30.02
C ALA A 697 -8.76 -10.73 30.19
N ARG A 698 -8.19 -11.69 29.49
CA ARG A 698 -8.64 -13.07 29.62
C ARG A 698 -8.31 -13.62 30.99
N THR A 699 -7.06 -13.51 31.40
CA THR A 699 -6.62 -14.16 32.61
C THR A 699 -7.08 -13.45 33.87
N ILE A 700 -7.38 -12.16 33.78
CA ILE A 700 -7.67 -11.41 34.99
C ILE A 700 -9.03 -11.83 35.54
N LEU A 701 -9.96 -12.20 34.69
CA LEU A 701 -11.21 -12.72 35.18
C LEU A 701 -11.04 -14.13 35.71
N GLU A 702 -10.14 -14.89 35.09
CA GLU A 702 -9.82 -16.22 35.57
C GLU A 702 -9.21 -16.15 36.95
N PHE A 703 -8.34 -15.16 37.19
CA PHE A 703 -7.88 -14.94 38.54
C PHE A 703 -8.98 -14.40 39.43
N GLU A 704 -9.85 -13.56 38.89
CA GLU A 704 -10.97 -13.07 39.68
C GLU A 704 -11.97 -14.19 39.94
N LYS A 705 -12.01 -15.20 39.07
CA LYS A 705 -12.78 -16.39 39.37
C LYS A 705 -12.19 -17.12 40.58
N MET A 706 -10.87 -17.06 40.74
CA MET A 706 -10.20 -17.68 41.87
C MET A 706 -10.08 -16.65 43.00
N LEU A 707 -11.23 -16.36 43.61
CA LEU A 707 -11.25 -15.42 44.73
C LEU A 707 -12.49 -15.64 45.60
N PRO A 708 -12.37 -16.41 46.68
CA PRO A 708 -13.53 -16.62 47.56
C PRO A 708 -13.62 -15.63 48.70
N GLU A 709 -14.80 -15.02 48.88
CA GLU A 709 -15.32 -14.57 50.18
C GLU A 709 -14.62 -13.36 50.77
N TRP A 710 -13.46 -12.99 50.24
CA TRP A 710 -12.64 -11.94 50.81
C TRP A 710 -12.38 -10.95 49.69
N LEU A 711 -13.35 -10.08 49.49
CA LEU A 711 -13.41 -9.25 48.30
C LEU A 711 -13.85 -7.83 48.62
N ARG A 712 -13.90 -7.46 49.89
CA ARG A 712 -14.40 -6.14 50.25
C ARG A 712 -13.41 -5.05 49.84
N SER A 713 -12.11 -5.28 50.07
CA SER A 713 -11.12 -4.32 49.61
C SER A 713 -10.98 -4.37 48.10
N ARG A 714 -11.31 -5.49 47.49
CA ARG A 714 -11.19 -5.61 46.05
C ARG A 714 -12.55 -5.35 45.42
N PHE A 715 -12.96 -4.10 45.53
CA PHE A 715 -14.21 -3.55 45.01
C PHE A 715 -13.93 -2.24 44.28
N ARG A 716 -14.99 -1.47 44.00
CA ARG A 716 -14.82 -0.21 43.27
C ARG A 716 -15.96 0.76 43.63
N MET A 717 -15.70 1.59 44.64
CA MET A 717 -16.41 2.86 44.89
C MET A 717 -17.92 2.66 45.08
N GLY A 718 -18.27 2.06 46.21
CA GLY A 718 -19.66 1.77 46.48
C GLY A 718 -20.46 2.93 47.05
N GLU A 719 -21.78 2.70 47.13
CA GLU A 719 -22.74 3.52 47.90
C GLU A 719 -22.78 4.97 47.42
N LEU A 720 -23.30 5.18 46.22
CA LEU A 720 -23.45 6.53 45.69
C LEU A 720 -24.88 6.81 45.26
N CYS A 721 -25.42 7.93 45.74
CA CYS A 721 -26.70 8.47 45.33
C CYS A 721 -26.53 9.55 44.28
N LYS A 722 -27.64 9.89 43.62
CA LYS A 722 -27.57 11.01 42.68
C LYS A 722 -27.72 12.33 43.44
N VAL A 723 -28.92 12.64 43.92
CA VAL A 723 -29.10 13.64 44.96
C VAL A 723 -30.09 13.22 46.06
N ALA A 724 -31.08 12.39 45.72
CA ALA A 724 -32.39 12.50 46.36
C ALA A 724 -32.72 11.35 47.31
N ASP A 725 -32.71 10.12 46.82
CA ASP A 725 -33.02 8.94 47.62
C ASP A 725 -31.74 8.48 48.33
N GLU A 726 -31.69 7.21 48.70
CA GLU A 726 -30.43 6.59 49.09
C GLU A 726 -29.58 6.32 47.86
N ASP A 727 -28.54 5.50 48.01
CA ASP A 727 -27.60 5.27 46.92
C ASP A 727 -28.26 4.57 45.73
N PHE A 728 -28.51 5.37 44.68
CA PHE A 728 -29.12 4.86 43.45
C PHE A 728 -28.21 3.84 42.80
N ARG A 729 -26.97 4.22 42.52
CA ARG A 729 -26.06 3.34 41.81
C ARG A 729 -24.63 3.77 42.13
N LEU A 730 -23.78 2.80 42.41
CA LEU A 730 -22.38 3.09 42.67
C LEU A 730 -21.70 3.44 41.37
N CYS A 731 -20.69 4.29 41.44
CA CYS A 731 -20.10 4.81 40.22
C CYS A 731 -18.60 4.59 40.20
N LEU A 732 -17.98 5.09 39.15
CA LEU A 732 -16.54 5.17 39.06
C LEU A 732 -16.12 6.62 38.82
N ARG A 733 -14.84 6.82 38.56
CA ARG A 733 -14.26 8.13 38.76
C ARG A 733 -13.66 8.69 37.47
N ILE A 734 -12.98 9.82 37.64
CA ILE A 734 -12.84 10.86 36.62
C ILE A 734 -11.85 10.45 35.54
N ASN A 735 -11.79 11.23 34.47
CA ASN A 735 -10.96 10.93 33.32
C ASN A 735 -10.32 12.22 32.84
N GLU A 736 -9.67 12.16 31.68
CA GLU A 736 -9.14 13.34 31.03
C GLU A 736 -9.01 13.07 29.54
N VAL A 737 -9.09 14.14 28.77
CA VAL A 737 -8.93 14.08 27.31
C VAL A 737 -8.43 15.42 26.80
N LYS A 738 -7.30 15.41 26.08
CA LYS A 738 -6.69 16.67 25.67
C LYS A 738 -7.11 16.95 24.24
N TRP A 739 -8.38 17.30 24.07
CA TRP A 739 -8.86 17.84 22.81
C TRP A 739 -9.77 19.03 23.02
N THR A 740 -9.37 19.94 23.91
CA THR A 740 -9.92 21.29 23.92
C THR A 740 -9.62 22.01 22.61
N GLU A 741 -8.58 21.57 21.91
CA GLU A 741 -8.24 22.00 20.57
C GLU A 741 -9.38 21.77 19.60
N TRP A 742 -9.98 22.88 19.18
CA TRP A 742 -10.84 22.92 18.01
C TRP A 742 -10.82 24.34 17.45
N LYS A 743 -11.77 24.63 16.57
CA LYS A 743 -11.90 25.94 15.94
C LYS A 743 -13.31 26.47 16.14
N THR A 744 -13.43 27.45 17.02
CA THR A 744 -14.67 28.21 17.15
C THR A 744 -14.43 29.70 17.31
N HIS A 745 -13.17 30.15 17.36
CA HIS A 745 -12.75 31.54 17.59
C HIS A 745 -13.36 32.14 18.85
N SER B 85 -1.81 -4.43 -33.08
CA SER B 85 -1.01 -3.25 -32.78
C SER B 85 -0.63 -2.36 -34.00
N PRO B 86 -0.37 -2.90 -35.20
CA PRO B 86 -0.38 -2.03 -36.39
C PRO B 86 -1.81 -1.64 -36.75
N GLN B 87 -1.92 -0.65 -37.62
CA GLN B 87 -3.23 -0.21 -38.09
C GLN B 87 -3.49 -0.71 -39.52
N SER B 88 -2.62 -0.33 -40.46
CA SER B 88 -2.59 -0.79 -41.85
C SER B 88 -3.90 -0.51 -42.59
N PRO B 89 -4.15 0.73 -43.00
CA PRO B 89 -5.37 1.01 -43.78
C PRO B 89 -5.31 0.50 -45.21
N GLN B 90 -4.11 0.12 -45.68
CA GLN B 90 -3.82 -0.71 -46.83
C GLN B 90 -4.04 -0.06 -48.20
N ASP B 91 -4.67 1.11 -48.25
CA ASP B 91 -4.89 1.84 -49.51
C ASP B 91 -5.52 3.17 -49.14
N ASP B 92 -5.26 4.17 -50.00
CA ASP B 92 -6.20 5.24 -50.43
C ASP B 92 -7.13 5.71 -49.33
N VAL B 93 -6.51 6.29 -48.29
CA VAL B 93 -7.03 6.29 -46.93
C VAL B 93 -8.44 6.88 -46.82
N THR B 94 -8.63 8.15 -47.20
CA THR B 94 -9.63 8.75 -48.10
C THR B 94 -9.41 10.24 -47.84
N GLU B 95 -9.79 11.13 -48.77
CA GLU B 95 -9.79 12.59 -48.58
C GLU B 95 -8.37 13.11 -48.27
N THR B 96 -7.57 13.05 -49.26
CA THR B 96 -6.26 13.63 -49.07
C THR B 96 -6.18 15.02 -49.70
N PRO B 97 -5.42 15.94 -49.13
CA PRO B 97 -5.12 17.18 -49.85
C PRO B 97 -4.14 16.98 -50.99
N SER B 98 -3.23 16.01 -50.87
CA SER B 98 -2.25 15.74 -51.92
C SER B 98 -2.91 15.00 -53.07
N ASN B 99 -3.09 15.68 -54.19
CA ASN B 99 -3.94 15.15 -55.25
C ASN B 99 -3.15 15.00 -56.54
N PRO B 100 -3.01 13.78 -57.06
CA PRO B 100 -2.35 13.59 -58.37
C PRO B 100 -3.25 13.92 -59.55
N ASN B 101 -2.80 13.58 -60.75
CA ASN B 101 -3.54 13.82 -61.99
C ASN B 101 -3.83 12.49 -62.69
N SER B 102 -4.25 11.49 -61.93
CA SER B 102 -4.51 10.17 -62.51
C SER B 102 -5.88 10.00 -63.18
N PRO B 103 -7.05 10.38 -62.56
CA PRO B 103 -8.33 10.09 -63.24
C PRO B 103 -8.66 11.05 -64.38
N SER B 104 -8.26 12.32 -64.22
CA SER B 104 -8.57 13.32 -65.24
C SER B 104 -7.70 13.19 -66.49
N ALA B 105 -6.65 12.36 -66.44
CA ALA B 105 -5.84 12.15 -67.64
C ALA B 105 -6.54 11.28 -68.66
N ASN B 106 -7.49 10.45 -68.21
CA ASN B 106 -8.22 9.61 -69.16
C ASN B 106 -9.30 10.40 -69.90
N LEU B 107 -9.98 11.31 -69.21
CA LEU B 107 -11.00 12.16 -69.83
C LEU B 107 -10.33 13.48 -70.19
N ALA B 108 -9.79 13.56 -71.41
CA ALA B 108 -9.20 14.82 -71.84
C ALA B 108 -10.25 15.90 -72.03
N LYS B 109 -11.04 15.78 -73.11
CA LYS B 109 -12.16 16.66 -73.52
C LYS B 109 -11.91 18.14 -73.25
N GLU B 110 -10.80 18.65 -73.79
CA GLU B 110 -10.26 19.96 -73.43
C GLU B 110 -10.65 21.01 -74.47
N GLU B 111 -11.09 22.18 -73.99
CA GLU B 111 -11.41 23.27 -74.91
C GLU B 111 -10.70 24.57 -74.53
N GLN B 112 -10.41 24.78 -73.24
CA GLN B 112 -9.76 26.02 -72.81
C GLN B 112 -8.86 25.70 -71.61
N ARG B 113 -7.62 25.33 -71.92
CA ARG B 113 -6.38 25.16 -71.12
C ARG B 113 -6.45 24.02 -70.12
N GLN B 114 -7.67 23.64 -69.73
CA GLN B 114 -8.18 22.32 -69.39
C GLN B 114 -9.67 22.59 -69.19
N LYS B 115 -10.55 21.85 -69.86
CA LYS B 115 -11.95 22.22 -69.81
C LYS B 115 -12.60 21.74 -68.52
N LYS B 116 -12.23 20.55 -68.07
CA LYS B 116 -13.00 19.84 -67.06
C LYS B 116 -12.28 19.66 -65.74
N LYS B 117 -10.96 19.50 -65.73
CA LYS B 117 -10.25 19.41 -64.46
C LYS B 117 -10.14 20.77 -63.82
N ARG B 118 -10.12 21.84 -64.64
CA ARG B 118 -10.34 23.17 -64.12
C ARG B 118 -11.81 23.39 -63.75
N LEU B 119 -12.70 22.49 -64.17
CA LEU B 119 -14.06 22.57 -63.67
C LEU B 119 -14.23 21.64 -62.47
N LYS B 120 -13.65 20.44 -62.52
CA LYS B 120 -13.91 19.43 -61.50
C LYS B 120 -13.24 19.77 -60.18
N LYS B 121 -11.97 20.14 -60.23
CA LYS B 121 -11.23 20.43 -59.01
C LYS B 121 -11.73 21.70 -58.35
N ARG B 122 -12.19 22.67 -59.14
CA ARG B 122 -12.69 23.91 -58.56
C ARG B 122 -14.03 23.69 -57.85
N ILE B 123 -14.77 22.66 -58.24
CA ILE B 123 -15.95 22.28 -57.46
C ILE B 123 -15.53 21.84 -56.07
N PHE B 124 -14.46 21.03 -56.02
CA PHE B 124 -14.02 20.40 -54.78
C PHE B 124 -13.59 21.41 -53.74
N ALA B 125 -12.71 22.33 -54.14
CA ALA B 125 -12.16 23.29 -53.18
C ALA B 125 -13.21 24.29 -52.75
N ALA B 126 -14.10 24.69 -53.66
CA ALA B 126 -15.21 25.55 -53.28
C ALA B 126 -16.16 24.85 -52.33
N VAL B 127 -16.33 23.54 -52.51
CA VAL B 127 -16.94 22.74 -51.46
C VAL B 127 -16.04 22.66 -50.25
N SER B 128 -14.73 22.46 -50.48
CA SER B 128 -13.81 22.24 -49.36
C SER B 128 -13.62 23.50 -48.54
N GLU B 129 -13.83 24.67 -49.13
CA GLU B 129 -13.80 25.92 -48.37
C GLU B 129 -15.19 26.31 -47.92
N GLY B 130 -16.12 26.45 -48.87
CA GLY B 130 -17.47 26.87 -48.54
C GLY B 130 -17.84 28.19 -49.15
N CYS B 131 -17.04 28.64 -50.13
CA CYS B 131 -17.36 29.87 -50.82
C CYS B 131 -18.56 29.67 -51.73
N VAL B 132 -19.60 30.48 -51.52
CA VAL B 132 -20.90 30.21 -52.11
C VAL B 132 -20.98 30.73 -53.53
N GLU B 133 -20.71 32.03 -53.72
CA GLU B 133 -20.96 32.65 -55.02
C GLU B 133 -19.96 32.19 -56.07
N GLU B 134 -18.74 31.83 -55.65
CA GLU B 134 -17.83 31.12 -56.51
C GLU B 134 -18.41 29.79 -56.94
N LEU B 135 -19.05 29.09 -56.01
CA LEU B 135 -19.64 27.81 -56.34
C LEU B 135 -20.89 27.98 -57.20
N ARG B 136 -21.61 29.11 -57.05
CA ARG B 136 -22.80 29.36 -57.86
C ARG B 136 -22.48 29.47 -59.33
N GLU B 137 -21.35 30.08 -59.65
CA GLU B 137 -20.96 30.21 -61.05
C GLU B 137 -20.35 28.92 -61.56
N LEU B 138 -19.68 28.15 -60.70
CA LEU B 138 -19.13 26.88 -61.12
C LEU B 138 -20.21 25.86 -61.42
N LEU B 139 -21.34 25.94 -60.72
CA LEU B 139 -22.46 25.09 -61.07
C LEU B 139 -23.13 25.57 -62.34
N GLN B 140 -23.02 26.86 -62.65
CA GLN B 140 -23.62 27.40 -63.86
C GLN B 140 -22.93 26.87 -65.11
N ASP B 141 -21.60 26.85 -65.11
CA ASP B 141 -20.90 26.26 -66.23
C ASP B 141 -21.00 24.74 -66.26
N LEU B 142 -21.31 24.13 -65.13
CA LEU B 142 -21.61 22.70 -65.14
C LEU B 142 -22.87 22.41 -65.93
N GLN B 143 -23.88 23.28 -65.78
CA GLN B 143 -25.05 23.22 -66.65
C GLN B 143 -24.68 23.55 -68.09
N ASP B 144 -23.77 24.50 -68.26
CA ASP B 144 -23.40 24.93 -69.60
C ASP B 144 -22.61 23.88 -70.35
N LEU B 145 -21.74 23.14 -69.66
CA LEU B 145 -21.02 22.07 -70.31
C LEU B 145 -21.94 20.89 -70.58
N CYS B 146 -22.86 20.61 -69.68
CA CYS B 146 -23.85 19.58 -69.89
C CYS B 146 -25.03 20.06 -70.73
N ARG B 147 -25.05 21.33 -71.11
CA ARG B 147 -26.02 21.79 -72.10
C ARG B 147 -25.77 21.14 -73.44
N ARG B 148 -24.54 21.21 -73.93
CA ARG B 148 -24.16 20.53 -75.16
C ARG B 148 -23.97 19.05 -74.85
N ARG B 149 -24.96 18.25 -75.17
CA ARG B 149 -24.92 16.82 -74.89
C ARG B 149 -25.81 16.11 -75.89
N ARG B 150 -25.46 14.86 -76.20
CA ARG B 150 -26.17 14.02 -77.15
C ARG B 150 -27.44 13.46 -76.54
N GLY B 151 -27.94 12.37 -77.11
CA GLY B 151 -29.24 11.83 -76.75
C GLY B 151 -29.33 11.20 -75.37
N LEU B 152 -29.90 11.97 -74.43
CA LEU B 152 -30.27 11.53 -73.07
C LEU B 152 -29.07 11.03 -72.26
N ASP B 153 -27.86 11.48 -72.59
CA ASP B 153 -26.66 11.10 -71.88
C ASP B 153 -26.28 12.12 -70.82
N VAL B 154 -27.06 13.20 -70.70
CA VAL B 154 -26.72 14.24 -69.73
C VAL B 154 -26.77 13.82 -68.26
N PRO B 155 -27.68 12.94 -67.79
CA PRO B 155 -27.56 12.60 -66.35
C PRO B 155 -26.40 11.68 -66.05
N ASP B 156 -26.14 10.72 -66.93
CA ASP B 156 -25.10 9.74 -66.66
C ASP B 156 -23.72 10.35 -66.81
N PHE B 157 -23.60 11.37 -67.65
CA PHE B 157 -22.32 12.01 -67.88
C PHE B 157 -21.86 12.78 -66.66
N LEU B 158 -22.80 13.48 -66.00
CA LEU B 158 -22.42 14.28 -64.85
C LEU B 158 -22.02 13.40 -63.67
N MET B 159 -22.55 12.19 -63.59
CA MET B 159 -22.06 11.23 -62.61
C MET B 159 -20.61 10.86 -62.92
N HIS B 160 -20.32 10.61 -64.19
CA HIS B 160 -18.93 10.34 -64.57
C HIS B 160 -18.10 11.61 -64.52
N LYS B 161 -18.76 12.77 -64.58
CA LYS B 161 -18.04 14.03 -64.39
C LYS B 161 -17.72 14.28 -62.93
N LEU B 162 -18.69 14.11 -62.05
CA LEU B 162 -18.56 14.52 -60.66
C LEU B 162 -18.11 13.39 -59.74
N THR B 163 -18.46 12.15 -60.07
CA THR B 163 -18.12 11.01 -59.24
C THR B 163 -17.25 10.07 -60.05
N ALA B 164 -17.03 8.88 -59.46
CA ALA B 164 -16.36 7.74 -60.09
C ALA B 164 -14.96 8.08 -60.53
N SER B 165 -14.30 8.95 -59.77
CA SER B 165 -13.00 9.45 -60.14
C SER B 165 -11.96 8.34 -59.97
N ASP B 166 -11.78 7.88 -58.74
CA ASP B 166 -10.89 6.76 -58.49
C ASP B 166 -11.62 5.79 -57.57
N THR B 167 -12.56 6.33 -56.80
CA THR B 167 -13.25 5.59 -55.75
C THR B 167 -14.74 5.52 -55.94
N GLY B 168 -15.35 6.56 -56.51
CA GLY B 168 -16.78 6.69 -56.55
C GLY B 168 -17.32 7.76 -55.63
N LYS B 169 -16.46 8.55 -55.00
CA LYS B 169 -16.92 9.58 -54.09
C LYS B 169 -17.58 10.73 -54.83
N THR B 170 -18.41 11.47 -54.11
CA THR B 170 -19.21 12.54 -54.66
C THR B 170 -18.75 13.87 -54.09
N CYS B 171 -19.42 14.93 -54.53
CA CYS B 171 -19.26 16.22 -53.90
C CYS B 171 -19.98 16.26 -52.56
N LEU B 172 -21.09 15.52 -52.43
CA LEU B 172 -21.80 15.45 -51.16
C LEU B 172 -20.96 14.77 -50.10
N MET B 173 -20.11 13.82 -50.51
CA MET B 173 -19.12 13.26 -49.61
C MET B 173 -18.19 14.37 -49.13
N LYS B 174 -17.56 15.07 -50.08
CA LYS B 174 -16.71 16.20 -49.77
C LYS B 174 -17.48 17.33 -49.11
N ALA B 175 -18.80 17.41 -49.36
CA ALA B 175 -19.61 18.34 -48.59
C ALA B 175 -19.75 17.90 -47.15
N LEU B 176 -19.55 16.63 -46.87
CA LEU B 176 -19.83 16.15 -45.54
C LEU B 176 -18.62 15.58 -44.84
N LEU B 177 -17.48 15.42 -45.51
CA LEU B 177 -16.29 15.00 -44.80
C LEU B 177 -15.78 16.11 -43.89
N ASN B 178 -15.69 17.32 -44.40
CA ASN B 178 -15.32 18.44 -43.57
C ASN B 178 -16.57 19.07 -43.00
N ILE B 179 -16.43 20.21 -42.34
CA ILE B 179 -17.57 21.00 -41.91
C ILE B 179 -17.13 22.46 -41.88
N ASN B 180 -18.08 23.34 -42.16
CA ASN B 180 -17.85 24.78 -42.23
C ASN B 180 -19.20 25.46 -42.05
N PRO B 181 -19.24 26.73 -41.64
CA PRO B 181 -20.55 27.36 -41.39
C PRO B 181 -21.39 27.59 -42.64
N ASN B 182 -20.85 27.37 -43.83
CA ASN B 182 -21.62 27.48 -45.05
C ASN B 182 -22.30 26.19 -45.45
N THR B 183 -22.17 25.14 -44.64
CA THR B 183 -22.43 23.78 -45.09
C THR B 183 -23.90 23.55 -45.40
N LYS B 184 -24.78 23.92 -44.48
CA LYS B 184 -26.21 23.73 -44.69
C LYS B 184 -26.72 24.58 -45.84
N GLU B 185 -26.13 25.75 -46.02
CA GLU B 185 -26.54 26.62 -47.10
C GLU B 185 -26.06 26.10 -48.45
N ILE B 186 -24.87 25.53 -48.52
CA ILE B 186 -24.39 25.11 -49.82
C ILE B 186 -25.04 23.79 -50.24
N VAL B 187 -25.42 22.97 -49.28
CA VAL B 187 -26.02 21.68 -49.59
C VAL B 187 -27.39 21.86 -50.21
N ARG B 188 -28.21 22.74 -49.63
CA ARG B 188 -29.56 22.96 -50.14
C ARG B 188 -29.52 23.63 -51.51
N ILE B 189 -28.47 24.41 -51.79
CA ILE B 189 -28.23 24.85 -53.16
C ILE B 189 -27.83 23.65 -54.01
N LEU B 190 -26.92 22.83 -53.51
CA LEU B 190 -26.46 21.67 -54.22
C LEU B 190 -27.55 20.61 -54.33
N LEU B 191 -28.46 20.57 -53.37
CA LEU B 191 -29.62 19.71 -53.49
C LEU B 191 -30.53 20.18 -54.61
N ALA B 192 -30.69 21.50 -54.75
CA ALA B 192 -31.59 22.03 -55.76
C ALA B 192 -31.04 21.88 -57.17
N PHE B 193 -29.74 21.60 -57.30
CA PHE B 193 -29.13 21.54 -58.61
C PHE B 193 -29.58 20.30 -59.39
N ALA B 194 -29.26 19.12 -58.88
CA ALA B 194 -29.64 17.89 -59.55
C ALA B 194 -31.11 17.56 -59.40
N GLU B 195 -31.86 18.36 -58.64
CA GLU B 195 -33.31 18.29 -58.68
C GLU B 195 -33.83 18.71 -60.04
N GLU B 196 -33.09 19.58 -60.76
CA GLU B 196 -33.46 19.94 -62.12
C GLU B 196 -33.38 18.75 -63.06
N ASN B 197 -32.49 17.82 -62.77
CA ASN B 197 -32.44 16.56 -63.48
C ASN B 197 -33.22 15.50 -62.70
N ASP B 198 -33.08 14.25 -63.14
CA ASP B 198 -33.93 13.15 -62.70
C ASP B 198 -33.12 12.01 -62.08
N ILE B 199 -31.98 12.32 -61.47
CA ILE B 199 -31.06 11.27 -61.07
C ILE B 199 -30.63 11.53 -59.63
N LEU B 200 -31.27 12.52 -59.00
CA LEU B 200 -30.83 12.99 -57.69
C LEU B 200 -31.07 11.95 -56.59
N ASP B 201 -32.12 11.14 -56.73
CA ASP B 201 -32.29 10.00 -55.84
C ASP B 201 -31.19 8.97 -56.03
N ARG B 202 -30.80 8.72 -57.27
CA ARG B 202 -29.62 7.89 -57.52
C ARG B 202 -28.37 8.62 -57.06
N PHE B 203 -28.33 9.94 -57.25
CA PHE B 203 -27.17 10.72 -56.88
C PHE B 203 -27.00 10.83 -55.37
N ILE B 204 -28.09 10.81 -54.61
CA ILE B 204 -27.93 10.87 -53.17
C ILE B 204 -27.55 9.51 -52.60
N ASN B 205 -27.84 8.43 -53.33
CA ASN B 205 -27.57 7.10 -52.86
C ASN B 205 -26.39 6.49 -53.60
N ALA B 206 -25.37 7.30 -53.84
CA ALA B 206 -24.14 6.77 -54.37
C ALA B 206 -23.37 6.04 -53.28
N GLU B 207 -22.56 5.08 -53.70
CA GLU B 207 -21.73 4.32 -52.79
C GLU B 207 -20.41 4.01 -53.46
N TYR B 208 -19.43 3.64 -52.64
CA TYR B 208 -18.08 3.47 -53.15
C TYR B 208 -17.94 2.21 -53.96
N THR B 209 -17.50 2.37 -55.21
CA THR B 209 -16.90 1.27 -55.94
C THR B 209 -15.53 0.93 -55.42
N GLU B 210 -14.93 1.84 -54.66
CA GLU B 210 -13.71 1.56 -53.91
C GLU B 210 -13.91 0.34 -53.03
N GLU B 211 -12.92 -0.55 -53.07
CA GLU B 211 -13.05 -1.83 -52.40
C GLU B 211 -12.97 -1.68 -50.88
N ALA B 212 -12.28 -0.64 -50.40
CA ALA B 212 -12.04 -0.49 -48.97
C ALA B 212 -13.29 -0.10 -48.22
N TYR B 213 -14.02 0.88 -48.73
CA TYR B 213 -15.20 1.41 -48.08
C TYR B 213 -16.41 1.14 -48.93
N GLU B 214 -16.48 -0.08 -49.46
CA GLU B 214 -17.48 -0.45 -50.44
C GLU B 214 -18.86 -0.40 -49.84
N GLY B 215 -19.69 0.49 -50.37
CA GLY B 215 -21.04 0.68 -49.89
C GLY B 215 -21.21 1.90 -49.00
N GLN B 216 -20.17 2.68 -48.76
CA GLN B 216 -20.31 3.86 -47.93
C GLN B 216 -21.03 4.95 -48.70
N THR B 217 -22.10 5.47 -48.13
CA THR B 217 -22.95 6.46 -48.79
C THR B 217 -22.85 7.79 -48.05
N ALA B 218 -23.62 8.76 -48.53
CA ALA B 218 -23.54 10.10 -47.98
C ALA B 218 -24.36 10.29 -46.73
N LEU B 219 -25.20 9.32 -46.39
CA LEU B 219 -26.04 9.48 -45.21
C LEU B 219 -25.22 9.37 -43.94
N ASN B 220 -24.38 8.33 -43.85
CA ASN B 220 -23.66 8.00 -42.63
C ASN B 220 -22.69 9.11 -42.27
N ILE B 221 -22.21 9.81 -43.29
CA ILE B 221 -21.23 10.85 -43.10
C ILE B 221 -21.86 12.04 -42.41
N ALA B 222 -23.12 12.32 -42.74
CA ALA B 222 -23.86 13.31 -41.97
C ALA B 222 -24.15 12.80 -40.57
N ILE B 223 -24.40 11.50 -40.44
CA ILE B 223 -24.62 10.91 -39.13
C ILE B 223 -23.32 10.91 -38.35
N GLU B 224 -22.20 10.73 -39.04
CA GLU B 224 -20.90 10.83 -38.43
C GLU B 224 -20.64 12.23 -37.89
N ARG B 225 -20.84 13.24 -38.73
CA ARG B 225 -20.53 14.59 -38.36
C ARG B 225 -21.63 15.28 -37.57
N ARG B 226 -22.65 14.51 -37.16
CA ARG B 226 -23.67 14.94 -36.21
C ARG B 226 -24.45 16.14 -36.72
N GLN B 227 -25.08 15.96 -37.87
CA GLN B 227 -25.91 16.99 -38.48
C GLN B 227 -27.26 16.38 -38.77
N GLY B 228 -28.11 16.33 -37.74
CA GLY B 228 -29.46 15.84 -37.94
C GLY B 228 -30.29 16.78 -38.79
N ASP B 229 -29.98 18.07 -38.75
CA ASP B 229 -30.69 19.04 -39.55
C ASP B 229 -30.44 18.82 -41.03
N ILE B 230 -29.19 18.51 -41.37
CA ILE B 230 -28.87 18.04 -42.72
C ILE B 230 -29.55 16.72 -42.96
N THR B 231 -29.52 15.84 -41.98
CA THR B 231 -30.11 14.52 -42.11
C THR B 231 -31.62 14.62 -42.24
N ALA B 232 -32.22 15.61 -41.58
CA ALA B 232 -33.64 15.87 -41.78
C ALA B 232 -33.94 16.24 -43.22
N VAL B 233 -33.04 16.98 -43.85
CA VAL B 233 -33.17 17.21 -45.28
C VAL B 233 -32.86 15.92 -46.04
N LEU B 234 -31.91 15.14 -45.53
CA LEU B 234 -31.57 13.89 -46.19
C LEU B 234 -32.67 12.85 -46.04
N ILE B 235 -33.36 12.87 -44.90
CA ILE B 235 -34.57 12.06 -44.80
C ILE B 235 -35.64 12.61 -45.71
N ALA B 236 -35.72 13.94 -45.82
CA ALA B 236 -36.64 14.54 -46.78
C ALA B 236 -36.17 14.34 -48.22
N ALA B 237 -34.90 14.00 -48.43
CA ALA B 237 -34.42 13.76 -49.78
C ALA B 237 -34.95 12.45 -50.34
N GLY B 238 -35.03 11.42 -49.49
CA GLY B 238 -35.53 10.14 -49.94
C GLY B 238 -34.44 9.13 -50.22
N ALA B 239 -33.46 9.04 -49.33
CA ALA B 239 -32.36 8.11 -49.48
C ALA B 239 -32.58 6.88 -48.62
N ASP B 240 -32.00 5.75 -49.04
CA ASP B 240 -32.17 4.48 -48.35
C ASP B 240 -31.46 4.53 -47.01
N VAL B 241 -32.23 4.39 -45.94
CA VAL B 241 -31.70 4.44 -44.58
C VAL B 241 -31.31 3.04 -44.15
N ASN B 242 -31.31 2.10 -45.07
CA ASN B 242 -31.05 0.71 -44.76
C ASN B 242 -29.94 0.18 -45.64
N ALA B 243 -28.90 0.98 -45.80
CA ALA B 243 -27.79 0.60 -46.65
C ALA B 243 -26.87 -0.37 -45.93
N HIS B 244 -25.88 -0.86 -46.65
CA HIS B 244 -24.95 -1.86 -46.13
C HIS B 244 -23.56 -1.51 -46.64
N ALA B 245 -22.75 -0.87 -45.78
CA ALA B 245 -21.40 -0.47 -46.15
C ALA B 245 -20.44 -1.57 -45.72
N LYS B 246 -20.42 -2.66 -46.49
CA LYS B 246 -19.71 -3.87 -46.11
C LYS B 246 -18.27 -3.90 -46.62
N GLY B 247 -17.63 -2.75 -46.73
CA GLY B 247 -16.24 -2.70 -47.16
C GLY B 247 -15.22 -3.27 -46.19
N VAL B 248 -13.95 -2.96 -46.42
CA VAL B 248 -12.86 -3.54 -45.64
C VAL B 248 -12.82 -2.94 -44.24
N PHE B 249 -13.49 -1.81 -44.02
CA PHE B 249 -13.24 -0.97 -42.86
C PHE B 249 -13.59 -1.64 -41.54
N PHE B 250 -14.56 -2.54 -41.52
CA PHE B 250 -14.75 -3.33 -40.32
C PHE B 250 -13.85 -4.57 -40.40
N ASN B 251 -13.29 -4.93 -39.28
CA ASN B 251 -12.05 -5.68 -39.30
C ASN B 251 -12.26 -7.19 -39.26
N PRO B 252 -11.26 -7.95 -39.74
CA PRO B 252 -11.20 -9.38 -39.39
C PRO B 252 -10.59 -9.63 -38.03
N LYS B 253 -9.86 -8.67 -37.48
CA LYS B 253 -9.42 -8.73 -36.10
C LYS B 253 -10.52 -8.18 -35.19
N TYR B 254 -10.18 -7.85 -33.95
CA TYR B 254 -11.20 -7.54 -32.97
C TYR B 254 -11.42 -6.05 -32.77
N GLN B 255 -10.38 -5.32 -32.35
CA GLN B 255 -10.59 -3.94 -31.94
C GLN B 255 -9.65 -2.99 -32.67
N HIS B 256 -9.30 -3.31 -33.91
CA HIS B 256 -8.27 -2.56 -34.60
C HIS B 256 -8.68 -2.38 -36.04
N GLU B 257 -7.84 -1.63 -36.77
CA GLU B 257 -7.95 -1.26 -38.18
C GLU B 257 -9.34 -0.83 -38.62
N GLY B 258 -10.08 -0.18 -37.74
CA GLY B 258 -11.41 0.25 -38.14
C GLY B 258 -12.48 -0.55 -37.43
N PHE B 259 -13.51 0.15 -36.99
CA PHE B 259 -14.46 -0.40 -36.05
C PHE B 259 -15.60 -1.14 -36.75
N TYR B 260 -16.44 -1.76 -35.93
CA TYR B 260 -17.55 -2.58 -36.37
C TYR B 260 -18.81 -2.01 -35.74
N PHE B 261 -19.38 -1.02 -36.40
CA PHE B 261 -20.70 -0.58 -35.99
C PHE B 261 -21.78 -1.47 -36.61
N GLY B 262 -21.42 -2.27 -37.60
CA GLY B 262 -22.34 -3.23 -38.15
C GLY B 262 -23.07 -2.78 -39.39
N GLU B 263 -22.41 -2.00 -40.26
CA GLU B 263 -22.77 -1.70 -41.65
C GLU B 263 -24.15 -1.08 -41.87
N THR B 264 -24.82 -0.68 -40.80
CA THR B 264 -26.18 -0.17 -40.96
C THR B 264 -26.28 1.27 -40.51
N PRO B 265 -27.04 2.08 -41.24
CA PRO B 265 -27.17 3.49 -40.87
C PRO B 265 -27.87 3.70 -39.55
N LEU B 266 -28.69 2.75 -39.13
CA LEU B 266 -29.43 2.93 -37.89
C LEU B 266 -28.55 2.78 -36.68
N ALA B 267 -27.69 1.76 -36.68
CA ALA B 267 -26.90 1.47 -35.49
C ALA B 267 -25.80 2.49 -35.28
N LEU B 268 -25.46 3.23 -36.35
CA LEU B 268 -24.41 4.23 -36.25
C LEU B 268 -24.78 5.34 -35.29
N ALA B 269 -26.05 5.78 -35.33
CA ALA B 269 -26.47 6.83 -34.41
C ALA B 269 -26.50 6.33 -32.98
N ALA B 270 -26.96 5.10 -32.81
CA ALA B 270 -27.10 4.55 -31.46
C ALA B 270 -25.75 4.27 -30.86
N CYS B 271 -24.80 3.84 -31.67
CA CYS B 271 -23.46 3.60 -31.17
C CYS B 271 -22.74 4.89 -30.86
N THR B 272 -23.15 6.03 -31.43
CA THR B 272 -22.38 7.26 -31.33
C THR B 272 -23.16 8.34 -30.57
N ASN B 273 -24.19 7.92 -29.80
CA ASN B 273 -24.88 8.76 -28.82
C ASN B 273 -25.59 9.95 -29.45
N GLN B 274 -26.49 9.67 -30.38
CA GLN B 274 -27.39 10.70 -30.92
C GLN B 274 -28.80 10.15 -30.84
N PRO B 275 -29.42 10.21 -29.66
CA PRO B 275 -30.72 9.56 -29.47
C PRO B 275 -31.85 10.20 -30.25
N GLU B 276 -31.72 11.49 -30.55
CA GLU B 276 -32.72 12.16 -31.37
C GLU B 276 -32.73 11.60 -32.78
N ILE B 277 -31.54 11.34 -33.31
CA ILE B 277 -31.43 10.70 -34.61
C ILE B 277 -31.93 9.26 -34.54
N VAL B 278 -31.74 8.62 -33.39
CA VAL B 278 -32.26 7.26 -33.19
C VAL B 278 -33.78 7.25 -33.24
N GLN B 279 -34.40 8.23 -32.59
CA GLN B 279 -35.86 8.33 -32.61
C GLN B 279 -36.37 8.65 -34.00
N LEU B 280 -35.76 9.65 -34.63
CA LEU B 280 -36.25 10.14 -35.91
C LEU B 280 -36.07 9.11 -37.00
N LEU B 281 -34.97 8.37 -36.95
CA LEU B 281 -34.78 7.31 -37.92
C LEU B 281 -35.77 6.19 -37.69
N MET B 282 -35.97 5.81 -36.44
CA MET B 282 -36.92 4.75 -36.16
C MET B 282 -38.36 5.21 -36.35
N GLU B 283 -38.60 6.51 -36.30
CA GLU B 283 -39.93 7.01 -36.62
C GLU B 283 -40.25 6.84 -38.10
N ASN B 284 -39.24 6.83 -38.95
CA ASN B 284 -39.47 6.69 -40.39
C ASN B 284 -39.96 5.29 -40.72
N GLU B 285 -40.82 5.21 -41.73
CA GLU B 285 -41.45 3.95 -42.10
C GLU B 285 -40.59 3.11 -43.02
N GLN B 286 -39.56 3.70 -43.62
CA GLN B 286 -38.60 2.92 -44.37
C GLN B 286 -37.73 2.07 -43.43
N THR B 287 -37.67 2.45 -42.16
CA THR B 287 -36.69 1.90 -41.22
C THR B 287 -37.03 0.45 -40.88
N ASP B 288 -36.28 -0.47 -41.47
CA ASP B 288 -36.19 -1.79 -40.88
C ASP B 288 -35.33 -1.68 -39.63
N ILE B 289 -35.62 -2.55 -38.67
CA ILE B 289 -34.73 -2.79 -37.55
C ILE B 289 -34.16 -4.19 -37.59
N THR B 290 -34.96 -5.15 -37.96
CA THR B 290 -34.61 -6.56 -37.85
C THR B 290 -33.72 -7.04 -38.99
N SER B 291 -33.19 -6.16 -39.82
CA SER B 291 -32.25 -6.63 -40.81
C SER B 291 -30.94 -7.01 -40.14
N GLN B 292 -30.15 -7.79 -40.86
CA GLN B 292 -28.97 -8.38 -40.26
C GLN B 292 -27.70 -7.94 -40.98
N ASP B 293 -26.58 -8.12 -40.30
CA ASP B 293 -25.26 -7.86 -40.84
C ASP B 293 -24.90 -8.94 -41.86
N SER B 294 -23.79 -8.70 -42.57
CA SER B 294 -23.02 -9.79 -43.16
C SER B 294 -22.72 -10.88 -42.14
N ARG B 295 -22.41 -10.50 -40.90
CA ARG B 295 -22.33 -11.47 -39.81
C ARG B 295 -23.69 -11.93 -39.31
N GLY B 296 -24.78 -11.50 -39.92
CA GLY B 296 -26.09 -11.87 -39.42
C GLY B 296 -26.51 -11.14 -38.15
N ASN B 297 -25.94 -9.97 -37.89
CA ASN B 297 -26.13 -9.26 -36.64
C ASN B 297 -27.20 -8.20 -36.75
N ASN B 298 -28.05 -8.12 -35.72
CA ASN B 298 -29.03 -7.06 -35.65
C ASN B 298 -28.40 -5.79 -35.11
N ILE B 299 -29.25 -4.87 -34.71
CA ILE B 299 -28.78 -3.65 -34.08
C ILE B 299 -28.21 -3.92 -32.69
N LEU B 300 -28.72 -4.92 -31.99
CA LEU B 300 -28.30 -5.10 -30.61
C LEU B 300 -26.92 -5.72 -30.51
N HIS B 301 -26.55 -6.52 -31.50
CA HIS B 301 -25.24 -7.12 -31.52
C HIS B 301 -24.16 -6.08 -31.69
N ALA B 302 -24.49 -4.99 -32.37
CA ALA B 302 -23.59 -3.85 -32.42
C ALA B 302 -23.37 -3.30 -31.03
N LEU B 303 -24.45 -3.16 -30.27
CA LEU B 303 -24.36 -2.64 -28.91
C LEU B 303 -23.59 -3.55 -27.98
N VAL B 304 -23.49 -4.84 -28.32
CA VAL B 304 -22.65 -5.74 -27.55
C VAL B 304 -21.19 -5.34 -27.68
N THR B 305 -20.78 -4.92 -28.86
CA THR B 305 -19.37 -4.68 -29.12
C THR B 305 -18.99 -3.25 -28.84
N VAL B 306 -19.54 -2.65 -27.79
CA VAL B 306 -19.32 -1.24 -27.53
C VAL B 306 -18.73 -1.01 -26.15
N ALA B 307 -19.43 -1.48 -25.13
CA ALA B 307 -19.29 -0.96 -23.77
C ALA B 307 -18.03 -1.48 -23.10
N GLU B 308 -17.92 -1.23 -21.81
CA GLU B 308 -16.72 -1.52 -21.06
C GLU B 308 -16.96 -2.67 -20.08
N ASP B 309 -15.93 -2.92 -19.27
CA ASP B 309 -15.95 -3.91 -18.20
C ASP B 309 -16.38 -3.28 -16.87
N PHE B 310 -16.75 -2.01 -16.88
CA PHE B 310 -16.90 -1.24 -15.65
C PHE B 310 -17.91 -0.14 -15.89
N LYS B 311 -18.34 0.49 -14.80
CA LYS B 311 -19.20 1.66 -14.91
C LYS B 311 -18.37 2.83 -15.35
N THR B 312 -18.65 3.38 -16.52
CA THR B 312 -18.03 4.64 -16.86
C THR B 312 -18.87 5.76 -16.27
N GLN B 313 -18.46 6.99 -16.53
CA GLN B 313 -19.17 8.14 -16.00
C GLN B 313 -20.35 8.42 -16.92
N ASN B 314 -21.45 7.71 -16.63
CA ASN B 314 -22.76 7.84 -17.28
C ASN B 314 -22.66 7.55 -18.78
N ASP B 315 -22.37 6.28 -19.09
CA ASP B 315 -22.35 5.87 -20.49
C ASP B 315 -23.75 5.93 -21.08
N PHE B 316 -23.81 6.07 -22.39
CA PHE B 316 -25.07 6.08 -23.09
C PHE B 316 -25.45 4.70 -23.58
N VAL B 317 -24.54 3.74 -23.45
CA VAL B 317 -24.68 2.46 -24.14
C VAL B 317 -25.83 1.66 -23.55
N LYS B 318 -26.02 1.76 -22.24
CA LYS B 318 -27.11 1.04 -21.63
C LYS B 318 -28.44 1.74 -21.86
N ARG B 319 -28.45 3.07 -21.82
CA ARG B 319 -29.70 3.79 -21.99
C ARG B 319 -30.12 3.90 -23.45
N MET B 320 -29.21 3.69 -24.40
CA MET B 320 -29.66 3.46 -25.76
C MET B 320 -30.37 2.14 -25.89
N TYR B 321 -29.92 1.16 -25.12
CA TYR B 321 -30.21 -0.24 -25.38
C TYR B 321 -31.68 -0.54 -25.17
N ASP B 322 -32.18 -0.20 -24.00
CA ASP B 322 -33.60 -0.32 -23.72
C ASP B 322 -34.44 0.64 -24.55
N MET B 323 -33.85 1.77 -24.95
CA MET B 323 -34.60 2.77 -25.71
C MET B 323 -35.02 2.21 -27.06
N ILE B 324 -34.19 1.36 -27.65
CA ILE B 324 -34.64 0.59 -28.79
C ILE B 324 -35.69 -0.41 -28.35
N LEU B 325 -35.45 -1.08 -27.23
CA LEU B 325 -36.32 -2.16 -26.79
C LEU B 325 -37.66 -1.64 -26.34
N LEU B 326 -37.70 -0.42 -25.80
CA LEU B 326 -38.98 0.22 -25.53
C LEU B 326 -39.74 0.47 -26.82
N ARG B 327 -39.05 0.81 -27.89
CA ARG B 327 -39.73 0.95 -29.15
C ARG B 327 -39.95 -0.37 -29.85
N SER B 328 -39.28 -1.41 -29.40
CA SER B 328 -39.34 -2.68 -30.11
C SER B 328 -40.69 -3.36 -29.88
N GLY B 329 -41.00 -3.65 -28.63
CA GLY B 329 -42.31 -4.16 -28.29
C GLY B 329 -42.55 -5.61 -28.63
N ASN B 330 -41.57 -6.32 -29.17
CA ASN B 330 -41.74 -7.71 -29.53
C ASN B 330 -40.59 -8.55 -29.00
N TRP B 331 -40.95 -9.74 -28.52
CA TRP B 331 -39.99 -10.61 -27.86
C TRP B 331 -39.05 -11.27 -28.86
N GLU B 332 -39.42 -11.30 -30.13
CA GLU B 332 -38.65 -11.99 -31.15
C GLU B 332 -37.31 -11.34 -31.43
N LEU B 333 -37.17 -10.05 -31.11
CA LEU B 333 -36.04 -9.28 -31.60
C LEU B 333 -34.74 -9.71 -30.92
N GLU B 334 -34.83 -10.29 -29.73
CA GLU B 334 -33.66 -10.91 -29.15
C GLU B 334 -33.59 -12.40 -29.42
N THR B 335 -34.59 -12.98 -30.07
CA THR B 335 -34.50 -14.38 -30.44
C THR B 335 -33.66 -14.59 -31.68
N MET B 336 -33.27 -13.51 -32.33
CA MET B 336 -32.48 -13.59 -33.53
C MET B 336 -31.07 -14.10 -33.22
N ARG B 337 -30.62 -15.08 -33.98
CA ARG B 337 -29.24 -15.51 -33.88
C ARG B 337 -28.41 -14.72 -34.88
N ASN B 338 -27.18 -15.15 -35.13
CA ASN B 338 -26.35 -14.51 -36.14
C ASN B 338 -25.85 -15.59 -37.09
N ASN B 339 -24.82 -15.25 -37.87
CA ASN B 339 -24.13 -16.27 -38.66
C ASN B 339 -23.52 -17.34 -37.77
N ASP B 340 -23.04 -16.97 -36.59
CA ASP B 340 -22.50 -17.94 -35.65
C ASP B 340 -23.59 -18.59 -34.80
N GLY B 341 -24.84 -18.18 -34.96
CA GLY B 341 -25.92 -18.71 -34.16
C GLY B 341 -25.87 -18.18 -32.74
N LEU B 342 -25.80 -16.85 -32.60
CA LEU B 342 -25.63 -16.25 -31.28
C LEU B 342 -26.83 -15.37 -30.99
N THR B 343 -27.56 -15.71 -29.93
CA THR B 343 -28.49 -14.80 -29.31
C THR B 343 -27.72 -13.56 -28.85
N PRO B 344 -28.33 -12.37 -28.87
CA PRO B 344 -27.65 -11.20 -28.29
C PRO B 344 -27.29 -11.35 -26.82
N LEU B 345 -28.05 -12.12 -26.06
CA LEU B 345 -27.58 -12.54 -24.74
C LEU B 345 -26.34 -13.40 -24.86
N GLN B 346 -26.39 -14.39 -25.76
CA GLN B 346 -25.33 -15.36 -25.94
C GLN B 346 -24.03 -14.69 -26.38
N LEU B 347 -24.11 -13.70 -27.26
CA LEU B 347 -22.92 -12.97 -27.65
C LEU B 347 -22.39 -12.13 -26.51
N ALA B 348 -23.28 -11.54 -25.72
CA ALA B 348 -22.86 -10.66 -24.63
C ALA B 348 -22.09 -11.41 -23.57
N ALA B 349 -22.37 -12.69 -23.40
CA ALA B 349 -21.51 -13.50 -22.56
C ALA B 349 -20.20 -13.81 -23.25
N LYS B 350 -20.25 -14.06 -24.56
CA LYS B 350 -19.06 -14.44 -25.31
C LYS B 350 -18.05 -13.31 -25.35
N MET B 351 -18.51 -12.08 -25.58
CA MET B 351 -17.60 -10.96 -25.62
C MET B 351 -17.14 -10.60 -24.21
N GLY B 352 -17.96 -10.86 -23.22
CA GLY B 352 -17.58 -10.64 -21.85
C GLY B 352 -17.95 -9.28 -21.30
N LYS B 353 -18.80 -8.53 -22.01
CA LYS B 353 -19.25 -7.24 -21.50
C LYS B 353 -20.18 -7.50 -20.34
N ALA B 354 -19.61 -7.64 -19.14
CA ALA B 354 -20.29 -8.32 -18.05
C ALA B 354 -21.42 -7.48 -17.46
N GLU B 355 -21.18 -6.18 -17.31
CA GLU B 355 -22.15 -5.29 -16.68
C GLU B 355 -23.41 -5.17 -17.52
N ILE B 356 -23.25 -5.23 -18.85
CA ILE B 356 -24.40 -5.17 -19.74
C ILE B 356 -25.31 -6.36 -19.51
N LEU B 357 -24.71 -7.53 -19.30
CA LEU B 357 -25.48 -8.75 -19.13
C LEU B 357 -26.29 -8.72 -17.84
N LYS B 358 -25.79 -8.00 -16.83
CA LYS B 358 -26.59 -7.75 -15.64
C LYS B 358 -27.82 -6.93 -15.98
N TYR B 359 -27.64 -5.89 -16.80
CA TYR B 359 -28.80 -5.12 -17.23
C TYR B 359 -29.67 -5.93 -18.18
N ILE B 360 -29.05 -6.79 -18.99
CA ILE B 360 -29.79 -7.64 -19.91
C ILE B 360 -30.71 -8.56 -19.14
N LEU B 361 -30.17 -9.22 -18.12
CA LEU B 361 -30.89 -10.25 -17.43
C LEU B 361 -31.98 -9.70 -16.51
N SER B 362 -31.88 -8.44 -16.07
CA SER B 362 -32.81 -7.98 -15.05
C SER B 362 -34.17 -7.62 -15.63
N ARG B 363 -34.22 -6.52 -16.41
CA ARG B 363 -35.38 -6.02 -17.15
C ARG B 363 -36.65 -5.96 -16.31
N GLU B 364 -36.66 -5.07 -15.33
CA GLU B 364 -37.80 -4.93 -14.43
C GLU B 364 -38.70 -3.76 -14.77
N ILE B 365 -38.78 -3.38 -16.05
CA ILE B 365 -39.61 -2.26 -16.46
C ILE B 365 -41.07 -2.67 -16.37
N LYS B 366 -41.82 -1.99 -15.50
CA LYS B 366 -43.22 -2.30 -15.32
C LYS B 366 -44.04 -1.36 -16.20
N GLU B 367 -44.84 -1.96 -17.06
CA GLU B 367 -45.85 -1.31 -17.88
C GLU B 367 -46.72 -2.41 -18.44
N LYS B 368 -48.03 -2.27 -18.31
CA LYS B 368 -48.95 -3.37 -18.55
C LYS B 368 -48.98 -3.87 -19.98
N PRO B 369 -48.88 -3.03 -21.04
CA PRO B 369 -48.58 -3.63 -22.34
C PRO B 369 -47.09 -3.70 -22.65
N LEU B 370 -46.23 -3.96 -21.65
CA LEU B 370 -44.80 -4.05 -21.92
C LEU B 370 -44.07 -5.07 -21.08
N ARG B 371 -44.77 -5.85 -20.25
CA ARG B 371 -44.07 -6.81 -19.41
C ARG B 371 -43.59 -8.02 -20.20
N SER B 372 -43.96 -8.14 -21.47
CA SER B 372 -43.56 -9.27 -22.29
C SER B 372 -42.05 -9.29 -22.50
N LEU B 373 -41.42 -8.13 -22.51
CA LEU B 373 -39.98 -8.04 -22.53
C LEU B 373 -39.36 -8.13 -21.15
N SER B 374 -40.16 -8.02 -20.11
CA SER B 374 -39.62 -7.95 -18.76
C SER B 374 -39.14 -9.31 -18.32
N ARG B 375 -38.15 -9.32 -17.42
CA ARG B 375 -37.53 -10.55 -16.96
C ARG B 375 -37.47 -10.69 -15.46
N LYS B 376 -37.86 -9.67 -14.71
CA LYS B 376 -37.81 -9.67 -13.26
C LYS B 376 -39.23 -9.59 -12.73
N PHE B 377 -39.80 -10.73 -12.38
CA PHE B 377 -41.15 -10.75 -11.84
C PHE B 377 -41.07 -10.68 -10.33
N THR B 378 -41.06 -9.46 -9.81
CA THR B 378 -41.16 -9.26 -8.38
C THR B 378 -42.64 -9.16 -8.02
N ASP B 379 -43.10 -10.05 -7.16
CA ASP B 379 -44.42 -9.91 -6.58
C ASP B 379 -44.39 -9.80 -5.06
N TRP B 380 -43.66 -10.67 -4.38
CA TRP B 380 -43.67 -10.68 -2.91
C TRP B 380 -42.38 -10.08 -2.37
N ALA B 381 -42.36 -8.75 -2.33
CA ALA B 381 -41.24 -8.00 -1.80
C ALA B 381 -41.71 -7.26 -0.56
N TYR B 382 -41.16 -7.62 0.60
CA TYR B 382 -41.62 -7.10 1.87
C TYR B 382 -40.39 -6.62 2.63
N GLY B 383 -39.98 -5.38 2.37
CA GLY B 383 -38.79 -4.86 2.99
C GLY B 383 -37.54 -5.52 2.44
N PRO B 384 -36.68 -6.03 3.32
CA PRO B 384 -35.44 -6.66 2.86
C PRO B 384 -35.60 -8.05 2.27
N VAL B 385 -36.80 -8.55 2.12
CA VAL B 385 -37.00 -9.78 1.37
C VAL B 385 -37.49 -9.39 0.00
N SER B 386 -37.36 -10.29 -0.98
CA SER B 386 -37.69 -9.96 -2.35
C SER B 386 -37.99 -11.23 -3.11
N SER B 387 -39.21 -11.36 -3.62
CA SER B 387 -39.53 -12.51 -4.46
C SER B 387 -39.03 -12.31 -5.88
N SER B 388 -38.59 -13.39 -6.48
CA SER B 388 -37.95 -13.30 -7.78
C SER B 388 -38.40 -14.43 -8.68
N LEU B 389 -38.64 -14.08 -9.94
CA LEU B 389 -38.85 -15.07 -11.00
C LEU B 389 -37.95 -14.59 -12.13
N TYR B 390 -37.15 -15.49 -12.68
CA TYR B 390 -36.25 -15.06 -13.74
C TYR B 390 -36.64 -15.69 -15.06
N ASP B 391 -36.04 -15.18 -16.13
CA ASP B 391 -36.48 -15.56 -17.46
C ASP B 391 -36.06 -16.97 -17.82
N LEU B 392 -34.75 -17.25 -17.73
CA LEU B 392 -34.17 -18.58 -17.85
C LEU B 392 -34.48 -19.19 -19.23
N THR B 393 -33.92 -18.56 -20.25
CA THR B 393 -34.18 -19.03 -21.61
C THR B 393 -33.05 -19.88 -22.14
N ASN B 394 -31.86 -19.32 -22.22
CA ASN B 394 -30.71 -20.02 -22.77
C ASN B 394 -29.65 -20.16 -21.71
N VAL B 395 -30.07 -20.45 -20.50
CA VAL B 395 -29.23 -20.30 -19.34
C VAL B 395 -28.78 -21.64 -18.79
N ASP B 396 -29.71 -22.55 -18.54
CA ASP B 396 -29.32 -23.88 -18.11
C ASP B 396 -28.73 -24.66 -19.26
N THR B 397 -28.06 -25.75 -18.92
CA THR B 397 -27.59 -26.68 -19.94
C THR B 397 -28.75 -27.63 -20.24
N THR B 398 -29.70 -27.14 -21.03
CA THR B 398 -30.67 -27.99 -21.67
C THR B 398 -30.62 -27.88 -23.18
N THR B 399 -29.94 -26.89 -23.73
CA THR B 399 -29.67 -26.78 -25.14
C THR B 399 -28.16 -26.75 -25.33
N ASP B 400 -27.76 -26.53 -26.57
CA ASP B 400 -26.38 -26.18 -26.81
C ASP B 400 -26.13 -24.73 -26.43
N ASN B 401 -24.88 -24.45 -26.06
CA ASN B 401 -24.34 -23.11 -25.98
C ASN B 401 -25.08 -22.26 -24.95
N SER B 402 -25.18 -22.80 -23.73
CA SER B 402 -25.85 -22.08 -22.66
C SER B 402 -24.98 -20.93 -22.18
N VAL B 403 -25.61 -19.98 -21.49
CA VAL B 403 -24.83 -18.86 -20.99
C VAL B 403 -24.00 -19.27 -19.79
N LEU B 404 -24.41 -20.31 -19.08
CA LEU B 404 -23.54 -20.87 -18.06
C LEU B 404 -22.49 -21.76 -18.70
N GLU B 405 -22.82 -22.33 -19.86
CA GLU B 405 -21.85 -23.13 -20.59
C GLU B 405 -20.71 -22.28 -21.11
N ILE B 406 -21.05 -21.11 -21.65
CA ILE B 406 -20.03 -20.33 -22.32
C ILE B 406 -19.17 -19.54 -21.36
N ILE B 407 -19.69 -19.18 -20.18
CA ILE B 407 -18.89 -18.38 -19.27
C ILE B 407 -17.80 -19.22 -18.63
N VAL B 408 -18.00 -20.52 -18.48
CA VAL B 408 -17.01 -21.34 -17.83
C VAL B 408 -15.95 -21.77 -18.82
N TYR B 409 -16.35 -22.34 -19.95
CA TYR B 409 -15.40 -22.92 -20.89
C TYR B 409 -14.73 -21.90 -21.79
N ASN B 410 -14.79 -20.62 -21.46
CA ASN B 410 -14.16 -19.62 -22.30
C ASN B 410 -12.76 -19.33 -21.79
N THR B 411 -11.90 -18.95 -22.72
CA THR B 411 -10.62 -18.35 -22.41
C THR B 411 -10.80 -16.84 -22.35
N ASN B 412 -9.68 -16.10 -22.32
CA ASN B 412 -9.52 -14.66 -22.59
C ASN B 412 -10.62 -13.76 -22.02
N ILE B 413 -11.00 -14.05 -20.78
CA ILE B 413 -11.86 -13.17 -20.00
C ILE B 413 -11.11 -12.76 -18.76
N ASP B 414 -11.10 -11.46 -18.47
CA ASP B 414 -10.41 -10.98 -17.29
C ASP B 414 -11.27 -11.20 -16.05
N ASN B 415 -12.44 -10.58 -16.02
CA ASN B 415 -13.31 -10.59 -14.84
C ASN B 415 -14.36 -11.68 -14.97
N ARG B 416 -13.86 -12.91 -15.04
CA ARG B 416 -14.75 -14.06 -15.21
C ARG B 416 -15.53 -14.33 -13.93
N HIS B 417 -15.00 -13.92 -12.79
CA HIS B 417 -15.76 -14.01 -11.55
C HIS B 417 -16.97 -13.10 -11.57
N GLU B 418 -16.83 -11.96 -12.20
CA GLU B 418 -18.03 -11.20 -12.49
C GLU B 418 -18.76 -11.92 -13.60
N MET B 419 -20.09 -11.80 -13.56
CA MET B 419 -21.20 -12.58 -14.11
C MET B 419 -21.47 -13.82 -13.29
N LEU B 420 -20.56 -14.25 -12.42
CA LEU B 420 -20.84 -15.50 -11.71
C LEU B 420 -21.61 -15.24 -10.43
N THR B 421 -21.28 -14.16 -9.74
CA THR B 421 -22.04 -13.80 -8.56
C THR B 421 -23.34 -13.09 -8.89
N LEU B 422 -23.70 -12.97 -10.17
CA LEU B 422 -25.01 -12.48 -10.53
C LEU B 422 -26.07 -13.48 -10.15
N GLU B 423 -27.18 -12.98 -9.62
CA GLU B 423 -28.06 -13.76 -8.74
C GLU B 423 -28.68 -14.99 -9.39
N PRO B 424 -29.30 -14.95 -10.60
CA PRO B 424 -29.86 -16.20 -11.13
C PRO B 424 -28.78 -17.10 -11.68
N LEU B 425 -27.66 -16.49 -12.07
CA LEU B 425 -26.54 -17.30 -12.49
C LEU B 425 -25.86 -17.94 -11.29
N HIS B 426 -25.77 -17.22 -10.17
CA HIS B 426 -25.16 -17.78 -8.98
C HIS B 426 -26.01 -18.87 -8.37
N THR B 427 -27.31 -18.60 -8.22
CA THR B 427 -28.19 -19.50 -7.47
C THR B 427 -28.39 -20.82 -8.21
N LEU B 428 -28.59 -20.76 -9.52
CA LEU B 428 -28.75 -21.97 -10.30
C LEU B 428 -27.48 -22.81 -10.27
N LEU B 429 -26.33 -22.16 -10.15
CA LEU B 429 -25.10 -22.88 -9.92
C LEU B 429 -25.11 -23.54 -8.54
N HIS B 430 -25.38 -22.75 -7.51
CA HIS B 430 -25.21 -23.19 -6.13
C HIS B 430 -26.19 -24.29 -5.76
N THR B 431 -27.40 -24.22 -6.29
CA THR B 431 -28.37 -25.28 -6.07
C THR B 431 -27.91 -26.57 -6.73
N LYS B 432 -27.28 -26.45 -7.89
CA LYS B 432 -26.96 -27.63 -8.69
C LYS B 432 -25.88 -28.46 -8.04
N TRP B 433 -24.90 -27.81 -7.41
CA TRP B 433 -23.91 -28.53 -6.63
C TRP B 433 -24.54 -29.17 -5.40
N LYS B 434 -25.49 -28.48 -4.80
CA LYS B 434 -26.21 -29.01 -3.66
C LYS B 434 -27.11 -30.16 -4.07
N LYS B 435 -27.59 -30.14 -5.30
CA LYS B 435 -28.50 -31.18 -5.74
C LYS B 435 -27.81 -32.28 -6.51
N PHE B 436 -26.70 -31.98 -7.18
CA PHE B 436 -26.18 -32.99 -8.09
C PHE B 436 -24.70 -33.28 -7.90
N ALA B 437 -23.89 -32.28 -7.56
CA ALA B 437 -22.46 -32.45 -7.70
C ALA B 437 -21.73 -32.79 -6.42
N LYS B 438 -22.32 -32.52 -5.27
CA LYS B 438 -21.73 -32.94 -4.01
C LYS B 438 -21.64 -34.46 -3.94
N TYR B 439 -22.63 -35.14 -4.48
CA TYR B 439 -22.62 -36.59 -4.47
C TYR B 439 -21.66 -37.16 -5.50
N MET B 440 -21.53 -36.49 -6.63
CA MET B 440 -20.67 -37.05 -7.67
C MET B 440 -19.20 -36.77 -7.42
N PHE B 441 -18.87 -35.66 -6.77
CA PHE B 441 -17.48 -35.37 -6.51
C PHE B 441 -16.94 -36.30 -5.44
N PHE B 442 -17.74 -36.55 -4.40
CA PHE B 442 -17.35 -37.46 -3.34
C PHE B 442 -17.22 -38.89 -3.84
N LEU B 443 -18.03 -39.26 -4.83
CA LEU B 443 -17.93 -40.61 -5.38
C LEU B 443 -16.70 -40.74 -6.26
N SER B 444 -16.46 -39.76 -7.13
CA SER B 444 -15.30 -39.83 -8.01
C SER B 444 -14.00 -39.66 -7.25
N PHE B 445 -14.07 -39.03 -6.08
CA PHE B 445 -12.92 -38.98 -5.21
C PHE B 445 -12.59 -40.36 -4.65
N CYS B 446 -13.61 -41.07 -4.18
CA CYS B 446 -13.38 -42.25 -3.36
C CYS B 446 -12.90 -43.43 -4.19
N PHE B 447 -13.32 -43.52 -5.44
CA PHE B 447 -12.82 -44.58 -6.30
C PHE B 447 -11.36 -44.37 -6.66
N TYR B 448 -10.98 -43.13 -6.92
CA TYR B 448 -9.60 -42.85 -7.23
C TYR B 448 -8.72 -42.98 -6.01
N PHE B 449 -9.30 -42.86 -4.81
CA PHE B 449 -8.51 -43.00 -3.59
C PHE B 449 -8.15 -44.46 -3.36
N PHE B 450 -9.09 -45.38 -3.59
CA PHE B 450 -8.78 -46.80 -3.52
C PHE B 450 -7.82 -47.22 -4.61
N TYR B 451 -7.84 -46.51 -5.73
CA TYR B 451 -7.11 -46.93 -6.91
C TYR B 451 -5.61 -46.85 -6.70
N ASN B 452 -5.14 -45.83 -5.99
CA ASN B 452 -3.72 -45.77 -5.68
C ASN B 452 -3.36 -46.77 -4.60
N ILE B 453 -4.27 -46.99 -3.65
CA ILE B 453 -4.02 -47.95 -2.58
C ILE B 453 -3.97 -49.36 -3.14
N THR B 454 -4.86 -49.67 -4.08
CA THR B 454 -4.80 -50.95 -4.76
C THR B 454 -3.54 -51.05 -5.60
N LEU B 455 -3.12 -49.94 -6.20
CA LEU B 455 -1.84 -49.88 -6.86
C LEU B 455 -0.69 -50.00 -5.86
N THR B 456 -0.91 -49.59 -4.61
CA THR B 456 0.17 -49.58 -3.65
C THR B 456 0.54 -50.99 -3.20
N LEU B 457 -0.46 -51.78 -2.80
CA LEU B 457 -0.17 -53.10 -2.22
C LEU B 457 0.30 -54.08 -3.28
N VAL B 458 -0.08 -53.86 -4.54
CA VAL B 458 0.48 -54.66 -5.63
C VAL B 458 1.85 -54.17 -6.03
N SER B 459 2.34 -53.11 -5.40
CA SER B 459 3.66 -52.60 -5.70
C SER B 459 4.64 -52.73 -4.54
N TYR B 460 4.18 -52.80 -3.30
CA TYR B 460 5.13 -52.86 -2.19
C TYR B 460 5.30 -54.27 -1.64
N TYR B 461 4.20 -54.97 -1.37
CA TYR B 461 4.31 -56.35 -0.89
C TYR B 461 4.50 -57.35 -2.01
N ARG B 462 4.66 -56.90 -3.25
CA ARG B 462 4.68 -57.80 -4.38
C ARG B 462 5.95 -58.64 -4.39
N PRO B 463 5.85 -59.95 -4.53
CA PRO B 463 7.01 -60.81 -4.72
C PRO B 463 7.40 -60.99 -6.19
N ARG B 464 7.46 -59.90 -6.93
CA ARG B 464 8.08 -59.93 -8.25
C ARG B 464 9.59 -59.83 -8.17
N GLU B 465 10.12 -59.55 -6.98
CA GLU B 465 11.52 -59.72 -6.67
C GLU B 465 11.82 -61.11 -6.10
N ASP B 466 10.85 -62.02 -6.15
CA ASP B 466 10.99 -63.38 -5.64
C ASP B 466 11.14 -64.36 -6.80
N GLU B 467 11.82 -63.91 -7.86
CA GLU B 467 12.27 -64.75 -8.99
C GLU B 467 11.10 -65.43 -9.70
N ASP B 468 10.25 -64.61 -10.31
CA ASP B 468 9.10 -65.13 -11.04
C ASP B 468 9.04 -64.54 -12.44
N LEU B 469 10.13 -64.65 -13.19
CA LEU B 469 10.30 -63.98 -14.47
C LEU B 469 9.34 -64.51 -15.55
N PRO B 470 9.08 -65.86 -15.72
CA PRO B 470 7.96 -66.24 -16.58
C PRO B 470 6.69 -66.57 -15.80
N HIS B 471 5.53 -66.36 -16.46
CA HIS B 471 4.18 -66.83 -16.11
C HIS B 471 3.79 -66.62 -14.65
N PRO B 472 3.58 -65.38 -14.21
CA PRO B 472 3.37 -65.13 -12.78
C PRO B 472 2.00 -65.53 -12.27
N LEU B 473 1.08 -65.95 -13.12
CA LEU B 473 -0.23 -66.45 -12.71
C LEU B 473 -0.18 -67.97 -12.72
N ALA B 474 0.23 -68.55 -11.59
CA ALA B 474 0.31 -69.99 -11.45
C ALA B 474 -1.02 -70.52 -10.88
N LEU B 475 -1.03 -71.76 -10.44
CA LEU B 475 -2.24 -72.39 -9.91
C LEU B 475 -2.46 -71.98 -8.45
N THR B 476 -3.31 -72.74 -7.75
CA THR B 476 -3.72 -72.53 -6.35
C THR B 476 -4.35 -71.14 -6.19
N HIS B 477 -5.19 -70.80 -7.18
CA HIS B 477 -5.81 -69.48 -7.35
C HIS B 477 -4.77 -68.35 -7.33
N LYS B 478 -3.62 -68.61 -7.97
CA LYS B 478 -2.53 -67.66 -8.20
C LYS B 478 -1.94 -67.14 -6.88
N MET B 479 -1.52 -68.10 -6.05
CA MET B 479 -0.73 -67.96 -4.83
C MET B 479 -1.47 -67.30 -3.66
N SER B 480 -2.63 -66.70 -3.92
CA SER B 480 -3.49 -66.02 -2.96
C SER B 480 -4.72 -65.47 -3.68
N TRP B 481 -5.79 -65.26 -2.92
CA TRP B 481 -6.98 -64.62 -3.46
C TRP B 481 -6.83 -63.11 -3.55
N LEU B 482 -6.20 -62.48 -2.57
CA LEU B 482 -6.08 -61.04 -2.53
C LEU B 482 -5.16 -60.47 -3.60
N GLN B 483 -4.35 -61.30 -4.26
CA GLN B 483 -3.67 -60.84 -5.46
C GLN B 483 -4.65 -60.63 -6.60
N LEU B 484 -5.71 -61.45 -6.65
CA LEU B 484 -6.72 -61.27 -7.69
C LEU B 484 -7.64 -60.11 -7.38
N LEU B 485 -7.88 -59.87 -6.09
CA LEU B 485 -8.65 -58.69 -5.69
C LEU B 485 -7.91 -57.41 -6.02
N GLY B 486 -6.58 -57.46 -6.05
CA GLY B 486 -5.83 -56.29 -6.47
C GLY B 486 -5.71 -56.17 -7.99
N ARG B 487 -5.40 -57.28 -8.66
CA ARG B 487 -5.03 -57.22 -10.06
C ARG B 487 -6.23 -56.95 -10.96
N MET B 488 -7.42 -57.39 -10.54
CA MET B 488 -8.61 -57.18 -11.35
C MET B 488 -9.09 -55.73 -11.28
N PHE B 489 -9.01 -55.11 -10.10
CA PHE B 489 -9.52 -53.76 -9.88
C PHE B 489 -8.74 -52.73 -10.69
N VAL B 490 -7.44 -52.93 -10.80
CA VAL B 490 -6.59 -51.96 -11.48
C VAL B 490 -6.86 -51.98 -12.97
N LEU B 491 -7.04 -53.18 -13.53
CA LEU B 491 -7.21 -53.33 -14.97
C LEU B 491 -8.52 -52.72 -15.44
N ILE B 492 -9.55 -52.75 -14.59
CA ILE B 492 -10.81 -52.14 -14.96
C ILE B 492 -10.71 -50.63 -14.90
N TRP B 493 -10.24 -50.11 -13.79
CA TRP B 493 -10.24 -48.67 -13.59
C TRP B 493 -9.09 -47.97 -14.30
N ALA B 494 -8.16 -48.73 -14.88
CA ALA B 494 -7.23 -48.10 -15.82
C ALA B 494 -7.94 -47.72 -17.10
N THR B 495 -8.59 -48.69 -17.73
CA THR B 495 -9.30 -48.40 -18.96
C THR B 495 -10.62 -47.66 -18.73
N CYS B 496 -11.13 -47.64 -17.51
CA CYS B 496 -12.28 -46.80 -17.20
C CYS B 496 -11.94 -45.32 -17.31
N ILE B 497 -10.84 -44.92 -16.67
CA ILE B 497 -10.39 -43.54 -16.73
C ILE B 497 -9.85 -43.23 -18.12
N SER B 498 -9.28 -44.24 -18.79
CA SER B 498 -8.66 -44.02 -20.09
C SER B 498 -9.68 -43.64 -21.15
N VAL B 499 -10.81 -44.34 -21.20
CA VAL B 499 -11.87 -43.93 -22.11
C VAL B 499 -12.54 -42.66 -21.61
N LYS B 500 -12.57 -42.47 -20.28
CA LYS B 500 -13.07 -41.23 -19.71
C LYS B 500 -12.19 -40.05 -20.09
N GLU B 501 -10.87 -40.22 -20.00
CA GLU B 501 -9.98 -39.13 -20.38
C GLU B 501 -9.68 -39.11 -21.87
N GLY B 502 -10.14 -40.11 -22.63
CA GLY B 502 -10.12 -39.98 -24.07
C GLY B 502 -11.10 -38.95 -24.57
N ILE B 503 -12.12 -38.64 -23.77
CA ILE B 503 -13.06 -37.58 -24.10
C ILE B 503 -12.44 -36.20 -23.91
N ALA B 504 -11.32 -36.12 -23.19
CA ALA B 504 -10.62 -34.85 -23.07
C ALA B 504 -9.90 -34.47 -24.36
N ILE B 505 -9.70 -35.44 -25.27
CA ILE B 505 -9.03 -35.20 -26.53
C ILE B 505 -10.01 -34.68 -27.58
N PHE B 506 -11.21 -34.30 -27.17
CA PHE B 506 -12.27 -33.87 -28.07
C PHE B 506 -11.97 -32.42 -28.49
N LEU B 507 -12.99 -31.77 -29.07
CA LEU B 507 -12.93 -30.51 -29.82
C LEU B 507 -12.29 -29.31 -29.11
N LEU B 508 -12.01 -29.45 -27.81
CA LEU B 508 -11.44 -28.37 -27.01
C LEU B 508 -9.97 -28.14 -27.36
N ARG B 509 -9.29 -27.37 -26.51
CA ARG B 509 -7.89 -26.95 -26.59
C ARG B 509 -7.57 -26.15 -27.85
N PRO B 510 -7.97 -24.87 -27.93
CA PRO B 510 -7.57 -24.04 -29.06
C PRO B 510 -6.07 -23.75 -29.08
N SER B 511 -5.53 -23.26 -27.97
CA SER B 511 -4.15 -22.83 -27.90
C SER B 511 -3.28 -23.94 -27.32
N ASP B 512 -2.00 -23.62 -27.12
CA ASP B 512 -1.03 -24.57 -26.61
C ASP B 512 -0.50 -24.18 -25.24
N LEU B 513 0.10 -22.99 -25.11
CA LEU B 513 0.78 -22.57 -23.90
C LEU B 513 0.06 -21.40 -23.23
N GLN B 514 -1.25 -21.55 -23.05
CA GLN B 514 -2.11 -20.52 -22.51
C GLN B 514 -2.96 -21.20 -21.44
N SER B 515 -4.08 -20.54 -21.08
CA SER B 515 -5.00 -20.98 -20.05
C SER B 515 -5.49 -22.42 -20.20
N ILE B 516 -5.53 -22.94 -21.43
CA ILE B 516 -5.92 -24.35 -21.60
C ILE B 516 -4.86 -25.27 -21.01
N LEU B 517 -3.60 -24.84 -20.99
CA LEU B 517 -2.59 -25.57 -20.25
C LEU B 517 -2.62 -25.20 -18.77
N SER B 518 -3.31 -24.13 -18.40
CA SER B 518 -3.58 -23.87 -17.00
C SER B 518 -4.90 -24.44 -16.52
N ASP B 519 -5.70 -25.03 -17.42
CA ASP B 519 -6.97 -25.63 -17.06
C ASP B 519 -7.03 -27.12 -17.34
N ALA B 520 -6.69 -27.55 -18.55
CA ALA B 520 -6.80 -28.95 -18.93
C ALA B 520 -5.51 -29.70 -18.73
N TRP B 521 -4.60 -29.18 -17.90
CA TRP B 521 -3.33 -29.86 -17.66
C TRP B 521 -3.53 -31.15 -16.91
N PHE B 522 -4.59 -31.24 -16.10
CA PHE B 522 -4.87 -32.48 -15.39
C PHE B 522 -5.25 -33.58 -16.36
N HIS B 523 -5.96 -33.23 -17.44
CA HIS B 523 -6.41 -34.22 -18.40
C HIS B 523 -5.27 -34.86 -19.17
N PHE B 524 -4.17 -34.12 -19.36
CA PHE B 524 -2.96 -34.76 -19.86
C PHE B 524 -2.45 -35.77 -18.86
N VAL B 525 -2.34 -35.35 -17.60
CA VAL B 525 -1.62 -36.15 -16.64
C VAL B 525 -2.52 -37.26 -16.12
N PHE B 526 -3.84 -37.05 -16.13
CA PHE B 526 -4.78 -38.15 -15.93
C PHE B 526 -4.60 -39.23 -16.98
N PHE B 527 -4.52 -38.82 -18.24
CA PHE B 527 -4.59 -39.76 -19.34
C PHE B 527 -3.33 -40.59 -19.44
N VAL B 528 -2.16 -39.95 -19.31
CA VAL B 528 -0.90 -40.67 -19.43
C VAL B 528 -0.65 -41.60 -18.25
N GLN B 529 -1.41 -41.43 -17.17
CA GLN B 529 -1.27 -42.29 -16.01
C GLN B 529 -1.69 -43.71 -16.35
N ALA B 530 -2.91 -43.88 -16.83
CA ALA B 530 -3.44 -45.21 -17.04
C ALA B 530 -2.79 -45.90 -18.24
N VAL B 531 -2.27 -45.12 -19.19
CA VAL B 531 -1.58 -45.70 -20.33
C VAL B 531 -0.32 -46.40 -19.88
N LEU B 532 0.34 -45.84 -18.87
CA LEU B 532 1.50 -46.49 -18.26
C LEU B 532 1.12 -47.79 -17.59
N VAL B 533 -0.11 -47.90 -17.10
CA VAL B 533 -0.51 -49.09 -16.38
C VAL B 533 -0.67 -50.26 -17.33
N ILE B 534 -1.43 -50.05 -18.41
CA ILE B 534 -1.71 -51.11 -19.37
C ILE B 534 -0.45 -51.55 -20.07
N LEU B 535 0.44 -50.60 -20.35
CA LEU B 535 1.75 -50.91 -20.89
C LEU B 535 2.55 -51.75 -19.91
N SER B 536 2.41 -51.48 -18.62
CA SER B 536 3.09 -52.28 -17.62
C SER B 536 2.48 -53.68 -17.53
N VAL B 537 1.16 -53.78 -17.70
CA VAL B 537 0.54 -55.10 -17.75
C VAL B 537 0.90 -55.80 -19.06
N PHE B 538 1.02 -55.02 -20.13
CA PHE B 538 1.54 -55.55 -21.39
C PHE B 538 2.99 -55.99 -21.24
N LEU B 539 3.74 -55.33 -20.36
CA LEU B 539 5.07 -55.80 -19.99
C LEU B 539 5.06 -56.92 -18.96
N TYR B 540 3.92 -57.17 -18.31
CA TYR B 540 3.87 -58.31 -17.42
C TYR B 540 3.65 -59.60 -18.17
N LEU B 541 2.93 -59.55 -19.29
CA LEU B 541 2.80 -60.72 -20.14
C LEU B 541 4.09 -60.98 -20.90
N PHE B 542 4.77 -59.90 -21.28
CA PHE B 542 5.99 -59.95 -22.07
C PHE B 542 7.08 -59.39 -21.17
N ALA B 543 7.67 -60.23 -20.32
CA ALA B 543 8.65 -59.79 -19.35
C ALA B 543 9.91 -59.31 -20.06
N TYR B 544 10.06 -58.00 -20.20
CA TYR B 544 11.15 -57.41 -20.97
C TYR B 544 12.09 -56.61 -20.10
N LYS B 545 12.20 -56.96 -18.82
CA LYS B 545 13.14 -56.41 -17.83
C LYS B 545 12.94 -54.92 -17.54
N GLU B 546 11.85 -54.32 -18.03
CA GLU B 546 11.51 -52.94 -17.70
C GLU B 546 10.06 -52.86 -17.25
N TYR B 547 9.47 -54.01 -16.94
CA TYR B 547 8.10 -54.08 -16.47
C TYR B 547 7.94 -53.37 -15.14
N LEU B 548 8.95 -53.48 -14.28
CA LEU B 548 8.80 -52.95 -12.93
C LEU B 548 9.05 -51.46 -12.92
N ALA B 549 9.96 -51.00 -13.76
CA ALA B 549 10.29 -49.59 -13.82
C ALA B 549 9.13 -48.78 -14.37
N CYS B 550 8.34 -49.37 -15.27
CA CYS B 550 7.18 -48.65 -15.78
C CYS B 550 6.12 -48.53 -14.70
N LEU B 551 6.00 -49.55 -13.86
CA LEU B 551 5.02 -49.53 -12.77
C LEU B 551 5.31 -48.42 -11.78
N VAL B 552 6.59 -48.24 -11.47
CA VAL B 552 7.00 -47.27 -10.44
C VAL B 552 6.67 -45.86 -10.87
N LEU B 553 7.04 -45.51 -12.10
CA LEU B 553 6.71 -44.20 -12.62
C LEU B 553 5.21 -44.08 -12.87
N ALA B 554 4.53 -45.21 -13.09
CA ALA B 554 3.07 -45.15 -13.14
C ALA B 554 2.49 -44.85 -11.78
N MET B 555 3.18 -45.25 -10.71
CA MET B 555 2.56 -45.13 -9.40
C MET B 555 2.72 -43.74 -8.82
N ALA B 556 3.95 -43.20 -8.83
CA ALA B 556 4.18 -41.87 -8.28
C ALA B 556 3.44 -40.80 -9.05
N LEU B 557 3.28 -41.02 -10.35
CA LEU B 557 2.46 -40.12 -11.13
C LEU B 557 0.99 -40.24 -10.75
N GLY B 558 0.57 -41.41 -10.24
CA GLY B 558 -0.80 -41.57 -9.78
C GLY B 558 -1.11 -40.74 -8.56
N TRP B 559 -0.18 -40.67 -7.60
CA TRP B 559 -0.40 -39.80 -6.47
C TRP B 559 -0.27 -38.33 -6.84
N ALA B 560 0.43 -38.02 -7.93
CA ALA B 560 0.44 -36.63 -8.39
C ALA B 560 -0.93 -36.23 -8.92
N ASN B 561 -1.63 -37.13 -9.61
CA ASN B 561 -2.98 -36.82 -10.03
C ASN B 561 -3.94 -36.88 -8.88
N MET B 562 -3.56 -37.53 -7.78
CA MET B 562 -4.39 -37.52 -6.59
C MET B 562 -4.50 -36.12 -6.02
N LEU B 563 -3.49 -35.28 -6.25
CA LEU B 563 -3.55 -33.88 -5.86
C LEU B 563 -4.60 -33.10 -6.64
N ALA B 564 -5.04 -33.59 -7.81
CA ALA B 564 -5.99 -32.84 -8.62
C ALA B 564 -7.37 -32.77 -8.00
N TYR B 565 -7.68 -33.61 -7.02
CA TYR B 565 -8.95 -33.46 -6.30
C TYR B 565 -8.78 -32.58 -5.07
N THR B 566 -8.15 -31.44 -5.26
CA THR B 566 -7.97 -30.43 -4.24
C THR B 566 -8.41 -29.10 -4.77
N ARG B 567 -9.58 -29.08 -5.38
CA ARG B 567 -10.15 -27.88 -5.94
C ARG B 567 -11.55 -27.60 -5.40
N GLY B 568 -12.02 -28.39 -4.45
CA GLY B 568 -13.33 -28.22 -3.86
C GLY B 568 -13.31 -27.41 -2.58
N PHE B 569 -12.47 -27.80 -1.63
CA PHE B 569 -12.28 -27.04 -0.41
C PHE B 569 -11.71 -25.66 -0.71
N GLN B 570 -12.10 -24.67 0.10
CA GLN B 570 -11.48 -23.36 0.00
C GLN B 570 -10.02 -23.42 0.40
N SER B 571 -9.72 -24.19 1.46
CA SER B 571 -8.37 -24.22 2.00
C SER B 571 -7.41 -25.03 1.12
N MET B 572 -7.94 -25.80 0.17
CA MET B 572 -7.05 -26.53 -0.73
C MET B 572 -7.23 -26.08 -2.17
N GLY B 573 -8.41 -25.56 -2.51
CA GLY B 573 -8.68 -25.15 -3.87
C GLY B 573 -7.82 -23.99 -4.30
N MET B 574 -7.49 -23.11 -3.36
CA MET B 574 -6.52 -22.08 -3.67
C MET B 574 -5.13 -22.67 -3.83
N TYR B 575 -4.88 -23.86 -3.31
CA TYR B 575 -3.50 -24.23 -3.11
C TYR B 575 -2.89 -24.84 -4.37
N SER B 576 -3.62 -25.71 -5.05
CA SER B 576 -3.08 -26.38 -6.22
C SER B 576 -2.94 -25.49 -7.43
N VAL B 577 -3.57 -24.32 -7.43
CA VAL B 577 -3.34 -23.39 -8.51
C VAL B 577 -1.94 -22.83 -8.45
N MET B 578 -1.45 -22.63 -7.23
CA MET B 578 -0.20 -21.91 -7.03
C MET B 578 0.99 -22.72 -7.50
N ILE B 579 0.96 -24.03 -7.31
CA ILE B 579 1.97 -24.86 -7.93
C ILE B 579 1.70 -25.05 -9.42
N GLN B 580 0.47 -24.85 -9.86
CA GLN B 580 0.25 -24.96 -11.29
C GLN B 580 0.69 -23.69 -11.99
N LYS B 581 0.41 -22.56 -11.36
CA LYS B 581 0.61 -21.28 -12.04
C LYS B 581 2.06 -20.83 -11.95
N VAL B 582 2.56 -20.68 -10.73
CA VAL B 582 3.80 -19.94 -10.52
C VAL B 582 4.99 -20.77 -10.96
N ILE B 583 4.87 -22.09 -10.89
CA ILE B 583 5.99 -22.94 -11.22
C ILE B 583 6.19 -22.97 -12.73
N LEU B 584 5.09 -23.05 -13.45
CA LEU B 584 5.13 -22.78 -14.88
C LEU B 584 5.48 -21.33 -15.16
N HIS B 585 5.15 -20.42 -14.25
CA HIS B 585 5.51 -19.02 -14.48
C HIS B 585 7.00 -18.79 -14.29
N ASP B 586 7.50 -18.99 -13.06
CA ASP B 586 8.86 -18.56 -12.77
C ASP B 586 9.91 -19.62 -13.08
N VAL B 587 9.65 -20.87 -12.73
CA VAL B 587 10.71 -21.87 -12.75
C VAL B 587 11.06 -22.25 -14.17
N LEU B 588 10.10 -22.13 -15.09
CA LEU B 588 10.43 -22.27 -16.49
C LEU B 588 11.31 -21.11 -16.95
N LYS B 589 11.11 -19.91 -16.39
CA LYS B 589 11.98 -18.80 -16.76
C LYS B 589 13.38 -19.00 -16.19
N PHE B 590 13.46 -19.52 -14.97
CA PHE B 590 14.75 -19.58 -14.29
C PHE B 590 15.66 -20.63 -14.91
N LEU B 591 15.09 -21.77 -15.31
CA LEU B 591 15.88 -22.80 -15.94
C LEU B 591 16.00 -22.63 -17.45
N PHE B 592 15.69 -21.46 -17.98
CA PHE B 592 16.31 -21.02 -19.23
C PHE B 592 17.51 -20.13 -18.99
N VAL B 593 17.89 -19.94 -17.73
CA VAL B 593 19.06 -19.16 -17.37
C VAL B 593 20.06 -19.98 -16.57
N TYR B 594 19.57 -20.75 -15.60
CA TYR B 594 20.46 -21.39 -14.66
C TYR B 594 21.23 -22.52 -15.31
N ILE B 595 20.65 -23.17 -16.31
CA ILE B 595 21.38 -24.18 -17.06
C ILE B 595 22.53 -23.54 -17.82
N LEU B 596 22.32 -22.31 -18.30
CA LEU B 596 23.34 -21.62 -19.07
C LEU B 596 24.56 -21.30 -18.22
N PHE B 597 24.37 -21.05 -16.94
CA PHE B 597 25.52 -21.04 -16.04
C PHE B 597 26.06 -22.44 -15.84
N LEU B 598 25.17 -23.38 -15.57
CA LEU B 598 25.59 -24.73 -15.25
C LEU B 598 26.18 -25.44 -16.45
N LEU B 599 25.80 -25.07 -17.66
CA LEU B 599 26.50 -25.61 -18.82
C LEU B 599 27.86 -24.94 -18.97
N GLY B 600 28.00 -23.73 -18.45
CA GLY B 600 29.23 -23.00 -18.60
C GLY B 600 30.28 -23.37 -17.56
N PHE B 601 29.89 -23.28 -16.29
CA PHE B 601 30.83 -23.55 -15.21
C PHE B 601 31.25 -25.00 -15.15
N GLY B 602 30.44 -25.91 -15.68
CA GLY B 602 30.73 -27.32 -15.53
C GLY B 602 31.90 -27.78 -16.38
N VAL B 603 31.93 -27.35 -17.64
CA VAL B 603 33.05 -27.68 -18.50
C VAL B 603 34.30 -27.00 -18.00
N ALA B 604 34.14 -25.79 -17.48
CA ALA B 604 35.20 -25.10 -16.78
C ALA B 604 35.67 -25.90 -15.59
N LEU B 605 34.76 -26.54 -14.88
CA LEU B 605 35.18 -27.35 -13.75
C LEU B 605 35.81 -28.65 -14.25
N ALA B 606 35.21 -29.25 -15.27
CA ALA B 606 35.63 -30.60 -15.65
C ALA B 606 36.91 -30.63 -16.46
N SER B 607 37.35 -29.49 -17.00
CA SER B 607 38.55 -29.53 -17.80
C SER B 607 39.81 -29.57 -16.97
N LEU B 608 39.74 -29.14 -15.72
CA LEU B 608 40.94 -28.97 -14.91
C LEU B 608 41.13 -30.15 -13.95
N ILE B 609 41.32 -31.32 -14.53
CA ILE B 609 41.66 -32.51 -13.75
C ILE B 609 42.82 -33.31 -14.32
N GLU B 610 43.17 -33.11 -15.61
CA GLU B 610 44.25 -33.77 -16.40
C GLU B 610 44.27 -35.30 -16.31
N LYS B 611 43.14 -35.90 -15.91
CA LYS B 611 42.77 -37.32 -15.89
C LYS B 611 43.54 -38.15 -14.86
N CYS B 612 44.77 -37.75 -14.55
CA CYS B 612 45.49 -37.79 -13.29
C CYS B 612 45.57 -39.12 -12.54
N SER B 613 44.59 -40.01 -12.70
CA SER B 613 44.65 -41.27 -12.00
C SER B 613 43.95 -42.38 -12.78
N LYS B 614 42.97 -41.99 -13.58
CA LYS B 614 41.91 -42.86 -14.10
C LYS B 614 41.30 -43.72 -12.99
N ASP B 615 40.63 -43.00 -12.08
CA ASP B 615 39.74 -43.54 -11.05
C ASP B 615 40.47 -44.49 -10.11
N LYS B 616 41.63 -44.04 -9.62
CA LYS B 616 42.33 -44.76 -8.58
C LYS B 616 42.69 -43.78 -7.47
N LYS B 617 42.76 -42.49 -7.81
CA LYS B 617 43.01 -41.45 -6.82
C LYS B 617 41.96 -40.34 -6.89
N ASP B 618 41.47 -40.00 -8.09
CA ASP B 618 40.40 -39.00 -8.20
C ASP B 618 39.02 -39.61 -8.02
N CYS B 619 38.93 -40.80 -7.42
CA CYS B 619 37.64 -41.33 -6.97
C CYS B 619 37.00 -40.42 -5.93
N SER B 620 37.80 -39.76 -5.11
CA SER B 620 37.31 -38.72 -4.21
C SER B 620 37.42 -37.35 -4.85
N SER B 621 36.93 -37.23 -6.07
CA SER B 621 37.07 -35.98 -6.83
C SER B 621 36.04 -35.97 -7.96
N TYR B 622 36.27 -35.13 -8.94
CA TYR B 622 35.43 -34.99 -10.11
C TYR B 622 35.91 -35.97 -11.18
N GLY B 623 35.51 -35.76 -12.43
CA GLY B 623 35.72 -36.73 -13.48
C GLY B 623 35.17 -36.24 -14.79
N SER B 624 34.35 -37.06 -15.45
CA SER B 624 33.67 -36.63 -16.66
C SER B 624 32.67 -35.52 -16.35
N PHE B 625 32.17 -34.91 -17.43
CA PHE B 625 31.33 -33.72 -17.34
C PHE B 625 30.06 -33.94 -16.54
N SER B 626 29.49 -35.13 -16.63
CA SER B 626 28.29 -35.42 -15.86
C SER B 626 28.58 -35.50 -14.37
N ASP B 627 29.81 -35.84 -14.01
CA ASP B 627 30.13 -36.07 -12.60
C ASP B 627 30.28 -34.78 -11.81
N ALA B 628 30.48 -33.66 -12.48
CA ALA B 628 30.58 -32.39 -11.77
C ALA B 628 29.24 -31.67 -11.71
N VAL B 629 28.33 -32.01 -12.63
CA VAL B 629 27.00 -31.40 -12.66
C VAL B 629 26.24 -31.73 -11.39
N LEU B 630 26.27 -32.99 -10.99
CA LEU B 630 25.52 -33.41 -9.83
C LEU B 630 26.20 -33.01 -8.54
N GLU B 631 27.37 -32.39 -8.63
CA GLU B 631 27.98 -31.78 -7.46
C GLU B 631 27.73 -30.29 -7.42
N LEU B 632 27.76 -29.62 -8.57
CA LEU B 632 27.43 -28.20 -8.58
C LEU B 632 25.97 -27.98 -8.28
N PHE B 633 25.11 -28.85 -8.80
CA PHE B 633 23.71 -28.79 -8.44
C PHE B 633 23.51 -29.17 -6.98
N LYS B 634 24.37 -30.04 -6.47
CA LYS B 634 24.38 -30.32 -5.04
C LYS B 634 24.81 -29.09 -4.25
N LEU B 635 25.77 -28.34 -4.80
CA LEU B 635 26.17 -27.08 -4.17
C LEU B 635 25.10 -26.01 -4.31
N THR B 636 24.29 -26.12 -5.36
CA THR B 636 23.20 -25.17 -5.56
C THR B 636 22.17 -25.30 -4.47
N ILE B 637 21.91 -26.53 -4.02
CA ILE B 637 20.85 -26.72 -3.05
C ILE B 637 21.35 -26.47 -1.64
N GLY B 638 22.65 -26.33 -1.45
CA GLY B 638 23.22 -26.24 -0.14
C GLY B 638 23.76 -27.55 0.41
N LEU B 639 24.33 -28.40 -0.45
CA LEU B 639 24.89 -29.66 0.01
C LEU B 639 26.22 -29.88 -0.68
N GLY B 640 26.97 -30.88 -0.22
CA GLY B 640 28.29 -31.13 -0.76
C GLY B 640 29.39 -30.52 0.08
N ASP B 641 30.62 -30.77 -0.36
CA ASP B 641 31.82 -30.31 0.32
C ASP B 641 32.73 -29.62 -0.67
N LEU B 642 33.81 -29.02 -0.16
CA LEU B 642 34.59 -28.08 -0.94
C LEU B 642 36.09 -28.34 -0.97
N ASN B 643 36.67 -29.02 0.01
CA ASN B 643 38.12 -29.16 0.07
C ASN B 643 38.62 -30.31 -0.82
N ILE B 644 38.29 -30.19 -2.09
CA ILE B 644 38.59 -31.23 -3.07
C ILE B 644 39.34 -30.50 -4.18
N GLN B 645 40.66 -30.42 -4.04
CA GLN B 645 41.50 -29.66 -4.95
C GLN B 645 42.68 -30.51 -5.38
N GLN B 646 42.58 -31.82 -5.16
CA GLN B 646 43.75 -32.66 -5.16
C GLN B 646 44.26 -32.91 -6.56
N ASN B 647 43.40 -32.80 -7.56
CA ASN B 647 43.81 -32.93 -8.95
C ASN B 647 43.17 -31.79 -9.73
N SER B 648 43.86 -30.65 -9.75
CA SER B 648 43.37 -29.46 -10.41
C SER B 648 44.39 -28.77 -11.29
N THR B 649 45.68 -29.05 -11.09
CA THR B 649 46.85 -28.62 -11.87
C THR B 649 47.15 -27.13 -11.66
N TYR B 650 46.21 -26.40 -11.09
CA TYR B 650 46.43 -25.02 -10.69
C TYR B 650 45.36 -24.67 -9.66
N PRO B 651 45.62 -24.97 -8.39
CA PRO B 651 44.53 -25.04 -7.41
C PRO B 651 44.14 -23.72 -6.79
N ILE B 652 44.11 -22.63 -7.56
CA ILE B 652 43.43 -21.42 -7.14
C ILE B 652 42.38 -21.00 -8.15
N LEU B 653 42.69 -21.14 -9.44
CA LEU B 653 41.72 -20.84 -10.47
C LEU B 653 40.59 -21.85 -10.47
N PHE B 654 40.89 -23.08 -10.07
CA PHE B 654 39.86 -24.03 -9.71
C PHE B 654 39.01 -23.50 -8.56
N LEU B 655 39.67 -22.95 -7.54
CA LEU B 655 38.92 -22.45 -6.39
C LEU B 655 38.23 -21.15 -6.70
N PHE B 656 38.90 -20.26 -7.42
CA PHE B 656 38.30 -18.97 -7.74
C PHE B 656 37.09 -19.13 -8.63
N LEU B 657 37.11 -20.11 -9.52
CA LEU B 657 35.92 -20.39 -10.31
C LEU B 657 34.83 -20.98 -9.43
N LEU B 658 35.21 -21.78 -8.45
CA LEU B 658 34.22 -22.44 -7.63
C LEU B 658 33.55 -21.46 -6.68
N ILE B 659 34.34 -20.63 -6.00
CA ILE B 659 33.78 -19.65 -5.07
C ILE B 659 32.92 -18.64 -5.82
N THR B 660 33.33 -18.28 -7.04
CA THR B 660 32.53 -17.39 -7.85
C THR B 660 31.23 -18.05 -8.24
N TYR B 661 31.25 -19.36 -8.45
CA TYR B 661 30.02 -20.07 -8.77
C TYR B 661 29.08 -20.09 -7.59
N VAL B 662 29.58 -20.45 -6.41
CA VAL B 662 28.74 -20.60 -5.24
C VAL B 662 28.19 -19.25 -4.81
N ILE B 663 29.00 -18.21 -4.92
CA ILE B 663 28.51 -16.88 -4.58
C ILE B 663 27.58 -16.37 -5.65
N LEU B 664 27.58 -17.00 -6.82
CA LEU B 664 26.61 -16.63 -7.84
C LEU B 664 25.28 -17.32 -7.61
N THR B 665 25.28 -18.65 -7.52
CA THR B 665 23.99 -19.31 -7.55
C THR B 665 23.28 -19.34 -6.20
N PHE B 666 23.95 -19.71 -5.11
CA PHE B 666 23.22 -19.88 -3.87
C PHE B 666 23.03 -18.59 -3.12
N VAL B 667 24.00 -17.69 -3.19
CA VAL B 667 23.82 -16.41 -2.53
C VAL B 667 22.75 -15.62 -3.25
N LEU B 668 22.73 -15.69 -4.57
CA LEU B 668 21.93 -14.75 -5.34
C LEU B 668 20.77 -15.43 -6.04
N LEU B 669 21.07 -16.37 -6.95
CA LEU B 669 20.08 -16.79 -7.93
C LEU B 669 19.01 -17.65 -7.30
N LEU B 670 19.39 -18.54 -6.41
CA LEU B 670 18.39 -19.29 -5.67
C LEU B 670 17.58 -18.36 -4.80
N ASN B 671 18.21 -17.37 -4.20
CA ASN B 671 17.47 -16.37 -3.47
C ASN B 671 16.74 -15.41 -4.40
N MET B 672 17.24 -15.25 -5.62
CA MET B 672 16.52 -14.44 -6.60
C MET B 672 15.17 -15.04 -6.94
N LEU B 673 15.14 -16.36 -7.10
CA LEU B 673 13.91 -17.00 -7.53
C LEU B 673 12.88 -17.02 -6.41
N ILE B 674 13.31 -16.98 -5.17
CA ILE B 674 12.33 -17.01 -4.10
C ILE B 674 11.70 -15.65 -3.92
N ALA B 675 12.45 -14.59 -4.20
CA ALA B 675 11.87 -13.25 -4.18
C ALA B 675 10.83 -13.09 -5.28
N LEU B 676 11.08 -13.66 -6.45
CA LEU B 676 10.05 -13.68 -7.48
C LEU B 676 8.92 -14.62 -7.13
N MET B 677 9.21 -15.64 -6.33
CA MET B 677 8.19 -16.60 -5.93
C MET B 677 7.18 -15.94 -5.02
N GLY B 678 7.66 -15.36 -3.92
CA GLY B 678 6.77 -14.86 -2.88
C GLY B 678 5.94 -13.66 -3.30
N GLU B 679 6.40 -12.90 -4.28
CA GLU B 679 5.58 -11.80 -4.77
C GLU B 679 4.42 -12.33 -5.59
N THR B 680 4.67 -13.36 -6.39
CA THR B 680 3.62 -13.91 -7.22
C THR B 680 2.61 -14.66 -6.37
N VAL B 681 3.10 -15.33 -5.33
CA VAL B 681 2.25 -15.99 -4.34
C VAL B 681 1.34 -14.99 -3.66
N GLU B 682 1.89 -13.84 -3.29
CA GLU B 682 1.11 -12.81 -2.61
C GLU B 682 0.05 -12.23 -3.53
N ASN B 683 0.29 -12.23 -4.84
CA ASN B 683 -0.77 -11.86 -5.77
C ASN B 683 -1.88 -12.90 -5.74
N VAL B 684 -1.51 -14.18 -5.73
CA VAL B 684 -2.51 -15.22 -5.79
C VAL B 684 -3.25 -15.36 -4.46
N SER B 685 -2.56 -15.15 -3.34
CA SER B 685 -3.21 -15.25 -2.03
C SER B 685 -4.29 -14.20 -1.86
N LYS B 686 -4.17 -13.08 -2.55
CA LYS B 686 -5.26 -12.13 -2.63
C LYS B 686 -6.43 -12.68 -3.43
N GLU B 687 -6.15 -13.29 -4.57
CA GLU B 687 -7.18 -13.76 -5.48
C GLU B 687 -7.46 -15.20 -5.09
N SER B 688 -8.23 -15.38 -4.03
CA SER B 688 -8.53 -16.72 -3.55
C SER B 688 -9.90 -17.21 -4.00
N GLU B 689 -10.94 -16.44 -3.71
CA GLU B 689 -12.30 -16.87 -4.00
C GLU B 689 -12.59 -16.92 -5.49
N ARG B 690 -11.89 -16.12 -6.29
CA ARG B 690 -12.15 -16.07 -7.71
C ARG B 690 -11.77 -17.38 -8.38
N ILE B 691 -10.69 -18.00 -7.93
CA ILE B 691 -10.37 -19.29 -8.50
C ILE B 691 -11.10 -20.40 -7.78
N TRP B 692 -11.64 -20.15 -6.59
CA TRP B 692 -12.23 -21.26 -5.85
C TRP B 692 -13.61 -21.59 -6.36
N ARG B 693 -14.42 -20.57 -6.63
CA ARG B 693 -15.73 -20.81 -7.22
C ARG B 693 -15.61 -21.43 -8.60
N LEU B 694 -14.61 -21.01 -9.38
CA LEU B 694 -14.58 -21.32 -10.80
C LEU B 694 -14.28 -22.78 -11.04
N GLN B 695 -13.38 -23.35 -10.24
CA GLN B 695 -13.06 -24.77 -10.40
C GLN B 695 -14.25 -25.64 -10.03
N ARG B 696 -15.02 -25.21 -9.04
CA ARG B 696 -16.28 -25.87 -8.74
C ARG B 696 -17.23 -25.76 -9.91
N ALA B 697 -17.30 -24.56 -10.50
CA ALA B 697 -18.14 -24.36 -11.67
C ALA B 697 -17.60 -25.10 -12.88
N ARG B 698 -16.29 -25.36 -12.92
CA ARG B 698 -15.71 -26.08 -14.02
C ARG B 698 -16.18 -27.53 -14.03
N THR B 699 -16.01 -28.21 -12.92
CA THR B 699 -16.27 -29.64 -12.89
C THR B 699 -17.75 -29.98 -12.88
N ILE B 700 -18.60 -29.06 -12.42
CA ILE B 700 -19.99 -29.41 -12.26
C ILE B 700 -20.66 -29.59 -13.62
N LEU B 701 -20.22 -28.83 -14.61
CA LEU B 701 -20.74 -29.04 -15.95
C LEU B 701 -20.16 -30.31 -16.55
N GLU B 702 -18.91 -30.61 -16.21
CA GLU B 702 -18.29 -31.85 -16.64
C GLU B 702 -19.03 -33.05 -16.08
N PHE B 703 -19.45 -32.96 -14.81
CA PHE B 703 -20.32 -33.99 -14.28
C PHE B 703 -21.69 -33.94 -14.91
N GLU B 704 -22.20 -32.74 -15.20
CA GLU B 704 -23.48 -32.64 -15.88
C GLU B 704 -23.37 -33.12 -17.31
N LYS B 705 -22.17 -33.05 -17.90
CA LYS B 705 -21.95 -33.69 -19.19
C LYS B 705 -22.08 -35.20 -19.07
N MET B 706 -21.70 -35.76 -17.92
CA MET B 706 -21.83 -37.19 -17.67
C MET B 706 -23.18 -37.46 -17.01
N LEU B 707 -24.24 -37.33 -17.81
CA LEU B 707 -25.58 -37.61 -17.31
C LEU B 707 -26.53 -37.94 -18.46
N PRO B 708 -26.74 -39.20 -18.77
CA PRO B 708 -27.68 -39.56 -19.84
C PRO B 708 -29.10 -39.79 -19.37
N GLU B 709 -30.07 -39.15 -20.05
CA GLU B 709 -31.42 -39.66 -20.23
C GLU B 709 -32.30 -39.65 -18.97
N TRP B 710 -31.70 -39.46 -17.80
CA TRP B 710 -32.41 -39.56 -16.55
C TRP B 710 -32.15 -38.26 -15.81
N LEU B 711 -32.94 -37.26 -16.16
CA LEU B 711 -32.67 -35.89 -15.78
C LEU B 711 -33.92 -35.15 -15.39
N ARG B 712 -35.04 -35.84 -15.21
CA ARG B 712 -36.29 -35.16 -14.93
C ARG B 712 -36.29 -34.59 -13.51
N SER B 713 -35.79 -35.35 -12.53
CA SER B 713 -35.67 -34.81 -11.18
C SER B 713 -34.56 -33.79 -11.10
N ARG B 714 -33.59 -33.87 -12.00
CA ARG B 714 -32.49 -32.92 -11.98
C ARG B 714 -32.75 -31.82 -13.01
N PHE B 715 -33.77 -31.04 -12.68
CA PHE B 715 -34.26 -29.89 -13.44
C PHE B 715 -34.45 -28.70 -12.51
N ARG B 716 -35.16 -27.68 -13.00
CA ARG B 716 -35.37 -26.47 -12.19
C ARG B 716 -36.67 -25.76 -12.63
N MET B 717 -37.76 -26.11 -11.95
CA MET B 717 -39.00 -25.32 -11.87
C MET B 717 -39.61 -25.04 -13.24
N GLY B 718 -40.15 -26.08 -13.85
CA GLY B 718 -40.71 -25.95 -15.18
C GLY B 718 -42.13 -25.40 -15.22
N GLU B 719 -42.58 -25.13 -16.45
CA GLU B 719 -43.98 -24.89 -16.82
C GLU B 719 -44.57 -23.68 -16.07
N LEU B 720 -44.09 -22.49 -16.44
CA LEU B 720 -44.61 -21.28 -15.83
C LEU B 720 -45.08 -20.28 -16.90
N CYS B 721 -46.31 -19.80 -16.74
CA CYS B 721 -46.87 -18.73 -17.55
C CYS B 721 -46.75 -17.39 -16.83
N LYS B 722 -46.95 -16.32 -17.59
CA LYS B 722 -46.98 -15.00 -16.94
C LYS B 722 -48.36 -14.75 -16.36
N VAL B 723 -49.37 -14.48 -17.21
CA VAL B 723 -50.77 -14.61 -16.80
C VAL B 723 -51.64 -15.31 -17.84
N ALA B 724 -51.30 -15.19 -19.13
CA ALA B 724 -52.32 -15.12 -20.17
C ALA B 724 -52.39 -16.36 -21.06
N ASP B 725 -51.29 -16.72 -21.71
CA ASP B 725 -51.24 -17.88 -22.59
C ASP B 725 -50.93 -19.12 -21.76
N GLU B 726 -50.39 -20.15 -22.39
CA GLU B 726 -49.76 -21.24 -21.65
C GLU B 726 -48.42 -20.80 -21.09
N ASP B 727 -47.60 -21.75 -20.65
CA ASP B 727 -46.34 -21.42 -20.00
C ASP B 727 -45.36 -20.71 -20.94
N PHE B 728 -45.25 -19.39 -20.74
CA PHE B 728 -44.35 -18.58 -21.54
C PHE B 728 -42.90 -19.02 -21.33
N ARG B 729 -42.45 -19.02 -20.08
CA ARG B 729 -41.07 -19.34 -19.79
C ARG B 729 -40.98 -19.83 -18.35
N LEU B 730 -40.22 -20.90 -18.15
CA LEU B 730 -40.02 -21.42 -16.82
C LEU B 730 -39.07 -20.51 -16.06
N CYS B 731 -39.25 -20.43 -14.75
CA CYS B 731 -38.52 -19.44 -13.99
C CYS B 731 -37.75 -20.10 -12.85
N LEU B 732 -37.11 -19.25 -12.07
CA LEU B 732 -36.51 -19.65 -10.80
C LEU B 732 -37.07 -18.80 -9.68
N ARG B 733 -36.51 -18.94 -8.50
CA ARG B 733 -37.22 -18.53 -7.30
C ARG B 733 -36.44 -17.48 -6.51
N ILE B 734 -36.98 -17.18 -5.34
CA ILE B 734 -36.87 -15.89 -4.67
C ILE B 734 -35.50 -15.68 -4.07
N ASN B 735 -35.22 -14.47 -3.61
CA ASN B 735 -33.92 -14.09 -3.10
C ASN B 735 -34.13 -13.22 -1.86
N GLU B 736 -33.04 -12.64 -1.37
CA GLU B 736 -33.12 -11.67 -0.28
C GLU B 736 -31.89 -10.78 -0.33
N VAL B 737 -32.05 -9.56 0.16
CA VAL B 737 -30.97 -8.59 0.24
C VAL B 737 -31.24 -7.62 1.37
N LYS B 738 -30.30 -7.51 2.31
CA LYS B 738 -30.55 -6.69 3.50
C LYS B 738 -29.91 -5.32 3.28
N TRP B 739 -30.53 -4.54 2.39
CA TRP B 739 -30.19 -3.14 2.27
C TRP B 739 -31.42 -2.27 2.13
N THR B 740 -32.43 -2.54 2.97
CA THR B 740 -33.49 -1.58 3.23
C THR B 740 -32.93 -0.31 3.85
N GLU B 741 -31.77 -0.42 4.48
CA GLU B 741 -30.99 0.68 4.99
C GLU B 741 -30.65 1.68 3.89
N TRP B 742 -31.27 2.85 3.98
CA TRP B 742 -30.85 4.03 3.25
C TRP B 742 -31.33 5.25 4.02
N LYS B 743 -31.29 6.40 3.36
CA LYS B 743 -31.72 7.67 3.95
C LYS B 743 -32.74 8.33 3.04
N THR B 744 -34.00 8.30 3.48
CA THR B 744 -35.05 9.08 2.85
C THR B 744 -35.98 9.74 3.85
N HIS B 745 -35.79 9.51 5.16
CA HIS B 745 -36.64 10.00 6.25
C HIS B 745 -38.10 9.64 6.08
N SER C 85 24.14 22.48 -4.44
CA SER C 85 23.55 22.66 -3.11
C SER C 85 23.96 23.95 -2.35
N PRO C 86 25.22 24.42 -2.44
CA PRO C 86 25.48 25.81 -2.02
C PRO C 86 24.91 26.80 -3.02
N GLN C 87 24.84 28.05 -2.60
CA GLN C 87 24.35 29.12 -3.49
C GLN C 87 25.51 29.97 -4.00
N SER C 88 26.27 30.57 -3.09
CA SER C 88 27.51 31.33 -3.34
C SER C 88 27.31 32.49 -4.30
N PRO C 89 26.71 33.60 -3.87
CA PRO C 89 26.57 34.76 -4.76
C PRO C 89 27.87 35.50 -5.01
N GLN C 90 28.91 35.21 -4.22
CA GLN C 90 30.32 35.47 -4.45
C GLN C 90 30.76 36.92 -4.31
N ASP C 91 29.82 37.87 -4.21
CA ASP C 91 30.12 39.29 -4.04
C ASP C 91 28.80 40.01 -3.84
N ASP C 92 28.87 41.13 -3.11
CA ASP C 92 28.13 42.40 -3.34
C ASP C 92 26.71 42.19 -3.84
N VAL C 93 25.91 41.53 -2.99
CA VAL C 93 24.78 40.70 -3.40
C VAL C 93 23.76 41.47 -4.26
N THR C 94 23.16 42.55 -3.76
CA THR C 94 22.99 43.90 -4.30
C THR C 94 21.99 44.50 -3.31
N GLU C 95 21.91 45.83 -3.17
CA GLU C 95 20.88 46.54 -2.37
C GLU C 95 20.94 46.11 -0.90
N THR C 96 21.98 46.53 -0.28
CA THR C 96 22.01 46.27 1.14
C THR C 96 21.64 47.51 1.94
N PRO C 97 20.99 47.35 3.10
CA PRO C 97 20.84 48.51 3.99
C PRO C 97 22.13 48.88 4.69
N SER C 98 23.02 47.92 4.94
CA SER C 98 24.28 48.19 5.60
C SER C 98 25.25 48.84 4.61
N ASN C 99 25.52 50.13 4.80
CA ASN C 99 26.21 50.89 3.77
C ASN C 99 27.50 51.49 4.34
N PRO C 100 28.65 51.11 3.79
CA PRO C 100 29.92 51.74 4.21
C PRO C 100 30.14 53.12 3.60
N ASN C 101 31.36 53.65 3.78
CA ASN C 101 31.74 54.96 3.25
C ASN C 101 32.91 54.81 2.28
N SER C 102 32.85 53.81 1.40
CA SER C 102 33.93 53.57 0.47
C SER C 102 33.93 54.44 -0.80
N PRO C 103 32.80 54.61 -1.56
CA PRO C 103 32.92 55.39 -2.81
C PRO C 103 32.96 56.90 -2.60
N SER C 104 32.24 57.39 -1.59
CA SER C 104 32.18 58.82 -1.33
C SER C 104 33.46 59.36 -0.70
N ALA C 105 34.37 58.49 -0.24
CA ALA C 105 35.64 58.96 0.30
C ALA C 105 36.57 59.46 -0.79
N ASN C 106 36.40 58.98 -2.03
CA ASN C 106 37.25 59.44 -3.12
C ASN C 106 36.83 60.82 -3.61
N LEU C 107 35.52 61.08 -3.68
CA LEU C 107 35.00 62.38 -4.10
C LEU C 107 34.72 63.18 -2.84
N ALA C 108 35.71 63.93 -2.36
CA ALA C 108 35.48 64.78 -1.20
C ALA C 108 34.50 65.91 -1.52
N LYS C 109 34.98 66.90 -2.27
CA LYS C 109 34.27 68.11 -2.75
C LYS C 109 33.26 68.67 -1.73
N GLU C 110 33.77 68.99 -0.54
CA GLU C 110 32.95 69.29 0.63
C GLU C 110 32.84 70.80 0.83
N GLU C 111 31.63 71.27 1.10
CA GLU C 111 31.44 72.69 1.40
C GLU C 111 30.68 72.92 2.70
N GLN C 112 29.79 72.00 3.08
CA GLN C 112 29.01 72.16 4.32
C GLN C 112 28.75 70.78 4.92
N ARG C 113 29.71 70.36 5.77
CA ARG C 113 29.79 69.25 6.74
C ARG C 113 29.77 67.86 6.09
N GLN C 114 29.26 67.79 4.86
CA GLN C 114 29.62 66.96 3.73
C GLN C 114 28.71 67.49 2.63
N LYS C 115 29.26 67.85 1.48
CA LYS C 115 28.42 68.52 0.49
C LYS C 115 27.58 67.52 -0.29
N LYS C 116 28.16 66.37 -0.60
CA LYS C 116 27.60 65.48 -1.61
C LYS C 116 27.11 64.15 -1.07
N LYS C 117 27.74 63.59 -0.04
CA LYS C 117 27.24 62.35 0.53
C LYS C 117 26.01 62.64 1.38
N ARG C 118 25.92 63.84 1.95
CA ARG C 118 24.66 64.31 2.49
C ARG C 118 23.68 64.68 1.38
N LEU C 119 24.14 64.78 0.14
CA LEU C 119 23.21 64.92 -0.96
C LEU C 119 22.89 63.57 -1.58
N LYS C 120 23.91 62.70 -1.73
CA LYS C 120 23.73 61.47 -2.48
C LYS C 120 22.90 60.45 -1.69
N LYS C 121 23.23 60.26 -0.43
CA LYS C 121 22.53 59.26 0.37
C LYS C 121 21.10 59.69 0.65
N ARG C 122 20.85 61.00 0.77
CA ARG C 122 19.49 61.46 1.02
C ARG C 122 18.60 61.27 -0.19
N ILE C 123 19.19 61.23 -1.39
CA ILE C 123 18.41 60.84 -2.58
C ILE C 123 17.92 59.41 -2.43
N PHE C 124 18.82 58.53 -1.96
CA PHE C 124 18.55 57.11 -1.89
C PHE C 124 17.40 56.78 -0.97
N ALA C 125 17.46 57.29 0.26
CA ALA C 125 16.46 56.94 1.26
C ALA C 125 15.11 57.57 0.92
N ALA C 126 15.13 58.79 0.37
CA ALA C 126 13.89 59.40 -0.11
C ALA C 126 13.29 58.61 -1.26
N VAL C 127 14.14 58.05 -2.11
CA VAL C 127 13.68 57.03 -3.04
C VAL C 127 13.28 55.78 -2.28
N SER C 128 14.09 55.36 -1.30
CA SER C 128 13.84 54.10 -0.61
C SER C 128 12.59 54.15 0.25
N GLU C 129 12.20 55.34 0.69
CA GLU C 129 10.92 55.49 1.39
C GLU C 129 9.81 55.88 0.44
N GLY C 130 9.97 56.99 -0.28
CA GLY C 130 8.95 57.44 -1.20
C GLY C 130 8.41 58.79 -0.81
N CYS C 131 9.12 59.50 0.07
CA CYS C 131 8.70 60.83 0.46
C CYS C 131 8.94 61.81 -0.68
N VAL C 132 7.87 62.47 -1.11
CA VAL C 132 7.91 63.21 -2.37
C VAL C 132 8.52 64.59 -2.19
N GLU C 133 7.96 65.38 -1.28
CA GLU C 133 8.35 66.79 -1.17
C GLU C 133 9.76 66.95 -0.61
N GLU C 134 10.18 66.00 0.24
CA GLU C 134 11.59 65.91 0.61
C GLU C 134 12.45 65.66 -0.60
N LEU C 135 11.99 64.79 -1.50
CA LEU C 135 12.75 64.50 -2.70
C LEU C 135 12.72 65.67 -3.68
N ARG C 136 11.64 66.45 -3.67
CA ARG C 136 11.53 67.62 -4.56
C ARG C 136 12.60 68.65 -4.26
N GLU C 137 12.90 68.85 -2.99
CA GLU C 137 13.92 69.83 -2.62
C GLU C 137 15.31 69.24 -2.81
N LEU C 138 15.47 67.93 -2.64
CA LEU C 138 16.77 67.30 -2.87
C LEU C 138 17.15 67.31 -4.33
N LEU C 139 16.17 67.23 -5.22
CA LEU C 139 16.47 67.40 -6.64
C LEU C 139 16.76 68.84 -6.97
N GLN C 140 16.21 69.78 -6.20
CA GLN C 140 16.45 71.20 -6.44
C GLN C 140 17.90 71.57 -6.17
N ASP C 141 18.46 71.10 -5.06
CA ASP C 141 19.87 71.33 -4.81
C ASP C 141 20.77 70.52 -5.71
N LEU C 142 20.27 69.42 -6.28
CA LEU C 142 21.03 68.72 -7.30
C LEU C 142 21.21 69.58 -8.54
N GLN C 143 20.18 70.31 -8.92
CA GLN C 143 20.33 71.32 -9.95
C GLN C 143 21.24 72.44 -9.49
N ASP C 144 21.16 72.82 -8.22
CA ASP C 144 21.94 73.93 -7.71
C ASP C 144 23.42 73.58 -7.63
N LEU C 145 23.76 72.35 -7.27
CA LEU C 145 25.16 71.96 -7.24
C LEU C 145 25.69 71.80 -8.66
N CYS C 146 24.86 71.30 -9.57
CA CYS C 146 25.24 71.19 -10.97
C CYS C 146 25.03 72.51 -11.72
N ARG C 147 24.50 73.53 -11.06
CA ARG C 147 24.49 74.86 -11.66
C ARG C 147 25.90 75.39 -11.82
N ARG C 148 26.68 75.35 -10.76
CA ARG C 148 28.09 75.74 -10.84
C ARG C 148 28.86 74.59 -11.46
N ARG C 149 29.17 74.71 -12.74
CA ARG C 149 29.87 73.66 -13.45
C ARG C 149 30.62 74.30 -14.61
N ARG C 150 31.74 73.68 -14.99
CA ARG C 150 32.61 74.15 -16.06
C ARG C 150 32.02 73.81 -17.43
N GLY C 151 32.87 73.77 -18.44
CA GLY C 151 32.43 73.64 -19.81
C GLY C 151 31.84 72.30 -20.20
N LEU C 152 30.50 72.25 -20.26
CA LEU C 152 29.71 71.12 -20.76
C LEU C 152 29.95 69.81 -20.01
N ASP C 153 30.40 69.91 -18.75
CA ASP C 153 30.64 68.74 -17.93
C ASP C 153 29.45 68.41 -17.04
N VAL C 154 28.39 69.22 -17.11
CA VAL C 154 27.23 68.99 -16.25
C VAL C 154 26.48 67.68 -16.49
N PRO C 155 26.34 67.13 -17.72
CA PRO C 155 25.62 65.84 -17.76
C PRO C 155 26.45 64.69 -17.27
N ASP C 156 27.75 64.68 -17.59
CA ASP C 156 28.60 63.56 -17.22
C ASP C 156 28.89 63.54 -15.74
N PHE C 157 28.87 64.71 -15.11
CA PHE C 157 29.16 64.80 -13.68
C PHE C 157 28.04 64.19 -12.87
N LEU C 158 26.79 64.44 -13.27
CA LEU C 158 25.67 63.92 -12.50
C LEU C 158 25.59 62.40 -12.60
N MET C 159 26.05 61.83 -13.70
CA MET C 159 26.19 60.38 -13.77
C MET C 159 27.21 59.89 -12.75
N HIS C 160 28.34 60.56 -12.67
CA HIS C 160 29.32 60.21 -11.66
C HIS C 160 28.85 60.62 -10.27
N LYS C 161 27.91 61.56 -10.20
CA LYS C 161 27.31 61.91 -8.92
C LYS C 161 26.30 60.85 -8.48
N LEU C 162 25.41 60.45 -9.38
CA LEU C 162 24.28 59.61 -9.00
C LEU C 162 24.53 58.13 -9.22
N THR C 163 25.36 57.78 -10.17
CA THR C 163 25.65 56.39 -10.50
C THR C 163 27.13 56.12 -10.28
N ALA C 164 27.56 54.94 -10.73
CA ALA C 164 28.95 54.51 -10.80
C ALA C 164 29.62 54.55 -9.43
N SER C 165 28.84 54.25 -8.40
CA SER C 165 29.31 54.36 -7.03
C SER C 165 30.30 53.24 -6.75
N ASP C 166 29.83 52.00 -6.81
CA ASP C 166 30.70 50.85 -6.66
C ASP C 166 30.38 49.87 -7.78
N THR C 167 29.15 49.93 -8.26
CA THR C 167 28.62 48.98 -9.22
C THR C 167 28.18 49.60 -10.52
N GLY C 168 27.68 50.84 -10.48
CA GLY C 168 27.03 51.44 -11.61
C GLY C 168 25.54 51.57 -11.48
N LYS C 169 24.98 51.27 -10.32
CA LYS C 169 23.54 51.34 -10.14
C LYS C 169 23.07 52.79 -10.09
N THR C 170 21.78 52.97 -10.38
CA THR C 170 21.17 54.28 -10.49
C THR C 170 20.17 54.46 -9.37
N CYS C 171 19.54 55.64 -9.39
CA CYS C 171 18.37 55.85 -8.55
C CYS C 171 17.16 55.14 -9.10
N LEU C 172 17.07 55.02 -10.43
CA LEU C 172 15.97 54.28 -11.04
C LEU C 172 16.01 52.81 -10.66
N MET C 173 17.22 52.27 -10.47
CA MET C 173 17.35 50.93 -9.91
C MET C 173 16.73 50.90 -8.52
N LYS C 174 17.20 51.79 -7.65
CA LYS C 174 16.65 51.91 -6.30
C LYS C 174 15.19 52.36 -6.33
N ALA C 175 14.77 53.04 -7.40
CA ALA C 175 13.35 53.30 -7.58
C ALA C 175 12.59 52.03 -7.90
N LEU C 176 13.26 51.02 -8.41
CA LEU C 176 12.54 49.85 -8.87
C LEU C 176 12.93 48.58 -8.14
N LEU C 177 13.93 48.61 -7.28
CA LEU C 177 14.20 47.41 -6.49
C LEU C 177 13.12 47.20 -5.44
N ASN C 178 12.76 48.25 -4.73
CA ASN C 178 11.66 48.16 -3.79
C ASN C 178 10.37 48.54 -4.50
N ILE C 179 9.28 48.65 -3.74
CA ILE C 179 8.05 49.20 -4.27
C ILE C 179 7.30 49.87 -3.12
N ASN C 180 6.56 50.92 -3.45
CA ASN C 180 5.82 51.72 -2.50
C ASN C 180 4.73 52.45 -3.27
N PRO C 181 3.65 52.90 -2.61
CA PRO C 181 2.56 53.53 -3.37
C PRO C 181 2.93 54.88 -3.98
N ASN C 182 4.08 55.44 -3.67
CA ASN C 182 4.53 56.68 -4.29
C ASN C 182 5.32 56.46 -5.57
N THR C 183 5.46 55.21 -6.00
CA THR C 183 6.50 54.84 -6.97
C THR C 183 6.24 55.46 -8.33
N LYS C 184 5.03 55.29 -8.86
CA LYS C 184 4.71 55.84 -10.17
C LYS C 184 4.76 57.36 -10.17
N GLU C 185 4.41 57.96 -9.04
CA GLU C 185 4.42 59.41 -8.95
C GLU C 185 5.86 59.93 -8.86
N ILE C 186 6.74 59.24 -8.15
CA ILE C 186 8.08 59.78 -8.00
C ILE C 186 8.89 59.56 -9.26
N VAL C 187 8.59 58.50 -10.01
CA VAL C 187 9.36 58.20 -11.21
C VAL C 187 9.10 59.24 -12.29
N ARG C 188 7.84 59.60 -12.49
CA ARG C 188 7.50 60.59 -13.52
C ARG C 188 8.02 61.97 -13.16
N ILE C 189 8.16 62.26 -11.87
CA ILE C 189 8.91 63.43 -11.46
C ILE C 189 10.38 63.24 -11.78
N LEU C 190 10.92 62.06 -11.44
CA LEU C 190 12.32 61.76 -11.69
C LEU C 190 12.59 61.61 -13.18
N LEU C 191 11.59 61.20 -13.95
CA LEU C 191 11.72 61.19 -15.39
C LEU C 191 11.82 62.61 -15.94
N ALA C 192 11.04 63.53 -15.37
CA ALA C 192 11.02 64.90 -15.85
C ALA C 192 12.29 65.65 -15.51
N PHE C 193 13.09 65.14 -14.57
CA PHE C 193 14.27 65.86 -14.12
C PHE C 193 15.36 65.88 -15.17
N ALA C 194 15.88 64.70 -15.53
CA ALA C 194 16.94 64.61 -16.52
C ALA C 194 16.43 64.83 -17.94
N GLU C 195 15.12 64.98 -18.13
CA GLU C 195 14.59 65.49 -19.38
C GLU C 195 15.04 66.92 -19.63
N GLU C 196 15.30 67.68 -18.56
CA GLU C 196 15.83 69.03 -18.71
C GLU C 196 17.24 69.00 -19.30
N ASN C 197 17.98 67.93 -19.03
CA ASN C 197 19.26 67.72 -19.68
C ASN C 197 19.07 66.80 -20.89
N ASP C 198 20.19 66.36 -21.46
CA ASP C 198 20.22 65.69 -22.75
C ASP C 198 20.82 64.29 -22.67
N ILE C 199 20.69 63.63 -21.53
CA ILE C 199 21.44 62.40 -21.31
C ILE C 199 20.48 61.34 -20.78
N LEU C 200 19.19 61.67 -20.76
CA LEU C 200 18.19 60.82 -20.12
C LEU C 200 18.00 59.49 -20.85
N ASP C 201 18.16 59.49 -22.17
CA ASP C 201 18.18 58.23 -22.91
C ASP C 201 19.40 57.40 -22.54
N ARG C 202 20.55 58.03 -22.38
CA ARG C 202 21.70 57.32 -21.83
C ARG C 202 21.46 56.97 -20.37
N PHE C 203 20.79 57.86 -19.65
CA PHE C 203 20.54 57.64 -18.23
C PHE C 203 19.53 56.52 -18.00
N ILE C 204 18.58 56.34 -18.91
CA ILE C 204 17.63 55.25 -18.71
C ILE C 204 18.24 53.92 -19.11
N ASN C 205 19.28 53.93 -19.94
CA ASN C 205 19.89 52.71 -20.42
C ASN C 205 21.24 52.49 -19.77
N ALA C 206 21.33 52.79 -18.48
CA ALA C 206 22.51 52.45 -17.74
C ALA C 206 22.54 50.95 -17.46
N GLU C 207 23.74 50.42 -17.31
CA GLU C 207 23.93 49.02 -16.99
C GLU C 207 25.11 48.87 -16.05
N TYR C 208 25.19 47.72 -15.40
CA TYR C 208 26.19 47.52 -14.37
C TYR C 208 27.57 47.34 -14.95
N THR C 209 28.49 48.19 -14.52
CA THR C 209 29.90 47.89 -14.62
C THR C 209 30.32 46.84 -13.63
N GLU C 210 29.49 46.59 -12.62
CA GLU C 210 29.65 45.46 -11.73
C GLU C 210 29.73 44.16 -12.51
N GLU C 211 30.71 43.34 -12.17
CA GLU C 211 31.00 42.15 -12.94
C GLU C 211 29.90 41.09 -12.77
N ALA C 212 29.22 41.09 -11.63
CA ALA C 212 28.27 40.04 -11.31
C ALA C 212 27.00 40.16 -12.14
N TYR C 213 26.45 41.35 -12.23
CA TYR C 213 25.21 41.59 -12.94
C TYR C 213 25.45 42.49 -14.12
N GLU C 214 26.53 42.19 -14.83
CA GLU C 214 27.02 43.05 -15.90
C GLU C 214 26.01 43.11 -17.03
N GLY C 215 25.49 44.30 -17.27
CA GLY C 215 24.48 44.53 -18.29
C GLY C 215 23.07 44.63 -17.77
N GLN C 216 22.86 44.55 -16.46
CA GLN C 216 21.51 44.67 -15.93
C GLN C 216 21.07 46.13 -15.96
N THR C 217 19.93 46.38 -16.59
CA THR C 217 19.42 47.73 -16.77
C THR C 217 18.15 47.92 -15.96
N ALA C 218 17.55 49.10 -16.11
CA ALA C 218 16.40 49.45 -15.30
C ALA C 218 15.10 48.92 -15.87
N LEU C 219 15.12 48.40 -17.08
CA LEU C 219 13.88 47.91 -17.68
C LEU C 219 13.43 46.62 -17.03
N ASN C 220 14.35 45.67 -16.87
CA ASN C 220 14.03 44.34 -16.39
C ASN C 220 13.51 44.37 -14.99
N ILE C 221 13.96 45.36 -14.23
CA ILE C 221 13.59 45.48 -12.84
C ILE C 221 12.13 45.88 -12.72
N ALA C 222 11.66 46.73 -13.63
CA ALA C 222 10.23 46.99 -13.72
C ALA C 222 9.48 45.76 -14.20
N ILE C 223 10.09 45.01 -15.11
CA ILE C 223 9.48 43.77 -15.57
C ILE C 223 9.48 42.74 -14.47
N GLU C 224 10.52 42.75 -13.64
CA GLU C 224 10.58 41.91 -12.46
C GLU C 224 9.46 42.24 -11.48
N ARG C 225 9.33 43.50 -11.13
CA ARG C 225 8.37 43.91 -10.13
C ARG C 225 6.97 44.11 -10.68
N ARG C 226 6.75 43.71 -11.94
CA ARG C 226 5.43 43.61 -12.56
C ARG C 226 4.71 44.96 -12.57
N GLN C 227 5.35 45.93 -13.22
CA GLN C 227 4.78 47.26 -13.39
C GLN C 227 4.80 47.59 -14.87
N GLY C 228 3.79 47.10 -15.58
CA GLY C 228 3.67 47.43 -16.98
C GLY C 228 3.33 48.88 -17.21
N ASP C 229 2.63 49.50 -16.25
CA ASP C 229 2.28 50.90 -16.35
C ASP C 229 3.53 51.76 -16.29
N ILE C 230 4.46 51.41 -15.41
CA ILE C 230 5.78 52.02 -15.42
C ILE C 230 6.49 51.68 -16.71
N THR C 231 6.37 50.42 -17.13
CA THR C 231 7.03 49.96 -18.34
C THR C 231 6.45 50.64 -19.56
N ALA C 232 5.14 50.94 -19.52
CA ALA C 232 4.53 51.74 -20.58
C ALA C 232 5.17 53.12 -20.67
N VAL C 233 5.50 53.70 -19.53
CA VAL C 233 6.27 54.93 -19.55
C VAL C 233 7.70 54.64 -20.00
N LEU C 234 8.23 53.48 -19.60
CA LEU C 234 9.59 53.12 -20.00
C LEU C 234 9.67 52.79 -21.48
N ILE C 235 8.61 52.20 -22.03
CA ILE C 235 8.54 52.08 -23.48
C ILE C 235 8.38 53.45 -24.11
N ALA C 236 7.60 54.33 -23.47
CA ALA C 236 7.52 55.70 -23.94
C ALA C 236 8.79 56.48 -23.68
N ALA C 237 9.65 56.00 -22.80
CA ALA C 237 10.92 56.69 -22.56
C ALA C 237 11.88 56.52 -23.72
N GLY C 238 11.92 55.33 -24.32
CA GLY C 238 12.80 55.10 -25.44
C GLY C 238 14.05 54.34 -25.06
N ALA C 239 13.91 53.29 -24.27
CA ALA C 239 15.03 52.48 -23.84
C ALA C 239 15.11 51.20 -24.67
N ASP C 240 16.33 50.67 -24.80
CA ASP C 240 16.57 49.48 -25.61
C ASP C 240 15.93 48.26 -24.96
N VAL C 241 14.97 47.67 -25.65
CA VAL C 241 14.25 46.51 -25.15
C VAL C 241 14.97 45.24 -25.56
N ASN C 242 16.17 45.38 -26.09
CA ASN C 242 16.92 44.25 -26.60
C ASN C 242 18.30 44.22 -25.98
N ALA C 243 18.33 44.42 -24.67
CA ALA C 243 19.60 44.46 -23.95
C ALA C 243 20.07 43.04 -23.68
N HIS C 244 21.28 42.94 -23.13
CA HIS C 244 21.92 41.66 -22.86
C HIS C 244 22.61 41.75 -21.51
N ALA C 245 21.97 41.21 -20.47
CA ALA C 245 22.54 41.24 -19.13
C ALA C 245 23.30 39.94 -18.90
N LYS C 246 24.50 39.88 -19.48
CA LYS C 246 25.28 38.65 -19.53
C LYS C 246 26.22 38.51 -18.34
N GLY C 247 25.86 39.02 -17.18
CA GLY C 247 26.69 38.89 -16.00
C GLY C 247 26.80 37.49 -15.42
N VAL C 248 27.29 37.40 -14.19
CA VAL C 248 27.55 36.12 -13.56
C VAL C 248 26.26 35.41 -13.17
N PHE C 249 25.14 36.14 -13.12
CA PHE C 249 23.95 35.68 -12.43
C PHE C 249 23.32 34.44 -13.07
N PHE C 250 23.47 34.24 -14.36
CA PHE C 250 23.06 32.96 -14.93
C PHE C 250 24.24 31.99 -14.83
N ASN C 251 23.94 30.77 -14.52
CA ASN C 251 24.92 29.91 -13.88
C ASN C 251 25.74 29.09 -14.87
N PRO C 252 26.93 28.65 -14.45
CA PRO C 252 27.60 27.54 -15.15
C PRO C 252 27.09 26.18 -14.75
N LYS C 253 26.43 26.08 -13.59
CA LYS C 253 25.71 24.87 -13.24
C LYS C 253 24.31 24.90 -13.84
N TYR C 254 23.41 24.06 -13.36
CA TYR C 254 22.14 23.87 -14.03
C TYR C 254 21.00 24.66 -13.40
N GLN C 255 20.69 24.42 -12.13
CA GLN C 255 19.49 24.98 -11.55
C GLN C 255 19.78 25.74 -10.26
N HIS C 256 20.95 26.35 -10.17
CA HIS C 256 21.38 26.93 -8.92
C HIS C 256 22.08 28.24 -9.19
N GLU C 257 22.45 28.92 -8.10
CA GLU C 257 23.12 30.21 -8.03
C GLU C 257 22.59 31.27 -8.98
N GLY C 258 21.29 31.26 -9.23
CA GLY C 258 20.77 32.26 -10.13
C GLY C 258 20.33 31.65 -11.44
N PHE C 259 19.19 32.10 -11.93
CA PHE C 259 18.50 31.40 -13.01
C PHE C 259 18.96 31.89 -14.38
N TYR C 260 18.45 31.22 -15.40
CA TYR C 260 18.79 31.45 -16.79
C TYR C 260 17.50 31.76 -17.52
N PHE C 261 17.10 33.02 -17.50
CA PHE C 261 16.02 33.43 -18.38
C PHE C 261 16.54 33.75 -19.77
N GLY C 262 17.85 33.89 -19.92
CA GLY C 262 18.43 34.07 -21.23
C GLY C 262 18.70 35.50 -21.63
N GLU C 263 19.07 36.36 -20.68
CA GLU C 263 19.69 37.68 -20.85
C GLU C 263 18.88 38.68 -21.68
N THR C 264 17.64 38.36 -22.01
CA THR C 264 16.88 39.24 -22.88
C THR C 264 15.65 39.78 -22.18
N PRO C 265 15.34 41.06 -22.41
CA PRO C 265 14.17 41.66 -21.75
C PRO C 265 12.86 41.04 -22.20
N LEU C 266 12.82 40.46 -23.39
CA LEU C 266 11.58 39.92 -23.90
C LEU C 266 11.22 38.62 -23.20
N ALA C 267 12.19 37.72 -23.02
CA ALA C 267 11.89 36.41 -22.49
C ALA C 267 11.58 36.47 -21.01
N LEU C 268 11.97 37.55 -20.35
CA LEU C 268 11.73 37.71 -18.93
C LEU C 268 10.25 37.78 -18.62
N ALA C 269 9.49 38.49 -19.45
CA ALA C 269 8.04 38.57 -19.22
C ALA C 269 7.38 37.24 -19.48
N ALA C 270 7.82 36.56 -20.53
CA ALA C 270 7.20 35.30 -20.92
C ALA C 270 7.51 34.22 -19.91
N CYS C 271 8.72 34.25 -19.36
CA CYS C 271 9.08 33.27 -18.35
C CYS C 271 8.36 33.53 -17.03
N THR C 272 7.88 34.75 -16.79
CA THR C 272 7.38 35.12 -15.48
C THR C 272 5.87 35.46 -15.55
N ASN C 273 5.20 35.01 -16.61
CA ASN C 273 3.73 35.02 -16.72
C ASN C 273 3.14 36.42 -16.70
N GLN C 274 3.57 37.26 -17.63
CA GLN C 274 2.94 38.55 -17.85
C GLN C 274 2.64 38.68 -19.33
N PRO C 275 1.56 38.05 -19.80
CA PRO C 275 1.30 38.00 -21.24
C PRO C 275 0.97 39.33 -21.85
N GLU C 276 0.43 40.25 -21.07
CA GLU C 276 0.17 41.60 -21.56
C GLU C 276 1.46 42.31 -21.91
N ILE C 277 2.46 42.14 -21.05
CA ILE C 277 3.78 42.69 -21.33
C ILE C 277 4.40 41.98 -22.53
N VAL C 278 4.10 40.69 -22.69
CA VAL C 278 4.59 39.94 -23.85
C VAL C 278 4.01 40.50 -25.13
N GLN C 279 2.72 40.81 -25.13
CA GLN C 279 2.07 41.38 -26.30
C GLN C 279 2.61 42.77 -26.58
N LEU C 280 2.66 43.61 -25.56
CA LEU C 280 3.02 45.00 -25.73
C LEU C 280 4.47 45.15 -26.15
N LEU C 281 5.34 44.30 -25.62
CA LEU C 281 6.73 44.34 -26.05
C LEU C 281 6.86 43.86 -27.49
N MET C 282 6.15 42.79 -27.83
CA MET C 282 6.23 42.30 -29.20
C MET C 282 5.49 43.20 -30.17
N GLU C 283 4.56 44.01 -29.68
CA GLU C 283 3.92 45.00 -30.54
C GLU C 283 4.90 46.10 -30.93
N ASN C 284 5.90 46.37 -30.10
CA ASN C 284 6.85 47.43 -30.40
C ASN C 284 7.74 47.04 -31.57
N GLU C 285 8.12 48.03 -32.35
CA GLU C 285 8.88 47.80 -33.57
C GLU C 285 10.37 47.70 -33.32
N GLN C 286 10.83 48.12 -32.15
CA GLN C 286 12.21 47.87 -31.77
C GLN C 286 12.46 46.40 -31.49
N THR C 287 11.40 45.65 -31.20
CA THR C 287 11.49 44.31 -30.65
C THR C 287 12.02 43.33 -31.70
N ASP C 288 13.28 42.98 -31.57
CA ASP C 288 13.73 41.75 -32.19
C ASP C 288 13.18 40.58 -31.39
N ILE C 289 12.95 39.48 -32.08
CA ILE C 289 12.69 38.20 -31.43
C ILE C 289 13.82 37.22 -31.69
N THR C 290 14.33 37.22 -32.90
CA THR C 290 15.26 36.21 -33.36
C THR C 290 16.68 36.45 -32.90
N SER C 291 16.93 37.39 -31.98
CA SER C 291 18.27 37.52 -31.47
C SER C 291 18.59 36.35 -30.55
N GLN C 292 19.87 36.15 -30.31
CA GLN C 292 20.32 34.96 -29.63
C GLN C 292 21.05 35.30 -28.34
N ASP C 293 21.15 34.30 -27.47
CA ASP C 293 21.90 34.39 -26.23
C ASP C 293 23.40 34.40 -26.52
N SER C 294 24.19 34.67 -25.48
CA SER C 294 25.57 34.20 -25.43
C SER C 294 25.67 32.72 -25.74
N ARG C 295 24.73 31.91 -25.25
CA ARG C 295 24.61 30.52 -25.67
C ARG C 295 24.01 30.36 -27.06
N GLY C 296 23.70 31.44 -27.77
CA GLY C 296 23.06 31.31 -29.05
C GLY C 296 21.60 30.96 -28.99
N ASN C 297 20.93 31.24 -27.87
CA ASN C 297 19.57 30.78 -27.63
C ASN C 297 18.56 31.85 -27.96
N ASN C 298 17.47 31.44 -28.61
CA ASN C 298 16.37 32.35 -28.86
C ASN C 298 15.48 32.46 -27.64
N ILE C 299 14.29 32.99 -27.86
CA ILE C 299 13.31 33.07 -26.78
C ILE C 299 12.78 31.70 -26.42
N LEU C 300 12.71 30.77 -27.37
CA LEU C 300 12.05 29.50 -27.08
C LEU C 300 12.94 28.60 -26.25
N HIS C 301 14.25 28.73 -26.40
CA HIS C 301 15.16 27.94 -25.61
C HIS C 301 15.08 28.29 -24.14
N ALA C 302 14.74 29.54 -23.84
CA ALA C 302 14.44 29.91 -22.48
C ALA C 302 13.25 29.13 -21.97
N LEU C 303 12.20 29.03 -22.79
CA LEU C 303 11.01 28.30 -22.40
C LEU C 303 11.27 26.82 -22.22
N VAL C 304 12.32 26.29 -22.83
CA VAL C 304 12.70 24.91 -22.59
C VAL C 304 13.13 24.72 -21.15
N THR C 305 13.84 25.70 -20.61
CA THR C 305 14.44 25.54 -19.29
C THR C 305 13.53 26.02 -18.19
N VAL C 306 12.23 25.79 -18.32
CA VAL C 306 11.27 26.34 -17.37
C VAL C 306 10.44 25.25 -16.73
N ALA C 307 9.77 24.46 -17.54
CA ALA C 307 8.58 23.72 -17.11
C ALA C 307 8.96 22.48 -16.31
N GLU C 308 7.98 21.64 -16.06
CA GLU C 308 8.14 20.50 -15.18
C GLU C 308 8.09 19.20 -15.97
N ASP C 309 8.11 18.09 -15.23
CA ASP C 309 7.99 16.74 -15.75
C ASP C 309 6.54 16.27 -15.74
N PHE C 310 5.61 17.15 -15.38
CA PHE C 310 4.25 16.74 -15.07
C PHE C 310 3.32 17.90 -15.34
N LYS C 311 2.03 17.60 -15.34
CA LYS C 311 1.02 18.66 -15.44
C LYS C 311 0.94 19.38 -14.10
N THR C 312 1.28 20.65 -14.08
CA THR C 312 1.00 21.42 -12.89
C THR C 312 -0.44 21.93 -12.99
N GLN C 313 -0.85 22.69 -11.98
CA GLN C 313 -2.21 23.22 -11.95
C GLN C 313 -2.24 24.46 -12.83
N ASN C 314 -2.45 24.22 -14.12
CA ASN C 314 -2.62 25.23 -15.17
C ASN C 314 -1.40 26.14 -15.28
N ASP C 315 -0.28 25.53 -15.72
CA ASP C 315 0.92 26.32 -15.96
C ASP C 315 0.71 27.28 -17.12
N PHE C 316 1.48 28.34 -17.12
CA PHE C 316 1.44 29.30 -18.20
C PHE C 316 2.46 29.00 -19.27
N VAL C 317 3.33 28.02 -19.02
CA VAL C 317 4.52 27.83 -19.83
C VAL C 317 4.14 27.35 -21.22
N LYS C 318 3.13 26.51 -21.30
CA LYS C 318 2.70 26.02 -22.59
C LYS C 318 1.89 27.06 -23.33
N ARG C 319 1.05 27.79 -22.63
CA ARG C 319 0.21 28.78 -23.31
C ARG C 319 0.95 30.07 -23.63
N MET C 320 2.09 30.33 -23.00
CA MET C 320 2.96 31.37 -23.53
C MET C 320 3.58 30.94 -24.84
N TYR C 321 3.85 29.64 -24.96
CA TYR C 321 4.76 29.13 -25.98
C TYR C 321 4.20 29.32 -27.37
N ASP C 322 3.00 28.81 -27.59
CA ASP C 322 2.30 29.04 -28.83
C ASP C 322 1.94 30.49 -29.04
N MET C 323 1.75 31.24 -27.95
CA MET C 323 1.34 32.64 -28.08
C MET C 323 2.42 33.46 -28.75
N ILE C 324 3.68 33.11 -28.51
CA ILE C 324 4.74 33.66 -29.34
C ILE C 324 4.63 33.14 -30.76
N LEU C 325 4.39 31.83 -30.88
CA LEU C 325 4.40 31.19 -32.19
C LEU C 325 3.22 31.62 -33.03
N LEU C 326 2.10 31.94 -32.40
CA LEU C 326 1.00 32.57 -33.12
C LEU C 326 1.41 33.92 -33.66
N ARG C 327 2.20 34.66 -32.92
CA ARG C 327 2.68 35.92 -33.45
C ARG C 327 3.88 35.74 -34.35
N SER C 328 4.50 34.57 -34.34
CA SER C 328 5.73 34.39 -35.09
C SER C 328 5.43 34.29 -36.58
N GLY C 329 4.65 33.31 -36.98
CA GLY C 329 4.20 33.22 -38.35
C GLY C 329 5.22 32.72 -39.34
N ASN C 330 6.42 32.37 -38.90
CA ASN C 330 7.44 31.89 -39.81
C ASN C 330 8.07 30.61 -39.27
N TRP C 331 8.33 29.69 -40.20
CA TRP C 331 8.81 28.37 -39.83
C TRP C 331 10.27 28.39 -39.42
N GLU C 332 11.00 29.44 -39.79
CA GLU C 332 12.42 29.53 -39.53
C GLU C 332 12.76 29.65 -38.05
N LEU C 333 11.81 30.11 -37.24
CA LEU C 333 12.13 30.50 -35.88
C LEU C 333 12.46 29.32 -35.00
N GLU C 334 11.98 28.14 -35.35
CA GLU C 334 12.45 26.93 -34.69
C GLU C 334 13.57 26.24 -35.44
N THR C 335 13.96 26.74 -36.60
CA THR C 335 15.11 26.17 -37.29
C THR C 335 16.42 26.67 -36.72
N MET C 336 16.35 27.64 -35.83
CA MET C 336 17.54 28.20 -35.23
C MET C 336 18.21 27.19 -34.31
N ARG C 337 19.51 27.02 -34.47
CA ARG C 337 20.27 26.22 -33.54
C ARG C 337 20.80 27.13 -32.44
N ASN C 338 21.73 26.64 -31.63
CA ASN C 338 22.37 27.46 -30.62
C ASN C 338 23.88 27.36 -30.80
N ASN C 339 24.62 27.78 -29.77
CA ASN C 339 26.05 27.53 -29.74
C ASN C 339 26.36 26.04 -29.78
N ASP C 340 25.54 25.22 -29.16
CA ASP C 340 25.72 23.77 -29.20
C ASP C 340 25.10 23.15 -30.45
N GLY C 341 24.44 23.94 -31.28
CA GLY C 341 23.78 23.41 -32.46
C GLY C 341 22.52 22.67 -32.11
N LEU C 342 21.65 23.29 -31.34
CA LEU C 342 20.46 22.62 -30.84
C LEU C 342 19.22 23.34 -31.37
N THR C 343 18.42 22.60 -32.14
CA THR C 343 17.05 23.00 -32.42
C THR C 343 16.30 23.10 -31.09
N PRO C 344 15.34 24.03 -30.98
CA PRO C 344 14.51 24.04 -29.76
C PRO C 344 13.75 22.74 -29.50
N LEU C 345 13.40 22.00 -30.54
CA LEU C 345 12.96 20.63 -30.34
C LEU C 345 14.08 19.78 -29.76
N GLN C 346 15.27 19.88 -30.35
CA GLN C 346 16.42 19.09 -29.98
C GLN C 346 16.84 19.34 -28.54
N LEU C 347 16.79 20.60 -28.10
CA LEU C 347 17.10 20.89 -26.70
C LEU C 347 16.02 20.36 -25.77
N ALA C 348 14.76 20.42 -26.20
CA ALA C 348 13.66 19.99 -25.36
C ALA C 348 13.71 18.49 -25.08
N ALA C 349 14.28 17.73 -26.00
CA ALA C 349 14.56 16.33 -25.70
C ALA C 349 15.75 16.23 -24.76
N LYS C 350 16.77 17.06 -24.97
CA LYS C 350 17.99 16.97 -24.18
C LYS C 350 17.74 17.31 -22.72
N MET C 351 16.95 18.35 -22.47
CA MET C 351 16.66 18.70 -21.09
C MET C 351 15.68 17.70 -20.47
N GLY C 352 14.83 17.12 -21.30
CA GLY C 352 13.92 16.11 -20.81
C GLY C 352 12.57 16.62 -20.39
N LYS C 353 12.24 17.86 -20.72
CA LYS C 353 10.92 18.40 -20.39
C LYS C 353 9.91 17.71 -21.31
N ALA C 354 9.43 16.55 -20.87
CA ALA C 354 8.82 15.59 -21.78
C ALA C 354 7.46 16.04 -22.27
N GLU C 355 6.65 16.59 -21.36
CA GLU C 355 5.29 16.98 -21.69
C GLU C 355 5.26 18.11 -22.70
N ILE C 356 6.26 18.99 -22.64
CA ILE C 356 6.36 20.10 -23.59
C ILE C 356 6.56 19.55 -24.98
N LEU C 357 7.39 18.51 -25.10
CA LEU C 357 7.70 17.95 -26.41
C LEU C 357 6.48 17.31 -27.04
N LYS C 358 5.56 16.80 -26.22
CA LYS C 358 4.29 16.34 -26.74
C LYS C 358 3.50 17.49 -27.33
N TYR C 359 3.49 18.63 -26.65
CA TYR C 359 2.84 19.80 -27.21
C TYR C 359 3.62 20.33 -28.40
N ILE C 360 4.95 20.22 -28.36
CA ILE C 360 5.78 20.66 -29.47
C ILE C 360 5.45 19.88 -30.72
N LEU C 361 5.40 18.57 -30.60
CA LEU C 361 5.26 17.71 -31.74
C LEU C 361 3.87 17.74 -32.35
N SER C 362 2.84 18.10 -31.58
CA SER C 362 1.48 17.94 -32.09
C SER C 362 1.10 19.06 -33.06
N ARG C 363 0.93 20.27 -32.52
CA ARG C 363 0.65 21.52 -33.25
C ARG C 363 -0.48 21.37 -34.28
N GLU C 364 -1.70 21.18 -33.77
CA GLU C 364 -2.85 20.99 -34.65
C GLU C 364 -3.70 22.23 -34.79
N ILE C 365 -3.10 23.41 -34.68
CA ILE C 365 -3.86 24.65 -34.79
C ILE C 365 -4.27 24.86 -36.24
N LYS C 366 -5.58 24.87 -36.48
CA LYS C 366 -6.07 25.06 -37.83
C LYS C 366 -6.39 26.53 -38.03
N GLU C 367 -5.78 27.10 -39.06
CA GLU C 367 -6.03 28.43 -39.57
C GLU C 367 -5.33 28.51 -40.91
N LYS C 368 -6.05 28.95 -41.93
CA LYS C 368 -5.59 28.81 -43.30
C LYS C 368 -4.32 29.60 -43.64
N PRO C 369 -4.09 30.82 -43.12
CA PRO C 369 -2.71 31.32 -43.22
C PRO C 369 -1.85 30.99 -42.01
N LEU C 370 -2.01 29.82 -41.41
CA LEU C 370 -1.19 29.46 -40.24
C LEU C 370 -0.83 27.99 -40.16
N ARG C 371 -1.21 27.17 -41.14
CA ARG C 371 -0.89 25.76 -41.06
C ARG C 371 0.57 25.46 -41.31
N SER C 372 1.35 26.47 -41.73
CA SER C 372 2.78 26.28 -42.01
C SER C 372 3.53 25.89 -40.75
N LEU C 373 3.09 26.35 -39.60
CA LEU C 373 3.64 25.92 -38.33
C LEU C 373 3.02 24.64 -37.83
N SER C 374 1.91 24.20 -38.42
CA SER C 374 1.19 23.07 -37.89
C SER C 374 1.92 21.78 -38.21
N ARG C 375 1.72 20.77 -37.37
CA ARG C 375 2.44 19.51 -37.49
C ARG C 375 1.51 18.30 -37.48
N LYS C 376 0.23 18.47 -37.24
CA LYS C 376 -0.72 17.37 -37.17
C LYS C 376 -1.72 17.54 -38.31
N PHE C 377 -1.49 16.82 -39.40
CA PHE C 377 -2.39 16.87 -40.55
C PHE C 377 -3.43 15.77 -40.39
N THR C 378 -4.52 16.09 -39.72
CA THR C 378 -5.66 15.19 -39.68
C THR C 378 -6.56 15.50 -40.85
N ASP C 379 -6.78 14.51 -41.70
CA ASP C 379 -7.79 14.62 -42.73
C ASP C 379 -8.87 13.56 -42.61
N TRP C 380 -8.51 12.29 -42.44
CA TRP C 380 -9.49 11.22 -42.43
C TRP C 380 -9.70 10.71 -41.00
N ALA C 381 -10.53 11.44 -40.27
CA ALA C 381 -10.90 11.09 -38.91
C ALA C 381 -12.39 10.78 -38.88
N TYR C 382 -12.72 9.52 -38.59
CA TYR C 382 -14.09 9.04 -38.67
C TYR C 382 -14.39 8.33 -37.36
N GLY C 383 -14.81 9.08 -36.35
CA GLY C 383 -15.05 8.53 -35.05
C GLY C 383 -13.77 8.12 -34.37
N PRO C 384 -13.71 6.88 -33.90
CA PRO C 384 -12.50 6.41 -33.20
C PRO C 384 -11.31 6.11 -34.09
N VAL C 385 -11.39 6.34 -35.38
CA VAL C 385 -10.21 6.24 -36.23
C VAL C 385 -9.73 7.67 -36.46
N SER C 386 -8.46 7.81 -36.85
CA SER C 386 -7.87 9.14 -36.98
C SER C 386 -6.70 9.05 -37.93
N SER C 387 -6.77 9.78 -39.04
CA SER C 387 -5.63 9.85 -39.95
C SER C 387 -4.60 10.83 -39.45
N SER C 388 -3.34 10.51 -39.68
CA SER C 388 -2.27 11.30 -39.12
C SER C 388 -1.15 11.46 -40.13
N LEU C 389 -0.60 12.66 -40.17
CA LEU C 389 0.63 12.95 -40.90
C LEU C 389 1.47 13.74 -39.91
N TYR C 390 2.72 13.36 -39.73
CA TYR C 390 3.54 14.08 -38.76
C TYR C 390 4.66 14.82 -39.46
N ASP C 391 5.31 15.69 -38.70
CA ASP C 391 6.27 16.61 -39.31
C ASP C 391 7.55 15.92 -39.72
N LEU C 392 8.19 15.23 -38.77
CA LEU C 392 9.33 14.34 -38.99
C LEU C 392 10.51 15.11 -39.60
N THR C 393 11.04 16.04 -38.82
CA THR C 393 12.12 16.86 -39.32
C THR C 393 13.48 16.37 -38.83
N ASN C 394 13.67 16.33 -37.53
CA ASN C 394 14.93 15.94 -36.96
C ASN C 394 14.75 14.70 -36.11
N VAL C 395 13.94 13.79 -36.59
CA VAL C 395 13.40 12.72 -35.77
C VAL C 395 14.05 11.39 -36.11
N ASP C 396 14.05 11.00 -37.38
CA ASP C 396 14.74 9.78 -37.75
C ASP C 396 16.25 9.97 -37.70
N THR C 397 16.95 8.85 -37.70
CA THR C 397 18.40 8.90 -37.84
C THR C 397 18.72 8.98 -39.32
N THR C 398 18.56 10.18 -39.87
CA THR C 398 19.12 10.50 -41.17
C THR C 398 20.09 11.66 -41.10
N THR C 399 20.12 12.40 -40.01
CA THR C 399 21.12 13.41 -39.76
C THR C 399 21.85 13.04 -38.48
N ASP C 400 22.71 13.94 -38.03
CA ASP C 400 23.23 13.84 -36.70
C ASP C 400 22.19 14.31 -35.70
N ASN C 401 22.28 13.76 -34.49
CA ASN C 401 21.62 14.28 -33.31
C ASN C 401 20.09 14.27 -33.45
N SER C 402 19.56 13.11 -33.80
CA SER C 402 18.12 12.96 -33.95
C SER C 402 17.44 12.97 -32.59
N VAL C 403 16.14 13.23 -32.59
CA VAL C 403 15.43 13.25 -31.32
C VAL C 403 15.21 11.83 -30.82
N LEU C 404 15.20 10.85 -31.71
CA LEU C 404 15.22 9.47 -31.26
C LEU C 404 16.63 9.06 -30.87
N GLU C 405 17.62 9.70 -31.47
CA GLU C 405 19.00 9.43 -31.10
C GLU C 405 19.29 9.91 -29.69
N ILE C 406 18.81 11.09 -29.36
CA ILE C 406 19.20 11.70 -28.10
C ILE C 406 18.41 11.15 -26.93
N ILE C 407 17.19 10.67 -27.15
CA ILE C 407 16.40 10.18 -26.03
C ILE C 407 16.93 8.84 -25.54
N VAL C 408 17.54 8.06 -26.40
CA VAL C 408 18.02 6.76 -26.00
C VAL C 408 19.39 6.85 -25.35
N TYR C 409 20.33 7.50 -26.02
CA TYR C 409 21.71 7.53 -25.55
C TYR C 409 21.97 8.55 -24.46
N ASN C 410 20.93 9.07 -23.81
CA ASN C 410 21.14 10.04 -22.77
C ASN C 410 21.20 9.34 -21.42
N THR C 411 21.94 9.95 -20.51
CA THR C 411 21.88 9.63 -19.09
C THR C 411 20.83 10.52 -18.44
N ASN C 412 20.83 10.53 -17.11
CA ASN C 412 20.20 11.51 -16.19
C ASN C 412 18.81 11.99 -16.63
N ILE C 413 17.98 11.05 -17.07
CA ILE C 413 16.57 11.29 -17.32
C ILE C 413 15.79 10.34 -16.43
N ASP C 414 14.80 10.89 -15.72
CA ASP C 414 13.98 10.05 -14.86
C ASP C 414 12.93 9.30 -15.67
N ASN C 415 12.05 10.05 -16.33
CA ASN C 415 10.91 9.48 -17.04
C ASN C 415 11.25 9.31 -18.51
N ARG C 416 12.25 8.47 -18.76
CA ARG C 416 12.70 8.24 -20.11
C ARG C 416 11.69 7.42 -20.89
N HIS C 417 10.88 6.62 -20.20
CA HIS C 417 9.80 5.92 -20.87
C HIS C 417 8.76 6.88 -21.40
N GLU C 418 8.53 7.97 -20.69
CA GLU C 418 7.77 9.03 -21.29
C GLU C 418 8.66 9.70 -22.33
N MET C 419 8.01 10.20 -23.38
CA MET C 419 8.42 10.53 -24.74
C MET C 419 8.51 9.30 -25.62
N LEU C 420 8.57 8.10 -25.07
CA LEU C 420 8.73 6.95 -25.96
C LEU C 420 7.40 6.43 -26.43
N THR C 421 6.40 6.43 -25.56
CA THR C 421 5.08 6.03 -25.98
C THR C 421 4.32 7.14 -26.70
N LEU C 422 4.97 8.27 -26.97
CA LEU C 422 4.38 9.28 -27.81
C LEU C 422 4.30 8.79 -29.25
N GLU C 423 3.18 9.08 -29.91
CA GLU C 423 2.72 8.29 -31.05
C GLU C 423 3.65 8.27 -32.24
N PRO C 424 4.19 9.40 -32.76
CA PRO C 424 5.08 9.27 -33.92
C PRO C 424 6.45 8.78 -33.51
N LEU C 425 6.80 9.02 -32.25
CA LEU C 425 8.04 8.47 -31.75
C LEU C 425 7.91 6.97 -31.48
N HIS C 426 6.74 6.54 -31.01
CA HIS C 426 6.52 5.13 -30.75
C HIS C 426 6.43 4.34 -32.05
N THR C 427 5.64 4.83 -33.00
CA THR C 427 5.33 4.08 -34.21
C THR C 427 6.54 3.93 -35.10
N LEU C 428 7.32 5.00 -35.25
CA LEU C 428 8.53 4.92 -36.07
C LEU C 428 9.54 3.98 -35.45
N LEU C 429 9.52 3.86 -34.13
CA LEU C 429 10.33 2.85 -33.47
C LEU C 429 9.79 1.45 -33.80
N HIS C 430 8.50 1.25 -33.58
CA HIS C 430 7.91 -0.09 -33.64
C HIS C 430 7.93 -0.66 -35.05
N THR C 431 7.75 0.20 -36.05
CA THR C 431 7.86 -0.25 -37.43
C THR C 431 9.28 -0.66 -37.75
N LYS C 432 10.25 0.05 -37.18
CA LYS C 432 11.64 -0.16 -37.56
C LYS C 432 12.16 -1.51 -37.08
N TRP C 433 11.75 -1.93 -35.89
CA TRP C 433 12.06 -3.27 -35.42
C TRP C 433 11.36 -4.32 -36.27
N LYS C 434 10.13 -4.04 -36.68
CA LYS C 434 9.40 -4.93 -37.56
C LYS C 434 10.02 -4.98 -38.94
N LYS C 435 10.65 -3.90 -39.37
CA LYS C 435 11.20 -3.85 -40.70
C LYS C 435 12.68 -4.17 -40.72
N PHE C 436 13.41 -3.89 -39.64
CA PHE C 436 14.85 -3.98 -39.76
C PHE C 436 15.50 -4.80 -38.66
N ALA C 437 14.99 -4.76 -37.45
CA ALA C 437 15.78 -5.24 -36.33
C ALA C 437 15.42 -6.65 -35.87
N LYS C 438 14.24 -7.12 -36.19
CA LYS C 438 13.88 -8.51 -35.89
C LYS C 438 14.80 -9.48 -36.63
N TYR C 439 15.19 -9.11 -37.85
CA TYR C 439 16.08 -9.97 -38.62
C TYR C 439 17.51 -9.88 -38.13
N MET C 440 17.93 -8.70 -37.69
CA MET C 440 19.31 -8.56 -37.29
C MET C 440 19.57 -9.08 -35.89
N PHE C 441 18.58 -9.04 -35.01
CA PHE C 441 18.80 -9.56 -33.66
C PHE C 441 18.87 -11.06 -33.68
N PHE C 442 17.99 -11.70 -34.47
CA PHE C 442 18.00 -13.15 -34.61
C PHE C 442 19.26 -13.64 -35.28
N LEU C 443 19.83 -12.85 -36.18
CA LEU C 443 21.07 -13.26 -36.83
C LEU C 443 22.25 -13.12 -35.89
N SER C 444 22.34 -11.99 -35.17
CA SER C 444 23.45 -11.78 -34.25
C SER C 444 23.36 -12.69 -33.05
N PHE C 445 22.16 -13.18 -32.75
CA PHE C 445 22.01 -14.19 -31.73
C PHE C 445 22.60 -15.52 -32.18
N CYS C 446 22.30 -15.92 -33.42
CA CYS C 446 22.58 -17.29 -33.83
C CYS C 446 24.05 -17.53 -34.07
N PHE C 447 24.79 -16.51 -34.50
CA PHE C 447 26.23 -16.65 -34.67
C PHE C 447 26.93 -16.79 -33.34
N TYR C 448 26.49 -16.01 -32.36
CA TYR C 448 27.11 -16.10 -31.05
C TYR C 448 26.71 -17.39 -30.35
N PHE C 449 25.59 -17.98 -30.74
CA PHE C 449 25.19 -19.24 -30.13
C PHE C 449 26.07 -20.38 -30.61
N PHE C 450 26.41 -20.42 -31.89
CA PHE C 450 27.36 -21.40 -32.40
C PHE C 450 28.74 -21.18 -31.83
N TYR C 451 29.06 -19.94 -31.49
CA TYR C 451 30.41 -19.56 -31.13
C TYR C 451 30.84 -20.19 -29.82
N ASN C 452 29.93 -20.28 -28.86
CA ASN C 452 30.25 -20.97 -27.63
C ASN C 452 30.28 -22.48 -27.84
N ILE C 453 29.40 -22.99 -28.70
CA ILE C 453 29.37 -24.42 -28.98
C ILE C 453 30.63 -24.84 -29.71
N THR C 454 31.10 -24.01 -30.64
CA THR C 454 32.37 -24.27 -31.30
C THR C 454 33.52 -24.15 -30.30
N LEU C 455 33.40 -23.21 -29.37
CA LEU C 455 34.34 -23.15 -28.26
C LEU C 455 34.21 -24.35 -27.34
N THR C 456 33.03 -24.95 -27.29
CA THR C 456 32.81 -26.04 -26.34
C THR C 456 33.53 -27.31 -26.78
N LEU C 457 33.33 -27.72 -28.03
CA LEU C 457 33.86 -29.00 -28.49
C LEU C 457 35.37 -28.95 -28.64
N VAL C 458 35.94 -27.76 -28.86
CA VAL C 458 37.39 -27.63 -28.86
C VAL C 458 37.92 -27.52 -27.45
N SER C 459 37.05 -27.54 -26.45
CA SER C 459 37.47 -27.49 -25.07
C SER C 459 37.17 -28.76 -24.28
N TYR C 460 36.20 -29.56 -24.68
CA TYR C 460 35.87 -30.74 -23.89
C TYR C 460 36.42 -32.02 -24.49
N TYR C 461 36.23 -32.24 -25.78
CA TYR C 461 36.79 -33.43 -26.42
C TYR C 461 38.25 -33.24 -26.82
N ARG C 462 38.87 -32.13 -26.47
CA ARG C 462 40.19 -31.82 -26.96
C ARG C 462 41.23 -32.75 -26.35
N PRO C 463 42.09 -33.36 -27.14
CA PRO C 463 43.22 -34.12 -26.62
C PRO C 463 44.49 -33.29 -26.43
N ARG C 464 44.35 -32.12 -25.80
CA ARG C 464 45.50 -31.39 -25.33
C ARG C 464 46.01 -31.92 -24.00
N GLU C 465 45.25 -32.81 -23.38
CA GLU C 465 45.72 -33.64 -22.27
C GLU C 465 46.30 -34.96 -22.76
N ASP C 466 46.50 -35.11 -24.07
CA ASP C 466 47.05 -36.32 -24.67
C ASP C 466 48.50 -36.09 -25.10
N GLU C 467 49.22 -35.30 -24.30
CA GLU C 467 50.68 -35.10 -24.40
C GLU C 467 51.10 -34.56 -25.76
N ASP C 468 50.66 -33.33 -26.05
CA ASP C 468 51.01 -32.69 -27.31
C ASP C 468 51.57 -31.29 -27.09
N LEU C 469 52.58 -31.20 -26.23
CA LEU C 469 53.11 -29.92 -25.76
C LEU C 469 53.76 -29.09 -26.89
N PRO C 470 54.60 -29.66 -27.83
CA PRO C 470 54.95 -28.86 -29.00
C PRO C 470 54.12 -29.17 -30.23
N HIS C 471 53.95 -28.17 -31.11
CA HIS C 471 53.46 -28.24 -32.49
C HIS C 471 52.18 -29.05 -32.68
N PRO C 472 51.04 -28.57 -32.17
CA PRO C 472 49.83 -29.41 -32.18
C PRO C 472 49.17 -29.56 -33.55
N LEU C 473 49.64 -28.84 -34.57
CA LEU C 473 49.13 -28.97 -35.92
C LEU C 473 50.09 -29.86 -36.70
N ALA C 474 49.84 -31.17 -36.65
CA ALA C 474 50.66 -32.14 -37.35
C ALA C 474 50.07 -32.40 -38.73
N LEU C 475 50.53 -33.45 -39.42
CA LEU C 475 50.06 -33.78 -40.76
C LEU C 475 48.73 -34.54 -40.69
N THR C 476 48.38 -35.20 -41.80
CA THR C 476 47.14 -35.97 -41.99
C THR C 476 45.92 -35.06 -41.79
N HIS C 477 46.04 -33.84 -42.33
CA HIS C 477 45.08 -32.74 -42.14
C HIS C 477 44.81 -32.45 -40.67
N LYS C 478 45.87 -32.55 -39.85
CA LYS C 478 45.88 -32.20 -38.43
C LYS C 478 44.92 -33.08 -37.62
N MET C 479 45.11 -34.40 -37.77
CA MET C 479 44.52 -35.48 -36.99
C MET C 479 43.04 -35.71 -37.23
N SER C 480 42.36 -34.76 -37.89
CA SER C 480 40.95 -34.78 -38.24
C SER C 480 40.59 -33.51 -39.00
N TRP C 481 39.52 -33.57 -39.77
CA TRP C 481 39.01 -32.39 -40.43
C TRP C 481 38.20 -31.49 -39.51
N LEU C 482 37.41 -32.08 -38.61
CA LEU C 482 36.53 -31.31 -37.74
C LEU C 482 37.28 -30.51 -36.67
N GLN C 483 38.56 -30.79 -36.46
CA GLN C 483 39.38 -29.89 -35.66
C GLN C 483 39.61 -28.58 -36.41
N LEU C 484 39.72 -28.64 -37.74
CA LEU C 484 39.90 -27.42 -38.52
C LEU C 484 38.60 -26.67 -38.67
N LEU C 485 37.48 -27.38 -38.70
CA LEU C 485 36.18 -26.72 -38.71
C LEU C 485 35.92 -26.00 -37.41
N GLY C 486 36.52 -26.47 -36.31
CA GLY C 486 36.39 -25.74 -35.06
C GLY C 486 37.38 -24.61 -34.94
N ARG C 487 38.64 -24.86 -35.29
CA ARG C 487 39.71 -23.91 -34.97
C ARG C 487 39.65 -22.67 -35.87
N MET C 488 39.16 -22.83 -37.09
CA MET C 488 39.08 -21.70 -38.00
C MET C 488 37.96 -20.75 -37.62
N PHE C 489 36.81 -21.28 -37.19
CA PHE C 489 35.63 -20.48 -36.90
C PHE C 489 35.86 -19.56 -35.71
N VAL C 490 36.59 -20.05 -34.72
CA VAL C 490 36.80 -19.28 -33.50
C VAL C 490 37.71 -18.10 -33.76
N LEU C 491 38.75 -18.32 -34.58
CA LEU C 491 39.74 -17.28 -34.83
C LEU C 491 39.15 -16.12 -35.62
N ILE C 492 38.18 -16.41 -36.49
CA ILE C 492 37.53 -15.35 -37.24
C ILE C 492 36.61 -14.55 -36.33
N TRP C 493 35.72 -15.24 -35.62
CA TRP C 493 34.71 -14.54 -34.84
C TRP C 493 35.24 -14.02 -33.53
N ALA C 494 36.47 -14.35 -33.16
CA ALA C 494 37.09 -13.63 -32.05
C ALA C 494 37.43 -12.21 -32.48
N THR C 495 38.19 -12.08 -33.57
CA THR C 495 38.55 -10.75 -34.04
C THR C 495 37.41 -10.04 -34.75
N CYS C 496 36.35 -10.76 -35.13
CA CYS C 496 35.16 -10.09 -35.66
C CYS C 496 34.48 -9.28 -34.57
N ILE C 497 34.23 -9.91 -33.42
CA ILE C 497 33.62 -9.21 -32.30
C ILE C 497 34.59 -8.20 -31.71
N SER C 498 35.89 -8.49 -31.78
CA SER C 498 36.90 -7.62 -31.17
C SER C 498 36.95 -6.26 -31.85
N VAL C 499 36.95 -6.24 -33.17
CA VAL C 499 36.88 -4.96 -33.88
C VAL C 499 35.49 -4.37 -33.75
N LYS C 500 34.46 -5.22 -33.65
CA LYS C 500 33.11 -4.74 -33.39
C LYS C 500 33.01 -4.09 -32.01
N GLU C 501 33.59 -4.71 -30.99
CA GLU C 501 33.54 -4.11 -29.67
C GLU C 501 34.66 -3.11 -29.44
N GLY C 502 35.59 -2.98 -30.37
CA GLY C 502 36.50 -1.84 -30.33
C GLY C 502 35.80 -0.53 -30.60
N ILE C 503 34.64 -0.59 -31.28
CA ILE C 503 33.85 0.61 -31.52
C ILE C 503 33.13 1.04 -30.25
N ALA C 504 33.04 0.17 -29.24
CA ALA C 504 32.46 0.58 -27.97
C ALA C 504 33.40 1.49 -27.19
N ILE C 505 34.69 1.52 -27.57
CA ILE C 505 35.67 2.36 -26.90
C ILE C 505 35.66 3.78 -27.47
N PHE C 506 34.66 4.12 -28.26
CA PHE C 506 34.57 5.40 -28.95
C PHE C 506 34.09 6.44 -27.94
N LEU C 507 33.66 7.60 -28.45
CA LEU C 507 33.42 8.86 -27.74
C LEU C 507 32.46 8.81 -26.54
N LEU C 508 31.78 7.68 -26.35
CA LEU C 508 30.81 7.50 -25.27
C LEU C 508 31.51 7.39 -23.91
N ARG C 509 30.74 6.96 -22.91
CA ARG C 509 31.11 6.78 -21.50
C ARG C 509 31.60 8.06 -20.84
N PRO C 510 30.69 9.00 -20.49
CA PRO C 510 31.12 10.18 -19.72
C PRO C 510 31.57 9.84 -18.31
N SER C 511 30.73 9.12 -17.57
CA SER C 511 30.99 8.83 -16.17
C SER C 511 31.63 7.46 -16.01
N ASP C 512 31.82 7.05 -14.76
CA ASP C 512 32.46 5.78 -14.45
C ASP C 512 31.52 4.81 -13.75
N LEU C 513 30.94 5.20 -12.61
CA LEU C 513 30.14 4.32 -11.77
C LEU C 513 28.67 4.75 -11.75
N GLN C 514 28.11 4.98 -12.93
CA GLN C 514 26.76 5.47 -13.10
C GLN C 514 26.10 4.60 -14.15
N SER C 515 25.01 5.10 -14.73
CA SER C 515 24.20 4.41 -15.72
C SER C 515 24.98 3.86 -16.92
N ILE C 516 26.13 4.47 -17.26
CA ILE C 516 26.94 3.92 -18.33
C ILE C 516 27.54 2.58 -17.92
N LEU C 517 27.78 2.39 -16.63
CA LEU C 517 28.14 1.06 -16.16
C LEU C 517 26.91 0.19 -15.95
N SER C 518 25.71 0.78 -15.95
CA SER C 518 24.49 -0.02 -16.00
C SER C 518 23.99 -0.23 -17.41
N ASP C 519 24.63 0.38 -18.41
CA ASP C 519 24.23 0.20 -19.81
C ASP C 519 25.31 -0.45 -20.66
N ALA C 520 26.54 0.09 -20.64
CA ALA C 520 27.60 -0.40 -21.49
C ALA C 520 28.47 -1.44 -20.79
N TRP C 521 27.95 -2.06 -19.73
CA TRP C 521 28.73 -3.07 -19.02
C TRP C 521 28.93 -4.31 -19.87
N PHE C 522 28.01 -4.58 -20.79
CA PHE C 522 28.17 -5.72 -21.68
C PHE C 522 29.36 -5.52 -22.61
N HIS C 523 29.57 -4.27 -23.04
CA HIS C 523 30.65 -3.98 -23.98
C HIS C 523 32.02 -4.18 -23.37
N PHE C 524 32.15 -3.99 -22.06
CA PHE C 524 33.37 -4.42 -21.39
C PHE C 524 33.52 -5.92 -21.48
N VAL C 525 32.47 -6.63 -21.13
CA VAL C 525 32.60 -8.06 -20.93
C VAL C 525 32.56 -8.78 -22.28
N PHE C 526 31.91 -8.19 -23.28
CA PHE C 526 32.06 -8.65 -24.66
C PHE C 526 33.51 -8.56 -25.10
N PHE C 527 34.13 -7.41 -24.84
CA PHE C 527 35.43 -7.13 -25.44
C PHE C 527 36.53 -7.97 -24.82
N VAL C 528 36.52 -8.10 -23.49
CA VAL C 528 37.55 -8.87 -22.81
C VAL C 528 37.43 -10.36 -23.07
N GLN C 529 36.28 -10.80 -23.59
CA GLN C 529 36.09 -12.20 -23.92
C GLN C 529 37.02 -12.63 -25.04
N ALA C 530 36.94 -11.94 -26.17
CA ALA C 530 37.70 -12.37 -27.35
C ALA C 530 39.19 -12.11 -27.20
N VAL C 531 39.57 -11.15 -26.36
CA VAL C 531 40.97 -10.88 -26.11
C VAL C 531 41.61 -12.06 -25.40
N LEU C 532 40.86 -12.72 -24.52
CA LEU C 532 41.32 -13.94 -23.89
C LEU C 532 41.51 -15.06 -24.89
N VAL C 533 40.75 -15.05 -25.98
CA VAL C 533 40.83 -16.12 -26.94
C VAL C 533 42.13 -16.04 -27.72
N ILE C 534 42.42 -14.87 -28.27
CA ILE C 534 43.59 -14.66 -29.11
C ILE C 534 44.85 -14.85 -28.28
N LEU C 535 44.82 -14.40 -27.04
CA LEU C 535 45.91 -14.64 -26.11
C LEU C 535 46.10 -16.12 -25.86
N SER C 536 45.00 -16.88 -25.80
CA SER C 536 45.10 -18.32 -25.65
C SER C 536 45.63 -18.98 -26.90
N VAL C 537 45.29 -18.45 -28.07
CA VAL C 537 45.87 -18.96 -29.31
C VAL C 537 47.33 -18.53 -29.40
N PHE C 538 47.63 -17.32 -28.92
CA PHE C 538 49.02 -16.88 -28.78
C PHE C 538 49.78 -17.76 -27.80
N LEU C 539 49.08 -18.29 -26.79
CA LEU C 539 49.67 -19.29 -25.91
C LEU C 539 49.66 -20.68 -26.51
N TYR C 540 48.90 -20.92 -27.57
CA TYR C 540 48.97 -22.22 -28.22
C TYR C 540 50.20 -22.34 -29.11
N LEU C 541 50.61 -21.23 -29.71
CA LEU C 541 51.86 -21.24 -30.47
C LEU C 541 53.05 -21.28 -29.54
N PHE C 542 52.93 -20.61 -28.39
CA PHE C 542 54.00 -20.48 -27.40
C PHE C 542 53.48 -21.20 -26.16
N ALA C 543 53.67 -22.51 -26.11
CA ALA C 543 53.14 -23.32 -25.02
C ALA C 543 53.84 -22.97 -23.72
N TYR C 544 53.20 -22.16 -22.89
CA TYR C 544 53.81 -21.63 -21.67
C TYR C 544 53.11 -22.12 -20.42
N LYS C 545 52.49 -23.31 -20.49
CA LYS C 545 51.88 -24.05 -19.39
C LYS C 545 50.69 -23.33 -18.75
N GLU C 546 50.21 -22.24 -19.35
CA GLU C 546 48.99 -21.57 -18.90
C GLU C 546 48.05 -21.36 -20.06
N TYR C 547 48.30 -22.03 -21.16
CA TYR C 547 47.47 -21.94 -22.35
C TYR C 547 46.07 -22.46 -22.08
N LEU C 548 45.97 -23.50 -21.27
CA LEU C 548 44.68 -24.15 -21.08
C LEU C 548 43.85 -23.38 -20.07
N ALA C 549 44.51 -22.81 -19.06
CA ALA C 549 43.82 -22.06 -18.04
C ALA C 549 43.22 -20.79 -18.59
N CYS C 550 43.86 -20.18 -19.59
CA CYS C 550 43.30 -19.00 -20.20
C CYS C 550 42.06 -19.35 -21.01
N LEU C 551 42.06 -20.52 -21.64
CA LEU C 551 40.91 -20.96 -22.43
C LEU C 551 39.68 -21.16 -21.56
N VAL C 552 39.88 -21.73 -20.38
CA VAL C 552 38.78 -22.08 -19.50
C VAL C 552 38.06 -20.82 -19.03
N LEU C 553 38.82 -19.84 -18.56
CA LEU C 553 38.22 -18.59 -18.14
C LEU C 553 37.72 -17.81 -19.34
N ALA C 554 38.28 -18.06 -20.53
CA ALA C 554 37.68 -17.49 -21.72
C ALA C 554 36.34 -18.12 -22.03
N MET C 555 36.16 -19.38 -21.64
CA MET C 555 34.94 -20.05 -22.06
C MET C 555 33.75 -19.74 -21.17
N ALA C 556 33.94 -19.83 -19.85
CA ALA C 556 32.84 -19.57 -18.93
C ALA C 556 32.41 -18.12 -18.99
N LEU C 557 33.34 -17.22 -19.28
CA LEU C 557 32.98 -15.84 -19.51
C LEU C 557 32.20 -15.68 -20.80
N GLY C 558 32.41 -16.59 -21.77
CA GLY C 558 31.64 -16.53 -22.99
C GLY C 558 30.17 -16.85 -22.78
N TRP C 559 29.86 -17.84 -21.95
CA TRP C 559 28.47 -18.10 -21.63
C TRP C 559 27.88 -17.02 -20.74
N ALA C 560 28.70 -16.28 -20.02
CA ALA C 560 28.17 -15.14 -19.28
C ALA C 560 27.71 -14.04 -20.22
N ASN C 561 28.46 -13.82 -21.30
CA ASN C 561 27.99 -12.85 -22.30
C ASN C 561 26.85 -13.40 -23.11
N MET C 562 26.67 -14.72 -23.12
CA MET C 562 25.53 -15.31 -23.78
C MET C 562 24.23 -14.87 -23.11
N LEU C 563 24.29 -14.56 -21.82
CA LEU C 563 23.14 -14.01 -21.10
C LEU C 563 22.76 -12.63 -21.60
N ALA C 564 23.67 -11.91 -22.25
CA ALA C 564 23.36 -10.55 -22.66
C ALA C 564 22.35 -10.47 -23.78
N TYR C 565 22.06 -11.58 -24.46
CA TYR C 565 20.97 -11.57 -25.44
C TYR C 565 19.67 -12.03 -24.81
N THR C 566 19.36 -11.45 -23.65
CA THR C 566 18.12 -11.69 -22.94
C THR C 566 17.48 -10.37 -22.61
N ARG C 567 17.40 -9.50 -23.61
CA ARG C 567 16.81 -8.19 -23.45
C ARG C 567 15.70 -7.94 -24.47
N GLY C 568 15.35 -8.95 -25.26
CA GLY C 568 14.32 -8.81 -26.27
C GLY C 568 12.97 -9.29 -25.79
N PHE C 569 12.90 -10.52 -25.27
CA PHE C 569 11.68 -11.04 -24.68
C PHE C 569 11.28 -10.22 -23.46
N GLN C 570 9.97 -10.11 -23.24
CA GLN C 570 9.48 -9.49 -22.01
C GLN C 570 9.85 -10.34 -20.80
N SER C 571 9.73 -11.66 -20.94
CA SER C 571 9.93 -12.55 -19.81
C SER C 571 11.41 -12.70 -19.45
N MET C 572 12.31 -12.26 -20.33
CA MET C 572 13.73 -12.33 -20.00
C MET C 572 14.35 -10.94 -19.94
N GLY C 573 13.79 -9.99 -20.66
CA GLY C 573 14.34 -8.65 -20.70
C GLY C 573 14.27 -7.96 -19.36
N MET C 574 13.23 -8.26 -18.60
CA MET C 574 13.21 -7.78 -17.23
C MET C 574 14.23 -8.49 -16.37
N TYR C 575 14.71 -9.64 -16.80
CA TYR C 575 15.38 -10.49 -15.83
C TYR C 575 16.85 -10.12 -15.67
N SER C 576 17.55 -9.87 -16.76
CA SER C 576 18.98 -9.59 -16.69
C SER C 576 19.30 -8.22 -16.12
N VAL C 577 18.32 -7.33 -16.03
CA VAL C 577 18.56 -6.06 -15.36
C VAL C 577 18.77 -6.28 -13.87
N MET C 578 18.01 -7.24 -13.32
CA MET C 578 17.95 -7.41 -11.88
C MET C 578 19.25 -7.94 -11.32
N ILE C 579 19.92 -8.82 -12.05
CA ILE C 579 21.26 -9.21 -11.65
C ILE C 579 22.26 -8.12 -12.02
N GLN C 580 21.93 -7.26 -12.96
CA GLN C 580 22.88 -6.19 -13.23
C GLN C 580 22.75 -5.09 -12.20
N LYS C 581 21.52 -4.79 -11.81
CA LYS C 581 21.27 -3.63 -10.97
C LYS C 581 21.53 -3.94 -9.50
N VAL C 582 20.81 -4.93 -8.97
CA VAL C 582 20.72 -5.09 -7.53
C VAL C 582 22.02 -5.65 -6.97
N ILE C 583 22.73 -6.42 -7.78
CA ILE C 583 23.95 -7.06 -7.30
C ILE C 583 25.05 -6.04 -7.18
N LEU C 584 25.14 -5.17 -8.17
CA LEU C 584 25.96 -3.98 -8.03
C LEU C 584 25.40 -3.05 -6.96
N HIS C 585 24.09 -3.07 -6.73
CA HIS C 585 23.54 -2.22 -5.69
C HIS C 585 23.88 -2.76 -4.29
N ASP C 586 23.38 -3.95 -3.95
CA ASP C 586 23.46 -4.40 -2.57
C ASP C 586 24.76 -5.14 -2.26
N VAL C 587 25.18 -6.03 -3.15
CA VAL C 587 26.24 -6.98 -2.78
C VAL C 587 27.58 -6.26 -2.73
N LEU C 588 27.73 -5.19 -3.49
CA LEU C 588 28.89 -4.34 -3.32
C LEU C 588 28.86 -3.65 -1.97
N LYS C 589 27.66 -3.29 -1.48
CA LYS C 589 27.58 -2.68 -0.15
C LYS C 589 27.89 -3.70 0.93
N PHE C 590 27.43 -4.93 0.75
CA PHE C 590 27.53 -5.91 1.81
C PHE C 590 28.96 -6.38 2.00
N LEU C 591 29.69 -6.55 0.91
CA LEU C 591 31.08 -6.96 1.01
C LEU C 591 32.05 -5.79 1.16
N PHE C 592 31.56 -4.61 1.53
CA PHE C 592 32.38 -3.65 2.26
C PHE C 592 32.17 -3.73 3.75
N VAL C 593 31.36 -4.69 4.19
CA VAL C 593 31.11 -4.90 5.61
C VAL C 593 31.48 -6.31 6.03
N TYR C 594 31.09 -7.30 5.23
CA TYR C 594 31.22 -8.68 5.65
C TYR C 594 32.67 -9.13 5.68
N ILE C 595 33.51 -8.56 4.82
CA ILE C 595 34.93 -8.85 4.88
C ILE C 595 35.52 -8.32 6.17
N LEU C 596 35.01 -7.18 6.65
CA LEU C 596 35.51 -6.57 7.87
C LEU C 596 35.25 -7.43 9.09
N PHE C 597 34.15 -8.17 9.09
CA PHE C 597 34.00 -9.22 10.08
C PHE C 597 34.95 -10.36 9.80
N LEU C 598 34.98 -10.80 8.54
CA LEU C 598 35.76 -11.97 8.17
C LEU C 598 37.25 -11.70 8.27
N LEU C 599 37.69 -10.46 8.12
CA LEU C 599 39.09 -10.16 8.40
C LEU C 599 39.33 -10.14 9.89
N GLY C 600 38.30 -9.87 10.67
CA GLY C 600 38.46 -9.78 12.10
C GLY C 600 38.41 -11.11 12.80
N PHE C 601 37.34 -11.86 12.56
CA PHE C 601 37.15 -13.13 13.23
C PHE C 601 38.18 -14.17 12.82
N GLY C 602 38.76 -14.02 11.62
CA GLY C 602 39.65 -15.06 11.13
C GLY C 602 40.98 -15.10 11.84
N VAL C 603 41.58 -13.93 12.07
CA VAL C 603 42.83 -13.88 12.82
C VAL C 603 42.58 -14.28 14.25
N ALA C 604 41.41 -13.91 14.77
CA ALA C 604 40.96 -14.40 16.05
C ALA C 604 40.83 -15.91 16.06
N LEU C 605 40.37 -16.49 14.95
CA LEU C 605 40.28 -17.93 14.89
C LEU C 605 41.68 -18.53 14.72
N ALA C 606 42.50 -17.93 13.86
CA ALA C 606 43.75 -18.57 13.49
C ALA C 606 44.83 -18.43 14.53
N SER C 607 44.68 -17.54 15.50
CA SER C 607 45.73 -17.37 16.48
C SER C 607 45.71 -18.45 17.54
N LEU C 608 44.57 -19.10 17.74
CA LEU C 608 44.41 -20.03 18.85
C LEU C 608 44.57 -21.47 18.40
N ILE C 609 45.76 -21.79 17.92
CA ILE C 609 46.10 -23.17 17.59
C ILE C 609 47.45 -23.61 18.14
N GLU C 610 48.34 -22.68 18.49
CA GLU C 610 49.72 -22.85 19.04
C GLU C 610 50.60 -23.82 18.24
N LYS C 611 50.25 -24.06 16.97
CA LYS C 611 50.95 -24.76 15.90
C LYS C 611 51.08 -26.26 16.12
N CYS C 612 51.13 -26.70 17.39
CA CYS C 612 50.60 -27.91 18.00
C CYS C 612 50.94 -29.25 17.37
N SER C 613 51.19 -29.30 16.07
CA SER C 613 51.52 -30.57 15.45
C SER C 613 52.45 -30.41 14.25
N LYS C 614 52.34 -29.24 13.61
CA LYS C 614 52.79 -28.98 12.23
C LYS C 614 52.32 -30.09 11.29
N ASP C 615 50.99 -30.11 11.14
CA ASP C 615 50.26 -30.88 10.12
C ASP C 615 50.52 -32.38 10.24
N LYS C 616 50.39 -32.88 11.46
CA LYS C 616 50.40 -34.31 11.70
C LYS C 616 49.19 -34.68 12.54
N LYS C 617 48.67 -33.71 13.30
CA LYS C 617 47.46 -33.93 14.09
C LYS C 617 46.40 -32.87 13.79
N ASP C 618 46.80 -31.62 13.54
CA ASP C 618 45.83 -30.59 13.17
C ASP C 618 45.51 -30.58 11.67
N CYS C 619 45.80 -31.70 10.98
CA CYS C 619 45.30 -31.88 9.63
C CYS C 619 43.78 -31.89 9.59
N SER C 620 43.14 -32.41 10.64
CA SER C 620 41.69 -32.29 10.80
C SER C 620 41.33 -31.06 11.62
N SER C 621 41.88 -29.91 11.25
CA SER C 621 41.69 -28.69 12.00
C SER C 621 42.02 -27.49 11.12
N TYR C 622 42.26 -26.36 11.75
CA TYR C 622 42.62 -25.12 11.09
C TYR C 622 44.14 -25.07 10.94
N GLY C 623 44.69 -23.88 10.69
CA GLY C 623 46.08 -23.74 10.32
C GLY C 623 46.43 -22.30 10.09
N SER C 624 47.06 -22.01 8.95
CA SER C 624 47.32 -20.63 8.57
C SER C 624 46.03 -19.86 8.33
N PHE C 625 46.18 -18.54 8.21
CA PHE C 625 45.04 -17.62 8.16
C PHE C 625 44.12 -17.90 6.97
N SER C 626 44.68 -18.32 5.85
CA SER C 626 43.84 -18.64 4.70
C SER C 626 43.01 -19.89 4.94
N ASP C 627 43.47 -20.78 5.81
CA ASP C 627 42.80 -22.06 5.98
C ASP C 627 41.53 -21.95 6.81
N ALA C 628 41.38 -20.87 7.58
CA ALA C 628 40.16 -20.70 8.35
C ALA C 628 39.13 -19.87 7.61
N VAL C 629 39.59 -19.07 6.64
CA VAL C 629 38.70 -18.23 5.84
C VAL C 629 37.73 -19.08 5.06
N LEU C 630 38.24 -20.12 4.42
CA LEU C 630 37.41 -20.96 3.57
C LEU C 630 36.57 -21.91 4.40
N GLU C 631 36.73 -21.91 5.72
CA GLU C 631 35.82 -22.62 6.59
C GLU C 631 34.77 -21.70 7.17
N LEU C 632 35.14 -20.48 7.52
CA LEU C 632 34.15 -19.54 8.02
C LEU C 632 33.21 -19.12 6.91
N PHE C 633 33.75 -18.94 5.71
CA PHE C 633 32.89 -18.68 4.56
C PHE C 633 32.06 -19.90 4.22
N LYS C 634 32.59 -21.09 4.49
CA LYS C 634 31.81 -22.30 4.39
C LYS C 634 30.71 -22.32 5.43
N LEU C 635 31.00 -21.82 6.63
CA LEU C 635 29.96 -21.69 7.65
C LEU C 635 28.98 -20.60 7.32
N THR C 636 29.41 -19.60 6.56
CA THR C 636 28.53 -18.54 6.15
C THR C 636 27.44 -19.06 5.23
N ILE C 637 27.79 -19.99 4.36
CA ILE C 637 26.82 -20.46 3.39
C ILE C 637 25.91 -21.53 3.97
N GLY C 638 26.23 -22.04 5.14
CA GLY C 638 25.53 -23.16 5.70
C GLY C 638 26.18 -24.50 5.47
N LEU C 639 27.50 -24.57 5.48
CA LEU C 639 28.20 -25.83 5.28
C LEU C 639 29.35 -25.91 6.28
N GLY C 640 29.95 -27.08 6.38
CA GLY C 640 31.02 -27.29 7.34
C GLY C 640 30.53 -27.94 8.62
N ASP C 641 31.49 -28.19 9.51
CA ASP C 641 31.23 -28.85 10.78
C ASP C 641 31.85 -28.03 11.91
N LEU C 642 31.56 -28.44 13.15
CA LEU C 642 31.84 -27.59 14.30
C LEU C 642 32.65 -28.24 15.41
N ASN C 643 32.64 -29.56 15.55
CA ASN C 643 33.27 -30.19 16.71
C ASN C 643 34.77 -30.38 16.50
N ILE C 644 35.43 -29.27 16.25
CA ILE C 644 36.85 -29.24 15.93
C ILE C 644 37.46 -28.26 16.93
N GLN C 645 37.86 -28.78 18.08
CA GLN C 645 38.34 -27.95 19.18
C GLN C 645 39.64 -28.54 19.71
N GLN C 646 40.25 -29.42 18.93
CA GLN C 646 41.25 -30.33 19.47
C GLN C 646 42.56 -29.61 19.73
N ASN C 647 42.81 -28.52 19.04
CA ASN C 647 44.00 -27.71 19.29
C ASN C 647 43.56 -26.25 19.34
N SER C 648 43.16 -25.82 20.53
CA SER C 648 42.67 -24.46 20.74
C SER C 648 43.26 -23.78 21.95
N THR C 649 43.82 -24.54 22.90
CA THR C 649 44.56 -24.12 24.10
C THR C 649 43.64 -23.51 25.15
N TYR C 650 42.41 -23.19 24.77
CA TYR C 650 41.38 -22.76 25.70
C TYR C 650 40.03 -22.94 25.02
N PRO C 651 39.46 -24.15 25.09
CA PRO C 651 38.41 -24.53 24.16
C PRO C 651 37.02 -24.09 24.56
N ILE C 652 36.86 -22.88 25.10
CA ILE C 652 35.56 -22.25 25.19
C ILE C 652 35.55 -20.89 24.50
N LEU C 653 36.62 -20.13 24.65
CA LEU C 653 36.74 -18.85 23.97
C LEU C 653 36.91 -19.06 22.49
N PHE C 654 37.51 -20.17 22.09
CA PHE C 654 37.43 -20.62 20.71
C PHE C 654 35.98 -20.87 20.32
N LEU C 655 35.22 -21.52 21.18
CA LEU C 655 33.84 -21.83 20.84
C LEU C 655 32.96 -20.60 20.95
N PHE C 656 33.18 -19.79 21.97
CA PHE C 656 32.36 -18.60 22.15
C PHE C 656 32.56 -17.61 21.03
N LEU C 657 33.77 -17.53 20.50
CA LEU C 657 33.99 -16.70 19.33
C LEU C 657 33.31 -17.30 18.11
N LEU C 658 33.29 -18.62 18.03
CA LEU C 658 32.73 -19.27 16.86
C LEU C 658 31.23 -19.17 16.84
N ILE C 659 30.58 -19.46 17.96
CA ILE C 659 29.13 -19.39 18.03
C ILE C 659 28.67 -17.96 17.84
N THR C 660 29.43 -16.99 18.35
CA THR C 660 29.10 -15.60 18.13
C THR C 660 29.23 -15.24 16.68
N TYR C 661 30.19 -15.84 15.98
CA TYR C 661 30.34 -15.59 14.56
C TYR C 661 29.17 -16.14 13.78
N VAL C 662 28.81 -17.40 14.04
CA VAL C 662 27.76 -18.06 13.28
C VAL C 662 26.42 -17.40 13.54
N ILE C 663 26.18 -17.00 14.79
CA ILE C 663 24.93 -16.32 15.09
C ILE C 663 24.96 -14.90 14.55
N LEU C 664 26.14 -14.39 14.19
CA LEU C 664 26.20 -13.09 13.55
C LEU C 664 25.93 -13.21 12.06
N THR C 665 26.69 -14.04 11.35
CA THR C 665 26.59 -13.95 9.90
C THR C 665 25.41 -14.73 9.32
N PHE C 666 25.16 -15.97 9.72
CA PHE C 666 24.13 -16.73 9.04
C PHE C 666 22.76 -16.47 9.59
N VAL C 667 22.65 -16.24 10.88
CA VAL C 667 21.34 -15.92 11.42
C VAL C 667 20.91 -14.55 10.94
N LEU C 668 21.85 -13.61 10.86
CA LEU C 668 21.45 -12.22 10.66
C LEU C 668 21.88 -11.70 9.31
N LEU C 669 23.18 -11.67 9.04
CA LEU C 669 23.69 -10.85 7.96
C LEU C 669 23.37 -11.43 6.60
N LEU C 670 23.47 -12.75 6.47
CA LEU C 670 23.02 -13.37 5.24
C LEU C 670 21.52 -13.19 5.07
N ASN C 671 20.77 -13.29 6.15
CA ASN C 671 19.37 -12.98 6.08
C ASN C 671 19.11 -11.49 5.96
N MET C 672 20.03 -10.67 6.42
CA MET C 672 19.91 -9.23 6.25
C MET C 672 19.96 -8.86 4.78
N LEU C 673 20.85 -9.50 4.03
CA LEU C 673 21.04 -9.11 2.64
C LEU C 673 19.87 -9.58 1.79
N ILE C 674 19.17 -10.63 2.21
CA ILE C 674 18.07 -11.10 1.38
C ILE C 674 16.86 -10.23 1.59
N ALA C 675 16.71 -9.66 2.78
CA ALA C 675 15.64 -8.70 3.01
C ALA C 675 15.86 -7.44 2.19
N LEU C 676 17.10 -6.99 2.07
CA LEU C 676 17.38 -5.88 1.17
C LEU C 676 17.27 -6.29 -0.28
N MET C 677 17.47 -7.58 -0.56
CA MET C 677 17.37 -8.07 -1.92
C MET C 677 15.94 -8.00 -2.40
N GLY C 678 15.03 -8.65 -1.67
CA GLY C 678 13.67 -8.81 -2.11
C GLY C 678 12.87 -7.53 -2.19
N GLU C 679 13.26 -6.52 -1.41
CA GLU C 679 12.57 -5.24 -1.53
C GLU C 679 12.97 -4.54 -2.82
N THR C 680 14.25 -4.62 -3.17
CA THR C 680 14.72 -3.97 -4.37
C THR C 680 14.20 -4.67 -5.61
N VAL C 681 14.11 -6.00 -5.53
CA VAL C 681 13.50 -6.82 -6.58
C VAL C 681 12.05 -6.42 -6.79
N GLU C 682 11.31 -6.22 -5.70
CA GLU C 682 9.91 -5.85 -5.79
C GLU C 682 9.74 -4.47 -6.39
N ASN C 683 10.72 -3.59 -6.22
CA ASN C 683 10.69 -2.32 -6.94
C ASN C 683 10.85 -2.55 -8.43
N VAL C 684 11.78 -3.43 -8.80
CA VAL C 684 12.05 -3.65 -10.22
C VAL C 684 10.94 -4.44 -10.88
N SER C 685 10.34 -5.39 -10.16
CA SER C 685 9.25 -6.18 -10.73
C SER C 685 8.05 -5.33 -11.08
N LYS C 686 7.87 -4.21 -10.39
CA LYS C 686 6.89 -3.23 -10.80
C LYS C 686 7.31 -2.55 -12.10
N GLU C 687 8.56 -2.15 -12.20
CA GLU C 687 9.04 -1.40 -13.36
C GLU C 687 9.56 -2.41 -14.36
N SER C 688 8.63 -3.04 -15.08
CA SER C 688 9.02 -4.06 -16.04
C SER C 688 9.06 -3.53 -17.46
N GLU C 689 7.96 -2.94 -17.93
CA GLU C 689 7.86 -2.50 -19.31
C GLU C 689 8.78 -1.33 -19.62
N ARG C 690 9.11 -0.54 -18.61
CA ARG C 690 9.94 0.65 -18.83
C ARG C 690 11.34 0.25 -19.24
N ILE C 691 11.86 -0.82 -18.65
CA ILE C 691 13.18 -1.25 -19.08
C ILE C 691 13.08 -2.18 -20.28
N TRP C 692 11.90 -2.72 -20.57
CA TRP C 692 11.83 -3.71 -21.64
C TRP C 692 11.81 -3.04 -23.01
N ARG C 693 11.04 -1.96 -23.15
CA ARG C 693 11.05 -1.22 -24.39
C ARG C 693 12.42 -0.61 -24.66
N LEU C 694 13.09 -0.13 -23.61
CA LEU C 694 14.25 0.73 -23.78
C LEU C 694 15.43 -0.04 -24.30
N GLN C 695 15.62 -1.28 -23.85
CA GLN C 695 16.72 -2.09 -24.34
C GLN C 695 16.52 -2.45 -25.79
N ARG C 696 15.27 -2.67 -26.20
CA ARG C 696 14.96 -2.83 -27.61
C ARG C 696 15.29 -1.57 -28.37
N ALA C 697 14.92 -0.42 -27.80
CA ALA C 697 15.25 0.85 -28.42
C ALA C 697 16.74 1.13 -28.40
N ARG C 698 17.46 0.55 -27.43
CA ARG C 698 18.90 0.74 -27.36
C ARG C 698 19.60 0.08 -28.53
N THR C 699 19.32 -1.19 -28.74
CA THR C 699 20.07 -1.96 -29.71
C THR C 699 19.68 -1.65 -31.13
N ILE C 700 18.46 -1.15 -31.36
CA ILE C 700 18.00 -0.98 -32.72
C ILE C 700 18.75 0.14 -33.41
N LEU C 701 19.14 1.16 -32.65
CA LEU C 701 19.96 2.20 -33.23
C LEU C 701 21.38 1.71 -33.43
N GLU C 702 21.84 0.85 -32.54
CA GLU C 702 23.15 0.23 -32.69
C GLU C 702 23.20 -0.61 -33.95
N PHE C 703 22.12 -1.35 -34.22
CA PHE C 703 22.04 -2.03 -35.50
C PHE C 703 21.87 -1.06 -36.64
N GLU C 704 21.13 0.02 -36.42
CA GLU C 704 21.00 1.02 -37.47
C GLU C 704 22.31 1.78 -37.67
N LYS C 705 23.15 1.83 -36.63
CA LYS C 705 24.51 2.33 -36.81
C LYS C 705 25.29 1.40 -37.74
N MET C 706 25.02 0.10 -37.70
CA MET C 706 25.67 -0.86 -38.56
C MET C 706 24.84 -1.04 -39.83
N LEU C 707 24.87 0.00 -40.67
CA LEU C 707 24.16 -0.05 -41.93
C LEU C 707 24.75 0.93 -42.94
N PRO C 708 25.65 0.49 -43.81
CA PRO C 708 26.21 1.41 -44.81
C PRO C 708 25.45 1.43 -46.13
N GLU C 709 25.12 2.63 -46.62
CA GLU C 709 25.00 2.94 -48.04
C GLU C 709 23.78 2.33 -48.74
N TRP C 710 23.13 1.37 -48.10
CA TRP C 710 22.05 0.63 -48.73
C TRP C 710 20.86 0.75 -47.80
N LEU C 711 20.17 1.85 -47.94
CA LEU C 711 19.18 2.27 -46.96
C LEU C 711 17.94 2.86 -47.62
N ARG C 712 17.79 2.71 -48.93
CA ARG C 712 16.66 3.33 -49.61
C ARG C 712 15.36 2.62 -49.26
N SER C 713 15.38 1.29 -49.24
CA SER C 713 14.19 0.56 -48.82
C SER C 713 13.96 0.70 -47.33
N ARG C 714 15.01 0.98 -46.57
CA ARG C 714 14.86 1.13 -45.13
C ARG C 714 14.77 2.62 -44.79
N PHE C 715 13.65 3.18 -45.22
CA PHE C 715 13.26 4.58 -45.03
C PHE C 715 11.82 4.65 -44.54
N ARG C 716 11.23 5.85 -44.60
CA ARG C 716 9.86 6.02 -44.11
C ARG C 716 9.19 7.20 -44.83
N MET C 717 8.50 6.89 -45.93
CA MET C 717 7.45 7.72 -46.55
C MET C 717 7.97 9.11 -46.94
N GLY C 718 8.80 9.14 -47.97
CA GLY C 718 9.37 10.39 -48.40
C GLY C 718 8.48 11.23 -49.31
N GLU C 719 8.97 12.45 -49.57
CA GLU C 719 8.49 13.35 -50.62
C GLU C 719 7.01 13.71 -50.46
N LEU C 720 6.72 14.48 -49.42
CA LEU C 720 5.35 14.94 -49.20
C LEU C 720 5.27 16.46 -49.08
N CYS C 721 4.37 17.05 -49.84
CA CYS C 721 4.02 18.47 -49.76
C CYS C 721 2.77 18.66 -48.94
N LYS C 722 2.54 19.92 -48.54
CA LYS C 722 1.29 20.20 -47.85
C LYS C 722 0.16 20.41 -48.87
N VAL C 723 0.16 21.53 -49.59
CA VAL C 723 -0.61 21.65 -50.83
C VAL C 723 0.17 22.32 -51.96
N ALA C 724 1.10 23.22 -51.64
CA ALA C 724 1.34 24.38 -52.49
C ALA C 724 2.68 24.33 -53.23
N ASP C 725 3.79 24.24 -52.52
CA ASP C 725 5.12 24.19 -53.12
C ASP C 725 5.45 22.76 -53.50
N GLU C 726 6.73 22.43 -53.61
CA GLU C 726 7.15 21.04 -53.65
C GLU C 726 7.05 20.41 -52.26
N ASP C 727 7.67 19.25 -52.08
CA ASP C 727 7.55 18.52 -50.82
C ASP C 727 8.14 19.29 -49.65
N PHE C 728 7.25 19.87 -48.84
CA PHE C 728 7.66 20.61 -47.65
C PHE C 728 8.37 19.70 -46.67
N ARG C 729 7.72 18.62 -46.27
CA ARG C 729 8.28 17.73 -45.26
C ARG C 729 7.65 16.37 -45.41
N LEU C 730 8.48 15.34 -45.35
CA LEU C 730 7.99 13.98 -45.44
C LEU C 730 7.30 13.62 -44.13
N CYS C 731 6.29 12.76 -44.20
CA CYS C 731 5.48 12.51 -43.02
C CYS C 731 5.42 11.03 -42.72
N LEU C 732 4.64 10.71 -41.69
CA LEU C 732 4.27 9.34 -41.38
C LEU C 732 2.76 9.21 -41.36
N ARG C 733 2.28 8.05 -40.94
CA ARG C 733 0.93 7.65 -41.29
C ARG C 733 0.07 7.41 -40.06
N ILE C 734 -1.13 6.90 -40.32
CA ILE C 734 -2.33 7.13 -39.52
C ILE C 734 -2.30 6.31 -38.25
N ASN C 735 -3.24 6.60 -37.35
CA ASN C 735 -3.29 5.97 -36.04
C ASN C 735 -4.74 5.64 -35.72
N GLU C 736 -4.98 5.23 -34.48
CA GLU C 736 -6.35 5.03 -34.00
C GLU C 736 -6.36 5.14 -32.49
N VAL C 737 -7.51 5.54 -31.96
CA VAL C 737 -7.71 5.67 -30.52
C VAL C 737 -9.19 5.49 -30.20
N LYS C 738 -9.51 4.54 -29.32
CA LYS C 738 -10.91 4.22 -29.08
C LYS C 738 -11.35 4.95 -27.81
N TRP C 739 -11.48 6.27 -27.93
CA TRP C 739 -12.11 7.05 -26.89
C TRP C 739 -13.05 8.09 -27.48
N THR C 740 -13.87 7.67 -28.44
CA THR C 740 -15.07 8.41 -28.82
C THR C 740 -16.04 8.49 -27.65
N GLU C 741 -15.93 7.54 -26.71
CA GLU C 741 -16.63 7.54 -25.45
C GLU C 741 -16.36 8.80 -24.66
N TRP C 742 -17.38 9.64 -24.55
CA TRP C 742 -17.45 10.71 -23.58
C TRP C 742 -18.92 11.01 -23.31
N LYS C 743 -19.17 12.15 -22.67
CA LYS C 743 -20.51 12.61 -22.35
C LYS C 743 -20.72 14.01 -22.88
N THR C 744 -21.51 14.11 -23.94
CA THR C 744 -22.00 15.39 -24.42
C THR C 744 -23.46 15.36 -24.83
N HIS C 745 -24.13 14.20 -24.76
CA HIS C 745 -25.51 13.97 -25.19
C HIS C 745 -25.78 14.40 -26.63
N SER D 85 -0.56 7.49 32.59
CA SER D 85 -1.81 6.83 32.21
C SER D 85 -2.94 6.86 33.28
N PRO D 86 -2.65 6.76 34.59
CA PRO D 86 -3.68 7.16 35.57
C PRO D 86 -3.84 8.68 35.59
N GLN D 87 -4.92 9.12 36.22
CA GLN D 87 -5.16 10.55 36.36
C GLN D 87 -4.86 11.02 37.78
N SER D 88 -5.54 10.44 38.78
CA SER D 88 -5.32 10.63 40.21
C SER D 88 -5.45 12.08 40.65
N PRO D 89 -6.68 12.61 40.76
CA PRO D 89 -6.84 13.99 41.24
C PRO D 89 -6.59 14.14 42.73
N GLN D 90 -6.53 13.03 43.46
CA GLN D 90 -5.95 12.86 44.79
C GLN D 90 -6.75 13.44 45.95
N ASP D 91 -7.78 14.26 45.66
CA ASP D 91 -8.64 14.84 46.69
C ASP D 91 -9.75 15.58 45.97
N ASP D 92 -10.90 15.68 46.65
CA ASP D 92 -11.83 16.84 46.71
C ASP D 92 -11.94 17.58 45.38
N VAL D 93 -12.44 16.86 44.39
CA VAL D 93 -12.13 17.07 42.97
C VAL D 93 -12.41 18.51 42.51
N THR D 94 -13.67 18.97 42.59
CA THR D 94 -14.20 20.22 43.16
C THR D 94 -15.65 20.18 42.67
N GLU D 95 -16.59 20.87 43.33
CA GLU D 95 -17.98 21.07 42.86
C GLU D 95 -18.70 19.72 42.71
N THR D 96 -18.94 19.14 43.83
CA THR D 96 -19.73 17.93 43.76
C THR D 96 -21.19 18.20 44.13
N PRO D 97 -22.14 17.48 43.52
CA PRO D 97 -23.51 17.55 44.04
C PRO D 97 -23.68 16.80 45.34
N SER D 98 -22.90 15.74 45.58
CA SER D 98 -23.00 14.97 46.81
C SER D 98 -22.33 15.73 47.94
N ASN D 99 -23.13 16.25 48.87
CA ASN D 99 -22.62 17.21 49.84
C ASN D 99 -22.83 16.70 51.26
N PRO D 100 -21.75 16.47 52.02
CA PRO D 100 -21.91 16.08 53.44
C PRO D 100 -22.24 17.24 54.35
N ASN D 101 -22.20 17.01 55.66
CA ASN D 101 -22.48 18.01 56.68
C ASN D 101 -21.24 18.23 57.56
N SER D 102 -20.07 18.32 56.94
CA SER D 102 -18.84 18.48 57.71
C SER D 102 -18.51 19.92 58.14
N PRO D 103 -18.57 20.98 57.27
CA PRO D 103 -18.15 22.31 57.76
C PRO D 103 -19.19 23.02 58.61
N SER D 104 -20.47 22.80 58.29
CA SER D 104 -21.55 23.46 59.02
C SER D 104 -21.77 22.86 60.40
N ALA D 105 -21.18 21.71 60.71
CA ALA D 105 -21.32 21.14 62.04
C ALA D 105 -20.50 21.90 63.07
N ASN D 106 -19.44 22.59 62.64
CA ASN D 106 -18.63 23.36 63.57
C ASN D 106 -19.31 24.67 63.96
N LEU D 107 -19.96 25.34 63.00
CA LEU D 107 -20.68 26.58 63.25
C LEU D 107 -22.15 26.22 63.47
N ALA D 108 -22.52 25.95 64.72
CA ALA D 108 -23.92 25.67 65.00
C ALA D 108 -24.80 26.90 64.79
N LYS D 109 -24.70 27.86 65.72
CA LYS D 109 -25.40 29.16 65.75
C LYS D 109 -26.84 29.11 65.24
N GLU D 110 -27.63 28.22 65.86
CA GLU D 110 -28.94 27.83 65.36
C GLU D 110 -30.05 28.60 66.09
N GLU D 111 -31.02 29.10 65.32
CA GLU D 111 -32.17 29.77 65.94
C GLU D 111 -33.51 29.22 65.46
N GLN D 112 -33.55 28.70 64.22
CA GLN D 112 -34.80 28.17 63.68
C GLN D 112 -34.48 27.02 62.74
N ARG D 113 -34.42 25.81 63.33
CA ARG D 113 -34.36 24.43 62.82
C ARG D 113 -33.08 24.11 62.05
N GLN D 114 -32.42 25.14 61.54
CA GLN D 114 -30.99 25.37 61.37
C GLN D 114 -30.94 26.80 60.86
N LYS D 115 -30.16 27.67 61.50
CA LYS D 115 -30.24 29.07 61.13
C LYS D 115 -29.46 29.35 59.87
N LYS D 116 -28.30 28.72 59.72
CA LYS D 116 -27.31 29.14 58.76
C LYS D 116 -27.06 28.15 57.64
N LYS D 117 -27.15 26.84 57.89
CA LYS D 117 -27.00 25.88 56.81
C LYS D 117 -28.24 25.86 55.94
N ARG D 118 -29.40 26.16 56.54
CA ARG D 118 -30.58 26.49 55.73
C ARG D 118 -30.45 27.85 55.09
N LEU D 119 -29.47 28.67 55.50
CA LEU D 119 -29.21 29.88 54.76
C LEU D 119 -28.09 29.66 53.75
N LYS D 120 -27.04 28.91 54.14
CA LYS D 120 -25.85 28.80 53.29
C LYS D 120 -26.11 27.94 52.08
N LYS D 121 -26.71 26.77 52.29
CA LYS D 121 -26.93 25.86 51.18
C LYS D 121 -27.96 26.41 50.20
N ARG D 122 -28.94 27.16 50.70
CA ARG D 122 -29.95 27.72 49.81
C ARG D 122 -29.38 28.82 48.94
N ILE D 123 -28.30 29.47 49.37
CA ILE D 123 -27.59 30.38 48.49
C ILE D 123 -27.01 29.61 47.31
N PHE D 124 -26.43 28.45 47.61
CA PHE D 124 -25.71 27.67 46.61
C PHE D 124 -26.60 27.19 45.49
N ALA D 125 -27.72 26.57 45.84
CA ALA D 125 -28.61 26.00 44.84
C ALA D 125 -29.30 27.08 44.03
N ALA D 126 -29.67 28.19 44.68
CA ALA D 126 -30.23 29.32 43.97
C ALA D 126 -29.22 29.92 43.01
N VAL D 127 -27.95 29.92 43.40
CA VAL D 127 -26.88 30.17 42.44
C VAL D 127 -26.79 29.03 41.45
N SER D 128 -26.88 27.78 41.93
CA SER D 128 -26.68 26.64 41.06
C SER D 128 -27.80 26.47 40.05
N GLU D 129 -28.99 26.97 40.36
CA GLU D 129 -30.08 26.99 39.39
C GLU D 129 -30.13 28.31 38.64
N GLY D 130 -30.24 29.41 39.36
CA GLY D 130 -30.32 30.72 38.73
C GLY D 130 -31.64 31.41 39.01
N CYS D 131 -32.37 30.91 40.00
CA CYS D 131 -33.62 31.55 40.38
C CYS D 131 -33.34 32.87 41.08
N VAL D 132 -33.89 33.95 40.53
CA VAL D 132 -33.47 35.29 40.93
C VAL D 132 -34.19 35.74 42.19
N GLU D 133 -35.52 35.73 42.17
CA GLU D 133 -36.29 36.33 43.26
C GLU D 133 -36.19 35.52 44.54
N GLU D 134 -36.01 34.20 44.41
CA GLU D 134 -35.64 33.38 45.54
C GLU D 134 -34.30 33.82 46.12
N LEU D 135 -33.36 34.14 45.24
CA LEU D 135 -32.05 34.58 45.69
C LEU D 135 -32.12 35.99 46.27
N ARG D 136 -33.05 36.83 45.79
CA ARG D 136 -33.20 38.19 46.30
C ARG D 136 -33.60 38.20 47.77
N GLU D 137 -34.46 37.27 48.16
CA GLU D 137 -34.87 37.20 49.55
C GLU D 137 -33.82 36.52 50.41
N LEU D 138 -33.07 35.57 49.84
CA LEU D 138 -32.01 34.92 50.58
C LEU D 138 -30.86 35.88 50.88
N LEU D 139 -30.62 36.82 49.98
CA LEU D 139 -29.63 37.85 50.29
C LEU D 139 -30.16 38.85 51.31
N GLN D 140 -31.49 39.00 51.37
CA GLN D 140 -32.09 39.92 52.33
C GLN D 140 -31.90 39.43 53.76
N ASP D 141 -32.14 38.14 54.00
CA ASP D 141 -31.88 37.60 55.32
C ASP D 141 -30.40 37.47 55.62
N LEU D 142 -29.55 37.44 54.59
CA LEU D 142 -28.12 37.50 54.83
C LEU D 142 -27.72 38.85 55.41
N GLN D 143 -28.34 39.92 54.93
CA GLN D 143 -28.20 41.22 55.58
C GLN D 143 -28.82 41.21 56.96
N ASP D 144 -29.95 40.52 57.11
CA ASP D 144 -30.65 40.51 58.39
C ASP D 144 -29.89 39.74 59.46
N LEU D 145 -29.24 38.63 59.08
CA LEU D 145 -28.44 37.91 60.05
C LEU D 145 -27.17 38.66 60.37
N CYS D 146 -26.58 39.33 59.39
CA CYS D 146 -25.42 40.17 59.62
C CYS D 146 -25.79 41.55 60.13
N ARG D 147 -27.08 41.85 60.25
CA ARG D 147 -27.50 43.06 60.94
C ARG D 147 -27.12 43.00 62.42
N ARG D 148 -27.50 41.91 63.08
CA ARG D 148 -27.12 41.71 64.47
C ARG D 148 -25.68 41.22 64.48
N ARG D 149 -24.75 42.12 64.78
CA ARG D 149 -23.34 41.79 64.78
C ARG D 149 -22.63 42.76 65.73
N ARG D 150 -21.54 42.28 66.33
CA ARG D 150 -20.75 43.03 67.29
C ARG D 150 -19.85 44.05 66.58
N GLY D 151 -18.79 44.48 67.26
CA GLY D 151 -17.97 45.56 66.77
C GLY D 151 -17.12 45.27 65.55
N LEU D 152 -17.60 45.76 64.40
CA LEU D 152 -16.89 45.76 63.11
C LEU D 152 -16.51 44.35 62.63
N ASP D 153 -17.24 43.34 63.08
CA ASP D 153 -16.98 41.97 62.67
C ASP D 153 -17.87 41.54 61.52
N VAL D 154 -18.76 42.43 61.06
CA VAL D 154 -19.68 42.07 59.99
C VAL D 154 -19.02 41.75 58.64
N PRO D 155 -17.91 42.38 58.19
CA PRO D 155 -17.39 41.92 56.89
C PRO D 155 -16.68 40.59 56.98
N ASP D 156 -15.94 40.37 58.06
CA ASP D 156 -15.13 39.15 58.17
C ASP D 156 -16.02 37.95 58.44
N PHE D 157 -17.16 38.17 59.09
CA PHE D 157 -18.06 37.08 59.40
C PHE D 157 -18.71 36.51 58.16
N LEU D 158 -19.09 37.38 57.22
CA LEU D 158 -19.76 36.92 56.03
C LEU D 158 -18.80 36.13 55.13
N MET D 159 -17.51 36.45 55.19
CA MET D 159 -16.53 35.61 54.52
C MET D 159 -16.49 34.23 55.13
N HIS D 160 -16.50 34.15 56.46
CA HIS D 160 -16.57 32.87 57.12
C HIS D 160 -17.95 32.25 56.98
N LYS D 161 -18.96 33.07 56.69
CA LYS D 161 -20.29 32.55 56.40
C LYS D 161 -20.35 31.97 55.00
N LEU D 162 -19.87 32.70 54.01
CA LEU D 162 -20.07 32.34 52.61
C LEU D 162 -18.91 31.55 52.02
N THR D 163 -17.70 31.75 52.51
CA THR D 163 -16.53 31.08 52.00
C THR D 163 -15.91 30.25 53.10
N ALA D 164 -14.71 29.74 52.81
CA ALA D 164 -13.83 29.05 53.75
C ALA D 164 -14.50 27.84 54.37
N SER D 165 -15.35 27.18 53.58
CA SER D 165 -16.14 26.07 54.07
C SER D 165 -15.24 24.87 54.30
N ASP D 166 -14.64 24.36 53.23
CA ASP D 166 -13.68 23.28 53.35
C ASP D 166 -12.46 23.64 52.52
N THR D 167 -12.68 24.47 51.52
CA THR D 167 -11.65 24.80 50.53
C THR D 167 -11.33 26.27 50.46
N GLY D 168 -12.32 27.14 50.71
CA GLY D 168 -12.18 28.55 50.46
C GLY D 168 -12.97 29.05 49.28
N LYS D 169 -13.80 28.22 48.67
CA LYS D 169 -14.56 28.63 47.51
C LYS D 169 -15.66 29.60 47.89
N THR D 170 -16.11 30.36 46.90
CA THR D 170 -17.08 31.42 47.09
C THR D 170 -18.37 31.07 46.37
N CYS D 171 -19.33 31.98 46.47
CA CYS D 171 -20.52 31.89 45.62
C CYS D 171 -20.20 32.31 44.21
N LEU D 172 -19.26 33.24 44.03
CA LEU D 172 -18.84 33.65 42.69
C LEU D 172 -18.19 32.50 41.95
N MET D 173 -17.50 31.63 42.67
CA MET D 173 -17.00 30.39 42.08
C MET D 173 -18.17 29.58 41.57
N LYS D 174 -19.13 29.28 42.47
CA LYS D 174 -20.33 28.56 42.10
C LYS D 174 -21.18 29.36 41.11
N ALA D 175 -21.04 30.68 41.11
CA ALA D 175 -21.67 31.46 40.05
C ALA D 175 -20.99 31.23 38.70
N LEU D 176 -19.74 30.78 38.72
CA LEU D 176 -19.02 30.69 37.47
C LEU D 176 -18.58 29.28 37.12
N LEU D 177 -18.76 28.31 38.01
CA LEU D 177 -18.47 26.94 37.61
C LEU D 177 -19.49 26.43 36.61
N ASN D 178 -20.76 26.64 36.89
CA ASN D 178 -21.79 26.29 35.94
C ASN D 178 -22.07 27.48 35.04
N ILE D 179 -23.10 27.37 34.21
CA ILE D 179 -23.58 28.51 33.45
C ILE D 179 -25.07 28.31 33.21
N ASN D 180 -25.79 29.42 33.15
CA ASN D 180 -27.23 29.45 32.97
C ASN D 180 -27.61 30.82 32.43
N PRO D 181 -28.77 30.97 31.78
CA PRO D 181 -29.09 32.28 31.18
C PRO D 181 -29.34 33.39 32.20
N ASN D 182 -29.43 33.08 33.49
CA ASN D 182 -29.58 34.10 34.51
C ASN D 182 -28.26 34.64 35.03
N THR D 183 -27.14 34.18 34.47
CA THR D 183 -25.83 34.31 35.12
C THR D 183 -25.39 35.76 35.21
N LYS D 184 -25.42 36.47 34.09
CA LYS D 184 -24.99 37.87 34.08
C LYS D 184 -25.91 38.73 34.93
N GLU D 185 -27.19 38.38 34.99
CA GLU D 185 -28.13 39.14 35.79
C GLU D 185 -27.92 38.88 37.28
N ILE D 186 -27.61 37.65 37.66
CA ILE D 186 -27.50 37.38 39.09
C ILE D 186 -26.18 37.89 39.63
N VAL D 187 -25.14 37.93 38.79
CA VAL D 187 -23.83 38.37 39.23
C VAL D 187 -23.84 39.86 39.55
N ARG D 188 -24.44 40.67 38.68
CA ARG D 188 -24.48 42.11 38.91
C ARG D 188 -25.35 42.46 40.10
N ILE D 189 -26.35 41.63 40.40
CA ILE D 189 -27.04 41.74 41.68
C ILE D 189 -26.10 41.36 42.81
N LEU D 190 -25.40 40.23 42.63
CA LEU D 190 -24.46 39.76 43.63
C LEU D 190 -23.25 40.66 43.75
N LEU D 191 -22.89 41.34 42.67
CA LEU D 191 -21.85 42.35 42.74
C LEU D 191 -22.31 43.54 43.57
N ALA D 192 -23.58 43.92 43.43
CA ALA D 192 -24.09 45.09 44.14
C ALA D 192 -24.27 44.83 45.63
N PHE D 193 -24.26 43.56 46.04
CA PHE D 193 -24.53 43.23 47.43
C PHE D 193 -23.37 43.63 48.33
N ALA D 194 -22.20 43.04 48.12
CA ALA D 194 -21.04 43.33 48.95
C ALA D 194 -20.41 44.68 48.60
N GLU D 195 -20.92 45.37 47.58
CA GLU D 195 -20.60 46.77 47.38
C GLU D 195 -21.12 47.63 48.52
N GLU D 196 -22.20 47.20 49.17
CA GLU D 196 -22.71 47.90 50.35
C GLU D 196 -21.71 47.82 51.50
N ASN D 197 -20.94 46.74 51.56
CA ASN D 197 -19.83 46.66 52.50
C ASN D 197 -18.54 47.07 51.81
N ASP D 198 -17.43 46.84 52.50
CA ASP D 198 -16.13 47.39 52.14
C ASP D 198 -15.08 46.30 51.90
N ILE D 199 -15.50 45.13 51.46
CA ILE D 199 -14.60 43.99 51.43
C ILE D 199 -14.70 43.32 50.06
N LEU D 200 -15.44 43.96 49.15
CA LEU D 200 -15.77 43.34 47.87
C LEU D 200 -14.54 43.18 46.98
N ASP D 201 -13.58 44.09 47.09
CA ASP D 201 -12.30 43.90 46.40
C ASP D 201 -11.55 42.71 46.98
N ARG D 202 -11.57 42.55 48.30
CA ARG D 202 -11.04 41.34 48.89
C ARG D 202 -11.91 40.15 48.54
N PHE D 203 -13.22 40.36 48.48
CA PHE D 203 -14.15 39.28 48.18
C PHE D 203 -14.04 38.82 46.73
N ILE D 204 -13.69 39.72 45.81
CA ILE D 204 -13.56 39.27 44.43
C ILE D 204 -12.23 38.58 44.22
N ASN D 205 -11.24 38.84 45.07
CA ASN D 205 -9.92 38.26 44.93
C ASN D 205 -9.67 37.18 45.95
N ALA D 206 -10.69 36.38 46.22
CA ALA D 206 -10.50 35.22 47.05
C ALA D 206 -9.77 34.14 46.27
N GLU D 207 -9.07 33.29 47.01
CA GLU D 207 -8.34 32.18 46.41
C GLU D 207 -8.40 30.99 47.36
N TYR D 208 -8.10 29.82 46.81
CA TYR D 208 -8.28 28.59 47.58
C TYR D 208 -7.20 28.43 48.63
N THR D 209 -7.64 28.29 49.87
CA THR D 209 -6.81 27.69 50.90
C THR D 209 -6.66 26.19 50.71
N GLU D 210 -7.53 25.61 49.89
CA GLU D 210 -7.38 24.23 49.44
C GLU D 210 -6.02 24.04 48.79
N GLU D 211 -5.35 22.96 49.18
CA GLU D 211 -3.99 22.73 48.75
C GLU D 211 -3.91 22.38 47.28
N ALA D 212 -4.96 21.78 46.73
CA ALA D 212 -4.92 21.28 45.36
C ALA D 212 -4.95 22.39 44.34
N TYR D 213 -5.85 23.34 44.52
CA TYR D 213 -6.03 24.44 43.58
C TYR D 213 -5.67 25.75 44.25
N GLU D 214 -4.56 25.72 44.98
CA GLU D 214 -4.16 26.83 45.82
C GLU D 214 -3.85 28.06 44.98
N GLY D 215 -4.64 29.11 45.18
CA GLY D 215 -4.50 30.33 44.43
C GLY D 215 -5.49 30.52 43.31
N GLN D 216 -6.41 29.58 43.12
CA GLN D 216 -7.40 29.72 42.06
C GLN D 216 -8.44 30.75 42.47
N THR D 217 -8.65 31.76 41.64
CA THR D 217 -9.54 32.86 41.92
C THR D 217 -10.74 32.81 40.98
N ALA D 218 -11.60 33.81 41.11
CA ALA D 218 -12.84 33.83 40.35
C ALA D 218 -12.66 34.40 38.96
N LEU D 219 -11.51 34.98 38.66
CA LEU D 219 -11.31 35.56 37.34
C LEU D 219 -11.16 34.50 36.28
N ASN D 220 -10.30 33.51 36.55
CA ASN D 220 -9.94 32.50 35.57
C ASN D 220 -11.13 31.67 35.18
N ILE D 221 -12.06 31.53 36.11
CA ILE D 221 -13.23 30.71 35.89
C ILE D 221 -14.15 31.36 34.89
N ALA D 222 -14.24 32.68 34.93
CA ALA D 222 -14.92 33.40 33.87
C ALA D 222 -14.15 33.31 32.56
N ILE D 223 -12.83 33.32 32.65
CA ILE D 223 -12.02 33.17 31.45
C ILE D 223 -12.14 31.75 30.92
N GLU D 224 -12.28 30.79 31.83
CA GLU D 224 -12.54 29.41 31.45
C GLU D 224 -13.86 29.27 30.71
N ARG D 225 -14.92 29.79 31.28
CA ARG D 225 -16.24 29.63 30.72
C ARG D 225 -16.57 30.64 29.64
N ARG D 226 -15.57 31.42 29.21
CA ARG D 226 -15.63 32.28 28.02
C ARG D 226 -16.73 33.33 28.16
N GLN D 227 -16.62 34.14 29.19
CA GLN D 227 -17.56 35.23 29.42
C GLN D 227 -16.75 36.50 29.59
N GLY D 228 -16.38 37.10 28.46
CA GLY D 228 -15.68 38.37 28.51
C GLY D 228 -16.56 39.49 28.99
N ASP D 229 -17.86 39.38 28.76
CA ASP D 229 -18.80 40.39 29.23
C ASP D 229 -18.86 40.42 30.74
N ILE D 230 -18.86 39.24 31.35
CA ILE D 230 -18.68 39.14 32.80
C ILE D 230 -17.30 39.64 33.18
N THR D 231 -16.30 39.25 32.39
CA THR D 231 -14.94 39.65 32.67
C THR D 231 -14.76 41.15 32.51
N ALA D 232 -15.50 41.75 31.58
CA ALA D 232 -15.51 43.21 31.47
C ALA D 232 -16.04 43.85 32.73
N VAL D 233 -17.04 43.23 33.37
CA VAL D 233 -17.45 43.69 34.68
C VAL D 233 -16.38 43.35 35.70
N LEU D 234 -15.73 42.20 35.54
CA LEU D 234 -14.68 41.82 36.48
C LEU D 234 -13.45 42.67 36.33
N ILE D 235 -13.15 43.11 35.12
CA ILE D 235 -12.12 44.13 34.95
C ILE D 235 -12.60 45.44 35.55
N ALA D 236 -13.88 45.75 35.38
CA ALA D 236 -14.43 46.92 36.03
C ALA D 236 -14.56 46.74 37.53
N ALA D 237 -14.52 45.50 38.03
CA ALA D 237 -14.58 45.29 39.47
C ALA D 237 -13.29 45.71 40.16
N GLY D 238 -12.15 45.45 39.53
CA GLY D 238 -10.89 45.83 40.12
C GLY D 238 -10.16 44.67 40.77
N ALA D 239 -10.12 43.53 40.10
CA ALA D 239 -9.45 42.35 40.62
C ALA D 239 -8.08 42.19 39.99
N ASP D 240 -7.17 41.55 40.72
CA ASP D 240 -5.80 41.36 40.26
C ASP D 240 -5.76 40.40 39.08
N VAL D 241 -5.32 40.90 37.93
CA VAL D 241 -5.25 40.13 36.71
C VAL D 241 -3.90 39.43 36.63
N ASN D 242 -3.13 39.49 37.71
CA ASN D 242 -1.78 38.94 37.71
C ASN D 242 -1.63 37.98 38.87
N ALA D 243 -2.63 37.13 39.05
CA ALA D 243 -2.61 36.17 40.14
C ALA D 243 -1.73 34.99 39.79
N HIS D 244 -1.56 34.10 40.76
CA HIS D 244 -0.69 32.93 40.61
C HIS D 244 -1.37 31.75 41.28
N ALA D 245 -2.00 30.89 40.47
CA ALA D 245 -2.71 29.72 40.99
C ALA D 245 -1.76 28.53 40.94
N LYS D 246 -0.84 28.51 41.90
CA LYS D 246 0.26 27.56 41.91
C LYS D 246 -0.05 26.27 42.65
N GLY D 247 -1.32 25.85 42.64
CA GLY D 247 -1.70 24.60 43.31
C GLY D 247 -1.19 23.33 42.66
N VAL D 248 -1.77 22.20 43.05
CA VAL D 248 -1.30 20.90 42.59
C VAL D 248 -1.66 20.66 41.13
N PHE D 249 -2.59 21.44 40.58
CA PHE D 249 -3.27 21.09 39.34
C PHE D 249 -2.34 21.05 38.14
N PHE D 250 -1.28 21.84 38.12
CA PHE D 250 -0.28 21.65 37.08
C PHE D 250 0.72 20.60 37.55
N ASN D 251 1.14 19.77 36.64
CA ASN D 251 1.63 18.46 37.01
C ASN D 251 3.14 18.43 37.24
N PRO D 252 3.60 17.44 38.02
CA PRO D 252 5.03 17.08 37.98
C PRO D 252 5.37 16.18 36.81
N LYS D 253 4.39 15.51 36.23
CA LYS D 253 4.59 14.78 34.97
C LYS D 253 4.41 15.74 33.81
N TYR D 254 4.22 15.21 32.61
CA TYR D 254 4.28 16.04 31.41
C TYR D 254 2.90 16.43 30.90
N GLN D 255 2.06 15.46 30.54
CA GLN D 255 0.82 15.80 29.85
C GLN D 255 -0.39 15.19 30.53
N HIS D 256 -0.33 15.07 31.85
CA HIS D 256 -1.36 14.33 32.55
C HIS D 256 -1.70 15.05 33.84
N GLU D 257 -2.69 14.50 34.54
CA GLU D 257 -3.27 14.97 35.80
C GLU D 257 -3.48 16.47 35.91
N GLY D 258 -3.84 17.10 34.81
CA GLY D 258 -4.06 18.53 34.87
C GLY D 258 -2.97 19.29 34.15
N PHE D 259 -3.37 20.31 33.42
CA PHE D 259 -2.51 20.95 32.45
C PHE D 259 -1.69 22.07 33.07
N TYR D 260 -0.80 22.61 32.24
CA TYR D 260 0.14 23.65 32.63
C TYR D 260 -0.08 24.82 31.69
N PHE D 261 -1.03 25.67 32.03
CA PHE D 261 -1.13 26.94 31.33
C PHE D 261 -0.17 27.96 31.89
N GLY D 262 0.39 27.69 33.07
CA GLY D 262 1.41 28.54 33.63
C GLY D 262 0.91 29.59 34.61
N GLU D 263 -0.10 29.24 35.41
CA GLU D 263 -0.54 29.93 36.64
C GLU D 263 -0.92 31.40 36.48
N THR D 264 -1.01 31.89 35.26
CA THR D 264 -1.27 33.31 35.07
C THR D 264 -2.57 33.54 34.35
N PRO D 265 -3.33 34.56 34.77
CA PRO D 265 -4.62 34.83 34.12
C PRO D 265 -4.48 35.26 32.68
N LEU D 266 -3.33 35.81 32.30
CA LEU D 266 -3.17 36.31 30.95
C LEU D 266 -3.00 35.17 29.95
N ALA D 267 -2.17 34.18 30.31
CA ALA D 267 -1.86 33.13 29.35
C ALA D 267 -3.02 32.19 29.16
N LEU D 268 -3.97 32.20 30.09
CA LEU D 268 -5.13 31.32 30.00
C LEU D 268 -5.98 31.65 28.79
N ALA D 269 -6.17 32.95 28.51
CA ALA D 269 -6.97 33.33 27.36
C ALA D 269 -6.25 32.99 26.07
N ALA D 270 -4.93 33.21 26.05
CA ALA D 270 -4.17 32.98 24.85
C ALA D 270 -4.06 31.50 24.54
N CYS D 271 -3.95 30.69 25.59
CA CYS D 271 -3.90 29.25 25.39
C CYS D 271 -5.24 28.69 24.95
N THR D 272 -6.35 29.39 25.22
CA THR D 272 -7.67 28.82 25.03
C THR D 272 -8.44 29.58 23.94
N ASN D 273 -7.73 30.35 23.10
CA ASN D 273 -8.26 30.94 21.87
C ASN D 273 -9.37 31.95 22.13
N GLN D 274 -9.07 32.97 22.92
CA GLN D 274 -9.97 34.11 23.08
C GLN D 274 -9.17 35.37 22.86
N PRO D 275 -8.92 35.73 21.60
CA PRO D 275 -8.01 36.84 21.32
C PRO D 275 -8.54 38.19 21.75
N GLU D 276 -9.86 38.33 21.81
CA GLU D 276 -10.45 39.57 22.30
C GLU D 276 -10.12 39.79 23.77
N ILE D 277 -10.18 38.71 24.54
CA ILE D 277 -9.79 38.77 25.93
C ILE D 277 -8.30 39.02 26.05
N VAL D 278 -7.52 38.50 25.10
CA VAL D 278 -6.08 38.74 25.08
C VAL D 278 -5.79 40.22 24.85
N GLN D 279 -6.51 40.83 23.93
CA GLN D 279 -6.33 42.26 23.68
C GLN D 279 -6.76 43.09 24.87
N LEU D 280 -7.95 42.80 25.38
CA LEU D 280 -8.54 43.60 26.45
C LEU D 280 -7.75 43.50 27.73
N LEU D 281 -7.24 42.31 28.02
CA LEU D 281 -6.39 42.17 29.19
C LEU D 281 -5.08 42.90 29.01
N MET D 282 -4.48 42.78 27.83
CA MET D 282 -3.22 43.46 27.60
C MET D 282 -3.42 44.96 27.45
N GLU D 283 -4.63 45.39 27.11
CA GLU D 283 -4.91 46.82 27.08
C GLU D 283 -4.92 47.41 28.49
N ASN D 284 -5.24 46.61 29.50
CA ASN D 284 -5.29 47.10 30.86
C ASN D 284 -3.89 47.43 31.36
N GLU D 285 -3.81 48.45 32.21
CA GLU D 285 -2.53 48.94 32.69
C GLU D 285 -2.02 48.17 33.90
N GLN D 286 -2.89 47.40 34.55
CA GLN D 286 -2.42 46.50 35.58
C GLN D 286 -1.62 45.34 35.00
N THR D 287 -1.79 45.07 33.71
CA THR D 287 -1.31 43.86 33.08
C THR D 287 0.21 43.87 32.97
N ASP D 288 0.87 43.13 33.85
CA ASP D 288 2.22 42.71 33.54
C ASP D 288 2.15 41.65 32.47
N ILE D 289 3.21 41.59 31.67
CA ILE D 289 3.44 40.46 30.78
C ILE D 289 4.68 39.69 31.20
N THR D 290 5.71 40.40 31.59
CA THR D 290 7.02 39.82 31.82
C THR D 290 7.14 39.12 33.15
N SER D 291 6.05 38.92 33.89
CA SER D 291 6.18 38.14 35.11
C SER D 291 6.39 36.67 34.77
N GLN D 292 6.88 35.93 35.74
CA GLN D 292 7.33 34.58 35.49
C GLN D 292 6.55 33.57 36.33
N ASP D 293 6.62 32.32 35.89
CA ASP D 293 6.02 31.19 36.60
C ASP D 293 6.84 30.88 37.86
N SER D 294 6.29 30.00 38.69
CA SER D 294 7.10 29.21 39.61
C SER D 294 8.26 28.54 38.89
N ARG D 295 8.02 28.05 37.67
CA ARG D 295 9.12 27.59 36.81
C ARG D 295 9.90 28.73 36.18
N GLY D 296 9.59 29.98 36.49
CA GLY D 296 10.30 31.08 35.85
C GLY D 296 9.86 31.34 34.43
N ASN D 297 8.66 30.91 34.04
CA ASN D 297 8.21 30.94 32.66
C ASN D 297 7.37 32.17 32.37
N ASN D 298 7.61 32.78 31.22
CA ASN D 298 6.78 33.90 30.78
C ASN D 298 5.52 33.36 30.12
N ILE D 299 4.86 34.25 29.40
CA ILE D 299 3.68 33.84 28.64
C ILE D 299 4.05 32.97 27.46
N LEU D 300 5.24 33.16 26.88
CA LEU D 300 5.54 32.44 25.66
C LEU D 300 5.90 31.00 25.93
N HIS D 301 6.45 30.73 27.10
CA HIS D 301 6.78 29.36 27.46
C HIS D 301 5.53 28.51 27.62
N ALA D 302 4.43 29.15 28.01
CA ALA D 302 3.15 28.46 27.99
C ALA D 302 2.79 28.05 26.59
N LEU D 303 2.99 28.95 25.63
CA LEU D 303 2.68 28.67 24.24
C LEU D 303 3.56 27.59 23.66
N VAL D 304 4.73 27.36 24.25
CA VAL D 304 5.57 26.25 23.83
C VAL D 304 4.88 24.93 24.13
N THR D 305 4.21 24.85 25.26
CA THR D 305 3.66 23.58 25.72
C THR D 305 2.25 23.37 25.24
N VAL D 306 1.94 23.78 24.01
CA VAL D 306 0.57 23.74 23.53
C VAL D 306 0.46 22.93 22.25
N ALA D 307 1.22 23.31 21.24
CA ALA D 307 0.90 22.97 19.85
C ALA D 307 1.26 21.54 19.52
N GLU D 308 1.21 21.21 18.24
CA GLU D 308 1.37 19.84 17.78
C GLU D 308 2.69 19.69 17.03
N ASP D 309 2.86 18.49 16.47
CA ASP D 309 3.99 18.13 15.63
C ASP D 309 3.67 18.37 14.14
N PHE D 310 2.51 18.93 13.84
CA PHE D 310 2.00 18.93 12.49
C PHE D 310 1.08 20.14 12.33
N LYS D 311 0.73 20.42 11.08
CA LYS D 311 -0.25 21.46 10.80
C LYS D 311 -1.63 20.92 11.15
N THR D 312 -2.28 21.53 12.13
CA THR D 312 -3.68 21.20 12.32
C THR D 312 -4.51 22.06 11.38
N GLN D 313 -5.83 21.91 11.48
CA GLN D 313 -6.72 22.67 10.62
C GLN D 313 -6.91 24.05 11.25
N ASN D 314 -5.97 24.93 10.91
CA ASN D 314 -5.94 26.36 11.28
C ASN D 314 -5.91 26.53 12.80
N ASP D 315 -4.79 26.12 13.39
CA ASP D 315 -4.62 26.32 14.82
C ASP D 315 -4.50 27.80 15.13
N PHE D 316 -4.83 28.15 16.36
CA PHE D 316 -4.71 29.52 16.82
C PHE D 316 -3.38 29.77 17.49
N VAL D 317 -2.60 28.71 17.70
CA VAL D 317 -1.45 28.79 18.59
C VAL D 317 -0.36 29.65 17.98
N LYS D 318 -0.21 29.58 16.67
CA LYS D 318 0.79 30.40 16.02
C LYS D 318 0.33 31.84 15.87
N ARG D 319 -0.95 32.05 15.58
CA ARG D 319 -1.44 33.40 15.38
C ARG D 319 -1.70 34.12 16.69
N MET D 320 -1.82 33.41 17.81
CA MET D 320 -1.73 34.10 19.09
C MET D 320 -0.33 34.61 19.35
N TYR D 321 0.66 33.84 18.87
CA TYR D 321 2.03 33.97 19.34
C TYR D 321 2.63 35.30 18.93
N ASP D 322 2.59 35.58 17.65
CA ASP D 322 3.02 36.88 17.15
C ASP D 322 2.12 38.01 17.62
N MET D 323 0.84 37.70 17.89
CA MET D 323 -0.09 38.75 18.30
C MET D 323 0.31 39.34 19.64
N ILE D 324 0.89 38.53 20.51
CA ILE D 324 1.54 39.07 21.68
C ILE D 324 2.77 39.85 21.28
N LEU D 325 3.55 39.27 20.37
CA LEU D 325 4.83 39.85 19.99
C LEU D 325 4.66 41.14 19.22
N LEU D 326 3.57 41.25 18.46
CA LEU D 326 3.23 42.54 17.86
C LEU D 326 2.94 43.58 18.91
N ARG D 327 2.31 43.19 20.01
CA ARG D 327 2.10 44.14 21.08
C ARG D 327 3.31 44.28 21.97
N SER D 328 4.27 43.37 21.85
CA SER D 328 5.39 43.38 22.76
C SER D 328 6.34 44.53 22.44
N GLY D 329 6.89 44.53 21.23
CA GLY D 329 7.68 45.63 20.77
C GLY D 329 9.08 45.72 21.34
N ASN D 330 9.49 44.77 22.17
CA ASN D 330 10.83 44.79 22.75
C ASN D 330 11.50 43.44 22.60
N TRP D 331 12.79 43.50 22.31
CA TRP D 331 13.55 42.30 22.01
C TRP D 331 13.86 41.50 23.25
N GLU D 332 13.77 42.12 24.42
CA GLU D 332 14.11 41.47 25.69
C GLU D 332 13.18 40.33 26.06
N LEU D 333 11.96 40.34 25.53
CA LEU D 333 10.92 39.46 26.04
C LEU D 333 11.19 38.01 25.71
N GLU D 334 11.96 37.75 24.66
CA GLU D 334 12.43 36.40 24.42
C GLU D 334 13.82 36.16 24.98
N THR D 335 14.46 37.17 25.54
CA THR D 335 15.75 36.93 26.19
C THR D 335 15.60 36.35 27.57
N MET D 336 14.37 36.28 28.06
CA MET D 336 14.11 35.75 29.38
C MET D 336 14.38 34.26 29.42
N ARG D 337 15.13 33.82 30.41
CA ARG D 337 15.29 32.40 30.64
C ARG D 337 14.22 31.93 31.61
N ASN D 338 14.35 30.72 32.15
CA ASN D 338 13.41 30.23 33.15
C ASN D 338 14.22 29.78 34.36
N ASN D 339 13.57 29.00 35.24
CA ASN D 339 14.29 28.34 36.31
C ASN D 339 15.36 27.39 35.77
N ASP D 340 15.10 26.75 34.64
CA ASP D 340 16.08 25.88 34.01
C ASP D 340 17.05 26.65 33.12
N GLY D 341 16.87 27.95 32.97
CA GLY D 341 17.71 28.75 32.12
C GLY D 341 17.41 28.49 30.66
N LEU D 342 16.15 28.59 30.28
CA LEU D 342 15.74 28.27 28.92
C LEU D 342 15.15 29.49 28.26
N THR D 343 15.79 29.92 27.18
CA THR D 343 15.18 30.84 26.23
C THR D 343 13.91 30.18 25.69
N PRO D 344 12.87 30.97 25.37
CA PRO D 344 11.70 30.38 24.71
C PRO D 344 12.00 29.70 23.39
N LEU D 345 13.02 30.15 22.66
CA LEU D 345 13.54 29.37 21.56
C LEU D 345 14.13 28.06 22.05
N GLN D 346 14.95 28.14 23.10
CA GLN D 346 15.65 26.99 23.65
C GLN D 346 14.69 25.94 24.17
N LEU D 347 13.60 26.36 24.81
CA LEU D 347 12.61 25.40 25.27
C LEU D 347 11.86 24.78 24.10
N ALA D 348 11.59 25.58 23.06
CA ALA D 348 10.85 25.09 21.92
C ALA D 348 11.59 24.00 21.17
N ALA D 349 12.92 24.04 21.20
CA ALA D 349 13.66 22.90 20.70
C ALA D 349 13.59 21.73 21.66
N LYS D 350 13.64 22.01 22.97
CA LYS D 350 13.66 20.95 23.97
C LYS D 350 12.37 20.16 23.97
N MET D 351 11.24 20.86 23.87
CA MET D 351 9.96 20.16 23.85
C MET D 351 9.76 19.47 22.51
N GLY D 352 10.32 20.02 21.45
CA GLY D 352 10.24 19.41 20.15
C GLY D 352 9.08 19.87 19.30
N LYS D 353 8.41 20.95 19.69
CA LYS D 353 7.33 21.48 18.87
C LYS D 353 7.95 22.11 17.63
N ALA D 354 8.16 21.28 16.61
CA ALA D 354 9.11 21.60 15.56
C ALA D 354 8.61 22.70 14.64
N GLU D 355 7.33 22.65 14.28
CA GLU D 355 6.75 23.59 13.34
C GLU D 355 6.75 24.99 13.90
N ILE D 356 6.56 25.11 15.21
CA ILE D 356 6.58 26.40 15.87
C ILE D 356 7.95 27.05 15.71
N LEU D 357 9.00 26.25 15.84
CA LEU D 357 10.35 26.76 15.77
C LEU D 357 10.68 27.28 14.38
N LYS D 358 10.05 26.71 13.36
CA LYS D 358 10.15 27.28 12.02
C LYS D 358 9.54 28.66 11.97
N TYR D 359 8.37 28.82 12.59
CA TYR D 359 7.78 30.14 12.67
C TYR D 359 8.57 31.05 13.58
N ILE D 360 9.17 30.49 14.63
CA ILE D 360 9.99 31.26 15.54
C ILE D 360 11.18 31.85 14.83
N LEU D 361 11.87 31.00 14.07
CA LEU D 361 13.12 31.41 13.47
C LEU D 361 12.94 32.36 12.29
N SER D 362 11.78 32.37 11.64
CA SER D 362 11.66 33.12 10.40
C SER D 362 11.48 34.61 10.65
N ARG D 363 10.30 34.98 11.18
CA ARG D 363 9.92 36.34 11.59
C ARG D 363 10.24 37.41 10.54
N GLU D 364 9.52 37.35 9.43
CA GLU D 364 9.76 38.29 8.33
C GLU D 364 8.74 39.42 8.28
N ILE D 365 8.19 39.81 9.43
CA ILE D 365 7.20 40.88 9.46
C ILE D 365 7.89 42.20 9.19
N LYS D 366 7.51 42.85 8.10
CA LYS D 366 8.10 44.12 7.74
C LYS D 366 7.21 45.24 8.25
N GLU D 367 7.81 46.10 9.06
CA GLU D 367 7.24 47.34 9.55
C GLU D 367 8.39 48.12 10.16
N LYS D 368 8.52 49.39 9.76
CA LYS D 368 9.72 50.15 10.04
C LYS D 368 9.99 50.40 11.53
N PRO D 369 8.98 50.66 12.40
CA PRO D 369 9.31 50.54 13.82
C PRO D 369 9.05 49.16 14.40
N LEU D 370 9.29 48.08 13.64
CA LEU D 370 9.06 46.75 14.17
C LEU D 370 10.04 45.70 13.67
N ARG D 371 11.05 46.08 12.90
CA ARG D 371 11.99 45.09 12.39
C ARG D 371 12.94 44.59 13.47
N SER D 372 12.93 45.20 14.66
CA SER D 372 13.82 44.80 15.75
C SER D 372 13.52 43.38 16.21
N LEU D 373 12.26 42.96 16.11
CA LEU D 373 11.90 41.59 16.37
C LEU D 373 12.09 40.68 15.16
N SER D 374 12.30 41.26 13.99
CA SER D 374 12.34 40.46 12.78
C SER D 374 13.65 39.69 12.69
N ARG D 375 13.61 38.56 12.00
CA ARG D 375 14.75 37.67 11.91
C ARG D 375 15.11 37.27 10.49
N LYS D 376 14.30 37.66 9.51
CA LYS D 376 14.54 37.30 8.11
C LYS D 376 14.80 38.58 7.34
N PHE D 377 16.08 38.89 7.12
CA PHE D 377 16.45 40.08 6.36
C PHE D 377 16.59 39.70 4.91
N THR D 378 15.49 39.76 4.17
CA THR D 378 15.55 39.60 2.73
C THR D 378 15.79 40.96 2.11
N ASP D 379 16.87 41.10 1.37
CA ASP D 379 17.10 42.27 0.54
C ASP D 379 17.21 41.95 -0.93
N TRP D 380 18.02 40.95 -1.31
CA TRP D 380 18.28 40.66 -2.71
C TRP D 380 17.52 39.40 -3.13
N ALA D 381 16.24 39.58 -3.42
CA ALA D 381 15.38 38.49 -3.88
C ALA D 381 14.94 38.82 -5.29
N TYR D 382 15.38 37.99 -6.25
CA TYR D 382 15.17 38.26 -7.66
C TYR D 382 14.59 36.98 -8.28
N GLY D 383 13.27 36.84 -8.19
CA GLY D 383 12.63 35.64 -8.66
C GLY D 383 12.94 34.45 -7.79
N PRO D 384 13.41 33.36 -8.40
CA PRO D 384 13.71 32.15 -7.61
C PRO D 384 14.99 32.22 -6.79
N VAL D 385 15.69 33.32 -6.77
CA VAL D 385 16.81 33.48 -5.85
C VAL D 385 16.30 34.30 -4.69
N SER D 386 16.99 34.23 -3.55
CA SER D 386 16.51 34.89 -2.34
C SER D 386 17.69 35.13 -1.42
N SER D 387 17.97 36.40 -1.12
CA SER D 387 19.01 36.70 -0.14
C SER D 387 18.49 36.54 1.27
N SER D 388 19.36 36.08 2.15
CA SER D 388 18.94 35.74 3.50
C SER D 388 19.98 36.18 4.51
N LEU D 389 19.50 36.73 5.61
CA LEU D 389 20.32 37.00 6.78
C LEU D 389 19.51 36.44 7.94
N TYR D 390 20.14 35.64 8.79
CA TYR D 390 19.38 35.06 9.88
C TYR D 390 19.86 35.61 11.21
N ASP D 391 19.08 35.34 12.26
CA ASP D 391 19.32 35.98 13.54
C ASP D 391 20.56 35.42 14.23
N LEU D 392 20.58 34.10 14.43
CA LEU D 392 21.75 33.35 14.91
C LEU D 392 22.18 33.83 16.29
N THR D 393 21.30 33.61 17.26
CA THR D 393 21.58 34.07 18.61
C THR D 393 22.11 32.95 19.49
N ASN D 394 21.32 31.91 19.66
CA ASN D 394 21.71 30.81 20.53
C ASN D 394 21.80 29.54 19.72
N VAL D 395 22.36 29.65 18.53
CA VAL D 395 22.23 28.62 17.53
C VAL D 395 23.53 27.86 17.34
N ASP D 396 24.63 28.57 17.12
CA ASP D 396 25.91 27.90 17.02
C ASP D 396 26.38 27.44 18.40
N THR D 397 27.36 26.55 18.38
CA THR D 397 28.01 26.16 19.63
C THR D 397 29.10 27.20 19.90
N THR D 398 28.68 28.34 20.40
CA THR D 398 29.59 29.28 21.02
C THR D 398 29.24 29.58 22.46
N THR D 399 28.05 29.19 22.91
CA THR D 399 27.68 29.23 24.31
C THR D 399 27.33 27.82 24.75
N ASP D 400 26.84 27.73 25.96
CA ASP D 400 26.21 26.49 26.38
C ASP D 400 24.82 26.40 25.78
N ASN D 401 24.37 25.17 25.60
CA ASN D 401 22.97 24.84 25.35
C ASN D 401 22.45 25.47 24.05
N SER D 402 23.18 25.24 22.97
CA SER D 402 22.78 25.76 21.68
C SER D 402 21.58 25.01 21.14
N VAL D 403 20.89 25.62 20.19
CA VAL D 403 19.73 24.94 19.63
C VAL D 403 20.15 23.83 18.70
N LEU D 404 21.35 23.91 18.14
CA LEU D 404 21.90 22.77 17.42
C LEU D 404 22.46 21.76 18.39
N GLU D 405 22.88 22.22 19.56
CA GLU D 405 23.37 21.31 20.58
C GLU D 405 22.24 20.46 21.12
N ILE D 406 21.09 21.06 21.36
CA ILE D 406 20.03 20.36 22.05
C ILE D 406 19.25 19.45 21.11
N ILE D 407 19.19 19.76 19.82
CA ILE D 407 18.40 18.93 18.92
C ILE D 407 19.11 17.60 18.65
N VAL D 408 20.43 17.57 18.72
CA VAL D 408 21.14 16.35 18.43
C VAL D 408 21.20 15.45 19.65
N TYR D 409 21.65 15.99 20.78
CA TYR D 409 21.88 15.18 21.98
C TYR D 409 20.62 14.88 22.77
N ASN D 410 19.44 15.07 22.19
CA ASN D 410 18.22 14.78 22.91
C ASN D 410 17.76 13.37 22.62
N THR D 411 17.07 12.79 23.59
CA THR D 411 16.29 11.59 23.41
C THR D 411 14.88 11.99 23.02
N ASN D 412 13.96 11.02 23.04
CA ASN D 412 12.49 11.14 23.07
C ASN D 412 11.92 12.23 22.14
N ILE D 413 12.45 12.29 20.93
CA ILE D 413 11.90 13.11 19.87
C ILE D 413 11.55 12.18 18.72
N ASP D 414 10.34 12.32 18.20
CA ASP D 414 9.92 11.49 17.09
C ASP D 414 10.50 12.03 15.78
N ASN D 415 10.13 13.25 15.42
CA ASN D 415 10.49 13.84 14.13
C ASN D 415 11.72 14.71 14.29
N ARG D 416 12.81 14.05 14.68
CA ARG D 416 14.06 14.75 14.90
C ARG D 416 14.68 15.21 13.58
N HIS D 417 14.36 14.52 12.49
CA HIS D 417 14.80 14.98 11.18
C HIS D 417 14.14 16.29 10.82
N GLU D 418 12.90 16.47 11.23
CA GLU D 418 12.36 17.81 11.15
C GLU D 418 13.02 18.64 12.23
N MET D 419 13.16 19.93 11.93
CA MET D 419 14.04 20.99 12.42
C MET D 419 15.43 20.89 11.82
N LEU D 420 15.81 19.77 11.23
CA LEU D 420 17.18 19.69 10.73
C LEU D 420 17.28 20.21 9.31
N THR D 421 16.28 19.93 8.49
CA THR D 421 16.26 20.47 7.15
C THR D 421 15.76 21.89 7.10
N LEU D 422 15.53 22.53 8.25
CA LEU D 422 15.24 23.94 8.28
C LEU D 422 16.47 24.73 7.91
N GLU D 423 16.28 25.77 7.11
CA GLU D 423 17.35 26.32 6.26
C GLU D 423 18.55 26.86 7.01
N PRO D 424 18.44 27.71 8.06
CA PRO D 424 19.67 28.18 8.71
C PRO D 424 20.25 27.09 9.60
N LEU D 425 19.39 26.19 10.06
CA LEU D 425 19.89 25.07 10.82
C LEU D 425 20.57 24.06 9.90
N HIS D 426 20.04 23.86 8.71
CA HIS D 426 20.64 22.94 7.77
C HIS D 426 21.96 23.46 7.23
N THR D 427 21.98 24.72 6.81
CA THR D 427 23.14 25.28 6.11
C THR D 427 24.33 25.42 7.03
N LEU D 428 24.10 25.88 8.26
CA LEU D 428 25.19 26.01 9.22
C LEU D 428 25.76 24.66 9.56
N LEU D 429 24.93 23.63 9.54
CA LEU D 429 25.43 22.28 9.67
C LEU D 429 26.29 21.89 8.47
N HIS D 430 25.74 22.07 7.27
CA HIS D 430 26.35 21.54 6.05
C HIS D 430 27.66 22.24 5.73
N THR D 431 27.74 23.54 6.02
CA THR D 431 28.99 24.26 5.84
C THR D 431 30.05 23.75 6.80
N LYS D 432 29.63 23.40 8.01
CA LYS D 432 30.58 23.08 9.07
C LYS D 432 31.28 21.76 8.78
N TRP D 433 30.57 20.78 8.23
CA TRP D 433 31.20 19.56 7.79
C TRP D 433 32.13 19.81 6.62
N LYS D 434 31.73 20.71 5.73
CA LYS D 434 32.57 21.08 4.60
C LYS D 434 33.79 21.85 5.07
N LYS D 435 33.67 22.59 6.16
CA LYS D 435 34.78 23.39 6.62
C LYS D 435 35.60 22.71 7.70
N PHE D 436 34.99 21.82 8.48
CA PHE D 436 35.71 21.35 9.65
C PHE D 436 35.74 19.84 9.79
N ALA D 437 34.68 19.15 9.41
CA ALA D 437 34.54 17.76 9.83
C ALA D 437 34.95 16.74 8.79
N LYS D 438 34.97 17.12 7.52
CA LYS D 438 35.47 16.22 6.49
C LYS D 438 36.93 15.87 6.72
N TYR D 439 37.69 16.85 7.22
CA TYR D 439 39.10 16.61 7.48
C TYR D 439 39.30 15.80 8.75
N MET D 440 38.45 16.00 9.74
CA MET D 440 38.67 15.31 11.00
C MET D 440 38.15 13.89 10.96
N PHE D 441 37.11 13.61 10.18
CA PHE D 441 36.61 12.25 10.11
C PHE D 441 37.58 11.36 9.35
N PHE D 442 38.13 11.87 8.26
CA PHE D 442 39.12 11.14 7.48
C PHE D 442 40.39 10.90 8.27
N LEU D 443 40.76 11.83 9.15
CA LEU D 443 41.95 11.63 9.95
C LEU D 443 41.70 10.60 11.05
N SER D 444 40.57 10.71 11.74
CA SER D 444 40.28 9.76 12.82
C SER D 444 39.98 8.38 12.28
N PHE D 445 39.58 8.30 11.01
CA PHE D 445 39.45 7.01 10.36
C PHE D 445 40.81 6.36 10.13
N CYS D 446 41.76 7.14 9.65
CA CYS D 446 43.00 6.57 9.12
C CYS D 446 43.91 6.08 10.23
N PHE D 447 43.88 6.73 11.39
CA PHE D 447 44.67 6.25 12.51
C PHE D 447 44.14 4.96 13.07
N TYR D 448 42.82 4.84 13.15
CA TYR D 448 42.24 3.62 13.65
C TYR D 448 42.39 2.49 12.64
N PHE D 449 42.56 2.82 11.36
CA PHE D 449 42.75 1.79 10.35
C PHE D 449 44.13 1.16 10.47
N PHE D 450 45.17 1.98 10.71
CA PHE D 450 46.50 1.44 10.96
C PHE D 450 46.55 0.67 12.26
N TYR D 451 45.68 1.03 13.21
CA TYR D 451 45.76 0.51 14.56
C TYR D 451 45.44 -0.97 14.61
N ASN D 452 44.47 -1.41 13.81
CA ASN D 452 44.19 -2.84 13.74
C ASN D 452 45.25 -3.57 12.95
N ILE D 453 45.80 -2.92 11.93
CA ILE D 453 46.84 -3.53 11.12
C ILE D 453 48.11 -3.68 11.93
N THR D 454 48.43 -2.67 12.75
CA THR D 454 49.56 -2.80 13.66
C THR D 454 49.28 -3.86 14.72
N LEU D 455 48.02 -3.96 15.15
CA LEU D 455 47.62 -5.07 16.00
C LEU D 455 47.68 -6.39 15.26
N THR D 456 47.52 -6.36 13.95
CA THR D 456 47.46 -7.61 13.20
C THR D 456 48.82 -8.28 13.11
N LEU D 457 49.84 -7.53 12.69
CA LEU D 457 51.15 -8.12 12.44
C LEU D 457 51.85 -8.52 13.74
N VAL D 458 51.50 -7.86 14.84
CA VAL D 458 52.00 -8.29 16.14
C VAL D 458 51.20 -9.46 16.67
N SER D 459 50.18 -9.90 15.95
CA SER D 459 49.38 -11.03 16.37
C SER D 459 49.51 -12.24 15.45
N TYR D 460 49.87 -12.06 14.19
CA TYR D 460 49.91 -13.22 13.29
C TYR D 460 51.33 -13.72 13.06
N TYR D 461 52.27 -12.82 12.74
CA TYR D 461 53.65 -13.26 12.56
C TYR D 461 54.41 -13.35 13.87
N ARG D 462 53.74 -13.18 15.01
CA ARG D 462 54.43 -13.11 16.28
C ARG D 462 55.01 -14.46 16.67
N PRO D 463 56.27 -14.53 17.05
CA PRO D 463 56.85 -15.76 17.60
C PRO D 463 56.72 -15.85 19.12
N ARG D 464 55.53 -15.59 19.64
CA ARG D 464 55.24 -15.92 21.03
C ARG D 464 54.88 -17.38 21.19
N GLU D 465 54.69 -18.09 20.09
CA GLU D 465 54.63 -19.53 20.07
C GLU D 465 56.00 -20.16 19.83
N ASP D 466 57.06 -19.35 19.88
CA ASP D 466 58.43 -19.80 19.68
C ASP D 466 59.18 -19.86 21.01
N GLU D 467 58.46 -20.24 22.07
CA GLU D 467 59.00 -20.56 23.40
C GLU D 467 59.76 -19.40 24.02
N ASP D 468 59.03 -18.32 24.29
CA ASP D 468 59.64 -17.14 24.90
C ASP D 468 58.87 -16.70 26.13
N LEU D 469 58.63 -17.62 27.06
CA LEU D 469 57.75 -17.41 28.21
C LEU D 469 58.28 -16.33 29.17
N PRO D 470 59.62 -16.27 29.55
CA PRO D 470 60.07 -15.07 30.25
C PRO D 470 60.75 -14.05 29.35
N HIS D 471 60.66 -12.76 29.73
CA HIS D 471 61.44 -11.61 29.25
C HIS D 471 61.54 -11.50 27.73
N PRO D 472 60.43 -11.20 27.03
CA PRO D 472 60.46 -11.24 25.56
C PRO D 472 61.20 -10.09 24.90
N LEU D 473 61.64 -9.10 25.66
CA LEU D 473 62.43 -7.99 25.13
C LEU D 473 63.90 -8.28 25.43
N ALA D 474 64.56 -8.99 24.53
CA ALA D 474 65.97 -9.32 24.68
C ALA D 474 66.81 -8.25 23.99
N LEU D 475 68.10 -8.52 23.81
CA LEU D 475 69.02 -7.56 23.21
C LEU D 475 68.90 -7.59 21.68
N THR D 476 69.92 -7.04 21.00
CA THR D 476 70.00 -6.90 19.54
C THR D 476 68.81 -6.10 19.01
N HIS D 477 68.47 -5.03 19.74
CA HIS D 477 67.29 -4.19 19.54
C HIS D 477 66.00 -5.02 19.50
N LYS D 478 65.94 -6.04 20.36
CA LYS D 478 64.76 -6.89 20.59
C LYS D 478 64.36 -7.65 19.33
N MET D 479 65.34 -8.39 18.78
CA MET D 479 65.24 -9.38 17.71
C MET D 479 64.93 -8.81 16.32
N SER D 480 64.52 -7.54 16.27
CA SER D 480 64.19 -6.79 15.05
C SER D 480 63.78 -5.38 15.42
N TRP D 481 63.90 -4.47 14.46
CA TRP D 481 63.42 -3.10 14.65
C TRP D 481 61.92 -2.99 14.47
N LEU D 482 61.34 -3.72 13.52
CA LEU D 482 59.92 -3.60 13.22
C LEU D 482 59.02 -4.18 14.30
N GLN D 483 59.57 -4.96 15.24
CA GLN D 483 58.81 -5.31 16.44
C GLN D 483 58.62 -4.08 17.32
N LEU D 484 59.60 -3.17 17.33
CA LEU D 484 59.47 -1.96 18.13
C LEU D 484 58.57 -0.95 17.45
N LEU D 485 58.58 -0.94 16.11
CA LEU D 485 57.65 -0.10 15.37
C LEU D 485 56.20 -0.55 15.57
N GLY D 486 55.99 -1.84 15.85
CA GLY D 486 54.64 -2.29 16.16
C GLY D 486 54.28 -2.06 17.62
N ARG D 487 55.19 -2.40 18.53
CA ARG D 487 54.83 -2.47 19.95
C ARG D 487 54.66 -1.07 20.54
N MET D 488 55.39 -0.08 20.02
CA MET D 488 55.28 1.28 20.54
C MET D 488 53.97 1.94 20.11
N PHE D 489 53.55 1.72 18.87
CA PHE D 489 52.37 2.38 18.31
C PHE D 489 51.10 1.96 19.03
N VAL D 490 51.03 0.69 19.41
CA VAL D 490 49.81 0.16 20.02
C VAL D 490 49.65 0.73 21.43
N LEU D 491 50.76 0.84 22.16
CA LEU D 491 50.71 1.28 23.55
C LEU D 491 50.30 2.74 23.65
N ILE D 492 50.65 3.55 22.66
CA ILE D 492 50.25 4.95 22.67
C ILE D 492 48.77 5.07 22.35
N TRP D 493 48.35 4.46 21.25
CA TRP D 493 46.99 4.64 20.79
C TRP D 493 45.99 3.79 21.55
N ALA D 494 46.44 2.89 22.41
CA ALA D 494 45.50 2.29 23.35
C ALA D 494 45.08 3.31 24.40
N THR D 495 46.04 3.91 25.07
CA THR D 495 45.69 4.90 26.08
C THR D 495 45.27 6.23 25.49
N CYS D 496 45.54 6.47 24.21
CA CYS D 496 44.99 7.66 23.55
C CYS D 496 43.49 7.57 23.43
N ILE D 497 42.99 6.45 22.93
CA ILE D 497 41.55 6.25 22.81
C ILE D 497 40.93 6.06 24.19
N SER D 498 41.69 5.49 25.13
CA SER D 498 41.16 5.19 26.46
C SER D 498 40.81 6.46 27.21
N VAL D 499 41.70 7.45 27.20
CA VAL D 499 41.37 8.73 27.81
C VAL D 499 40.34 9.46 26.97
N LYS D 500 40.38 9.26 25.64
CA LYS D 500 39.36 9.82 24.77
C LYS D 500 37.98 9.23 25.06
N GLU D 501 37.91 7.91 25.24
CA GLU D 501 36.63 7.30 25.56
C GLU D 501 36.32 7.31 27.04
N GLY D 502 37.25 7.76 27.88
CA GLY D 502 36.91 8.07 29.26
C GLY D 502 36.00 9.28 29.36
N ILE D 503 36.02 10.14 28.35
CA ILE D 503 35.13 11.29 28.31
C ILE D 503 33.71 10.86 27.97
N ALA D 504 33.52 9.65 27.45
CA ALA D 504 32.18 9.15 27.22
C ALA D 504 31.48 8.78 28.52
N ILE D 505 32.23 8.62 29.61
CA ILE D 505 31.67 8.27 30.91
C ILE D 505 31.19 9.51 31.65
N PHE D 506 31.10 10.65 30.96
CA PHE D 506 30.76 11.92 31.56
C PHE D 506 29.23 11.95 31.75
N LEU D 507 28.70 13.15 32.00
CA LEU D 507 27.35 13.46 32.49
C LEU D 507 26.18 12.88 31.68
N LEU D 508 26.46 12.32 30.51
CA LEU D 508 25.44 11.76 29.63
C LEU D 508 24.87 10.45 30.18
N ARG D 509 24.13 9.74 29.33
CA ARG D 509 23.45 8.47 29.57
C ARG D 509 22.42 8.56 30.70
N PRO D 510 21.24 9.16 30.44
CA PRO D 510 20.17 9.13 31.45
C PRO D 510 19.61 7.74 31.69
N SER D 511 19.20 7.07 30.62
CA SER D 511 18.53 5.79 30.71
C SER D 511 19.54 4.65 30.51
N ASP D 512 19.00 3.42 30.48
CA ASP D 512 19.84 2.23 30.35
C ASP D 512 19.56 1.49 29.04
N LEU D 513 18.32 1.08 28.79
CA LEU D 513 17.96 0.23 27.66
C LEU D 513 17.08 0.98 26.67
N GLN D 514 17.50 2.17 26.29
CA GLN D 514 16.76 3.06 25.41
C GLN D 514 17.75 3.56 24.36
N SER D 515 17.38 4.65 23.70
CA SER D 515 18.14 5.27 22.62
C SER D 515 19.60 5.55 22.96
N ILE D 516 19.94 5.75 24.24
CA ILE D 516 21.34 5.94 24.61
C ILE D 516 22.12 4.65 24.40
N LEU D 517 21.47 3.50 24.52
CA LEU D 517 22.10 2.26 24.12
C LEU D 517 21.98 2.04 22.62
N SER D 518 21.13 2.80 21.93
CA SER D 518 21.15 2.80 20.47
C SER D 518 22.04 3.90 19.90
N ASP D 519 22.62 4.75 20.74
CA ASP D 519 23.50 5.82 20.29
C ASP D 519 24.91 5.70 20.82
N ALA D 520 25.06 5.56 22.14
CA ALA D 520 26.38 5.52 22.76
C ALA D 520 26.90 4.11 22.94
N TRP D 521 26.35 3.15 22.20
CA TRP D 521 26.81 1.77 22.32
C TRP D 521 28.22 1.60 21.81
N PHE D 522 28.63 2.44 20.86
CA PHE D 522 30.00 2.37 20.35
C PHE D 522 30.99 2.76 21.44
N HIS D 523 30.61 3.72 22.29
CA HIS D 523 31.50 4.21 23.32
C HIS D 523 31.78 3.16 24.40
N PHE D 524 30.83 2.26 24.63
CA PHE D 524 31.13 1.10 25.45
C PHE D 524 32.17 0.24 24.76
N VAL D 525 31.93 -0.07 23.49
CA VAL D 525 32.74 -1.08 22.84
C VAL D 525 34.07 -0.50 22.40
N PHE D 526 34.11 0.81 22.13
CA PHE D 526 35.39 1.50 21.99
C PHE D 526 36.23 1.37 23.24
N PHE D 527 35.62 1.62 24.39
CA PHE D 527 36.38 1.77 25.62
C PHE D 527 36.93 0.45 26.11
N VAL D 528 36.10 -0.60 26.05
CA VAL D 528 36.54 -1.91 26.53
C VAL D 528 37.57 -2.53 25.61
N GLN D 529 37.72 -2.01 24.41
CA GLN D 529 38.71 -2.52 23.48
C GLN D 529 40.12 -2.27 24.01
N ALA D 530 40.43 -1.01 24.29
CA ALA D 530 41.80 -0.66 24.65
C ALA D 530 42.15 -1.14 26.05
N VAL D 531 41.15 -1.33 26.92
CA VAL D 531 41.39 -1.85 28.25
C VAL D 531 41.90 -3.28 28.16
N LEU D 532 41.40 -4.04 27.20
CA LEU D 532 41.89 -5.38 26.95
C LEU D 532 43.34 -5.37 26.48
N VAL D 533 43.75 -4.29 25.82
CA VAL D 533 45.10 -4.24 25.28
C VAL D 533 46.11 -4.07 26.39
N ILE D 534 45.88 -3.09 27.26
CA ILE D 534 46.81 -2.77 28.34
C ILE D 534 46.88 -3.92 29.33
N LEU D 535 45.75 -4.56 29.57
CA LEU D 535 45.72 -5.77 30.38
C LEU D 535 46.53 -6.88 29.73
N SER D 536 46.50 -6.96 28.41
CA SER D 536 47.30 -7.96 27.72
C SER D 536 48.79 -7.61 27.79
N VAL D 537 49.12 -6.32 27.75
CA VAL D 537 50.50 -5.91 27.94
C VAL D 537 50.90 -6.10 29.39
N PHE D 538 49.96 -5.86 30.32
CA PHE D 538 50.17 -6.19 31.72
C PHE D 538 50.35 -7.69 31.91
N LEU D 539 49.70 -8.49 31.06
CA LEU D 539 49.96 -9.93 31.03
C LEU D 539 51.21 -10.30 30.27
N TYR D 540 51.77 -9.38 29.48
CA TYR D 540 53.03 -9.69 28.82
C TYR D 540 54.21 -9.53 29.76
N LEU D 541 54.11 -8.60 30.70
CA LEU D 541 55.14 -8.48 31.72
C LEU D 541 55.01 -9.61 32.73
N PHE D 542 53.79 -10.02 33.02
CA PHE D 542 53.48 -11.04 34.01
C PHE D 542 52.85 -12.18 33.21
N ALA D 543 53.71 -13.05 32.67
CA ALA D 543 53.24 -14.15 31.82
C ALA D 543 52.43 -15.15 32.62
N TYR D 544 51.10 -15.05 32.53
CA TYR D 544 50.21 -15.84 33.36
C TYR D 544 49.38 -16.82 32.54
N LYS D 545 49.90 -17.23 31.38
CA LYS D 545 49.35 -18.27 30.48
C LYS D 545 47.99 -17.90 29.89
N GLU D 546 47.54 -16.65 30.05
CA GLU D 546 46.32 -16.17 29.42
C GLU D 546 46.59 -14.86 28.70
N TYR D 547 47.86 -14.53 28.52
CA TYR D 547 48.27 -13.32 27.84
C TYR D 547 47.83 -13.33 26.39
N LEU D 548 47.87 -14.49 25.76
CA LEU D 548 47.61 -14.54 24.33
C LEU D 548 46.11 -14.56 24.07
N ALA D 549 45.36 -15.19 24.96
CA ALA D 549 43.92 -15.28 24.80
C ALA D 549 43.26 -13.92 24.98
N CYS D 550 43.85 -13.06 25.82
CA CYS D 550 43.30 -11.73 25.97
C CYS D 550 43.55 -10.89 24.72
N LEU D 551 44.70 -11.11 24.08
CA LEU D 551 45.03 -10.39 22.86
C LEU D 551 44.06 -10.70 21.73
N VAL D 552 43.69 -11.97 21.61
CA VAL D 552 42.85 -12.44 20.52
C VAL D 552 41.47 -11.80 20.60
N LEU D 553 40.87 -11.85 21.78
CA LEU D 553 39.58 -11.21 21.97
C LEU D 553 39.71 -9.71 21.94
N ALA D 554 40.89 -9.18 22.24
CA ALA D 554 41.11 -7.76 22.02
C ALA D 554 41.14 -7.43 20.55
N MET D 555 41.57 -8.37 19.72
CA MET D 555 41.78 -8.03 18.32
C MET D 555 40.49 -8.09 17.51
N ALA D 556 39.73 -9.19 17.65
CA ALA D 556 38.49 -9.32 16.89
C ALA D 556 37.47 -8.28 17.30
N LEU D 557 37.50 -7.88 18.57
CA LEU D 557 36.67 -6.78 19.01
C LEU D 557 37.13 -5.46 18.40
N GLY D 558 38.42 -5.36 18.07
CA GLY D 558 38.91 -4.16 17.42
C GLY D 558 38.35 -3.97 16.02
N TRP D 559 38.26 -5.05 15.24
CA TRP D 559 37.63 -4.95 13.94
C TRP D 559 36.13 -4.77 14.04
N ALA D 560 35.53 -5.16 15.16
CA ALA D 560 34.12 -4.86 15.34
C ALA D 560 33.90 -3.37 15.53
N ASN D 561 34.80 -2.69 16.24
CA ASN D 561 34.68 -1.25 16.35
C ASN D 561 35.11 -0.56 15.07
N MET D 562 35.84 -1.26 14.21
CA MET D 562 36.18 -0.71 12.92
C MET D 562 34.93 -0.49 12.08
N LEU D 563 33.89 -1.29 12.31
CA LEU D 563 32.61 -1.09 11.66
C LEU D 563 31.93 0.20 12.08
N ALA D 564 32.31 0.78 13.22
CA ALA D 564 31.64 1.98 13.69
C ALA D 564 31.92 3.20 12.84
N TYR D 565 32.95 3.17 11.99
CA TYR D 565 33.16 4.27 11.06
C TYR D 565 32.48 3.99 9.72
N THR D 566 31.22 3.59 9.80
CA THR D 566 30.37 3.37 8.65
C THR D 566 29.07 4.12 8.84
N ARG D 567 29.19 5.37 9.21
CA ARG D 567 28.04 6.24 9.42
C ARG D 567 28.13 7.51 8.60
N GLY D 568 29.13 7.64 7.74
CA GLY D 568 29.31 8.81 6.92
C GLY D 568 28.72 8.66 5.53
N PHE D 569 29.09 7.59 4.84
CA PHE D 569 28.51 7.28 3.54
C PHE D 569 27.01 7.00 3.67
N GLN D 570 26.27 7.37 2.63
CA GLN D 570 24.86 6.99 2.57
C GLN D 570 24.71 5.48 2.46
N SER D 571 25.56 4.86 1.65
CA SER D 571 25.41 3.44 1.37
C SER D 571 25.87 2.58 2.54
N MET D 572 26.57 3.15 3.51
CA MET D 572 26.97 2.38 4.68
C MET D 572 26.33 2.91 5.95
N GLY D 573 26.01 4.20 5.97
CA GLY D 573 25.45 4.80 7.17
C GLY D 573 24.09 4.25 7.51
N MET D 574 23.32 3.87 6.48
CA MET D 574 22.10 3.16 6.75
C MET D 574 22.36 1.76 7.26
N TYR D 575 23.56 1.23 7.03
CA TYR D 575 23.69 -0.21 7.17
C TYR D 575 23.95 -0.63 8.60
N SER D 576 24.84 0.09 9.30
CA SER D 576 25.20 -0.31 10.66
C SER D 576 24.11 -0.04 11.68
N VAL D 577 23.11 0.74 11.33
CA VAL D 577 21.98 0.90 12.24
C VAL D 577 21.19 -0.39 12.31
N MET D 578 21.09 -1.09 11.20
CA MET D 578 20.19 -2.21 11.07
C MET D 578 20.67 -3.39 11.90
N ILE D 579 21.97 -3.61 11.96
CA ILE D 579 22.49 -4.59 12.90
C ILE D 579 22.48 -4.05 14.31
N GLN D 580 22.46 -2.74 14.49
CA GLN D 580 22.39 -2.25 15.86
C GLN D 580 20.95 -2.33 16.36
N LYS D 581 20.02 -2.01 15.49
CA LYS D 581 18.64 -1.86 15.93
C LYS D 581 17.94 -3.21 16.02
N VAL D 582 17.88 -3.92 14.89
CA VAL D 582 16.96 -5.05 14.77
C VAL D 582 17.47 -6.23 15.57
N ILE D 583 18.78 -6.33 15.73
CA ILE D 583 19.33 -7.49 16.41
C ILE D 583 19.09 -7.37 17.91
N LEU D 584 19.26 -6.17 18.43
CA LEU D 584 18.77 -5.88 19.76
C LEU D 584 17.25 -5.92 19.81
N HIS D 585 16.56 -5.65 18.71
CA HIS D 585 15.11 -5.73 18.73
C HIS D 585 14.65 -7.18 18.75
N ASP D 586 14.94 -7.94 17.70
CA ASP D 586 14.30 -9.25 17.56
C ASP D 586 15.07 -10.36 18.25
N VAL D 587 16.40 -10.38 18.11
CA VAL D 587 17.16 -11.56 18.51
C VAL D 587 17.23 -11.66 20.03
N LEU D 588 17.16 -10.52 20.71
CA LEU D 588 16.99 -10.57 22.15
C LEU D 588 15.64 -11.15 22.53
N LYS D 589 14.61 -10.89 21.73
CA LYS D 589 13.31 -11.48 22.01
C LYS D 589 13.32 -12.97 21.75
N PHE D 590 14.01 -13.38 20.69
CA PHE D 590 13.92 -14.78 20.28
C PHE D 590 14.67 -15.69 21.23
N LEU D 591 15.82 -15.24 21.73
CA LEU D 591 16.57 -16.04 22.69
C LEU D 591 16.14 -15.81 24.13
N PHE D 592 14.97 -15.22 24.37
CA PHE D 592 14.24 -15.49 25.59
C PHE D 592 13.19 -16.56 25.41
N VAL D 593 13.13 -17.16 24.22
CA VAL D 593 12.20 -18.24 23.92
C VAL D 593 12.93 -19.49 23.48
N TYR D 594 13.92 -19.34 22.60
CA TYR D 594 14.53 -20.50 21.99
C TYR D 594 15.37 -21.29 22.96
N ILE D 595 15.96 -20.62 23.95
CA ILE D 595 16.68 -21.33 25.00
C ILE D 595 15.71 -22.18 25.82
N LEU D 596 14.49 -21.68 26.00
CA LEU D 596 13.50 -22.41 26.79
C LEU D 596 13.09 -23.70 26.12
N PHE D 597 13.09 -23.75 24.80
CA PHE D 597 12.99 -25.04 24.14
C PHE D 597 14.28 -25.83 24.32
N LEU D 598 15.41 -25.17 24.08
CA LEU D 598 16.69 -25.85 24.10
C LEU D 598 17.07 -26.29 25.49
N LEU D 599 16.59 -25.61 26.53
CA LEU D 599 16.80 -26.14 27.87
C LEU D 599 15.87 -27.31 28.13
N GLY D 600 14.75 -27.36 27.41
CA GLY D 600 13.79 -28.41 27.64
C GLY D 600 14.10 -29.68 26.90
N PHE D 601 14.30 -29.56 25.58
CA PHE D 601 14.54 -30.74 24.76
C PHE D 601 15.88 -31.40 25.05
N GLY D 602 16.83 -30.64 25.59
CA GLY D 602 18.17 -31.17 25.77
C GLY D 602 18.26 -32.20 26.89
N VAL D 603 17.63 -31.90 28.03
CA VAL D 603 17.61 -32.86 29.12
C VAL D 603 16.78 -34.06 28.73
N ALA D 604 15.73 -33.81 27.96
CA ALA D 604 14.97 -34.88 27.34
C ALA D 604 15.84 -35.70 26.42
N LEU D 605 16.74 -35.07 25.70
CA LEU D 605 17.63 -35.84 24.85
C LEU D 605 18.68 -36.54 25.68
N ALA D 606 19.22 -35.85 26.69
CA ALA D 606 20.39 -36.39 27.39
C ALA D 606 20.04 -37.46 28.39
N SER D 607 18.77 -37.60 28.77
CA SER D 607 18.45 -38.60 29.77
C SER D 607 18.38 -39.99 29.19
N LEU D 608 18.17 -40.11 27.89
CA LEU D 608 17.92 -41.41 27.28
C LEU D 608 19.17 -41.98 26.63
N ILE D 609 20.18 -42.23 27.45
CA ILE D 609 21.38 -42.91 26.99
C ILE D 609 21.84 -44.03 27.89
N GLU D 610 21.39 -44.07 29.15
CA GLU D 610 21.69 -45.05 30.23
C GLU D 610 23.19 -45.33 30.44
N LYS D 611 24.05 -44.41 29.98
CA LYS D 611 25.49 -44.28 30.17
C LYS D 611 26.31 -45.37 29.47
N CYS D 612 25.74 -46.56 29.31
CA CYS D 612 25.85 -47.54 28.22
C CYS D 612 27.24 -47.97 27.77
N SER D 613 28.25 -47.13 27.93
CA SER D 613 29.58 -47.52 27.50
C SER D 613 30.67 -46.87 28.34
N LYS D 614 30.35 -45.69 28.87
CA LYS D 614 31.30 -44.69 29.36
C LYS D 614 32.43 -44.46 28.34
N ASP D 615 32.00 -43.90 27.19
CA ASP D 615 32.86 -43.34 26.15
C ASP D 615 33.80 -44.39 25.56
N LYS D 616 33.22 -45.54 25.21
CA LYS D 616 33.94 -46.55 24.46
C LYS D 616 33.10 -46.96 23.26
N LYS D 617 31.78 -46.75 23.35
CA LYS D 617 30.89 -47.05 22.25
C LYS D 617 30.01 -45.84 21.91
N ASP D 618 29.58 -45.07 22.92
CA ASP D 618 28.80 -43.86 22.64
C ASP D 618 29.68 -42.65 22.34
N CYS D 619 30.95 -42.88 21.97
CA CYS D 619 31.77 -41.82 21.42
C CYS D 619 31.18 -41.27 20.14
N SER D 620 30.51 -42.12 19.35
CA SER D 620 29.75 -41.66 18.19
C SER D 620 28.29 -41.41 18.57
N SER D 621 28.07 -40.67 19.65
CA SER D 621 26.73 -40.44 20.16
C SER D 621 26.73 -39.22 21.06
N TYR D 622 25.71 -39.11 21.89
CA TYR D 622 25.56 -38.03 22.85
C TYR D 622 26.25 -38.42 24.15
N GLY D 623 25.92 -37.75 25.24
CA GLY D 623 26.65 -37.89 26.48
C GLY D 623 26.08 -37.00 27.55
N SER D 624 26.92 -36.21 28.20
CA SER D 624 26.45 -35.23 29.18
C SER D 624 25.61 -34.16 28.49
N PHE D 625 24.95 -33.34 29.32
CA PHE D 625 23.97 -32.38 28.85
C PHE D 625 24.54 -31.35 27.90
N SER D 626 25.80 -30.96 28.12
CA SER D 626 26.43 -30.01 27.22
C SER D 626 26.68 -30.61 25.84
N ASP D 627 26.84 -31.93 25.77
CA ASP D 627 27.23 -32.57 24.53
C ASP D 627 26.07 -32.66 23.54
N ALA D 628 24.83 -32.55 24.01
CA ALA D 628 23.70 -32.59 23.09
C ALA D 628 23.27 -31.20 22.67
N VAL D 629 23.63 -30.19 23.45
CA VAL D 629 23.30 -28.80 23.13
C VAL D 629 23.95 -28.38 21.84
N LEU D 630 25.23 -28.70 21.69
CA LEU D 630 25.97 -28.27 20.52
C LEU D 630 25.66 -29.13 19.32
N GLU D 631 24.81 -30.15 19.49
CA GLU D 631 24.29 -30.89 18.36
C GLU D 631 22.90 -30.42 17.98
N LEU D 632 22.07 -30.10 18.97
CA LEU D 632 20.75 -29.57 18.65
C LEU D 632 20.87 -28.17 18.06
N PHE D 633 21.80 -27.37 18.58
CA PHE D 633 22.06 -26.09 17.98
C PHE D 633 22.69 -26.25 16.60
N LYS D 634 23.45 -27.33 16.43
CA LYS D 634 23.95 -27.67 15.10
C LYS D 634 22.79 -28.07 14.19
N LEU D 635 21.79 -28.76 14.73
CA LEU D 635 20.60 -29.08 13.96
C LEU D 635 19.76 -27.86 13.70
N THR D 636 19.85 -26.87 14.59
CA THR D 636 19.10 -25.64 14.41
C THR D 636 19.60 -24.88 13.19
N ILE D 637 20.90 -24.92 12.96
CA ILE D 637 21.44 -24.13 11.87
C ILE D 637 21.33 -24.86 10.54
N GLY D 638 20.98 -26.13 10.57
CA GLY D 638 20.99 -26.94 9.39
C GLY D 638 22.24 -27.78 9.21
N LEU D 639 22.83 -28.29 10.29
CA LEU D 639 24.00 -29.12 10.18
C LEU D 639 23.85 -30.30 11.14
N GLY D 640 24.75 -31.27 11.01
CA GLY D 640 24.65 -32.46 11.82
C GLY D 640 23.99 -33.61 11.08
N ASP D 641 23.93 -34.74 11.77
CA ASP D 641 23.37 -35.97 11.23
C ASP D 641 22.37 -36.55 12.23
N LEU D 642 21.65 -37.60 11.80
CA LEU D 642 20.47 -38.05 12.51
C LEU D 642 20.43 -39.52 12.87
N ASN D 643 21.14 -40.39 12.15
CA ASN D 643 21.00 -41.83 12.38
C ASN D 643 21.88 -42.30 13.53
N ILE D 644 21.63 -41.71 14.68
CA ILE D 644 22.42 -41.96 15.88
C ILE D 644 21.39 -42.33 16.95
N GLN D 645 21.09 -43.62 17.03
CA GLN D 645 20.04 -44.12 17.91
C GLN D 645 20.57 -45.31 18.68
N GLN D 646 21.90 -45.46 18.71
CA GLN D 646 22.49 -46.74 19.08
C GLN D 646 22.42 -46.98 20.58
N ASN D 647 22.31 -45.91 21.36
CA ASN D 647 22.15 -46.05 22.81
C ASN D 647 21.04 -45.09 23.22
N SER D 648 19.80 -45.57 23.14
CA SER D 648 18.63 -44.77 23.47
C SER D 648 17.63 -45.46 24.37
N THR D 649 17.68 -46.80 24.45
CA THR D 649 16.93 -47.70 25.33
C THR D 649 15.46 -47.80 24.90
N TYR D 650 15.01 -46.89 24.04
CA TYR D 650 13.70 -46.96 23.42
C TYR D 650 13.73 -46.10 22.17
N PRO D 651 14.17 -46.66 21.05
CA PRO D 651 14.61 -45.82 19.92
C PRO D 651 13.50 -45.37 19.00
N ILE D 652 12.34 -45.01 19.53
CA ILE D 652 11.35 -44.25 18.77
C ILE D 652 10.99 -42.97 19.48
N LEU D 653 10.85 -43.01 20.81
CA LEU D 653 10.59 -41.81 21.58
C LEU D 653 11.79 -40.89 21.58
N PHE D 654 12.98 -41.46 21.47
CA PHE D 654 14.16 -40.68 21.13
C PHE D 654 13.99 -40.02 19.77
N LEU D 655 13.49 -40.77 18.79
CA LEU D 655 13.33 -40.21 17.46
C LEU D 655 12.16 -39.27 17.38
N PHE D 656 11.05 -39.63 18.02
CA PHE D 656 9.86 -38.79 17.99
C PHE D 656 10.11 -37.46 18.66
N LEU D 657 10.91 -37.44 19.72
CA LEU D 657 11.29 -36.17 20.31
C LEU D 657 12.20 -35.40 19.39
N LEU D 658 13.06 -36.09 18.66
CA LEU D 658 14.02 -35.41 17.82
C LEU D 658 13.35 -34.80 16.59
N ILE D 659 12.50 -35.57 15.93
CA ILE D 659 11.81 -35.08 14.74
C ILE D 659 10.88 -33.93 15.12
N THR D 660 10.26 -34.03 16.30
CA THR D 660 9.42 -32.94 16.77
C THR D 660 10.24 -31.71 17.04
N TYR D 661 11.48 -31.89 17.50
CA TYR D 661 12.35 -30.75 17.73
C TYR D 661 12.74 -30.09 16.42
N VAL D 662 13.18 -30.88 15.45
CA VAL D 662 13.67 -30.34 14.19
C VAL D 662 12.53 -29.67 13.42
N ILE D 663 11.34 -30.27 13.46
CA ILE D 663 10.21 -29.66 12.80
C ILE D 663 9.73 -28.45 13.58
N LEU D 664 10.14 -28.31 14.83
CA LEU D 664 9.82 -27.10 15.56
C LEU D 664 10.78 -25.98 15.24
N THR D 665 12.08 -26.21 15.41
CA THR D 665 12.96 -25.06 15.34
C THR D 665 13.35 -24.66 13.92
N PHE D 666 13.74 -25.59 13.05
CA PHE D 666 14.24 -25.18 11.76
C PHE D 666 13.15 -24.94 10.76
N VAL D 667 12.08 -25.73 10.81
CA VAL D 667 10.99 -25.48 9.90
C VAL D 667 10.30 -24.17 10.26
N LEU D 668 10.17 -23.90 11.55
CA LEU D 668 9.29 -22.81 11.96
C LEU D 668 10.06 -21.65 12.58
N LEU D 669 10.76 -21.90 13.68
CA LEU D 669 11.21 -20.81 14.54
C LEU D 669 12.34 -20.04 13.91
N LEU D 670 13.27 -20.73 13.29
CA LEU D 670 14.30 -20.04 12.54
C LEU D 670 13.70 -19.28 11.38
N ASN D 671 12.71 -19.88 10.72
CA ASN D 671 12.00 -19.14 9.69
C ASN D 671 11.06 -18.11 10.28
N MET D 672 10.62 -18.29 11.52
CA MET D 672 9.81 -17.28 12.17
C MET D 672 10.60 -16.01 12.38
N LEU D 673 11.87 -16.15 12.77
CA LEU D 673 12.66 -14.97 13.10
C LEU D 673 13.04 -14.20 11.85
N ILE D 674 13.11 -14.87 10.70
CA ILE D 674 13.50 -14.16 9.51
C ILE D 674 12.33 -13.38 8.96
N ALA D 675 11.12 -13.87 9.17
CA ALA D 675 9.95 -13.11 8.79
C ALA D 675 9.81 -11.85 9.64
N LEU D 676 10.13 -11.93 10.92
CA LEU D 676 10.18 -10.72 11.73
C LEU D 676 11.37 -9.86 11.38
N MET D 677 12.43 -10.48 10.85
CA MET D 677 13.61 -9.72 10.47
C MET D 677 13.30 -8.82 9.29
N GLY D 678 12.83 -9.43 8.20
CA GLY D 678 12.67 -8.71 6.95
C GLY D 678 11.61 -7.63 6.97
N GLU D 679 10.63 -7.75 7.85
CA GLU D 679 9.64 -6.69 7.96
C GLU D 679 10.25 -5.47 8.65
N THR D 680 11.07 -5.71 9.67
CA THR D 680 11.69 -4.61 10.39
C THR D 680 12.73 -3.93 9.54
N VAL D 681 13.45 -4.73 8.75
CA VAL D 681 14.40 -4.22 7.78
C VAL D 681 13.72 -3.32 6.76
N GLU D 682 12.55 -3.75 6.28
CA GLU D 682 11.82 -2.97 5.29
C GLU D 682 11.31 -1.66 5.88
N ASN D 683 11.06 -1.63 7.19
CA ASN D 683 10.76 -0.36 7.82
C ASN D 683 11.98 0.56 7.81
N VAL D 684 13.15 -0.01 8.10
CA VAL D 684 14.35 0.80 8.18
C VAL D 684 14.84 1.22 6.80
N SER D 685 14.67 0.36 5.79
CA SER D 685 15.10 0.70 4.45
C SER D 685 14.32 1.87 3.88
N LYS D 686 13.10 2.07 4.36
CA LYS D 686 12.38 3.29 4.05
C LYS D 686 13.00 4.49 4.73
N GLU D 687 13.36 4.37 6.00
CA GLU D 687 13.87 5.48 6.78
C GLU D 687 15.39 5.45 6.64
N SER D 688 15.87 5.93 5.51
CA SER D 688 17.30 5.92 5.26
C SER D 688 17.97 7.26 5.55
N GLU D 689 17.46 8.32 4.93
CA GLU D 689 18.09 9.62 5.05
C GLU D 689 17.96 10.21 6.45
N ARG D 690 16.92 9.82 7.18
CA ARG D 690 16.70 10.37 8.51
C ARG D 690 17.79 9.95 9.47
N ILE D 691 18.26 8.72 9.35
CA ILE D 691 19.35 8.32 10.21
C ILE D 691 20.70 8.69 9.59
N TRP D 692 20.74 9.01 8.30
CA TRP D 692 22.03 9.26 7.69
C TRP D 692 22.54 10.64 8.00
N ARG D 693 21.67 11.65 7.93
CA ARG D 693 22.06 13.00 8.31
C ARG D 693 22.43 13.06 9.78
N LEU D 694 21.70 12.33 10.63
CA LEU D 694 21.77 12.54 12.07
C LEU D 694 23.08 12.07 12.64
N GLN D 695 23.60 10.95 12.13
CA GLN D 695 24.88 10.46 12.61
C GLN D 695 26.01 11.38 12.21
N ARG D 696 25.90 11.99 11.04
CA ARG D 696 26.83 13.04 10.65
C ARG D 696 26.71 14.22 11.60
N ALA D 697 25.47 14.60 11.92
CA ALA D 697 25.26 15.67 12.87
C ALA D 697 25.68 15.29 14.28
N ARG D 698 25.67 14.00 14.59
CA ARG D 698 26.09 13.55 15.91
C ARG D 698 27.58 13.79 16.10
N THR D 699 28.38 13.29 15.18
CA THR D 699 29.81 13.30 15.38
C THR D 699 30.43 14.66 15.19
N ILE D 700 29.78 15.54 14.42
CA ILE D 700 30.41 16.81 14.09
C ILE D 700 30.49 17.70 15.31
N LEU D 701 29.52 17.60 16.21
CA LEU D 701 29.62 18.35 17.44
C LEU D 701 30.64 17.72 18.37
N GLU D 702 30.74 16.39 18.31
CA GLU D 702 31.76 15.69 19.09
C GLU D 702 33.15 16.10 18.64
N PHE D 703 33.34 16.25 17.33
CA PHE D 703 34.60 16.82 16.85
C PHE D 703 34.71 18.29 17.21
N GLU D 704 33.59 19.02 17.17
CA GLU D 704 33.63 20.41 17.58
C GLU D 704 33.85 20.53 19.08
N LYS D 705 33.46 19.51 19.85
CA LYS D 705 33.84 19.46 21.25
C LYS D 705 35.34 19.33 21.40
N MET D 706 36.00 18.64 20.46
CA MET D 706 37.45 18.48 20.48
C MET D 706 38.07 19.61 19.66
N LEU D 707 38.02 20.81 20.21
CA LEU D 707 38.62 21.96 19.55
C LEU D 707 38.94 23.06 20.55
N PRO D 708 40.16 23.13 21.06
CA PRO D 708 40.50 24.20 22.00
C PRO D 708 41.08 25.45 21.35
N GLU D 709 40.54 26.61 21.70
CA GLU D 709 41.27 27.89 21.74
C GLU D 709 41.62 28.47 20.36
N TRP D 710 41.51 27.68 19.30
CA TRP D 710 41.94 28.09 17.98
C TRP D 710 40.74 27.89 17.06
N LEU D 711 39.88 28.89 17.07
CA LEU D 711 38.55 28.76 16.50
C LEU D 711 38.14 30.00 15.75
N ARG D 712 39.05 30.94 15.51
CA ARG D 712 38.67 32.19 14.89
C ARG D 712 38.34 31.99 13.42
N SER D 713 39.15 31.18 12.71
CA SER D 713 38.81 30.87 11.32
C SER D 713 37.62 29.94 11.24
N ARG D 714 37.37 29.18 12.30
CA ARG D 714 36.25 28.25 12.29
C ARG D 714 35.07 28.90 13.02
N PHE D 715 34.55 29.94 12.36
CA PHE D 715 33.42 30.74 12.80
C PHE D 715 32.44 30.94 11.65
N ARG D 716 31.52 31.88 11.78
CA ARG D 716 30.51 32.10 10.74
C ARG D 716 30.01 33.55 10.80
N MET D 717 30.66 34.42 10.02
CA MET D 717 30.14 35.71 9.57
C MET D 717 29.77 36.64 10.74
N GLY D 718 30.79 37.12 11.43
CA GLY D 718 30.56 37.96 12.59
C GLY D 718 30.30 39.42 12.27
N GLU D 719 29.93 40.16 13.33
CA GLU D 719 29.90 41.62 13.39
C GLU D 719 28.95 42.22 12.33
N LEU D 720 27.66 42.02 12.53
CA LEU D 720 26.67 42.60 11.63
C LEU D 720 25.63 43.41 12.38
N CYS D 721 25.42 44.64 11.92
CA CYS D 721 24.37 45.53 12.40
C CYS D 721 23.16 45.48 11.47
N LYS D 722 22.04 45.99 11.96
CA LYS D 722 20.88 46.09 11.08
C LYS D 722 20.98 47.35 10.22
N VAL D 723 20.78 48.53 10.81
CA VAL D 723 21.24 49.78 10.20
C VAL D 723 21.91 50.73 11.19
N ALA D 724 21.52 50.68 12.46
CA ALA D 724 21.50 51.90 13.27
C ALA D 724 22.58 51.96 14.35
N ASP D 725 22.61 50.99 15.25
CA ASP D 725 23.58 50.94 16.34
C ASP D 725 24.85 50.26 15.81
N GLU D 726 25.65 49.71 16.72
CA GLU D 726 26.70 48.78 16.33
C GLU D 726 26.10 47.43 15.95
N ASP D 727 26.95 46.41 15.85
CA ASP D 727 26.49 45.10 15.38
C ASP D 727 25.46 44.46 16.32
N PHE D 728 24.20 44.53 15.89
CA PHE D 728 23.11 43.94 16.66
C PHE D 728 23.29 42.44 16.80
N ARG D 729 23.41 41.74 15.68
CA ARG D 729 23.49 40.29 15.70
C ARG D 729 24.17 39.84 14.42
N LEU D 730 25.10 38.90 14.57
CA LEU D 730 25.79 38.35 13.41
C LEU D 730 24.84 37.41 12.68
N CYS D 731 24.99 37.33 11.37
CA CYS D 731 24.02 36.61 10.57
C CYS D 731 24.69 35.54 9.73
N LEU D 732 23.87 34.88 8.92
CA LEU D 732 24.34 33.99 7.89
C LEU D 732 23.80 34.42 6.55
N ARG D 733 24.03 33.61 5.52
CA ARG D 733 23.95 34.11 4.17
C ARG D 733 22.90 33.37 3.34
N ILE D 734 22.91 33.69 2.05
CA ILE D 734 21.74 33.65 1.18
C ILE D 734 21.37 32.22 0.81
N ASN D 735 20.22 32.06 0.18
CA ASN D 735 19.69 30.76 -0.16
C ASN D 735 19.07 30.83 -1.56
N GLU D 736 18.39 29.77 -1.95
CA GLU D 736 17.63 29.78 -3.21
C GLU D 736 16.52 28.74 -3.11
N VAL D 737 15.46 28.98 -3.85
CA VAL D 737 14.32 28.07 -3.92
C VAL D 737 13.61 28.25 -5.26
N LYS D 738 13.46 27.17 -6.02
CA LYS D 738 12.91 27.29 -7.36
C LYS D 738 11.43 26.93 -7.31
N TRP D 739 10.65 27.84 -6.70
CA TRP D 739 9.20 27.75 -6.80
C TRP D 739 8.58 29.11 -7.04
N THR D 740 9.17 29.87 -7.98
CA THR D 740 8.48 30.99 -8.60
C THR D 740 7.24 30.51 -9.34
N GLU D 741 7.22 29.24 -9.73
CA GLU D 741 6.08 28.55 -10.30
C GLU D 741 4.88 28.62 -9.37
N TRP D 742 3.88 29.38 -9.78
CA TRP D 742 2.55 29.32 -9.24
C TRP D 742 1.57 29.81 -10.30
N LYS D 743 0.34 30.09 -9.88
CA LYS D 743 -0.71 30.58 -10.76
C LYS D 743 -1.30 31.86 -10.19
N THR D 744 -0.96 32.98 -10.83
CA THR D 744 -1.61 34.24 -10.56
C THR D 744 -1.91 35.03 -11.82
N HIS D 745 -1.53 34.55 -13.00
CA HIS D 745 -1.67 35.21 -14.30
C HIS D 745 -1.07 36.61 -14.33
NA NA E . 10.10 -12.11 2.08
#